data_4GW9
#
_entry.id   4GW9
#
_cell.length_a   102.940
_cell.length_b   146.870
_cell.length_c   139.550
_cell.angle_alpha   90.00
_cell.angle_beta   101.17
_cell.angle_gamma   90.00
#
_symmetry.space_group_name_H-M   'P 1 21 1'
#
loop_
_entity.id
_entity.type
_entity.pdbx_description
1 polymer bacteriophytochrome
2 non-polymer 'BILIVERDINE IX ALPHA'
3 water water
#
_entity_poly.entity_id   1
_entity_poly.type   'polypeptide(L)'
_entity_poly.pdbx_seq_one_letter_code
;(MSE)GSSHHHHHHSSGLVPRGSH(MSE)VAGHASGSPAFGTADLSNCEREEIHLAGSIQPHGALLVVSEPDHRIIQASA
NAAEFLNLGSVLGVPLAEIDGDLLIKILPHLDPTAEG(MSE)PVAVRCRIGNPSTEYDGL(MSE)HRPPEGGLIIELERA
GPPIDLSGTLAPALERIRTAGSLRALCDDTALLFQQCTGYDRV(MSE)VYRFDEQGHGEVFSERHVPGLESYFGNRYPSS
DIPQ(MSE)ARRLYERQRVRVLVDVSYQPVPLEPRLSPLTGRDLD(MSE)SGCFLRS(MSE)SPIHLQYLKN(MSE)GVR
ATLVVSLVVGGKLWGLVACHHYLPRFIHFELRAICELLAEAIATRITALESFAQSQSELFVQRLEQR(MSE)IEAITREG
DWRAAIFDTSQSILQPLHADGCALVYEDQIRTIGDVPSTQDVREIAGWLDRQPRAAVTSTASLGLDVPELAHLTR(MSE)
ASGVVAAPISDHRGEFL(MSE)WFRPERVHTVTWGGDPKKPFT(MSE)GDTPADLSPRRSFAKWHQVVEGTSDPWTAADL
AAARTIGQTVADIVLQFRAVRTLIAREQYEQFSSQVHAS(MSE)QPVLITDAEGRILL(MSE)NDSFRD(MSE)LPAGSP
SAVHLDDLAGFFVESNDFLRNVAELIDHGRGWRGEVLLRGAGNRPLPLAVRADPVTRTEDQSLGFVLIFSDATDRRTAD
;
_entity_poly.pdbx_strand_id   A,B,C,D
#
loop_
_chem_comp.id
_chem_comp.type
_chem_comp.name
_chem_comp.formula
BLA non-polymer 'BILIVERDINE IX ALPHA' 'C33 H34 N4 O6'
#
# COMPACT_ATOMS: atom_id res chain seq x y z
N GLY A 28 -15.02 25.64 71.41
CA GLY A 28 -15.59 25.76 72.79
C GLY A 28 -16.53 24.62 73.17
N SER A 29 -16.62 24.35 74.48
CA SER A 29 -17.50 23.29 75.02
C SER A 29 -18.75 23.85 75.74
N PRO A 30 -19.90 23.86 75.05
CA PRO A 30 -21.14 24.44 75.57
C PRO A 30 -21.53 23.97 76.97
N ALA A 31 -21.52 24.90 77.90
CA ALA A 31 -21.94 24.65 79.26
C ALA A 31 -23.35 24.05 79.21
N PHE A 32 -23.54 22.99 80.00
CA PHE A 32 -24.75 22.20 80.02
C PHE A 32 -25.83 22.54 79.00
N GLY A 33 -27.05 22.95 79.41
CA GLY A 33 -28.21 23.04 78.49
C GLY A 33 -28.30 24.00 77.31
N THR A 34 -27.18 24.31 76.69
CA THR A 34 -27.10 25.27 75.62
C THR A 34 -26.50 24.69 74.34
N ALA A 35 -26.66 23.39 74.10
CA ALA A 35 -26.11 22.78 72.89
C ALA A 35 -27.13 22.65 71.78
N ASP A 36 -26.60 22.70 70.56
CA ASP A 36 -27.31 22.48 69.32
C ASP A 36 -26.55 21.28 68.69
N LEU A 37 -26.96 20.84 67.51
CA LEU A 37 -26.36 19.66 66.90
C LEU A 37 -24.91 19.85 66.47
N SER A 38 -24.47 21.08 66.32
CA SER A 38 -23.10 21.34 65.86
C SER A 38 -21.99 21.11 66.89
N ASN A 39 -22.35 21.27 68.17
CA ASN A 39 -21.39 21.30 69.26
C ASN A 39 -21.76 20.52 70.48
N CYS A 40 -22.77 19.65 70.38
CA CYS A 40 -23.22 18.88 71.51
C CYS A 40 -22.38 17.63 71.70
N GLU A 41 -21.43 17.35 70.80
CA GLU A 41 -20.49 16.28 71.09
C GLU A 41 -19.63 16.68 72.31
N ARG A 42 -19.61 17.96 72.71
CA ARG A 42 -18.80 18.42 73.88
C ARG A 42 -19.57 19.08 75.02
N GLU A 43 -20.89 19.06 74.97
CA GLU A 43 -21.74 19.61 76.03
C GLU A 43 -21.31 19.14 77.40
N GLU A 44 -21.07 20.09 78.30
CA GLU A 44 -20.61 19.80 79.66
C GLU A 44 -21.77 19.22 80.47
N ILE A 45 -21.96 17.92 80.31
CA ILE A 45 -23.09 17.22 80.92
C ILE A 45 -22.83 16.69 82.31
N HIS A 46 -21.54 16.62 82.62
CA HIS A 46 -21.06 16.25 83.94
C HIS A 46 -21.13 17.45 84.79
N LEU A 47 -21.11 18.65 84.21
CA LEU A 47 -21.36 19.85 85.00
C LEU A 47 -22.79 20.39 84.69
N ALA A 48 -23.88 19.62 84.91
CA ALA A 48 -25.20 20.30 84.76
C ALA A 48 -25.28 21.19 85.95
N GLY A 49 -26.34 21.93 86.07
CA GLY A 49 -26.42 22.71 87.27
C GLY A 49 -27.69 22.30 87.92
N SER A 50 -28.20 21.16 87.47
CA SER A 50 -29.56 20.83 87.85
C SER A 50 -29.65 19.44 88.39
N ILE A 51 -30.86 19.14 88.86
CA ILE A 51 -31.24 17.87 89.39
C ILE A 51 -32.64 17.52 88.90
N GLN A 52 -32.95 16.23 88.90
CA GLN A 52 -34.27 15.82 88.49
C GLN A 52 -35.11 15.95 89.73
N PRO A 53 -36.41 16.19 89.59
CA PRO A 53 -37.18 16.38 90.82
C PRO A 53 -37.37 15.16 91.70
N HIS A 54 -37.41 13.96 91.17
CA HIS A 54 -37.69 12.79 92.05
C HIS A 54 -36.88 12.61 93.33
N GLY A 55 -35.79 13.40 93.47
CA GLY A 55 -34.97 13.41 94.68
C GLY A 55 -34.51 14.82 95.10
N ALA A 56 -33.68 14.89 96.14
CA ALA A 56 -33.01 16.15 96.53
C ALA A 56 -31.53 15.87 96.79
N LEU A 57 -30.70 16.87 96.57
CA LEU A 57 -29.28 16.71 96.67
C LEU A 57 -28.66 17.71 97.61
N LEU A 58 -27.80 17.21 98.50
CA LEU A 58 -27.10 17.99 99.51
C LEU A 58 -25.58 17.82 99.39
N VAL A 59 -24.87 18.98 99.35
CA VAL A 59 -23.40 19.04 99.37
C VAL A 59 -23.06 19.47 100.77
N VAL A 60 -22.30 18.63 101.45
CA VAL A 60 -21.88 18.89 102.84
C VAL A 60 -20.36 19.02 102.89
N SER A 61 -19.86 19.68 103.95
CA SER A 61 -18.41 19.98 104.24
C SER A 61 -17.65 19.06 105.19
N GLU A 62 -16.37 18.92 104.99
CA GLU A 62 -15.59 18.01 105.83
C GLU A 62 -14.52 18.80 106.60
N PRO A 63 -14.25 18.42 107.87
CA PRO A 63 -14.82 17.30 108.62
C PRO A 63 -15.99 17.74 109.49
N ASP A 64 -16.53 18.92 109.21
CA ASP A 64 -17.52 19.43 110.16
C ASP A 64 -18.98 19.21 109.83
N HIS A 65 -19.25 18.81 108.58
CA HIS A 65 -20.60 18.44 108.07
CA HIS A 65 -20.58 18.46 108.00
C HIS A 65 -21.65 19.51 108.03
N ARG A 66 -21.47 20.54 107.19
CA ARG A 66 -22.49 21.59 107.05
C ARG A 66 -22.97 21.59 105.62
N ILE A 67 -24.28 21.75 105.47
CA ILE A 67 -24.89 21.81 104.15
C ILE A 67 -24.42 23.12 103.49
N ILE A 68 -23.44 23.06 102.61
CA ILE A 68 -22.95 24.26 101.90
C ILE A 68 -23.73 24.55 100.58
N GLN A 69 -24.28 23.49 99.98
CA GLN A 69 -25.07 23.58 98.73
C GLN A 69 -26.30 22.68 98.79
N ALA A 70 -27.36 23.09 98.11
CA ALA A 70 -28.50 22.20 98.00
C ALA A 70 -29.45 22.53 96.85
N SER A 71 -29.83 21.49 96.14
CA SER A 71 -30.86 21.64 95.14
C SER A 71 -32.00 22.50 95.80
N ALA A 72 -32.56 23.44 95.02
CA ALA A 72 -33.55 24.35 95.51
C ALA A 72 -34.84 23.68 96.00
N ASN A 73 -34.98 22.38 95.79
CA ASN A 73 -36.16 21.69 96.30
C ASN A 73 -35.84 21.03 97.63
N ALA A 74 -34.55 21.06 97.99
CA ALA A 74 -34.02 20.34 99.17
C ALA A 74 -34.88 20.51 100.37
N ALA A 75 -35.32 21.76 100.53
CA ALA A 75 -36.24 22.20 101.55
C ALA A 75 -37.51 21.36 101.56
N GLU A 76 -38.47 21.74 100.73
CA GLU A 76 -39.82 21.12 100.71
C GLU A 76 -39.82 19.63 100.46
N PHE A 77 -38.73 19.15 99.85
CA PHE A 77 -38.61 17.74 99.52
C PHE A 77 -38.44 16.94 100.79
N LEU A 78 -37.60 17.50 101.66
CA LEU A 78 -37.12 16.83 102.85
C LEU A 78 -37.92 17.22 104.14
N ASN A 79 -39.01 18.02 103.97
CA ASN A 79 -39.84 18.51 105.08
C ASN A 79 -39.10 19.43 106.05
N LEU A 80 -38.26 20.33 105.54
CA LEU A 80 -37.48 21.22 106.40
C LEU A 80 -37.75 22.70 106.17
N GLY A 81 -37.20 23.52 107.06
CA GLY A 81 -37.33 24.97 106.99
C GLY A 81 -36.13 25.56 106.26
N SER A 82 -34.97 25.00 106.47
CA SER A 82 -33.82 25.54 105.81
C SER A 82 -32.75 24.46 105.69
N VAL A 83 -31.92 24.55 104.66
CA VAL A 83 -30.87 23.59 104.48
C VAL A 83 -29.56 24.31 104.16
N LEU A 84 -29.62 25.31 103.25
CA LEU A 84 -28.41 26.03 102.89
C LEU A 84 -27.90 26.71 104.17
N GLY A 85 -26.63 26.46 104.46
CA GLY A 85 -25.96 27.02 105.61
C GLY A 85 -25.94 26.13 106.84
N VAL A 86 -27.07 25.47 107.12
CA VAL A 86 -27.26 24.68 108.35
C VAL A 86 -26.36 23.44 108.39
N PRO A 87 -25.84 23.11 109.60
CA PRO A 87 -25.05 21.88 109.80
C PRO A 87 -26.01 20.67 109.86
N LEU A 88 -25.47 19.50 109.58
CA LEU A 88 -26.25 18.30 109.42
C LEU A 88 -26.72 17.67 110.74
N ALA A 89 -26.13 18.07 111.87
CA ALA A 89 -26.48 17.49 113.19
C ALA A 89 -27.80 18.10 113.63
N GLU A 90 -27.90 19.42 113.48
CA GLU A 90 -29.13 20.16 113.74
C GLU A 90 -30.27 19.57 112.91
N ILE A 91 -29.91 18.96 111.77
CA ILE A 91 -30.92 18.48 110.81
C ILE A 91 -32.27 18.03 111.26
N ASP A 92 -32.41 16.90 111.94
CA ASP A 92 -33.75 16.41 112.34
C ASP A 92 -34.14 15.09 111.63
N GLY A 93 -33.34 14.06 111.81
CA GLY A 93 -33.64 12.75 111.22
C GLY A 93 -32.39 11.93 110.95
N ASP A 94 -32.03 11.06 111.90
CA ASP A 94 -30.83 10.18 111.87
C ASP A 94 -29.91 10.12 110.62
N LEU A 95 -29.87 11.17 109.82
CA LEU A 95 -29.12 11.12 108.55
C LEU A 95 -27.65 11.11 108.84
N LEU A 96 -27.25 12.06 109.69
CA LEU A 96 -25.86 12.14 110.14
C LEU A 96 -25.44 10.79 110.70
N ILE A 97 -26.23 10.30 111.66
CA ILE A 97 -25.93 9.05 112.37
C ILE A 97 -25.73 7.99 111.32
N LYS A 98 -26.70 7.94 110.42
CA LYS A 98 -26.72 6.98 109.33
C LYS A 98 -25.61 7.09 108.32
N ILE A 99 -24.92 8.23 108.24
CA ILE A 99 -23.80 8.30 107.34
C ILE A 99 -22.49 7.99 108.06
N LEU A 100 -22.28 8.45 109.29
CA LEU A 100 -20.96 8.24 109.96
C LEU A 100 -20.21 6.91 109.74
N PRO A 101 -20.88 5.74 109.89
CA PRO A 101 -20.08 4.53 109.67
C PRO A 101 -19.42 4.40 108.28
N HIS A 102 -19.80 5.26 107.34
CA HIS A 102 -19.23 5.18 105.97
C HIS A 102 -18.10 6.15 105.72
N LEU A 103 -17.93 7.13 106.63
CA LEU A 103 -16.86 8.12 106.55
C LEU A 103 -15.58 7.80 107.38
N ASP A 104 -15.41 6.59 107.89
CA ASP A 104 -14.12 6.27 108.53
C ASP A 104 -13.08 6.25 107.40
N PRO A 105 -12.04 7.13 107.44
CA PRO A 105 -11.05 7.10 106.34
C PRO A 105 -10.08 5.91 106.37
N THR A 106 -10.58 4.76 106.84
CA THR A 106 -9.89 3.48 106.84
C THR A 106 -10.63 2.66 105.78
N ALA A 107 -11.96 2.60 105.92
CA ALA A 107 -12.84 1.87 105.01
C ALA A 107 -13.35 2.81 103.95
N GLU A 108 -12.67 2.93 102.82
CA GLU A 108 -13.18 3.82 101.75
C GLU A 108 -14.44 3.18 101.11
N GLY A 109 -15.55 3.29 101.83
CA GLY A 109 -16.80 2.68 101.41
C GLY A 109 -17.37 3.20 100.10
N MSE A 110 -17.25 4.50 99.93
CA MSE A 110 -17.88 5.25 98.82
C MSE A 110 -17.63 4.82 97.40
O MSE A 110 -16.63 4.23 97.09
CB MSE A 110 -17.41 6.71 98.93
CG MSE A 110 -17.33 7.11 100.40
SE MSE A 110 -18.32 8.76 100.54
CE MSE A 110 -16.87 9.57 101.60
N PRO A 111 -18.59 5.07 96.51
CA PRO A 111 -19.91 5.58 96.78
C PRO A 111 -20.66 4.53 97.60
N VAL A 112 -21.75 4.90 98.28
CA VAL A 112 -22.49 3.98 99.17
C VAL A 112 -23.91 4.42 99.34
N ALA A 113 -24.77 3.47 99.69
CA ALA A 113 -26.18 3.78 99.89
C ALA A 113 -26.55 3.67 101.34
N VAL A 114 -27.32 4.64 101.79
CA VAL A 114 -27.77 4.72 103.14
C VAL A 114 -29.25 4.73 103.13
N ARG A 115 -29.83 4.53 104.32
CA ARG A 115 -31.27 4.48 104.57
C ARG A 115 -31.44 5.40 105.78
N CYS A 116 -32.44 6.26 105.82
CA CYS A 116 -32.60 7.17 106.95
C CYS A 116 -33.99 7.74 107.03
N ARG A 117 -34.24 8.53 108.06
CA ARG A 117 -35.53 9.20 108.19
C ARG A 117 -35.11 10.64 108.25
N ILE A 118 -35.93 11.56 107.78
CA ILE A 118 -35.59 13.00 107.77
C ILE A 118 -36.85 13.84 107.75
N GLY A 119 -36.81 15.03 108.34
CA GLY A 119 -37.95 15.98 108.29
C GLY A 119 -39.01 15.97 109.39
N ASN A 120 -40.08 16.79 109.22
CA ASN A 120 -41.18 16.91 110.23
C ASN A 120 -41.93 15.57 110.43
N PRO A 121 -42.99 15.27 109.63
CA PRO A 121 -43.31 13.87 109.80
C PRO A 121 -42.13 13.12 109.14
N SER A 122 -41.61 12.09 109.82
CA SER A 122 -40.47 11.32 109.31
C SER A 122 -40.86 10.44 108.13
N THR A 123 -40.12 10.62 107.04
CA THR A 123 -40.33 9.86 105.85
C THR A 123 -39.01 9.11 105.69
N GLU A 124 -39.02 7.90 105.19
CA GLU A 124 -37.76 7.20 105.00
C GLU A 124 -37.17 7.55 103.65
N TYR A 125 -35.91 7.96 103.63
CA TYR A 125 -35.22 8.26 102.40
C TYR A 125 -34.11 7.23 102.13
N ASP A 126 -33.86 6.96 100.85
CA ASP A 126 -32.71 6.17 100.41
C ASP A 126 -31.69 7.20 99.98
N GLY A 127 -30.52 7.22 100.60
CA GLY A 127 -29.50 8.22 100.25
C GLY A 127 -28.45 7.61 99.38
N LEU A 128 -27.74 8.43 98.60
CA LEU A 128 -26.52 7.96 97.89
C LEU A 128 -25.46 9.04 98.09
N MSE A 129 -24.37 8.61 98.76
CA MSE A 129 -23.29 9.49 99.24
C MSE A 129 -22.20 9.88 98.28
O MSE A 129 -22.25 10.95 97.70
CB MSE A 129 -22.63 9.01 100.53
CG MSE A 129 -21.72 10.11 101.16
SE MSE A 129 -21.80 10.40 103.13
CE MSE A 129 -22.14 8.54 103.71
N HIS A 130 -21.18 9.08 98.08
CA HIS A 130 -20.09 9.53 97.19
C HIS A 130 -19.42 10.91 97.41
N ARG A 131 -18.14 10.99 97.04
CA ARG A 131 -17.30 12.19 97.21
C ARG A 131 -16.52 12.61 95.97
N PRO A 132 -16.99 13.66 95.26
CA PRO A 132 -16.22 14.15 94.11
C PRO A 132 -14.97 14.85 94.58
N PRO A 133 -13.95 14.91 93.72
CA PRO A 133 -12.64 15.49 94.03
C PRO A 133 -12.68 16.97 94.33
N GLU A 134 -13.66 17.64 93.74
CA GLU A 134 -13.83 19.09 93.77
C GLU A 134 -14.48 19.57 95.08
N GLY A 135 -15.78 19.92 95.05
CA GLY A 135 -16.55 20.43 96.21
C GLY A 135 -16.73 19.23 97.09
N GLY A 136 -17.10 19.44 98.34
CA GLY A 136 -17.13 18.37 99.37
C GLY A 136 -17.62 16.92 99.21
N LEU A 137 -18.87 16.68 99.67
CA LEU A 137 -19.45 15.35 99.84
C LEU A 137 -20.94 15.44 99.49
N ILE A 138 -21.36 14.71 98.42
CA ILE A 138 -22.74 14.80 97.90
C ILE A 138 -23.65 13.81 98.58
N ILE A 139 -24.89 14.21 98.86
CA ILE A 139 -25.86 13.31 99.41
C ILE A 139 -27.22 13.49 98.68
N GLU A 140 -27.49 12.57 97.77
CA GLU A 140 -28.71 12.60 97.03
C GLU A 140 -29.61 11.66 97.73
N LEU A 141 -30.69 12.22 98.28
CA LEU A 141 -31.72 11.45 98.91
C LEU A 141 -32.91 11.39 97.95
N GLU A 142 -33.61 10.27 97.95
CA GLU A 142 -34.85 10.10 97.21
C GLU A 142 -35.73 9.25 98.09
N ARG A 143 -37.01 9.29 97.79
CA ARG A 143 -38.03 8.76 98.67
C ARG A 143 -38.24 7.25 98.59
N ALA A 144 -37.61 6.47 99.47
CA ALA A 144 -37.84 5.01 99.51
C ALA A 144 -39.34 4.80 99.58
N GLY A 145 -39.85 3.76 98.92
CA GLY A 145 -41.31 3.47 98.97
C GLY A 145 -41.72 2.03 98.70
N PRO A 146 -40.98 1.07 99.29
CA PRO A 146 -41.24 -0.28 98.93
C PRO A 146 -41.53 -1.24 100.07
N PRO A 147 -41.86 -2.49 99.69
CA PRO A 147 -41.87 -3.55 100.69
C PRO A 147 -40.41 -3.97 101.02
N ILE A 148 -39.56 -4.07 99.98
CA ILE A 148 -38.14 -4.49 100.03
C ILE A 148 -37.99 -5.96 99.58
N ASP A 149 -39.09 -6.49 99.05
CA ASP A 149 -39.25 -7.89 98.57
C ASP A 149 -38.16 -8.98 98.63
N LEU A 150 -38.65 -10.21 98.74
CA LEU A 150 -37.82 -11.43 98.72
C LEU A 150 -37.18 -11.47 97.33
N SER A 151 -36.31 -12.44 97.07
CA SER A 151 -35.65 -12.49 95.76
C SER A 151 -35.52 -13.83 95.03
N GLY A 152 -36.66 -14.31 94.55
CA GLY A 152 -36.68 -15.45 93.63
C GLY A 152 -36.26 -14.85 92.30
N THR A 153 -36.30 -13.50 92.24
CA THR A 153 -35.92 -12.72 91.07
C THR A 153 -34.43 -12.88 90.72
N LEU A 154 -33.59 -13.15 91.73
CA LEU A 154 -32.13 -13.24 91.56
C LEU A 154 -31.65 -14.61 92.00
N ALA A 155 -30.88 -15.27 91.14
CA ALA A 155 -30.30 -16.62 91.38
C ALA A 155 -30.76 -17.58 90.29
N PRO A 156 -32.05 -17.54 89.95
CA PRO A 156 -32.53 -18.25 88.75
C PRO A 156 -32.30 -17.42 87.48
N ALA A 157 -31.98 -16.13 87.66
CA ALA A 157 -31.63 -15.29 86.53
C ALA A 157 -30.18 -15.62 86.25
N LEU A 158 -29.36 -15.36 87.26
CA LEU A 158 -27.92 -15.64 87.20
C LEU A 158 -27.65 -17.01 86.60
N GLU A 159 -28.60 -17.93 86.84
CA GLU A 159 -28.51 -19.25 86.23
C GLU A 159 -28.49 -19.18 84.73
N ARG A 160 -29.63 -18.77 84.16
CA ARG A 160 -29.74 -18.53 82.71
C ARG A 160 -28.47 -17.79 82.15
N ILE A 161 -28.08 -16.72 82.83
CA ILE A 161 -26.87 -15.99 82.48
C ILE A 161 -25.63 -16.88 82.50
N ARG A 162 -25.24 -17.52 83.60
CA ARG A 162 -24.02 -18.35 83.49
C ARG A 162 -24.28 -19.46 82.45
N THR A 163 -25.53 -19.91 82.32
CA THR A 163 -25.93 -20.93 81.30
C THR A 163 -25.68 -20.60 79.83
N ALA A 164 -26.15 -19.42 79.42
CA ALA A 164 -26.16 -18.93 78.05
C ALA A 164 -25.12 -19.51 77.17
N GLY A 165 -25.54 -20.05 76.05
CA GLY A 165 -24.58 -20.66 75.10
C GLY A 165 -23.79 -19.69 74.23
N SER A 166 -24.53 -18.78 73.60
CA SER A 166 -24.05 -17.83 72.62
C SER A 166 -24.32 -16.42 73.03
N LEU A 167 -23.66 -15.49 72.33
CA LEU A 167 -23.88 -14.08 72.58
C LEU A 167 -25.35 -13.76 72.29
N ARG A 168 -25.90 -14.38 71.25
CA ARG A 168 -27.27 -14.16 70.84
C ARG A 168 -28.22 -14.61 71.91
N ALA A 169 -27.88 -15.69 72.61
CA ALA A 169 -28.78 -16.24 73.61
C ALA A 169 -28.72 -15.37 74.83
N LEU A 170 -27.49 -15.02 75.23
CA LEU A 170 -27.27 -14.24 76.44
C LEU A 170 -27.97 -12.90 76.35
N CYS A 171 -27.72 -12.21 75.25
CA CYS A 171 -28.34 -10.95 75.01
C CYS A 171 -29.83 -11.00 74.91
N ASP A 172 -30.35 -12.00 74.20
CA ASP A 172 -31.80 -12.11 74.02
C ASP A 172 -32.37 -12.28 75.37
N ASP A 173 -31.78 -13.19 76.15
CA ASP A 173 -32.31 -13.41 77.51
C ASP A 173 -32.16 -12.20 78.43
N THR A 174 -30.99 -11.58 78.38
CA THR A 174 -30.80 -10.44 79.23
C THR A 174 -31.99 -9.51 78.97
N ALA A 175 -32.38 -9.35 77.70
CA ALA A 175 -33.47 -8.51 77.34
C ALA A 175 -34.83 -8.92 77.99
N LEU A 176 -35.28 -10.15 77.78
CA LEU A 176 -36.53 -10.65 78.37
C LEU A 176 -36.50 -10.53 79.90
N LEU A 177 -35.33 -10.80 80.43
CA LEU A 177 -35.13 -10.81 81.87
C LEU A 177 -35.30 -9.42 82.49
N PHE A 178 -34.80 -8.36 81.83
CA PHE A 178 -34.94 -7.00 82.35
C PHE A 178 -36.37 -6.48 82.17
N GLN A 179 -36.87 -6.81 81.01
CA GLN A 179 -38.17 -6.53 80.60
C GLN A 179 -39.06 -7.12 81.68
N GLN A 180 -38.57 -8.17 82.32
CA GLN A 180 -39.35 -8.84 83.32
C GLN A 180 -39.19 -8.40 84.73
N CYS A 181 -38.06 -7.88 85.11
CA CYS A 181 -37.86 -7.42 86.48
C CYS A 181 -38.42 -6.04 86.59
N THR A 182 -37.97 -5.21 85.65
CA THR A 182 -38.39 -3.85 85.57
C THR A 182 -39.61 -4.04 84.76
N GLY A 183 -40.66 -3.28 84.96
CA GLY A 183 -41.78 -3.54 84.08
C GLY A 183 -41.67 -2.80 82.75
N TYR A 184 -40.72 -1.91 82.62
CA TYR A 184 -40.53 -1.07 81.42
C TYR A 184 -41.10 -1.68 80.14
N ASP A 185 -41.57 -0.84 79.22
CA ASP A 185 -42.13 -1.27 77.90
C ASP A 185 -41.08 -1.84 76.85
N ARG A 186 -39.85 -1.35 76.79
CA ARG A 186 -38.95 -1.89 75.77
C ARG A 186 -37.48 -2.22 76.27
N VAL A 187 -37.00 -3.46 76.22
CA VAL A 187 -35.57 -3.59 76.55
C VAL A 187 -34.81 -3.79 75.27
N MSE A 188 -33.70 -3.06 75.13
CA MSE A 188 -32.84 -3.26 73.98
C MSE A 188 -31.43 -3.56 74.50
O MSE A 188 -30.91 -2.80 75.35
CB MSE A 188 -32.86 -2.04 73.06
CG MSE A 188 -34.26 -1.51 72.70
SE MSE A 188 -34.11 -0.18 71.21
CE MSE A 188 -33.46 1.38 72.26
N VAL A 189 -30.76 -4.63 74.10
CA VAL A 189 -29.36 -4.60 74.47
C VAL A 189 -28.72 -3.96 73.24
N TYR A 190 -27.93 -2.90 73.40
CA TYR A 190 -27.17 -2.44 72.24
C TYR A 190 -25.65 -3.00 72.25
N ARG A 191 -25.13 -3.53 71.15
CA ARG A 191 -23.66 -3.82 71.10
C ARG A 191 -23.01 -2.60 70.52
N PHE A 192 -21.77 -2.35 70.86
CA PHE A 192 -21.01 -1.28 70.18
C PHE A 192 -19.90 -1.94 69.40
N ASP A 193 -19.71 -1.50 68.17
CA ASP A 193 -18.62 -2.02 67.38
C ASP A 193 -17.33 -1.18 67.63
N GLU A 194 -16.25 -1.48 66.92
CA GLU A 194 -15.00 -0.74 67.14
C GLU A 194 -15.14 0.78 66.89
N GLN A 195 -16.08 1.18 66.02
CA GLN A 195 -16.30 2.61 65.76
C GLN A 195 -17.08 3.23 66.91
N GLY A 196 -17.79 2.39 67.65
CA GLY A 196 -18.57 2.89 68.74
C GLY A 196 -19.97 3.05 68.23
N HIS A 197 -20.25 2.45 67.08
CA HIS A 197 -21.56 2.51 66.52
C HIS A 197 -22.47 1.56 67.20
N GLY A 198 -23.71 1.90 67.25
CA GLY A 198 -24.62 1.07 67.97
C GLY A 198 -25.43 0.18 67.11
N GLU A 199 -25.76 -0.96 67.69
CA GLU A 199 -26.58 -1.97 67.06
C GLU A 199 -27.64 -2.35 68.09
N VAL A 200 -28.93 -2.34 67.75
CA VAL A 200 -29.88 -2.92 68.67
C VAL A 200 -29.76 -4.44 68.48
N PHE A 201 -28.71 -4.97 69.08
CA PHE A 201 -28.32 -6.35 68.96
C PHE A 201 -29.33 -7.30 69.47
N SER A 202 -30.13 -6.92 70.44
CA SER A 202 -31.37 -7.70 70.75
C SER A 202 -32.42 -6.81 71.41
N GLU A 203 -33.67 -7.24 71.34
CA GLU A 203 -34.78 -6.43 71.78
C GLU A 203 -35.94 -7.32 72.16
N ARG A 204 -36.82 -6.73 72.96
CA ARG A 204 -38.04 -7.34 73.43
C ARG A 204 -39.00 -6.24 73.84
N HIS A 205 -40.21 -6.24 73.31
CA HIS A 205 -41.14 -5.17 73.68
C HIS A 205 -42.61 -5.57 73.84
N VAL A 206 -43.48 -4.60 73.75
CA VAL A 206 -44.85 -4.75 74.13
C VAL A 206 -45.82 -4.60 72.94
N PRO A 207 -46.93 -5.36 72.96
CA PRO A 207 -47.88 -5.15 71.89
C PRO A 207 -48.10 -3.66 71.73
N GLY A 208 -48.18 -3.16 70.49
CA GLY A 208 -48.40 -1.72 70.20
C GLY A 208 -47.09 -0.98 69.82
N LEU A 209 -45.96 -1.63 69.73
CA LEU A 209 -44.72 -0.86 69.47
C LEU A 209 -43.94 -1.06 68.16
N GLU A 210 -43.37 0.02 67.67
CA GLU A 210 -42.59 -0.07 66.48
C GLU A 210 -41.39 -0.93 66.91
N SER A 211 -40.97 -1.94 66.14
CA SER A 211 -39.83 -2.78 66.60
C SER A 211 -38.51 -2.14 66.22
N TYR A 212 -37.59 -1.96 67.13
CA TYR A 212 -36.31 -1.33 66.70
C TYR A 212 -35.26 -2.38 66.34
N PHE A 213 -35.37 -3.59 66.89
CA PHE A 213 -34.46 -4.72 66.61
C PHE A 213 -33.17 -4.45 65.75
N GLY A 214 -33.18 -4.72 64.46
CA GLY A 214 -31.90 -4.61 63.76
C GLY A 214 -31.27 -3.22 63.58
N ASN A 215 -31.91 -2.16 64.03
CA ASN A 215 -31.40 -0.82 63.84
C ASN A 215 -29.94 -0.61 64.14
N ARG A 216 -29.36 0.44 63.55
CA ARG A 216 -27.94 0.78 63.86
C ARG A 216 -27.89 2.30 64.15
N TYR A 217 -26.74 2.80 64.67
CA TYR A 217 -26.49 4.24 64.93
C TYR A 217 -25.02 4.74 65.07
N PRO A 218 -24.81 6.00 64.66
CA PRO A 218 -23.55 6.71 64.72
C PRO A 218 -22.90 6.66 66.09
N SER A 219 -21.61 6.93 66.23
CA SER A 219 -21.07 6.96 67.57
C SER A 219 -21.58 8.31 68.06
N SER A 220 -21.57 9.32 67.17
CA SER A 220 -22.12 10.67 67.43
C SER A 220 -23.50 10.63 68.21
N ASP A 221 -24.31 9.60 67.97
CA ASP A 221 -25.47 9.52 68.76
C ASP A 221 -25.17 9.51 70.29
N ILE A 222 -24.28 8.72 70.83
CA ILE A 222 -24.11 8.79 72.27
C ILE A 222 -22.62 9.17 72.47
N PRO A 223 -22.38 10.47 72.78
CA PRO A 223 -21.09 11.14 72.93
C PRO A 223 -20.26 10.67 74.10
N GLN A 224 -18.95 10.64 73.82
CA GLN A 224 -17.88 10.18 74.70
C GLN A 224 -18.02 10.56 76.17
N MSE A 225 -18.16 11.85 76.48
CA MSE A 225 -18.31 12.22 77.89
C MSE A 225 -19.42 11.33 78.39
O MSE A 225 -19.25 10.67 79.43
CB MSE A 225 -18.54 13.73 78.09
CG MSE A 225 -19.04 14.17 79.48
SE MSE A 225 -17.83 13.70 80.98
CE MSE A 225 -16.53 15.18 80.77
N ALA A 226 -20.56 11.29 77.67
CA ALA A 226 -21.70 10.49 78.12
C ALA A 226 -21.38 9.03 78.24
N ARG A 227 -20.45 8.55 77.41
CA ARG A 227 -19.94 7.16 77.54
C ARG A 227 -19.22 6.95 78.87
N ARG A 228 -18.51 7.97 79.36
CA ARG A 228 -17.76 7.82 80.62
C ARG A 228 -18.77 7.74 81.75
N LEU A 229 -19.72 8.67 81.75
CA LEU A 229 -20.77 8.65 82.78
C LEU A 229 -21.38 7.27 82.87
N TYR A 230 -21.64 6.60 81.76
CA TYR A 230 -22.11 5.25 81.86
C TYR A 230 -21.04 4.25 82.35
N GLU A 231 -19.79 4.35 81.89
CA GLU A 231 -18.77 3.37 82.29
C GLU A 231 -18.55 3.47 83.76
N ARG A 232 -18.73 4.68 84.28
CA ARG A 232 -18.45 4.99 85.65
C ARG A 232 -19.68 4.71 86.47
N GLN A 233 -20.63 5.62 86.50
CA GLN A 233 -21.86 5.38 87.22
C GLN A 233 -22.65 4.35 86.40
N ARG A 234 -22.92 3.18 86.96
CA ARG A 234 -23.51 2.08 86.17
C ARG A 234 -25.00 1.99 85.96
N VAL A 235 -25.80 2.85 86.60
CA VAL A 235 -27.24 2.88 86.35
C VAL A 235 -27.64 4.35 86.16
N ARG A 236 -28.52 4.61 85.18
CA ARG A 236 -28.99 5.94 84.85
C ARG A 236 -30.52 5.91 84.75
N VAL A 237 -31.20 6.91 85.32
CA VAL A 237 -32.64 6.91 85.27
C VAL A 237 -33.16 8.27 84.95
N LEU A 238 -34.27 8.29 84.21
CA LEU A 238 -34.97 9.48 83.85
C LEU A 238 -36.41 9.09 84.21
N VAL A 239 -37.03 9.78 85.15
CA VAL A 239 -38.37 9.32 85.55
C VAL A 239 -39.42 9.92 84.69
N ASP A 240 -39.22 11.16 84.30
CA ASP A 240 -40.19 11.80 83.43
C ASP A 240 -39.50 12.74 82.49
N VAL A 241 -39.63 12.54 81.19
CA VAL A 241 -38.91 13.39 80.27
C VAL A 241 -39.34 14.86 80.33
N SER A 242 -40.65 15.14 80.36
CA SER A 242 -41.08 16.52 80.51
C SER A 242 -40.38 17.17 81.73
N TYR A 243 -40.61 16.69 82.96
CA TYR A 243 -39.82 17.14 84.20
C TYR A 243 -38.98 18.43 84.11
N GLN A 244 -39.21 19.32 85.09
CA GLN A 244 -38.53 20.60 85.21
C GLN A 244 -37.26 20.43 86.00
N PRO A 245 -36.14 20.96 85.51
CA PRO A 245 -34.91 20.87 86.28
C PRO A 245 -34.97 21.63 87.60
N VAL A 246 -34.15 21.20 88.56
CA VAL A 246 -34.01 21.89 89.85
C VAL A 246 -32.60 22.41 89.89
N PRO A 247 -32.44 23.71 90.16
CA PRO A 247 -31.07 24.27 90.22
C PRO A 247 -30.33 24.06 91.50
N LEU A 248 -29.03 24.05 91.42
CA LEU A 248 -28.24 23.97 92.64
C LEU A 248 -28.12 25.40 93.20
N GLU A 249 -28.28 25.56 94.52
CA GLU A 249 -28.16 26.85 95.22
C GLU A 249 -27.06 26.68 96.25
N PRO A 250 -26.00 27.47 96.16
CA PRO A 250 -25.63 28.52 95.24
C PRO A 250 -25.25 28.14 93.79
N ARG A 251 -25.34 26.90 93.36
CA ARG A 251 -25.01 26.60 91.94
C ARG A 251 -23.52 26.42 91.74
N LEU A 252 -22.72 27.47 91.93
CA LEU A 252 -21.26 27.32 91.86
C LEU A 252 -20.86 26.73 93.24
N SER A 253 -19.83 25.88 93.29
CA SER A 253 -19.46 25.26 94.58
C SER A 253 -18.63 26.24 95.38
N PRO A 254 -19.11 26.60 96.58
CA PRO A 254 -18.33 27.51 97.40
C PRO A 254 -16.86 27.12 97.73
N LEU A 255 -16.42 25.87 97.59
CA LEU A 255 -14.99 25.59 97.83
C LEU A 255 -14.17 25.48 96.54
N THR A 256 -14.82 25.59 95.40
CA THR A 256 -14.04 25.63 94.16
C THR A 256 -14.27 26.92 93.40
N GLY A 257 -15.38 27.59 93.65
CA GLY A 257 -15.70 28.76 92.85
C GLY A 257 -16.22 28.30 91.47
N ARG A 258 -15.81 27.10 91.05
CA ARG A 258 -16.23 26.48 89.78
C ARG A 258 -17.56 25.72 89.98
N ASP A 259 -17.90 24.89 88.99
CA ASP A 259 -19.09 24.03 89.05
C ASP A 259 -18.86 22.71 89.72
N LEU A 260 -19.97 22.16 90.21
CA LEU A 260 -19.92 20.90 90.93
C LEU A 260 -19.82 19.74 89.94
N ASP A 261 -18.80 18.89 90.10
CA ASP A 261 -18.62 17.71 89.28
C ASP A 261 -19.65 16.68 89.69
N MSE A 262 -20.78 16.75 89.00
CA MSE A 262 -21.94 15.87 89.19
C MSE A 262 -21.70 14.53 88.50
O MSE A 262 -22.61 13.70 88.40
CB MSE A 262 -23.16 16.59 88.61
CG MSE A 262 -24.30 16.75 89.60
SE MSE A 262 -25.28 18.42 89.25
CE MSE A 262 -23.61 19.45 88.91
N SER A 263 -20.48 14.30 88.00
CA SER A 263 -20.20 13.08 87.28
C SER A 263 -20.77 11.86 87.92
N GLY A 264 -20.93 11.84 89.23
CA GLY A 264 -21.44 10.63 89.87
C GLY A 264 -22.64 10.85 90.74
N CYS A 265 -23.66 11.50 90.20
CA CYS A 265 -24.88 11.87 90.94
C CYS A 265 -26.07 11.15 90.39
N PHE A 266 -26.69 10.28 91.16
CA PHE A 266 -27.88 9.60 90.64
C PHE A 266 -29.06 10.53 90.18
N LEU A 267 -29.11 11.79 90.64
CA LEU A 267 -30.24 12.70 90.25
C LEU A 267 -29.89 13.74 89.16
N ARG A 268 -28.68 13.63 88.62
CA ARG A 268 -28.18 14.56 87.59
C ARG A 268 -29.11 14.67 86.42
N SER A 269 -29.34 15.90 85.99
CA SER A 269 -30.22 16.18 84.88
C SER A 269 -29.64 15.67 83.56
N MSE A 270 -30.48 15.80 82.52
CA MSE A 270 -30.18 15.22 81.18
C MSE A 270 -30.27 16.18 80.02
O MSE A 270 -31.30 16.83 79.80
CB MSE A 270 -31.20 14.07 80.99
CG MSE A 270 -30.95 13.13 79.80
SE MSE A 270 -31.81 11.32 79.98
CE MSE A 270 -31.00 10.70 81.67
N SER A 271 -29.19 16.28 79.25
CA SER A 271 -29.16 17.12 78.07
C SER A 271 -30.51 17.07 77.40
N PRO A 272 -31.03 18.23 77.04
CA PRO A 272 -32.29 18.32 76.34
C PRO A 272 -32.09 17.89 74.91
N ILE A 273 -30.85 17.70 74.51
CA ILE A 273 -30.65 17.14 73.20
C ILE A 273 -31.36 15.77 73.26
N HIS A 274 -30.71 14.90 74.04
CA HIS A 274 -31.19 13.52 74.15
C HIS A 274 -32.63 13.46 74.66
N LEU A 275 -33.05 14.48 75.38
CA LEU A 275 -34.46 14.59 75.85
C LEU A 275 -35.42 14.71 74.67
N GLN A 276 -35.16 15.73 73.85
CA GLN A 276 -35.87 16.03 72.63
C GLN A 276 -35.86 14.82 71.70
N TYR A 277 -35.35 13.73 72.16
CA TYR A 277 -35.17 12.64 71.22
C TYR A 277 -36.28 11.66 71.55
N LEU A 278 -36.38 11.41 72.86
CA LEU A 278 -37.22 10.43 73.49
C LEU A 278 -38.63 11.01 73.22
N LYS A 279 -38.67 12.31 73.46
CA LYS A 279 -39.68 13.14 73.10
C LYS A 279 -40.07 12.69 71.69
N ASN A 280 -39.21 12.86 70.71
CA ASN A 280 -39.61 12.47 69.36
C ASN A 280 -39.98 10.98 69.18
N MSE A 281 -39.55 10.09 70.07
CA MSE A 281 -39.82 8.65 69.91
C MSE A 281 -41.12 8.28 70.58
O MSE A 281 -41.68 7.18 70.31
CB MSE A 281 -38.77 7.73 70.51
CG MSE A 281 -37.35 8.14 70.17
SE MSE A 281 -36.32 6.62 70.78
CE MSE A 281 -34.70 7.41 71.56
N GLY A 282 -41.62 9.16 71.45
CA GLY A 282 -42.81 8.91 72.24
C GLY A 282 -42.37 8.41 73.63
N VAL A 283 -41.05 8.14 73.87
CA VAL A 283 -40.64 7.63 75.19
C VAL A 283 -40.71 8.74 76.22
N ARG A 284 -41.06 8.38 77.45
CA ARG A 284 -41.30 9.32 78.52
CA ARG A 284 -41.30 9.32 78.52
C ARG A 284 -40.54 9.01 79.81
N ALA A 285 -39.66 8.00 79.74
CA ALA A 285 -38.81 7.52 80.86
C ALA A 285 -37.90 6.50 80.33
N THR A 286 -36.83 6.27 81.07
CA THR A 286 -35.69 5.50 80.66
C THR A 286 -35.01 4.93 81.87
N LEU A 287 -34.44 3.74 81.75
CA LEU A 287 -33.59 3.12 82.76
C LEU A 287 -32.50 2.46 81.93
N VAL A 288 -31.24 2.72 82.23
CA VAL A 288 -30.19 2.29 81.30
C VAL A 288 -29.06 1.69 82.06
N VAL A 289 -29.03 0.37 82.16
CA VAL A 289 -27.92 -0.25 82.91
C VAL A 289 -26.77 -0.56 81.97
N SER A 290 -25.55 -0.38 82.43
CA SER A 290 -24.38 -0.48 81.53
C SER A 290 -23.61 -1.80 81.51
N LEU A 291 -23.25 -2.27 80.33
CA LEU A 291 -22.42 -3.47 80.27
C LEU A 291 -20.93 -3.04 80.03
N VAL A 292 -20.10 -3.29 81.06
CA VAL A 292 -18.68 -3.02 80.95
C VAL A 292 -17.87 -4.30 80.87
N VAL A 293 -17.26 -4.56 79.72
CA VAL A 293 -16.40 -5.69 79.60
C VAL A 293 -14.91 -5.27 79.60
N GLY A 294 -14.13 -5.93 80.45
CA GLY A 294 -12.70 -5.65 80.54
C GLY A 294 -12.40 -4.18 80.65
N GLY A 295 -13.14 -3.51 81.51
CA GLY A 295 -12.98 -2.06 81.71
C GLY A 295 -13.35 -1.19 80.52
N LYS A 296 -14.17 -1.69 79.60
CA LYS A 296 -14.58 -0.90 78.47
C LYS A 296 -16.12 -1.05 78.23
N LEU A 297 -16.79 0.01 77.80
CA LEU A 297 -18.26 -0.06 77.65
C LEU A 297 -18.61 -0.85 76.42
N TRP A 298 -19.23 -1.99 76.65
CA TRP A 298 -19.46 -2.92 75.56
C TRP A 298 -20.77 -2.67 74.94
N GLY A 299 -21.67 -2.12 75.73
CA GLY A 299 -23.00 -1.92 75.28
C GLY A 299 -23.77 -1.48 76.44
N LEU A 300 -25.01 -1.11 76.17
CA LEU A 300 -25.94 -0.83 77.23
C LEU A 300 -27.06 -1.80 77.10
N VAL A 301 -27.85 -1.87 78.17
CA VAL A 301 -29.16 -2.54 78.21
C VAL A 301 -30.03 -1.32 78.35
N ALA A 302 -30.69 -0.86 77.29
CA ALA A 302 -31.60 0.34 77.40
C ALA A 302 -33.00 -0.12 77.69
N CYS A 303 -33.61 0.40 78.77
CA CYS A 303 -35.03 0.16 79.14
C CYS A 303 -35.87 1.42 78.93
N HIS A 304 -36.62 1.50 77.85
CA HIS A 304 -37.51 2.65 77.61
C HIS A 304 -38.84 2.28 77.94
N HIS A 305 -39.64 3.31 78.17
CA HIS A 305 -41.05 3.19 78.56
C HIS A 305 -41.91 4.40 78.14
N TYR A 306 -43.21 4.23 77.97
CA TYR A 306 -43.99 5.28 77.30
C TYR A 306 -44.90 6.15 78.16
N LEU A 307 -44.71 6.05 79.47
CA LEU A 307 -45.32 6.94 80.48
C LEU A 307 -44.18 7.03 81.49
N PRO A 308 -44.24 7.98 82.41
CA PRO A 308 -43.09 8.02 83.36
C PRO A 308 -42.95 6.82 84.31
N ARG A 309 -41.71 6.45 84.62
CA ARG A 309 -41.44 5.36 85.56
C ARG A 309 -40.59 5.80 86.69
N PHE A 310 -40.80 5.18 87.83
CA PHE A 310 -39.96 5.31 89.01
C PHE A 310 -39.43 3.88 89.09
N ILE A 311 -38.33 3.66 89.78
CA ILE A 311 -37.92 2.28 90.01
C ILE A 311 -37.21 2.36 91.33
N HIS A 312 -37.47 1.49 92.29
CA HIS A 312 -36.81 1.70 93.59
C HIS A 312 -35.39 1.23 93.69
N PHE A 313 -34.68 1.71 94.69
CA PHE A 313 -33.24 1.43 94.79
C PHE A 313 -32.93 -0.03 94.68
N GLU A 314 -33.51 -0.85 95.53
CA GLU A 314 -33.26 -2.32 95.49
C GLU A 314 -33.29 -2.96 94.06
N LEU A 315 -34.15 -2.39 93.20
CA LEU A 315 -34.34 -2.86 91.84
C LEU A 315 -33.20 -2.35 90.99
N ARG A 316 -32.65 -1.20 91.36
CA ARG A 316 -31.44 -0.72 90.70
C ARG A 316 -30.33 -1.67 91.11
N ALA A 317 -30.22 -1.94 92.40
CA ALA A 317 -29.23 -2.89 92.89
C ALA A 317 -29.30 -4.25 92.17
N ILE A 318 -30.49 -4.74 91.88
CA ILE A 318 -30.61 -6.00 91.14
C ILE A 318 -30.04 -5.86 89.74
N CYS A 319 -30.29 -4.71 89.12
CA CYS A 319 -29.87 -4.49 87.75
C CYS A 319 -28.38 -4.44 87.68
N GLU A 320 -27.76 -3.82 88.67
CA GLU A 320 -26.33 -3.74 88.65
C GLU A 320 -25.73 -5.15 88.71
N LEU A 321 -26.23 -5.98 89.64
CA LEU A 321 -25.77 -7.36 89.77
C LEU A 321 -26.06 -8.13 88.51
N LEU A 322 -27.13 -7.83 87.81
CA LEU A 322 -27.41 -8.53 86.57
C LEU A 322 -26.39 -8.17 85.52
N ALA A 323 -26.08 -6.89 85.40
CA ALA A 323 -25.07 -6.41 84.46
C ALA A 323 -23.72 -7.08 84.65
N GLU A 324 -23.24 -7.14 85.89
CA GLU A 324 -21.94 -7.75 86.14
C GLU A 324 -21.89 -9.24 85.77
N ALA A 325 -23.01 -9.93 85.94
CA ALA A 325 -23.11 -11.37 85.58
C ALA A 325 -22.97 -11.55 84.07
N ILE A 326 -23.62 -10.66 83.35
CA ILE A 326 -23.57 -10.67 81.92
C ILE A 326 -22.14 -10.31 81.49
N ALA A 327 -21.62 -9.21 82.01
CA ALA A 327 -20.26 -8.79 81.64
C ALA A 327 -19.33 -9.99 81.76
N THR A 328 -19.54 -10.80 82.79
CA THR A 328 -18.75 -11.99 82.95
C THR A 328 -19.05 -12.88 81.75
N ARG A 329 -20.17 -13.59 81.71
CA ARG A 329 -20.54 -14.34 80.49
C ARG A 329 -19.88 -13.80 79.22
N ILE A 330 -20.13 -12.52 78.94
CA ILE A 330 -19.58 -11.95 77.73
C ILE A 330 -18.07 -12.22 77.73
N THR A 331 -17.32 -11.86 78.78
CA THR A 331 -15.88 -12.22 78.81
C THR A 331 -15.70 -13.74 78.58
N ALA A 332 -16.47 -14.57 79.27
CA ALA A 332 -16.40 -16.04 79.11
C ALA A 332 -16.56 -16.39 77.64
N LEU A 333 -17.66 -15.93 77.08
CA LEU A 333 -17.94 -16.24 75.71
C LEU A 333 -16.81 -15.93 74.76
N GLU A 334 -16.18 -14.74 74.89
CA GLU A 334 -15.08 -14.40 73.98
C GLU A 334 -13.93 -15.31 74.32
N SER A 335 -13.59 -15.38 75.60
CA SER A 335 -12.54 -16.27 76.02
C SER A 335 -12.60 -17.60 75.26
N PHE A 336 -13.80 -18.15 75.18
CA PHE A 336 -14.06 -19.42 74.54
C PHE A 336 -14.05 -19.38 73.03
N ALA A 337 -14.49 -18.28 72.43
CA ALA A 337 -14.52 -18.17 70.97
C ALA A 337 -13.09 -18.31 70.56
N GLN A 338 -12.29 -17.47 71.18
CA GLN A 338 -10.88 -17.43 71.05
C GLN A 338 -10.27 -18.83 71.05
N SER A 339 -10.53 -19.60 72.08
CA SER A 339 -9.92 -20.92 72.21
C SER A 339 -10.26 -21.79 71.05
N GLN A 340 -11.42 -21.59 70.44
CA GLN A 340 -11.84 -22.32 69.24
C GLN A 340 -11.05 -21.82 68.05
N SER A 341 -10.78 -20.51 68.02
CA SER A 341 -10.03 -19.92 66.93
C SER A 341 -8.72 -20.65 66.92
N GLU A 342 -8.14 -20.81 68.12
CA GLU A 342 -6.86 -21.52 68.32
C GLU A 342 -6.89 -23.00 67.83
N LEU A 343 -7.95 -23.69 68.22
CA LEU A 343 -8.11 -25.06 67.83
C LEU A 343 -8.28 -25.12 66.30
N PHE A 344 -9.03 -24.20 65.74
CA PHE A 344 -9.21 -24.23 64.29
C PHE A 344 -7.89 -24.30 63.62
N VAL A 345 -7.00 -23.45 64.11
CA VAL A 345 -5.66 -23.35 63.57
C VAL A 345 -4.81 -24.58 63.80
N GLN A 346 -4.99 -25.25 64.90
CA GLN A 346 -4.22 -26.44 65.16
C GLN A 346 -4.71 -27.55 64.20
N ARG A 347 -6.00 -27.59 63.90
CA ARG A 347 -6.50 -28.61 62.99
C ARG A 347 -6.06 -28.24 61.62
N LEU A 348 -6.07 -26.97 61.30
CA LEU A 348 -5.64 -26.58 59.99
C LEU A 348 -4.24 -27.20 59.73
N GLU A 349 -3.28 -26.94 60.63
CA GLU A 349 -1.93 -27.48 60.51
C GLU A 349 -1.96 -28.95 60.13
N GLN A 350 -2.71 -29.73 60.84
CA GLN A 350 -2.81 -31.14 60.54
C GLN A 350 -3.64 -31.39 59.31
N ARG A 351 -4.82 -30.73 59.23
CA ARG A 351 -5.69 -30.88 58.06
C ARG A 351 -4.79 -30.62 56.87
N MSE A 352 -3.80 -29.73 56.94
CA MSE A 352 -2.89 -29.53 55.77
C MSE A 352 -1.82 -30.60 55.68
O MSE A 352 -1.51 -31.08 54.61
CB MSE A 352 -2.12 -28.19 55.80
CG MSE A 352 -2.94 -26.90 55.66
SE MSE A 352 -1.71 -25.37 55.86
CE MSE A 352 -2.26 -24.61 54.16
N ILE A 353 -1.25 -30.98 56.81
CA ILE A 353 -0.22 -32.05 56.84
C ILE A 353 -0.73 -33.32 56.17
N GLU A 354 -1.66 -34.02 56.81
CA GLU A 354 -2.23 -35.27 56.26
C GLU A 354 -2.75 -34.77 54.96
N ALA A 355 -3.79 -34.03 55.22
CA ALA A 355 -4.48 -33.17 54.35
C ALA A 355 -4.03 -32.97 52.95
N ILE A 356 -3.18 -33.79 52.39
CA ILE A 356 -2.80 -33.53 51.05
C ILE A 356 -1.36 -33.93 51.05
N THR A 357 -0.57 -33.51 52.01
CA THR A 357 0.80 -34.01 51.93
C THR A 357 0.65 -35.48 52.52
N ARG A 358 0.40 -36.41 51.60
CA ARG A 358 -0.01 -37.83 51.81
C ARG A 358 -1.42 -37.78 51.10
N GLU A 359 -1.32 -37.66 49.78
CA GLU A 359 -2.39 -37.44 48.81
C GLU A 359 -2.13 -36.17 47.91
N GLY A 360 -0.87 -35.68 47.87
CA GLY A 360 -0.43 -34.61 46.98
C GLY A 360 0.23 -33.27 47.39
N ASP A 361 -0.66 -32.27 47.52
CA ASP A 361 -0.36 -30.86 47.72
C ASP A 361 -0.60 -30.32 49.18
N TRP A 362 -1.48 -29.33 49.41
CA TRP A 362 -1.85 -28.78 50.78
C TRP A 362 -3.03 -27.88 50.69
N ARG A 363 -3.04 -27.11 49.62
CA ARG A 363 -4.16 -26.26 49.30
C ARG A 363 -5.48 -26.92 49.54
N ALA A 364 -5.48 -28.24 49.42
CA ALA A 364 -6.66 -28.99 49.75
C ALA A 364 -7.36 -28.44 51.01
N ALA A 365 -6.61 -28.34 52.13
CA ALA A 365 -7.18 -27.93 53.44
C ALA A 365 -7.73 -26.53 53.48
N ILE A 366 -6.94 -25.60 52.97
CA ILE A 366 -7.43 -24.23 52.90
C ILE A 366 -8.82 -24.18 52.33
N PHE A 367 -9.07 -25.01 51.32
CA PHE A 367 -10.33 -25.01 50.61
C PHE A 367 -11.42 -25.87 51.20
N ASP A 368 -12.66 -25.50 50.91
CA ASP A 368 -13.81 -26.04 51.73
C ASP A 368 -13.42 -27.06 52.79
N THR A 369 -13.38 -28.33 52.41
CA THR A 369 -13.13 -29.40 53.36
C THR A 369 -14.13 -29.31 54.52
N SER A 370 -15.31 -28.67 54.30
CA SER A 370 -16.38 -28.50 55.29
C SER A 370 -15.85 -28.02 56.63
N GLN A 371 -14.77 -27.28 56.57
CA GLN A 371 -14.15 -26.67 57.72
C GLN A 371 -13.69 -25.39 57.10
N SER A 372 -14.57 -24.37 57.26
CA SER A 372 -14.45 -23.11 56.57
C SER A 372 -13.31 -22.17 56.98
N ILE A 373 -12.49 -21.81 56.00
CA ILE A 373 -11.43 -20.83 56.18
C ILE A 373 -12.04 -19.40 56.33
N LEU A 374 -13.34 -19.24 56.04
CA LEU A 374 -14.03 -17.95 56.24
C LEU A 374 -14.33 -17.65 57.72
N GLN A 375 -14.87 -18.65 58.43
CA GLN A 375 -15.35 -18.47 59.80
C GLN A 375 -14.41 -17.80 60.81
N PRO A 376 -13.13 -18.19 60.82
CA PRO A 376 -12.24 -17.54 61.82
C PRO A 376 -12.21 -16.03 61.74
N LEU A 377 -12.51 -15.42 60.58
CA LEU A 377 -12.51 -13.97 60.44
C LEU A 377 -13.93 -13.40 60.11
N HIS A 378 -14.96 -14.17 60.39
CA HIS A 378 -16.34 -13.77 60.07
C HIS A 378 -16.27 -12.94 58.83
N ALA A 379 -15.72 -13.59 57.81
CA ALA A 379 -15.53 -13.02 56.50
C ALA A 379 -16.52 -13.67 55.54
N ASP A 380 -16.84 -13.01 54.46
CA ASP A 380 -17.74 -13.61 53.51
C ASP A 380 -16.97 -14.20 52.34
N GLY A 381 -15.63 -14.05 52.31
CA GLY A 381 -14.75 -14.57 51.22
C GLY A 381 -13.22 -14.74 51.47
N CYS A 382 -12.60 -15.65 50.74
CA CYS A 382 -11.21 -15.88 50.88
C CYS A 382 -10.50 -16.07 49.53
N ALA A 383 -9.18 -15.87 49.50
CA ALA A 383 -8.42 -15.93 48.26
C ALA A 383 -7.00 -16.39 48.53
N LEU A 384 -6.54 -17.32 47.73
CA LEU A 384 -5.22 -17.81 47.86
C LEU A 384 -4.54 -17.48 46.56
N VAL A 385 -3.34 -16.91 46.67
CA VAL A 385 -2.56 -16.57 45.52
C VAL A 385 -1.22 -17.05 45.85
N TYR A 386 -0.77 -17.94 44.99
CA TYR A 386 0.40 -18.73 45.21
C TYR A 386 1.05 -19.21 43.97
N GLU A 387 2.36 -19.12 43.94
CA GLU A 387 3.08 -19.75 42.88
C GLU A 387 2.37 -19.23 41.65
N ASP A 388 1.86 -18.00 41.74
CA ASP A 388 1.24 -17.24 40.64
C ASP A 388 -0.20 -17.56 40.26
N GLN A 389 -0.73 -18.70 40.69
CA GLN A 389 -2.13 -19.08 40.42
C GLN A 389 -2.97 -18.44 41.51
N ILE A 390 -4.27 -18.30 41.25
CA ILE A 390 -5.21 -17.79 42.24
C ILE A 390 -6.45 -18.64 42.40
N ARG A 391 -6.80 -18.99 43.63
CA ARG A 391 -8.02 -19.76 43.87
C ARG A 391 -8.86 -19.15 44.97
N THR A 392 -10.17 -19.04 44.75
CA THR A 392 -11.05 -18.43 45.72
C THR A 392 -11.97 -19.41 46.34
N ILE A 393 -12.81 -18.88 47.21
CA ILE A 393 -13.90 -19.58 47.81
C ILE A 393 -14.68 -18.50 48.51
N GLY A 394 -15.98 -18.66 48.59
CA GLY A 394 -16.77 -17.67 49.25
C GLY A 394 -16.94 -16.50 48.33
N ASP A 395 -17.82 -15.55 48.74
CA ASP A 395 -18.04 -14.30 48.01
C ASP A 395 -16.67 -13.57 47.84
N VAL A 396 -16.32 -13.24 46.61
CA VAL A 396 -15.05 -12.66 46.33
C VAL A 396 -15.08 -11.82 45.05
N PRO A 397 -14.12 -10.94 44.89
CA PRO A 397 -14.16 -10.17 43.68
C PRO A 397 -13.59 -10.97 42.51
N SER A 398 -13.57 -10.37 41.33
CA SER A 398 -12.95 -10.99 40.15
C SER A 398 -11.49 -11.47 40.39
N THR A 399 -11.03 -12.39 39.58
CA THR A 399 -9.65 -12.82 39.73
C THR A 399 -8.67 -11.78 39.25
N GLN A 400 -9.06 -10.95 38.29
CA GLN A 400 -8.12 -9.90 37.91
C GLN A 400 -8.00 -9.01 39.13
N ASP A 401 -9.15 -8.56 39.65
CA ASP A 401 -9.18 -7.69 40.83
C ASP A 401 -8.20 -8.20 41.90
N VAL A 402 -8.29 -9.47 42.26
CA VAL A 402 -7.39 -10.04 43.26
C VAL A 402 -5.94 -9.80 42.88
N ARG A 403 -5.59 -10.00 41.60
CA ARG A 403 -4.20 -9.69 41.18
C ARG A 403 -3.93 -8.21 41.47
N GLU A 404 -4.94 -7.39 41.18
CA GLU A 404 -4.84 -5.95 41.35
C GLU A 404 -4.59 -5.61 42.81
N ILE A 405 -5.35 -6.27 43.70
CA ILE A 405 -5.15 -6.10 45.14
C ILE A 405 -3.74 -6.62 45.45
N ALA A 406 -3.40 -7.80 44.98
CA ALA A 406 -2.08 -8.29 45.28
C ALA A 406 -1.01 -7.31 44.79
N GLY A 407 -1.29 -6.57 43.71
CA GLY A 407 -0.31 -5.60 43.20
C GLY A 407 -0.12 -4.49 44.20
N TRP A 408 -1.29 -3.95 44.59
CA TRP A 408 -1.45 -2.95 45.63
C TRP A 408 -0.82 -3.39 46.90
N LEU A 409 -0.90 -4.68 47.22
CA LEU A 409 -0.21 -5.21 48.38
C LEU A 409 1.28 -5.18 48.12
N ASP A 410 1.69 -5.48 46.90
CA ASP A 410 3.10 -5.58 46.62
C ASP A 410 3.88 -4.32 46.38
N ARG A 411 3.26 -3.15 46.55
CA ARG A 411 3.99 -1.94 46.25
C ARG A 411 5.21 -1.64 47.12
N GLN A 412 5.18 -2.10 48.36
CA GLN A 412 6.18 -1.70 49.34
C GLN A 412 6.19 -2.75 50.42
N PRO A 413 7.26 -2.81 51.21
CA PRO A 413 7.24 -3.82 52.24
C PRO A 413 6.10 -3.62 53.18
N ARG A 414 5.25 -4.64 53.36
CA ARG A 414 4.18 -4.59 54.36
C ARG A 414 4.74 -5.26 55.64
N ALA A 415 3.89 -5.70 56.55
CA ALA A 415 4.36 -6.19 57.85
C ALA A 415 3.46 -7.28 58.39
N ALA A 416 3.97 -8.49 58.60
CA ALA A 416 3.06 -9.57 59.08
C ALA A 416 1.66 -9.16 58.51
N VAL A 417 0.57 -9.41 59.16
CA VAL A 417 -0.76 -9.01 58.58
C VAL A 417 -1.02 -7.54 58.12
N THR A 418 -1.70 -7.35 56.98
CA THR A 418 -2.12 -6.01 56.52
C THR A 418 -3.66 -5.95 56.43
N SER A 419 -4.20 -4.77 56.71
CA SER A 419 -5.64 -4.59 56.61
C SER A 419 -6.17 -3.21 56.38
N THR A 420 -7.34 -3.22 55.78
CA THR A 420 -8.17 -2.05 55.65
C THR A 420 -9.61 -2.50 55.70
N ALA A 421 -10.46 -1.60 56.19
CA ALA A 421 -11.92 -1.80 56.28
C ALA A 421 -12.64 -0.81 55.32
N SER A 422 -11.77 -0.01 54.65
CA SER A 422 -12.16 0.98 53.65
C SER A 422 -11.20 0.90 52.45
N LEU A 423 -11.48 0.03 51.47
CA LEU A 423 -10.53 -0.21 50.38
C LEU A 423 -10.41 1.00 49.45
N GLY A 424 -11.56 1.51 48.99
CA GLY A 424 -11.54 2.77 48.25
C GLY A 424 -11.28 3.64 49.48
N LEU A 425 -11.20 4.96 49.37
CA LEU A 425 -11.06 5.82 50.57
C LEU A 425 -9.62 5.72 51.05
N ASP A 426 -9.14 4.51 51.33
CA ASP A 426 -7.73 4.28 51.63
C ASP A 426 -6.98 4.17 50.30
N VAL A 427 -7.50 3.38 49.35
CA VAL A 427 -6.84 3.13 48.05
C VAL A 427 -7.88 3.30 46.95
N PRO A 428 -8.08 4.56 46.53
CA PRO A 428 -9.16 4.96 45.62
C PRO A 428 -9.06 4.34 44.23
N GLU A 429 -7.89 3.79 43.93
CA GLU A 429 -7.64 3.14 42.65
C GLU A 429 -8.52 1.90 42.58
N LEU A 430 -8.87 1.40 43.76
CA LEU A 430 -9.64 0.18 43.89
C LEU A 430 -11.08 0.44 44.36
N ALA A 431 -11.56 1.67 44.20
CA ALA A 431 -12.95 2.05 44.61
C ALA A 431 -14.01 1.05 44.17
N HIS A 432 -13.95 0.66 42.90
CA HIS A 432 -14.89 -0.31 42.29
C HIS A 432 -14.98 -1.67 42.96
N LEU A 433 -14.01 -2.03 43.79
CA LEU A 433 -14.04 -3.31 44.49
C LEU A 433 -14.96 -3.27 45.72
N THR A 434 -15.34 -2.05 46.12
CA THR A 434 -16.17 -1.82 47.28
C THR A 434 -17.20 -2.91 47.61
N ARG A 435 -18.09 -3.28 46.69
CA ARG A 435 -19.15 -4.24 47.06
C ARG A 435 -18.68 -5.46 47.88
N MSE A 436 -18.02 -6.40 47.20
CA MSE A 436 -17.52 -7.64 47.81
CA MSE A 436 -17.53 -7.64 47.80
C MSE A 436 -16.40 -7.38 48.77
O MSE A 436 -16.41 -7.92 49.90
CB MSE A 436 -16.93 -8.58 46.75
CB MSE A 436 -17.04 -8.63 46.72
CG MSE A 436 -17.85 -8.84 45.57
CG MSE A 436 -17.43 -8.32 45.26
SE MSE A 436 -19.49 -9.70 46.24
SE MSE A 436 -16.32 -6.86 44.51
CE MSE A 436 -19.62 -11.02 44.78
CE MSE A 436 -16.54 -7.24 42.58
N ALA A 437 -15.41 -6.55 48.36
CA ALA A 437 -14.25 -6.28 49.20
C ALA A 437 -13.96 -4.84 49.67
N SER A 438 -14.95 -4.21 50.29
CA SER A 438 -14.78 -2.91 50.96
C SER A 438 -13.81 -3.12 52.10
N GLY A 439 -13.84 -4.31 52.70
CA GLY A 439 -12.89 -4.71 53.74
C GLY A 439 -11.96 -5.84 53.26
N VAL A 440 -10.67 -5.73 53.58
CA VAL A 440 -9.72 -6.75 53.20
C VAL A 440 -8.70 -7.01 54.29
N VAL A 441 -8.36 -8.27 54.51
CA VAL A 441 -7.23 -8.55 55.39
C VAL A 441 -6.37 -9.58 54.66
N ALA A 442 -5.06 -9.41 54.77
CA ALA A 442 -4.14 -10.22 54.02
C ALA A 442 -2.90 -10.51 54.82
N ALA A 443 -2.46 -11.75 54.76
CA ALA A 443 -1.27 -12.14 55.44
C ALA A 443 -0.43 -12.89 54.44
N PRO A 444 0.83 -12.50 54.31
CA PRO A 444 1.75 -13.24 53.46
C PRO A 444 2.03 -14.64 53.96
N ILE A 445 2.12 -15.55 52.99
CA ILE A 445 2.42 -16.94 53.27
C ILE A 445 3.82 -17.38 52.81
N SER A 446 4.65 -16.46 52.29
CA SER A 446 6.06 -16.78 51.98
C SER A 446 6.96 -15.54 51.99
N ASP A 447 8.16 -15.58 51.43
CA ASP A 447 9.00 -14.38 51.36
C ASP A 447 9.26 -14.07 49.87
N HIS A 448 8.34 -14.49 49.01
CA HIS A 448 8.50 -14.23 47.60
C HIS A 448 7.91 -12.93 47.22
N ARG A 449 6.66 -12.78 47.57
CA ARG A 449 5.90 -11.62 47.17
C ARG A 449 4.99 -12.13 46.11
N GLY A 450 3.79 -11.61 46.18
CA GLY A 450 2.72 -12.09 45.35
C GLY A 450 2.03 -13.22 46.07
N GLU A 451 2.70 -13.82 47.06
CA GLU A 451 2.12 -14.93 47.83
C GLU A 451 1.42 -14.56 49.16
N PHE A 452 0.09 -14.60 49.11
CA PHE A 452 -0.75 -14.26 50.25
C PHE A 452 -2.02 -15.11 50.43
N LEU A 453 -2.57 -15.03 51.61
CA LEU A 453 -3.85 -15.61 51.87
C LEU A 453 -4.61 -14.38 52.26
N MSE A 454 -5.76 -14.12 51.68
CA MSE A 454 -6.45 -12.89 52.04
C MSE A 454 -7.91 -13.11 52.10
O MSE A 454 -8.47 -13.91 51.33
CB MSE A 454 -6.14 -11.80 51.06
CG MSE A 454 -6.99 -11.81 49.79
SE MSE A 454 -6.10 -10.66 48.43
CE MSE A 454 -7.06 -9.00 48.90
N TRP A 455 -8.54 -12.40 53.04
CA TRP A 455 -9.98 -12.48 53.28
C TRP A 455 -10.63 -11.20 52.96
N PHE A 456 -11.91 -11.24 52.58
CA PHE A 456 -12.68 -10.05 52.22
C PHE A 456 -13.96 -10.00 52.97
N ARG A 457 -14.56 -8.81 52.99
CA ARG A 457 -15.85 -8.49 53.61
C ARG A 457 -16.41 -7.34 52.81
N PRO A 458 -17.75 -7.29 52.64
CA PRO A 458 -18.41 -6.32 51.81
C PRO A 458 -18.67 -4.95 52.45
N GLU A 459 -19.16 -4.02 51.63
CA GLU A 459 -19.61 -2.71 52.10
C GLU A 459 -20.66 -3.13 53.10
N ARG A 460 -20.56 -2.61 54.32
CA ARG A 460 -21.42 -3.10 55.38
C ARG A 460 -22.83 -2.64 55.26
N VAL A 461 -23.12 -1.92 54.19
CA VAL A 461 -24.47 -1.47 53.92
C VAL A 461 -25.34 -2.64 53.53
N HIS A 462 -24.69 -3.64 52.91
CA HIS A 462 -25.38 -4.83 52.37
C HIS A 462 -25.76 -5.89 53.38
N THR A 463 -25.40 -5.69 54.65
CA THR A 463 -25.95 -6.51 55.70
C THR A 463 -27.24 -5.78 56.02
N VAL A 464 -27.86 -6.03 57.15
CA VAL A 464 -29.09 -5.35 57.56
C VAL A 464 -30.22 -5.59 56.55
N THR A 465 -30.07 -5.08 55.33
CA THR A 465 -31.10 -5.15 54.27
C THR A 465 -32.53 -4.81 54.80
N TRP A 466 -32.60 -4.20 55.99
CA TRP A 466 -33.84 -3.71 56.59
C TRP A 466 -33.88 -2.31 56.03
N GLY A 467 -35.07 -1.89 55.56
CA GLY A 467 -35.28 -0.56 54.94
C GLY A 467 -34.93 0.61 55.86
N GLY A 468 -33.65 0.67 56.24
CA GLY A 468 -33.15 1.70 57.14
C GLY A 468 -32.61 2.89 56.39
N ASP A 469 -32.73 2.85 55.06
CA ASP A 469 -32.21 3.93 54.21
C ASP A 469 -32.73 3.97 52.73
N PRO A 470 -34.03 3.70 52.47
CA PRO A 470 -34.48 3.74 51.06
C PRO A 470 -33.78 4.79 50.11
N LYS A 471 -34.33 6.00 49.98
CA LYS A 471 -33.76 7.05 49.10
C LYS A 471 -34.71 8.27 49.16
N LYS A 472 -34.51 9.13 50.17
CA LYS A 472 -35.30 10.36 50.38
C LYS A 472 -34.61 11.29 51.40
N PRO A 473 -33.60 12.09 50.97
CA PRO A 473 -32.82 12.99 51.88
C PRO A 473 -33.48 14.36 52.28
N PHE A 474 -33.15 15.03 53.42
CA PHE A 474 -32.19 14.65 54.50
C PHE A 474 -30.95 15.62 54.59
N THR A 475 -29.89 15.14 55.26
CA THR A 475 -28.53 15.77 55.42
C THR A 475 -28.42 17.06 56.27
N MSE A 476 -27.37 17.06 57.11
CA MSE A 476 -27.07 18.15 58.07
CA MSE A 476 -27.03 18.12 58.10
C MSE A 476 -27.95 17.97 59.30
O MSE A 476 -27.62 18.43 60.40
CB MSE A 476 -27.18 19.57 57.45
CB MSE A 476 -26.95 19.55 57.57
CG MSE A 476 -28.53 20.30 57.54
CG MSE A 476 -26.12 20.48 58.50
SE MSE A 476 -28.34 22.03 58.46
SE MSE A 476 -24.37 19.75 59.07
CE MSE A 476 -27.21 22.93 57.10
CE MSE A 476 -24.55 19.95 61.02
N GLY A 477 -29.09 17.29 59.08
CA GLY A 477 -30.08 17.03 60.11
C GLY A 477 -31.40 17.55 59.61
N ASP A 478 -31.93 18.62 60.21
CA ASP A 478 -31.32 19.28 61.38
C ASP A 478 -32.41 19.66 62.42
N THR A 479 -32.12 20.56 63.35
CA THR A 479 -33.05 20.92 64.41
C THR A 479 -33.21 19.67 65.30
N PRO A 480 -32.92 19.79 66.60
CA PRO A 480 -33.23 18.68 67.49
C PRO A 480 -34.67 18.18 67.33
N ALA A 481 -35.58 18.97 66.73
CA ALA A 481 -36.94 18.49 66.46
C ALA A 481 -36.95 17.38 65.38
N ASP A 482 -35.82 17.16 64.72
CA ASP A 482 -35.71 16.14 63.69
C ASP A 482 -35.15 14.83 64.14
N LEU A 483 -34.54 14.80 65.32
CA LEU A 483 -33.77 13.61 65.84
C LEU A 483 -34.67 12.37 65.89
N SER A 484 -34.04 11.22 65.72
CA SER A 484 -34.76 9.97 65.64
C SER A 484 -33.93 8.75 65.25
N PRO A 485 -34.60 7.59 65.36
CA PRO A 485 -34.09 6.30 64.89
C PRO A 485 -33.88 6.36 63.37
N ARG A 486 -34.96 6.48 62.58
CA ARG A 486 -34.90 6.60 61.10
C ARG A 486 -33.72 7.41 60.72
N ARG A 487 -33.74 8.65 61.21
CA ARG A 487 -32.71 9.58 60.92
C ARG A 487 -31.33 9.05 61.40
N SER A 488 -31.22 8.51 62.61
CA SER A 488 -29.87 8.05 63.03
C SER A 488 -29.50 6.84 62.22
N PHE A 489 -30.42 5.92 61.99
CA PHE A 489 -30.09 4.75 61.16
C PHE A 489 -29.52 5.24 59.79
N ALA A 490 -30.17 6.25 59.22
CA ALA A 490 -29.77 6.85 57.94
C ALA A 490 -28.38 7.44 58.08
N LYS A 491 -28.20 8.27 59.11
CA LYS A 491 -26.91 8.93 59.38
C LYS A 491 -25.83 7.82 59.44
N TRP A 492 -26.23 6.66 59.97
CA TRP A 492 -25.37 5.50 60.05
C TRP A 492 -24.91 5.14 58.66
N HIS A 493 -25.83 5.07 57.70
CA HIS A 493 -25.40 4.77 56.33
C HIS A 493 -24.46 5.87 55.78
N GLN A 494 -24.91 7.15 55.82
CA GLN A 494 -24.07 8.30 55.39
C GLN A 494 -22.63 8.11 55.95
N VAL A 495 -22.43 8.04 57.27
CA VAL A 495 -21.07 7.69 57.77
C VAL A 495 -21.02 6.22 57.39
N VAL A 496 -19.86 5.55 57.44
CA VAL A 496 -19.82 4.10 57.20
C VAL A 496 -20.00 3.64 55.77
N GLU A 497 -19.80 4.54 54.79
CA GLU A 497 -20.15 4.23 53.38
C GLU A 497 -19.28 3.28 52.52
N GLY A 498 -17.95 3.39 52.61
CA GLY A 498 -17.06 2.49 51.85
C GLY A 498 -16.39 1.69 52.94
N THR A 499 -17.24 1.03 53.72
CA THR A 499 -16.85 0.43 54.96
C THR A 499 -17.28 -1.00 55.09
N SER A 500 -16.44 -1.77 55.79
CA SER A 500 -16.75 -3.15 56.15
C SER A 500 -16.75 -3.23 57.64
N ASP A 501 -17.50 -4.18 58.20
CA ASP A 501 -17.43 -4.34 59.64
C ASP A 501 -15.92 -4.36 59.97
N PRO A 502 -15.48 -3.61 60.97
CA PRO A 502 -14.09 -3.56 61.29
C PRO A 502 -13.38 -4.86 61.55
N TRP A 503 -12.09 -4.93 61.20
CA TRP A 503 -11.31 -6.08 61.61
C TRP A 503 -11.09 -5.89 63.09
N THR A 504 -11.50 -6.85 63.89
CA THR A 504 -11.29 -6.76 65.30
C THR A 504 -9.88 -7.32 65.68
N ALA A 505 -9.58 -7.26 66.96
CA ALA A 505 -8.32 -7.72 67.41
C ALA A 505 -8.24 -9.25 67.25
N ALA A 506 -9.40 -9.90 67.26
CA ALA A 506 -9.48 -11.36 67.10
C ALA A 506 -9.28 -11.66 65.61
N ASP A 507 -9.93 -10.86 64.76
CA ASP A 507 -9.77 -11.01 63.29
C ASP A 507 -8.33 -10.91 62.89
N LEU A 508 -7.67 -9.84 63.28
CA LEU A 508 -6.28 -9.69 62.89
C LEU A 508 -5.45 -10.74 63.64
N ALA A 509 -6.03 -11.31 64.70
CA ALA A 509 -5.38 -12.37 65.53
C ALA A 509 -5.38 -13.63 64.69
N ALA A 510 -6.58 -13.98 64.25
CA ALA A 510 -6.80 -15.09 63.38
C ALA A 510 -5.78 -14.95 62.22
N ALA A 511 -5.94 -13.94 61.38
CA ALA A 511 -5.09 -13.74 60.19
C ALA A 511 -3.59 -14.08 60.42
N ARG A 512 -3.04 -13.50 61.44
CA ARG A 512 -1.69 -13.70 61.67
C ARG A 512 -1.46 -15.22 61.89
N THR A 513 -1.98 -15.81 62.93
CA THR A 513 -1.80 -17.24 63.11
C THR A 513 -1.97 -18.09 61.81
N ILE A 514 -3.18 -18.04 61.22
CA ILE A 514 -3.50 -18.82 60.01
C ILE A 514 -2.41 -18.66 58.96
N GLY A 515 -2.09 -17.40 58.69
CA GLY A 515 -1.07 -17.12 57.73
C GLY A 515 0.23 -17.79 58.16
N GLN A 516 0.65 -17.47 59.37
CA GLN A 516 1.90 -17.95 59.89
C GLN A 516 2.04 -19.47 59.81
N THR A 517 0.92 -20.14 60.02
CA THR A 517 0.93 -21.57 59.97
C THR A 517 1.01 -21.97 58.52
N VAL A 518 0.12 -21.39 57.71
CA VAL A 518 0.14 -21.71 56.31
C VAL A 518 1.54 -21.54 55.77
N ALA A 519 2.23 -20.50 56.20
CA ALA A 519 3.57 -20.25 55.71
C ALA A 519 4.51 -21.34 56.10
N ASP A 520 4.51 -21.69 57.38
CA ASP A 520 5.51 -22.64 57.86
C ASP A 520 5.35 -24.00 57.25
N ILE A 521 4.10 -24.40 57.08
CA ILE A 521 3.91 -25.65 56.43
C ILE A 521 4.35 -25.52 55.00
N VAL A 522 3.97 -24.43 54.32
CA VAL A 522 4.41 -24.25 52.94
C VAL A 522 5.90 -24.29 52.85
N LEU A 523 6.63 -23.62 53.72
CA LEU A 523 8.10 -23.58 53.58
C LEU A 523 8.74 -24.94 53.78
N GLN A 524 8.21 -25.76 54.69
CA GLN A 524 8.86 -27.06 54.91
C GLN A 524 8.63 -27.90 53.67
N PHE A 525 7.36 -27.96 53.32
CA PHE A 525 6.91 -28.63 52.13
C PHE A 525 7.80 -28.24 50.96
N ARG A 526 8.10 -26.96 50.83
CA ARG A 526 8.97 -26.54 49.76
C ARG A 526 10.41 -27.08 49.94
N ALA A 527 10.84 -27.26 51.19
CA ALA A 527 12.20 -27.79 51.43
C ALA A 527 12.29 -29.31 51.25
N VAL A 528 11.14 -29.97 51.18
CA VAL A 528 11.12 -31.41 50.98
C VAL A 528 11.13 -31.73 49.48
N ARG A 529 10.20 -31.15 48.71
CA ARG A 529 10.26 -31.41 47.31
C ARG A 529 11.66 -31.07 46.80
N THR A 530 12.27 -30.04 47.33
CA THR A 530 13.65 -29.79 46.96
C THR A 530 14.52 -31.01 47.25
N LEU A 531 14.34 -31.70 48.37
CA LEU A 531 15.19 -32.88 48.57
C LEU A 531 14.72 -34.02 47.64
N ILE A 532 13.43 -34.36 47.73
CA ILE A 532 12.86 -35.37 46.86
C ILE A 532 13.36 -35.09 45.46
N ALA A 533 12.96 -33.93 44.96
CA ALA A 533 13.23 -33.52 43.62
C ALA A 533 14.66 -33.68 43.22
N ARG A 534 15.56 -33.62 44.18
CA ARG A 534 17.01 -33.81 43.87
C ARG A 534 17.34 -35.24 43.53
N GLU A 535 16.89 -36.17 44.37
CA GLU A 535 17.05 -37.62 44.19
C GLU A 535 16.33 -38.05 42.91
N GLN A 536 15.25 -37.39 42.55
CA GLN A 536 14.55 -37.83 41.37
C GLN A 536 15.33 -37.35 40.19
N TYR A 537 16.53 -36.84 40.40
CA TYR A 537 17.40 -36.32 39.34
C TYR A 537 18.66 -37.11 39.39
N GLU A 538 19.40 -37.11 40.48
CA GLU A 538 20.53 -38.04 40.56
C GLU A 538 19.64 -39.27 40.48
N GLN A 539 19.78 -40.18 39.52
CA GLN A 539 18.78 -41.27 39.37
C GLN A 539 18.00 -40.70 38.23
N PHE A 540 18.23 -41.11 36.98
CA PHE A 540 17.64 -40.40 35.81
C PHE A 540 18.81 -39.84 35.09
N SER A 541 19.76 -39.34 35.84
CA SER A 541 20.96 -38.90 35.24
C SER A 541 21.81 -40.14 35.26
N SER A 542 21.80 -40.85 36.39
CA SER A 542 22.58 -42.05 36.52
C SER A 542 22.19 -43.02 35.43
N GLN A 543 20.89 -43.09 35.13
CA GLN A 543 20.38 -43.97 34.08
C GLN A 543 20.88 -43.56 32.72
N VAL A 544 20.78 -42.28 32.42
CA VAL A 544 21.21 -41.77 31.14
C VAL A 544 22.65 -42.05 31.08
N HIS A 545 23.32 -41.86 32.21
CA HIS A 545 24.71 -42.23 32.30
C HIS A 545 24.82 -43.67 31.88
N ALA A 546 24.21 -44.60 32.62
CA ALA A 546 24.16 -46.05 32.33
C ALA A 546 24.15 -46.54 30.87
N SER A 547 23.68 -45.69 29.96
CA SER A 547 23.50 -46.08 28.57
C SER A 547 24.78 -46.13 27.82
N MSE A 548 24.90 -47.16 27.00
CA MSE A 548 26.07 -47.45 26.18
C MSE A 548 26.20 -46.55 25.01
O MSE A 548 27.26 -46.54 24.34
CB MSE A 548 26.04 -48.89 25.70
CG MSE A 548 26.06 -49.89 26.86
SE MSE A 548 27.92 -50.24 27.44
CE MSE A 548 28.78 -48.48 27.71
N GLN A 549 25.15 -45.78 24.71
CA GLN A 549 25.20 -44.85 23.59
C GLN A 549 25.66 -43.47 24.06
N PRO A 550 26.38 -42.72 23.22
CA PRO A 550 26.73 -41.34 23.50
C PRO A 550 25.51 -40.44 23.51
N VAL A 551 25.42 -39.54 24.48
CA VAL A 551 24.23 -38.68 24.60
C VAL A 551 24.46 -37.43 25.46
N LEU A 552 24.05 -36.26 24.97
CA LEU A 552 24.25 -35.05 25.76
C LEU A 552 22.92 -34.34 25.99
N ILE A 553 22.74 -33.80 27.19
CA ILE A 553 21.59 -33.01 27.45
C ILE A 553 22.17 -31.64 27.68
N THR A 554 21.60 -30.64 27.02
CA THR A 554 22.05 -29.25 27.14
C THR A 554 20.93 -28.32 27.59
N ASP A 555 21.29 -27.09 27.97
CA ASP A 555 20.28 -26.11 28.36
C ASP A 555 19.82 -25.46 27.06
N ALA A 556 18.90 -24.49 27.15
CA ALA A 556 18.39 -23.77 25.95
C ALA A 556 19.47 -22.94 25.24
N GLU A 557 20.37 -22.35 26.00
CA GLU A 557 21.43 -21.57 25.41
C GLU A 557 22.61 -22.46 24.96
N GLY A 558 22.37 -23.77 24.84
CA GLY A 558 23.38 -24.69 24.32
C GLY A 558 24.45 -25.23 25.25
N ARG A 559 24.53 -24.74 26.48
CA ARG A 559 25.53 -25.25 27.42
C ARG A 559 25.31 -26.73 27.66
N ILE A 560 26.43 -27.46 27.77
CA ILE A 560 26.43 -28.90 28.06
C ILE A 560 26.29 -29.19 29.55
N LEU A 561 25.23 -29.92 29.91
CA LEU A 561 24.92 -30.31 31.30
C LEU A 561 25.28 -31.78 31.55
N LEU A 562 24.97 -32.64 30.58
CA LEU A 562 25.24 -34.06 30.69
C LEU A 562 26.02 -34.51 29.48
N MSE A 563 26.94 -35.43 29.71
CA MSE A 563 27.81 -35.94 28.65
C MSE A 563 28.35 -37.21 29.21
O MSE A 563 29.37 -37.21 29.89
CB MSE A 563 28.96 -35.00 28.33
CG MSE A 563 29.77 -35.55 27.17
SE MSE A 563 31.67 -35.04 27.28
CE MSE A 563 31.47 -33.48 26.09
N ASN A 564 27.63 -38.30 28.94
CA ASN A 564 27.96 -39.64 29.47
C ASN A 564 29.30 -40.27 28.99
N ASP A 565 29.89 -41.15 29.82
CA ASP A 565 31.16 -41.84 29.47
C ASP A 565 31.07 -42.56 28.12
N SER A 566 29.83 -42.86 27.69
CA SER A 566 29.61 -43.47 26.40
C SER A 566 29.70 -42.42 25.30
N PHE A 567 29.92 -41.17 25.69
CA PHE A 567 30.20 -40.12 24.73
C PHE A 567 31.65 -39.66 24.90
N ARG A 568 31.99 -39.27 26.12
CA ARG A 568 33.33 -38.85 26.45
C ARG A 568 34.38 -39.82 25.91
N ASP A 569 34.12 -41.14 26.01
CA ASP A 569 35.11 -42.15 25.55
C ASP A 569 35.30 -42.25 24.02
N MSE A 570 34.51 -41.51 23.23
CA MSE A 570 34.65 -41.50 21.76
C MSE A 570 35.41 -40.26 21.30
O MSE A 570 35.55 -40.05 20.09
CB MSE A 570 33.31 -41.67 21.04
CG MSE A 570 32.24 -40.64 21.39
SE MSE A 570 30.90 -40.42 19.94
CE MSE A 570 31.09 -42.27 19.25
N LEU A 571 35.90 -39.46 22.25
CA LEU A 571 36.71 -38.27 21.96
C LEU A 571 38.19 -38.68 22.10
N PRO A 572 39.15 -37.89 21.57
CA PRO A 572 40.59 -38.24 21.61
C PRO A 572 41.31 -37.94 22.92
N ALA A 573 42.61 -38.25 22.94
CA ALA A 573 43.51 -38.04 24.10
C ALA A 573 43.32 -36.73 24.89
N GLY A 574 44.07 -35.69 24.50
CA GLY A 574 44.08 -34.37 25.16
C GLY A 574 42.74 -33.82 25.62
N SER A 575 41.72 -34.07 24.81
CA SER A 575 40.34 -33.67 25.08
C SER A 575 40.19 -32.29 25.70
N PRO A 576 40.19 -31.24 24.85
CA PRO A 576 40.00 -29.89 25.40
C PRO A 576 38.64 -29.94 26.08
N SER A 577 38.68 -30.17 27.40
CA SER A 577 37.49 -30.37 28.20
C SER A 577 36.25 -30.19 27.32
N ALA A 578 35.55 -29.06 27.42
CA ALA A 578 34.35 -28.78 26.59
C ALA A 578 33.24 -28.07 27.34
N VAL A 579 32.64 -27.05 26.72
CA VAL A 579 31.41 -26.39 27.24
C VAL A 579 30.68 -26.01 25.95
N HIS A 580 29.36 -25.90 26.01
CA HIS A 580 28.57 -25.56 24.82
C HIS A 580 28.81 -26.45 23.61
N LEU A 581 27.73 -26.85 22.95
CA LEU A 581 27.80 -27.71 21.78
C LEU A 581 28.81 -27.13 20.77
N ASP A 582 28.42 -26.06 20.06
CA ASP A 582 29.32 -25.41 19.07
C ASP A 582 30.77 -25.84 19.21
N ASP A 583 31.44 -25.58 20.33
CA ASP A 583 32.89 -25.92 20.43
C ASP A 583 33.19 -27.44 20.59
N LEU A 584 32.29 -28.23 20.02
CA LEU A 584 32.35 -29.70 19.97
C LEU A 584 32.36 -30.21 18.51
N ALA A 585 32.25 -29.29 17.53
CA ALA A 585 32.36 -29.64 16.10
C ALA A 585 33.85 -29.76 15.74
N GLY A 586 34.74 -29.52 16.71
CA GLY A 586 36.17 -29.71 16.49
C GLY A 586 36.43 -31.13 16.04
N PHE A 587 35.57 -32.05 16.45
CA PHE A 587 35.63 -33.44 16.02
C PHE A 587 34.42 -33.48 15.12
N PHE A 588 34.28 -34.50 14.27
CA PHE A 588 33.16 -34.61 13.30
C PHE A 588 33.56 -34.24 11.87
N VAL A 589 34.77 -34.66 11.45
CA VAL A 589 35.32 -34.34 10.11
C VAL A 589 34.85 -32.94 9.73
N GLU A 590 35.38 -31.96 10.46
CA GLU A 590 34.94 -30.54 10.41
C GLU A 590 33.41 -30.43 10.20
N SER A 591 32.92 -30.83 9.02
CA SER A 591 31.51 -30.78 8.69
C SER A 591 30.79 -29.72 9.54
N ASN A 592 31.38 -28.53 9.66
CA ASN A 592 30.84 -27.50 10.53
C ASN A 592 29.39 -27.12 10.23
N ASP A 593 28.74 -27.85 9.32
CA ASP A 593 27.29 -27.74 9.18
C ASP A 593 26.70 -28.34 10.46
N PHE A 594 27.55 -28.98 11.27
CA PHE A 594 27.15 -29.40 12.59
C PHE A 594 26.77 -28.11 13.32
N LEU A 595 27.60 -27.08 13.16
CA LEU A 595 27.33 -25.77 13.74
C LEU A 595 26.06 -25.16 13.14
N ARG A 596 25.91 -25.23 11.81
CA ARG A 596 24.70 -24.69 11.18
C ARG A 596 23.49 -25.45 11.69
N ASN A 597 23.69 -26.72 12.06
CA ASN A 597 22.63 -27.56 12.63
C ASN A 597 22.34 -27.19 14.09
N VAL A 598 23.43 -27.06 14.87
CA VAL A 598 23.33 -26.70 16.29
C VAL A 598 22.57 -25.38 16.43
N ALA A 599 23.01 -24.36 15.69
CA ALA A 599 22.33 -23.06 15.76
C ALA A 599 20.87 -23.15 15.26
N GLU A 600 20.65 -23.78 14.11
CA GLU A 600 19.28 -23.92 13.59
C GLU A 600 18.42 -24.55 14.72
N LEU A 601 19.03 -25.49 15.46
CA LEU A 601 18.40 -26.09 16.65
C LEU A 601 18.23 -25.06 17.79
N ILE A 602 19.31 -24.39 18.22
CA ILE A 602 19.19 -23.45 19.37
C ILE A 602 18.39 -22.19 19.01
N ASP A 603 18.97 -21.40 18.11
CA ASP A 603 18.39 -20.16 17.69
C ASP A 603 16.88 -20.41 17.44
N HIS A 604 16.53 -21.25 16.46
CA HIS A 604 15.10 -21.51 16.10
C HIS A 604 14.34 -22.58 16.83
N GLY A 605 15.03 -23.54 17.44
CA GLY A 605 14.35 -24.65 18.12
C GLY A 605 14.05 -25.79 17.17
N ARG A 606 14.94 -26.02 16.20
CA ARG A 606 14.76 -27.08 15.23
C ARG A 606 15.70 -28.26 15.37
N GLY A 607 15.19 -29.34 15.97
CA GLY A 607 15.95 -30.57 16.10
C GLY A 607 16.20 -31.14 14.73
N TRP A 608 16.95 -32.24 14.66
CA TRP A 608 17.24 -32.88 13.39
C TRP A 608 17.53 -34.35 13.54
N ARG A 609 17.76 -35.02 12.42
CA ARG A 609 17.99 -36.46 12.34
C ARG A 609 18.79 -36.71 11.14
N GLY A 610 20.09 -36.45 11.19
CA GLY A 610 20.92 -36.61 10.02
C GLY A 610 21.91 -37.69 10.33
N GLU A 611 23.08 -37.56 9.72
CA GLU A 611 24.18 -38.45 9.98
C GLU A 611 25.33 -37.57 10.40
N VAL A 612 26.49 -38.15 10.66
CA VAL A 612 27.67 -37.43 11.10
C VAL A 612 28.83 -38.37 11.00
N LEU A 613 30.05 -37.84 10.97
CA LEU A 613 31.23 -38.69 10.87
C LEU A 613 32.31 -38.17 11.82
N LEU A 614 32.70 -39.02 12.78
CA LEU A 614 33.71 -38.71 13.80
C LEU A 614 35.09 -39.04 13.28
N ARG A 615 36.12 -38.36 13.77
CA ARG A 615 37.52 -38.61 13.30
C ARG A 615 38.34 -39.66 14.11
N GLY A 616 39.44 -39.26 14.74
CA GLY A 616 40.27 -40.20 15.51
C GLY A 616 41.31 -41.00 14.71
N ALA A 617 41.55 -42.24 15.14
CA ALA A 617 42.53 -43.14 14.52
C ALA A 617 41.94 -43.90 13.31
N GLY A 618 42.35 -43.58 12.07
CA GLY A 618 43.34 -42.54 11.75
C GLY A 618 42.83 -41.47 10.77
N ASN A 619 41.82 -41.80 9.97
CA ASN A 619 41.24 -40.88 8.96
C ASN A 619 39.77 -41.14 8.72
N ARG A 620 38.94 -40.29 9.35
CA ARG A 620 37.45 -40.29 9.29
C ARG A 620 36.77 -41.66 9.16
N PRO A 621 37.02 -42.55 10.13
CA PRO A 621 36.49 -43.90 10.06
C PRO A 621 35.20 -44.23 10.84
N LEU A 622 34.79 -43.45 11.84
CA LEU A 622 33.63 -43.84 12.65
C LEU A 622 32.32 -42.99 12.41
N PRO A 623 31.37 -43.52 11.61
CA PRO A 623 30.19 -42.76 11.34
C PRO A 623 29.06 -43.10 12.33
N LEU A 624 28.48 -42.06 12.93
CA LEU A 624 27.44 -42.16 13.97
C LEU A 624 26.13 -41.47 13.63
N ALA A 625 25.00 -42.14 13.89
CA ALA A 625 23.66 -41.55 13.67
C ALA A 625 23.34 -40.54 14.79
N VAL A 626 22.77 -39.39 14.44
CA VAL A 626 22.43 -38.38 15.44
C VAL A 626 20.97 -38.01 15.39
N ARG A 627 20.42 -37.81 16.57
CA ARG A 627 19.03 -37.40 16.72
C ARG A 627 19.09 -36.33 17.79
N ALA A 628 18.81 -35.09 17.40
CA ALA A 628 18.82 -33.95 18.28
C ALA A 628 17.38 -33.54 18.46
N ASP A 629 16.97 -33.35 19.71
CA ASP A 629 15.60 -33.04 20.02
C ASP A 629 15.39 -31.94 21.06
N PRO A 630 14.47 -31.03 20.79
CA PRO A 630 14.26 -29.97 21.72
C PRO A 630 13.23 -30.39 22.73
N VAL A 631 13.40 -29.95 23.97
CA VAL A 631 12.47 -30.20 25.04
C VAL A 631 11.88 -28.82 25.28
N THR A 632 10.59 -28.77 25.57
CA THR A 632 9.95 -27.48 25.56
C THR A 632 9.49 -26.84 26.86
N ARG A 633 9.98 -25.61 27.06
CA ARG A 633 9.53 -24.73 28.13
C ARG A 633 8.47 -23.85 27.44
N THR A 634 7.74 -23.07 28.21
CA THR A 634 6.81 -22.09 27.62
C THR A 634 5.72 -22.68 26.74
N GLU A 635 6.11 -22.93 25.48
CA GLU A 635 5.27 -23.31 24.34
C GLU A 635 5.64 -22.33 23.21
N ASP A 636 6.89 -21.87 23.22
CA ASP A 636 7.43 -20.85 22.26
C ASP A 636 8.90 -20.53 22.56
N GLN A 637 9.35 -20.89 23.76
CA GLN A 637 10.73 -20.81 24.18
C GLN A 637 11.02 -22.24 24.61
N SER A 638 12.27 -22.69 24.60
CA SER A 638 12.51 -24.10 24.93
C SER A 638 13.51 -24.34 26.08
N LEU A 639 13.21 -25.36 26.92
CA LEU A 639 14.01 -25.71 28.10
C LEU A 639 15.40 -26.26 27.77
N GLY A 640 15.52 -27.02 26.71
CA GLY A 640 16.83 -27.56 26.35
C GLY A 640 16.84 -28.65 25.30
N PHE A 641 18.01 -29.24 25.10
CA PHE A 641 18.15 -30.24 24.07
C PHE A 641 18.83 -31.52 24.50
N VAL A 642 18.43 -32.59 23.80
CA VAL A 642 19.01 -33.90 23.95
C VAL A 642 19.55 -34.37 22.62
N LEU A 643 20.87 -34.42 22.55
CA LEU A 643 21.56 -34.93 21.42
C LEU A 643 21.78 -36.33 21.88
N ILE A 644 20.85 -37.20 21.51
CA ILE A 644 20.88 -38.63 21.90
C ILE A 644 21.44 -39.52 20.77
N PHE A 645 22.31 -38.97 19.96
CA PHE A 645 22.87 -39.68 18.81
C PHE A 645 22.06 -40.99 18.46
N SER A 646 22.66 -42.18 18.44
CA SER A 646 24.06 -42.43 18.73
C SER A 646 24.29 -43.91 18.44
N ASP A 647 25.00 -44.23 17.37
CA ASP A 647 25.21 -45.63 17.00
C ASP A 647 26.00 -45.70 15.71
N ALA A 648 26.55 -46.85 15.33
CA ALA A 648 27.25 -46.93 14.04
C ALA A 648 26.16 -46.83 12.96
N THR A 649 25.78 -47.97 12.39
CA THR A 649 24.66 -48.06 11.46
C THR A 649 24.20 -49.50 11.42
N ASP A 650 24.01 -50.01 12.63
CA ASP A 650 23.54 -51.37 12.87
C ASP A 650 22.04 -51.34 13.14
N ARG A 651 21.46 -50.14 13.16
CA ARG A 651 20.00 -49.98 13.31
C ARG A 651 19.37 -49.97 11.92
N ARG A 652 20.04 -49.33 10.97
CA ARG A 652 19.61 -49.20 9.56
C ARG A 652 18.84 -50.45 9.14
N THR A 653 17.50 -50.42 8.94
CA THR A 653 16.50 -49.30 9.09
C THR A 653 15.08 -49.75 8.64
N ALA A 654 15.01 -50.69 7.70
CA ALA A 654 13.73 -51.21 7.20
C ALA A 654 13.15 -52.31 8.14
N ASP A 655 13.17 -53.57 7.70
CA ASP A 655 12.62 -54.69 8.48
C ASP A 655 11.25 -54.31 9.09
N GLY B 28 -11.97 63.09 -106.32
CA GLY B 28 -11.13 62.67 -107.50
C GLY B 28 -9.69 62.32 -107.13
N SER B 29 -8.94 61.81 -108.10
CA SER B 29 -7.54 61.45 -107.87
C SER B 29 -6.66 61.94 -109.02
N PRO B 30 -5.58 62.64 -108.68
CA PRO B 30 -4.71 63.30 -109.63
C PRO B 30 -3.93 62.39 -110.53
N ALA B 31 -3.73 62.84 -111.77
CA ALA B 31 -2.91 62.12 -112.69
C ALA B 31 -1.47 62.18 -112.17
N PHE B 32 -0.75 61.10 -112.37
CA PHE B 32 0.65 61.08 -112.06
C PHE B 32 1.25 62.39 -112.48
N GLY B 33 2.14 62.94 -111.64
CA GLY B 33 2.79 64.23 -111.92
C GLY B 33 1.93 65.44 -111.59
N THR B 34 0.62 65.23 -111.53
CA THR B 34 -0.37 66.27 -111.31
C THR B 34 -0.62 66.56 -109.81
N ALA B 35 -0.15 65.66 -108.97
CA ALA B 35 -0.49 65.72 -107.56
C ALA B 35 0.09 66.90 -106.86
N ASP B 36 -0.61 67.39 -105.81
CA ASP B 36 -0.07 68.42 -104.92
C ASP B 36 -0.26 67.89 -103.51
N LEU B 37 0.27 68.58 -102.51
CA LEU B 37 0.15 68.10 -101.12
C LEU B 37 -1.28 67.91 -100.65
N SER B 38 -2.24 68.60 -101.24
CA SER B 38 -3.60 68.43 -100.77
C SER B 38 -4.14 67.07 -101.14
N ASN B 39 -3.81 66.59 -102.33
CA ASN B 39 -4.43 65.38 -102.85
C ASN B 39 -3.51 64.27 -103.30
N CYS B 40 -2.24 64.37 -102.98
CA CYS B 40 -1.28 63.33 -103.46
C CYS B 40 -1.41 61.92 -102.85
N GLU B 41 -2.21 61.76 -101.79
CA GLU B 41 -2.44 60.44 -101.21
C GLU B 41 -3.25 59.53 -102.13
N ARG B 42 -3.68 60.05 -103.28
CA ARG B 42 -4.39 59.25 -104.29
C ARG B 42 -3.81 59.43 -105.70
N GLU B 43 -2.58 59.93 -105.79
CA GLU B 43 -1.89 60.13 -107.07
C GLU B 43 -1.81 58.79 -107.75
N GLU B 44 -2.19 58.75 -109.01
CA GLU B 44 -2.20 57.52 -109.79
C GLU B 44 -0.80 57.10 -110.24
N ILE B 45 0.05 56.78 -109.27
CA ILE B 45 1.43 56.39 -109.51
C ILE B 45 1.63 55.06 -110.28
N HIS B 46 0.54 54.32 -110.47
CA HIS B 46 0.56 53.06 -111.21
C HIS B 46 0.21 53.26 -112.65
N LEU B 47 -0.42 54.39 -112.93
CA LEU B 47 -0.75 54.77 -114.28
C LEU B 47 0.15 55.98 -114.60
N ALA B 48 1.47 55.82 -114.44
CA ALA B 48 2.37 56.89 -114.86
C ALA B 48 2.17 56.74 -116.33
N GLY B 49 3.03 57.30 -117.17
CA GLY B 49 2.86 56.96 -118.58
C GLY B 49 4.25 56.89 -119.09
N SER B 50 5.14 56.44 -118.22
CA SER B 50 6.55 56.57 -118.54
C SER B 50 7.51 55.81 -117.67
N ILE B 51 8.68 55.57 -118.25
CA ILE B 51 9.71 54.82 -117.57
C ILE B 51 10.90 55.70 -117.30
N GLN B 52 11.86 55.14 -116.60
CA GLN B 52 13.12 55.78 -116.25
C GLN B 52 13.99 55.58 -117.44
N PRO B 53 15.01 56.43 -117.60
CA PRO B 53 15.74 56.42 -118.87
C PRO B 53 16.70 55.28 -119.06
N HIS B 54 16.89 54.43 -118.04
CA HIS B 54 17.92 53.38 -118.13
C HIS B 54 17.48 52.01 -118.55
N GLY B 55 16.41 51.95 -119.32
CA GLY B 55 15.90 50.69 -119.78
C GLY B 55 14.76 51.02 -120.69
N ALA B 56 14.41 50.08 -121.55
CA ALA B 56 13.36 50.30 -122.50
C ALA B 56 12.21 49.39 -122.13
N LEU B 57 11.00 49.71 -122.60
CA LEU B 57 9.81 48.90 -122.28
C LEU B 57 8.98 48.71 -123.53
N LEU B 58 8.58 47.46 -123.78
CA LEU B 58 7.84 47.06 -124.94
C LEU B 58 6.55 46.40 -124.51
N VAL B 59 5.38 46.84 -125.00
CA VAL B 59 4.14 46.12 -124.71
C VAL B 59 3.86 45.26 -125.92
N VAL B 60 3.64 43.97 -125.73
CA VAL B 60 3.43 43.03 -126.85
C VAL B 60 2.02 42.38 -126.86
N SER B 61 1.47 42.17 -128.05
CA SER B 61 0.13 41.55 -128.16
C SER B 61 0.17 40.03 -128.17
N GLU B 62 -1.00 39.44 -127.97
CA GLU B 62 -1.16 37.98 -127.95
C GLU B 62 -2.36 37.51 -128.79
N PRO B 63 -2.22 36.41 -129.52
CA PRO B 63 -1.10 35.51 -129.55
C PRO B 63 0.03 35.86 -130.45
N ASP B 64 -0.03 36.99 -131.16
CA ASP B 64 1.00 37.23 -132.17
C ASP B 64 2.29 37.93 -131.91
N HIS B 65 2.46 38.43 -130.72
CA HIS B 65 3.69 39.04 -130.30
C HIS B 65 4.10 40.12 -131.22
N ARG B 66 3.14 40.98 -131.48
CA ARG B 66 3.39 42.20 -132.22
C ARG B 66 3.55 43.26 -131.16
N ILE B 67 4.42 44.25 -131.40
CA ILE B 67 4.61 45.36 -130.45
C ILE B 67 3.60 46.46 -130.74
N ILE B 68 2.42 46.41 -130.11
CA ILE B 68 1.50 47.53 -130.12
C ILE B 68 2.26 48.40 -129.18
N GLN B 69 1.82 49.56 -128.76
CA GLN B 69 2.55 50.30 -127.62
C GLN B 69 4.03 50.03 -127.14
N ALA B 70 4.81 51.05 -126.83
CA ALA B 70 6.26 50.90 -126.40
C ALA B 70 6.98 52.23 -126.01
N SER B 71 7.98 52.18 -125.13
CA SER B 71 8.64 53.42 -124.62
C SER B 71 9.43 54.15 -125.68
N ALA B 72 9.34 55.48 -125.68
CA ALA B 72 10.01 56.40 -126.68
C ALA B 72 11.39 56.06 -126.98
N ASN B 73 12.17 55.62 -126.01
CA ASN B 73 13.58 55.28 -126.23
C ASN B 73 13.85 53.87 -126.76
N ALA B 74 12.82 53.10 -127.11
CA ALA B 74 13.02 51.72 -127.58
C ALA B 74 14.10 51.63 -128.65
N ALA B 75 13.80 52.29 -129.78
CA ALA B 75 14.67 52.27 -130.96
C ALA B 75 16.07 52.50 -130.53
N GLU B 76 16.28 53.65 -129.90
CA GLU B 76 17.61 54.10 -129.58
C GLU B 76 18.31 53.11 -128.66
N PHE B 77 17.69 52.85 -127.53
CA PHE B 77 18.24 52.03 -126.49
C PHE B 77 18.52 50.59 -126.87
N LEU B 78 17.62 50.00 -127.62
CA LEU B 78 17.76 48.63 -128.06
C LEU B 78 18.51 48.51 -129.40
N ASN B 79 18.86 49.64 -130.02
CA ASN B 79 19.42 49.63 -131.36
C ASN B 79 18.45 48.86 -132.26
N LEU B 80 17.46 49.57 -132.76
CA LEU B 80 16.48 48.98 -133.67
C LEU B 80 16.14 50.05 -134.68
N GLY B 81 15.34 49.67 -135.66
CA GLY B 81 14.81 50.63 -136.60
C GLY B 81 13.37 50.24 -136.49
N SER B 82 12.51 51.17 -136.09
CA SER B 82 11.07 50.90 -135.92
C SER B 82 10.74 49.82 -134.88
N VAL B 83 9.90 50.25 -133.92
CA VAL B 83 9.40 49.43 -132.84
C VAL B 83 7.91 49.12 -133.00
N LEU B 84 7.03 50.11 -132.82
CA LEU B 84 5.57 49.87 -132.98
C LEU B 84 5.28 49.05 -134.22
N GLY B 85 4.23 48.24 -134.22
CA GLY B 85 3.87 47.43 -135.38
C GLY B 85 4.72 46.19 -135.65
N VAL B 86 6.05 46.33 -135.58
CA VAL B 86 6.96 45.24 -135.92
C VAL B 86 6.81 44.08 -134.97
N PRO B 87 6.62 42.88 -135.50
CA PRO B 87 6.56 41.71 -134.65
C PRO B 87 7.88 41.31 -134.06
N LEU B 88 7.84 40.84 -132.82
CA LEU B 88 9.04 40.36 -132.17
C LEU B 88 9.71 39.29 -133.04
N ALA B 89 8.97 38.64 -133.92
CA ALA B 89 9.65 37.65 -134.74
C ALA B 89 10.71 38.31 -135.62
N GLU B 90 10.47 39.54 -136.07
CA GLU B 90 11.37 40.26 -136.99
C GLU B 90 12.39 41.19 -136.30
N ILE B 91 12.40 41.22 -134.97
CA ILE B 91 13.22 42.20 -134.28
C ILE B 91 14.72 42.11 -134.41
N ASP B 92 15.28 40.93 -134.58
CA ASP B 92 16.76 40.75 -134.56
C ASP B 92 17.20 40.45 -133.13
N GLY B 93 18.12 39.51 -133.02
CA GLY B 93 18.54 39.04 -131.74
C GLY B 93 17.39 38.17 -131.28
N ASP B 94 17.68 37.28 -130.33
CA ASP B 94 16.67 36.37 -129.81
C ASP B 94 15.59 37.20 -129.08
N LEU B 95 14.89 36.66 -128.11
CA LEU B 95 13.88 37.41 -127.33
C LEU B 95 12.58 36.67 -127.47
N LEU B 96 12.06 36.65 -128.68
CA LEU B 96 10.88 35.85 -128.91
C LEU B 96 11.35 34.43 -128.55
N ILE B 97 12.36 33.95 -129.26
CA ILE B 97 13.04 32.70 -128.88
C ILE B 97 13.59 33.14 -127.54
N LYS B 98 13.09 32.67 -126.41
CA LYS B 98 13.60 33.21 -125.13
C LYS B 98 12.47 33.61 -124.19
N ILE B 99 11.40 34.21 -124.73
CA ILE B 99 10.20 34.44 -123.93
C ILE B 99 9.16 33.32 -124.09
N LEU B 100 9.07 32.73 -125.29
CA LEU B 100 8.12 31.63 -125.53
C LEU B 100 8.23 30.53 -124.49
N PRO B 101 9.44 30.18 -124.09
CA PRO B 101 9.46 29.15 -123.08
C PRO B 101 8.68 29.51 -121.83
N HIS B 102 8.47 30.78 -121.52
CA HIS B 102 7.65 31.07 -120.33
C HIS B 102 6.24 31.45 -120.62
N LEU B 103 5.75 31.19 -121.82
CA LEU B 103 4.37 31.55 -122.15
C LEU B 103 3.59 30.29 -122.42
N ASP B 104 4.05 29.19 -121.85
CA ASP B 104 3.35 27.93 -121.96
C ASP B 104 2.20 28.08 -120.97
N PRO B 105 0.93 28.21 -121.43
CA PRO B 105 -0.21 28.38 -120.47
C PRO B 105 -0.28 27.32 -119.38
N THR B 106 0.18 26.10 -119.64
CA THR B 106 0.25 25.13 -118.55
C THR B 106 1.30 25.66 -117.57
N ALA B 107 2.52 25.99 -118.04
CA ALA B 107 3.61 26.55 -117.16
C ALA B 107 3.22 27.89 -116.48
N GLU B 108 3.91 28.24 -115.39
CA GLU B 108 3.50 29.37 -114.49
C GLU B 108 3.58 30.80 -114.97
N GLY B 109 2.39 31.41 -115.06
CA GLY B 109 2.17 32.85 -115.41
C GLY B 109 3.31 33.80 -115.77
N MSE B 110 4.28 34.03 -114.86
CA MSE B 110 5.39 35.04 -114.94
C MSE B 110 5.13 35.75 -113.61
O MSE B 110 4.31 35.26 -112.85
CB MSE B 110 5.21 36.04 -116.11
CG MSE B 110 5.36 35.46 -117.52
SE MSE B 110 4.18 36.21 -118.61
CE MSE B 110 4.86 37.82 -118.43
N PRO B 111 5.81 36.84 -113.28
CA PRO B 111 6.91 37.62 -113.75
C PRO B 111 8.14 36.75 -113.81
N VAL B 112 8.85 36.83 -114.94
CA VAL B 112 9.96 35.96 -115.22
C VAL B 112 11.07 36.81 -115.78
N ALA B 113 12.31 36.44 -115.46
CA ALA B 113 13.51 37.18 -115.88
C ALA B 113 14.23 36.43 -116.94
N VAL B 114 14.43 37.04 -118.10
CA VAL B 114 15.12 36.38 -119.21
C VAL B 114 16.50 36.98 -119.56
N ARG B 115 17.23 36.28 -120.43
CA ARG B 115 18.49 36.77 -120.98
C ARG B 115 18.51 36.65 -122.50
N CYS B 116 18.29 37.78 -123.15
CA CYS B 116 18.23 37.84 -124.59
C CYS B 116 19.24 38.82 -125.06
N ARG B 117 19.33 38.98 -126.38
CA ARG B 117 20.24 39.95 -126.98
C ARG B 117 19.53 40.58 -128.19
N ILE B 118 19.75 41.87 -128.43
CA ILE B 118 19.17 42.60 -129.57
C ILE B 118 20.23 43.38 -130.40
N GLY B 119 20.22 43.01 -131.70
CA GLY B 119 21.16 43.36 -132.77
C GLY B 119 21.66 44.71 -133.28
N ASN B 120 22.07 44.68 -134.57
CA ASN B 120 22.81 45.73 -135.37
C ASN B 120 24.09 46.03 -134.59
N PRO B 121 24.14 47.06 -133.72
CA PRO B 121 25.16 46.78 -132.71
C PRO B 121 24.46 45.85 -131.64
N SER B 122 24.66 44.52 -131.76
CA SER B 122 24.05 43.53 -130.84
C SER B 122 24.57 43.70 -129.43
N THR B 123 23.64 43.60 -128.51
CA THR B 123 23.95 43.87 -127.14
C THR B 123 23.01 43.02 -126.28
N GLU B 124 23.51 42.46 -125.19
CA GLU B 124 22.69 41.61 -124.33
C GLU B 124 21.87 42.45 -123.37
N TYR B 125 20.66 42.03 -123.05
CA TYR B 125 19.89 42.74 -122.04
C TYR B 125 19.35 41.76 -120.98
N ASP B 126 19.01 42.30 -119.81
CA ASP B 126 18.30 41.56 -118.75
C ASP B 126 16.85 42.06 -118.95
N GLY B 127 15.95 41.15 -119.26
CA GLY B 127 14.59 41.57 -119.49
C GLY B 127 13.78 41.12 -118.33
N LEU B 128 12.56 41.67 -118.18
CA LEU B 128 11.65 41.29 -117.14
C LEU B 128 10.22 41.40 -117.67
N MSE B 129 9.74 40.27 -118.15
CA MSE B 129 8.41 40.17 -118.66
C MSE B 129 7.47 39.87 -117.58
O MSE B 129 7.89 39.20 -116.61
CB MSE B 129 8.35 38.88 -119.47
CG MSE B 129 7.17 39.00 -120.41
SE MSE B 129 7.16 37.57 -121.72
CE MSE B 129 7.50 36.18 -120.37
N HIS B 130 6.21 40.32 -117.73
CA HIS B 130 5.12 40.03 -116.80
C HIS B 130 3.84 40.52 -117.44
N ARG B 131 2.64 40.00 -117.03
CA ARG B 131 1.39 40.31 -117.74
C ARG B 131 0.26 41.07 -117.01
N PRO B 132 0.15 42.38 -117.22
CA PRO B 132 -0.84 43.18 -116.52
C PRO B 132 -2.23 42.75 -116.90
N PRO B 133 -3.21 43.05 -116.04
CA PRO B 133 -4.63 42.68 -116.15
C PRO B 133 -5.17 42.84 -117.55
N GLU B 134 -5.17 44.05 -118.12
CA GLU B 134 -5.40 44.18 -119.57
C GLU B 134 -4.16 44.83 -120.22
N GLY B 135 -4.06 44.78 -121.55
CA GLY B 135 -3.00 45.49 -122.26
C GLY B 135 -1.98 44.62 -122.95
N GLY B 136 -2.00 43.32 -122.66
CA GLY B 136 -1.06 42.37 -123.28
C GLY B 136 0.18 42.13 -122.42
N LEU B 137 1.27 41.70 -123.03
CA LEU B 137 2.55 41.43 -122.34
C LEU B 137 3.47 42.66 -122.17
N ILE B 138 3.89 43.00 -120.94
CA ILE B 138 4.93 44.05 -120.80
C ILE B 138 6.38 43.46 -120.71
N ILE B 139 7.25 43.68 -121.68
CA ILE B 139 8.62 43.27 -121.50
C ILE B 139 9.36 44.52 -121.10
N GLU B 140 10.12 44.47 -120.02
CA GLU B 140 10.99 45.57 -119.63
C GLU B 140 12.48 45.17 -119.76
N LEU B 141 13.27 45.92 -120.53
CA LEU B 141 14.73 45.59 -120.79
C LEU B 141 15.83 46.52 -120.25
N GLU B 142 16.73 46.01 -119.42
CA GLU B 142 17.88 46.82 -118.97
C GLU B 142 19.16 46.22 -119.53
N ARG B 143 20.11 47.12 -119.78
CA ARG B 143 21.43 46.76 -120.31
C ARG B 143 22.07 45.77 -119.31
N ALA B 144 22.34 44.58 -119.83
CA ALA B 144 22.86 43.40 -119.08
C ALA B 144 23.94 43.56 -118.04
N GLY B 145 25.03 44.23 -118.39
CA GLY B 145 26.17 44.34 -117.47
C GLY B 145 26.69 42.96 -117.07
N PRO B 146 27.18 42.18 -118.07
CA PRO B 146 27.64 40.79 -117.86
C PRO B 146 28.45 40.47 -116.58
N PRO B 147 29.47 41.28 -116.24
CA PRO B 147 30.31 41.00 -115.08
C PRO B 147 30.09 39.69 -114.28
N ILE B 148 28.94 39.57 -113.63
CA ILE B 148 28.55 38.43 -112.76
C ILE B 148 29.36 38.37 -111.44
N ASP B 149 30.18 37.33 -111.23
CA ASP B 149 30.95 37.13 -109.95
C ASP B 149 30.04 36.52 -108.83
N LEU B 150 29.15 35.62 -109.25
CA LEU B 150 28.14 34.90 -108.42
C LEU B 150 27.91 35.40 -106.95
N SER B 151 28.56 34.89 -105.89
CA SER B 151 29.53 33.80 -105.83
C SER B 151 29.72 33.58 -104.32
N GLY B 152 28.73 32.98 -103.69
CA GLY B 152 28.71 32.85 -102.24
C GLY B 152 28.03 34.14 -101.82
N THR B 153 28.72 34.97 -101.04
CA THR B 153 28.16 36.26 -100.57
C THR B 153 26.65 36.16 -100.34
N LEU B 154 26.26 35.01 -99.78
CA LEU B 154 24.88 34.68 -99.47
C LEU B 154 24.97 33.81 -98.25
N ALA B 155 25.59 32.62 -98.44
CA ALA B 155 25.79 31.63 -97.37
C ALA B 155 26.06 32.28 -96.01
N PRO B 156 27.17 33.05 -95.90
CA PRO B 156 27.53 33.73 -94.65
C PRO B 156 26.48 34.75 -94.18
N ALA B 157 25.94 35.55 -95.11
CA ALA B 157 24.92 36.56 -94.79
C ALA B 157 23.63 35.94 -94.24
N LEU B 158 23.24 34.82 -94.83
CA LEU B 158 22.05 34.09 -94.42
C LEU B 158 22.19 33.56 -92.98
N GLU B 159 23.36 33.04 -92.61
CA GLU B 159 23.57 32.53 -91.24
C GLU B 159 23.93 33.63 -90.21
N ARG B 160 24.05 34.88 -90.62
CA ARG B 160 24.19 36.00 -89.67
C ARG B 160 22.77 36.40 -89.21
N ILE B 161 21.84 36.39 -90.17
CA ILE B 161 20.38 36.72 -90.04
C ILE B 161 19.54 35.67 -89.28
N ARG B 162 19.69 34.42 -89.69
CA ARG B 162 19.06 33.29 -89.02
C ARG B 162 19.48 33.23 -87.53
N THR B 163 20.80 33.41 -87.28
CA THR B 163 21.39 33.38 -85.93
C THR B 163 21.55 34.73 -85.26
N ALA B 164 20.86 35.78 -85.70
CA ALA B 164 20.93 37.07 -84.99
C ALA B 164 20.10 36.91 -83.72
N GLY B 165 20.25 37.83 -82.78
CA GLY B 165 19.59 37.68 -81.46
C GLY B 165 18.18 38.25 -81.28
N SER B 166 17.89 39.35 -81.95
CA SER B 166 16.62 39.96 -81.71
C SER B 166 16.25 40.87 -82.82
N LEU B 167 14.96 41.21 -82.85
CA LEU B 167 14.40 42.16 -83.80
C LEU B 167 15.32 43.36 -83.91
N ARG B 168 16.12 43.57 -82.85
CA ARG B 168 17.10 44.65 -82.71
C ARG B 168 18.41 44.38 -83.42
N ALA B 169 19.04 43.25 -83.09
CA ALA B 169 20.30 42.84 -83.71
C ALA B 169 20.09 42.55 -85.22
N LEU B 170 18.86 42.22 -85.61
CA LEU B 170 18.54 41.92 -86.99
C LEU B 170 18.66 43.21 -87.82
N CYS B 171 17.82 44.18 -87.47
CA CYS B 171 17.80 45.41 -88.21
C CYS B 171 19.16 46.05 -88.15
N ASP B 172 19.74 46.09 -86.95
CA ASP B 172 21.08 46.64 -86.83
C ASP B 172 22.02 45.94 -87.82
N ASP B 173 21.87 44.62 -87.94
CA ASP B 173 22.75 43.88 -88.85
C ASP B 173 22.33 43.86 -90.33
N THR B 174 21.01 43.83 -90.59
CA THR B 174 20.51 43.98 -91.95
C THR B 174 21.25 45.17 -92.61
N ALA B 175 21.12 46.30 -91.91
CA ALA B 175 21.61 47.61 -92.28
C ALA B 175 23.02 47.58 -92.75
N LEU B 176 23.89 47.00 -91.94
CA LEU B 176 25.32 46.92 -92.32
C LEU B 176 25.46 45.92 -93.46
N LEU B 177 24.77 44.78 -93.34
CA LEU B 177 24.75 43.75 -94.38
C LEU B 177 24.43 44.29 -95.78
N PHE B 178 23.52 45.25 -95.89
CA PHE B 178 23.22 45.81 -97.22
C PHE B 178 24.36 46.73 -97.65
N GLN B 179 24.83 47.60 -96.75
CA GLN B 179 26.04 48.40 -97.03
C GLN B 179 27.19 47.54 -97.62
N GLN B 180 27.26 46.25 -97.25
CA GLN B 180 28.29 45.30 -97.72
C GLN B 180 28.22 45.16 -99.24
N CYS B 181 27.19 44.46 -99.67
CA CYS B 181 26.87 44.27 -101.08
C CYS B 181 26.53 45.66 -101.70
N THR B 182 25.31 46.14 -101.48
CA THR B 182 24.88 47.49 -101.86
C THR B 182 25.89 48.55 -101.45
N GLY B 183 26.62 49.15 -102.39
CA GLY B 183 27.66 50.15 -102.00
C GLY B 183 27.17 51.54 -101.63
N TYR B 184 25.89 51.62 -101.28
CA TYR B 184 25.18 52.86 -100.99
C TYR B 184 25.74 53.66 -99.82
N ASP B 185 25.27 54.89 -99.68
CA ASP B 185 25.76 55.80 -98.63
C ASP B 185 25.09 55.54 -97.29
N ARG B 186 23.78 55.33 -97.34
CA ARG B 186 22.98 55.12 -96.14
C ARG B 186 21.98 53.99 -96.36
N VAL B 187 21.80 53.21 -95.30
CA VAL B 187 20.77 52.20 -95.25
C VAL B 187 20.02 52.49 -93.96
N MSE B 188 18.71 52.63 -94.07
CA MSE B 188 17.84 52.77 -92.92
C MSE B 188 17.00 51.56 -93.03
O MSE B 188 16.81 51.07 -94.16
CB MSE B 188 16.92 53.99 -92.99
CG MSE B 188 17.79 55.22 -92.85
SE MSE B 188 16.77 56.86 -93.23
CE MSE B 188 17.06 56.88 -95.19
N VAL B 189 16.52 51.03 -91.93
CA VAL B 189 15.55 49.96 -92.00
C VAL B 189 14.30 50.40 -91.23
N TYR B 190 13.28 50.87 -91.95
CA TYR B 190 12.09 51.39 -91.28
C TYR B 190 11.23 50.27 -90.77
N ARG B 191 10.53 50.52 -89.67
CA ARG B 191 9.52 49.57 -89.18
C ARG B 191 8.23 50.35 -89.08
N PHE B 192 7.14 49.78 -89.58
CA PHE B 192 5.85 50.46 -89.51
C PHE B 192 5.14 49.97 -88.31
N ASP B 193 4.38 50.85 -87.68
CA ASP B 193 3.61 50.48 -86.52
C ASP B 193 2.18 50.18 -86.97
N GLU B 194 1.31 49.79 -86.06
CA GLU B 194 -0.05 49.48 -86.46
C GLU B 194 -0.70 50.62 -87.17
N GLN B 195 -0.28 51.84 -86.88
CA GLN B 195 -0.84 53.02 -87.56
C GLN B 195 -0.23 53.20 -88.94
N GLY B 196 0.91 52.59 -89.17
CA GLY B 196 1.62 52.73 -90.43
C GLY B 196 2.65 53.83 -90.35
N HIS B 197 2.98 54.25 -89.13
CA HIS B 197 3.91 55.34 -88.95
C HIS B 197 5.22 54.71 -89.03
N GLY B 198 6.14 55.40 -89.65
CA GLY B 198 7.47 54.86 -89.77
C GLY B 198 8.40 55.23 -88.64
N GLU B 199 9.34 54.35 -88.37
CA GLU B 199 10.36 54.61 -87.39
C GLU B 199 11.65 54.28 -88.04
N VAL B 200 12.57 55.21 -88.14
CA VAL B 200 13.83 54.83 -88.70
C VAL B 200 14.39 53.95 -87.60
N PHE B 201 14.23 52.65 -87.73
CA PHE B 201 14.62 51.70 -86.67
C PHE B 201 16.04 51.13 -86.71
N SER B 202 16.83 51.58 -87.66
CA SER B 202 18.24 51.19 -87.71
C SER B 202 18.87 51.93 -88.86
N GLU B 203 20.13 52.30 -88.71
CA GLU B 203 20.81 53.11 -89.69
C GLU B 203 22.29 52.80 -89.73
N ARG B 204 22.88 52.95 -90.90
CA ARG B 204 24.30 52.79 -91.08
C ARG B 204 24.61 53.72 -92.24
N HIS B 205 25.22 54.87 -91.94
CA HIS B 205 25.55 55.85 -92.97
C HIS B 205 27.03 56.12 -93.00
N VAL B 206 27.58 56.27 -94.19
CA VAL B 206 28.99 56.57 -94.30
C VAL B 206 29.29 57.90 -93.59
N PRO B 207 30.54 58.12 -93.15
CA PRO B 207 30.88 59.42 -92.53
C PRO B 207 30.61 60.67 -93.42
N GLY B 208 30.36 61.81 -92.75
CA GLY B 208 30.12 63.10 -93.42
C GLY B 208 28.65 63.44 -93.62
N LEU B 209 27.75 62.63 -93.09
CA LEU B 209 26.30 62.82 -93.30
C LEU B 209 25.50 62.96 -92.05
N GLU B 210 24.40 63.70 -92.17
CA GLU B 210 23.42 63.84 -91.10
C GLU B 210 22.83 62.48 -90.79
N SER B 211 22.29 62.33 -89.59
CA SER B 211 21.76 61.07 -89.13
C SER B 211 20.28 61.03 -88.74
N TYR B 212 19.56 60.17 -89.44
CA TYR B 212 18.16 59.93 -89.20
C TYR B 212 18.11 58.60 -88.45
N PHE B 213 18.03 58.64 -87.13
CA PHE B 213 17.94 57.39 -86.40
C PHE B 213 16.75 57.43 -85.47
N GLY B 214 16.57 58.52 -84.76
CA GLY B 214 15.39 58.59 -83.91
C GLY B 214 14.17 58.65 -84.82
N ASN B 215 14.23 59.60 -85.73
CA ASN B 215 13.18 59.94 -86.70
C ASN B 215 11.91 59.09 -86.78
N ARG B 216 10.79 59.78 -86.97
CA ARG B 216 9.49 59.18 -87.18
C ARG B 216 8.75 59.91 -88.29
N TYR B 217 7.95 59.20 -89.05
CA TYR B 217 7.15 59.87 -90.04
C TYR B 217 5.73 59.38 -89.97
N PRO B 218 4.80 60.14 -90.55
CA PRO B 218 3.43 59.64 -90.50
C PRO B 218 3.15 58.66 -91.64
N SER B 219 1.98 58.02 -91.60
CA SER B 219 1.53 57.14 -92.67
C SER B 219 1.52 57.90 -93.96
N SER B 220 0.81 59.02 -93.94
CA SER B 220 0.67 59.84 -95.13
C SER B 220 2.00 59.96 -95.86
N ASP B 221 3.13 60.03 -95.14
CA ASP B 221 4.41 60.16 -95.84
C ASP B 221 4.63 59.09 -96.90
N ILE B 222 3.94 57.95 -96.76
CA ILE B 222 3.93 56.88 -97.78
C ILE B 222 2.47 56.52 -98.09
N PRO B 223 1.95 56.99 -99.22
CA PRO B 223 0.57 56.71 -99.56
C PRO B 223 0.28 55.26 -99.78
N GLN B 224 -0.95 54.90 -99.46
CA GLN B 224 -1.42 53.52 -99.52
C GLN B 224 -1.09 52.78 -100.82
N MSE B 225 -1.22 53.46 -101.97
CA MSE B 225 -0.97 52.79 -103.25
C MSE B 225 0.49 52.46 -103.33
O MSE B 225 0.84 51.41 -103.87
CB MSE B 225 -1.52 53.54 -104.44
CG MSE B 225 -0.94 53.05 -105.76
SE MSE B 225 -1.73 51.33 -106.31
CE MSE B 225 -2.96 52.42 -107.41
N ALA B 226 1.34 53.33 -102.79
CA ALA B 226 2.79 53.10 -102.84
C ALA B 226 3.14 51.84 -102.13
N ARG B 227 2.49 51.66 -100.98
CA ARG B 227 2.71 50.49 -100.13
C ARG B 227 2.28 49.24 -100.88
N ARG B 228 1.07 49.30 -101.47
CA ARG B 228 0.52 48.20 -102.25
C ARG B 228 1.55 47.73 -103.25
N LEU B 229 2.26 48.68 -103.85
CA LEU B 229 3.27 48.36 -104.82
C LEU B 229 4.57 47.87 -104.16
N TYR B 230 4.96 48.44 -103.04
CA TYR B 230 6.17 47.95 -102.36
C TYR B 230 5.99 46.50 -101.94
N GLU B 231 4.72 46.13 -101.82
CA GLU B 231 4.27 44.84 -101.29
C GLU B 231 4.08 43.78 -102.34
N ARG B 232 3.78 44.15 -103.58
CA ARG B 232 3.65 43.16 -104.66
C ARG B 232 4.76 43.26 -105.71
N GLN B 233 5.85 43.92 -105.34
CA GLN B 233 7.04 44.08 -106.18
C GLN B 233 8.04 44.43 -105.12
N ARG B 234 9.01 43.56 -104.92
CA ARG B 234 9.83 43.68 -103.74
C ARG B 234 11.06 44.49 -103.82
N VAL B 235 11.37 45.07 -104.99
CA VAL B 235 12.61 45.87 -105.10
C VAL B 235 12.39 47.10 -105.96
N ARG B 236 12.73 48.29 -105.43
CA ARG B 236 12.52 49.53 -106.15
C ARG B 236 13.74 50.44 -106.32
N VAL B 237 14.10 50.63 -107.58
CA VAL B 237 15.28 51.35 -107.99
C VAL B 237 15.02 52.69 -108.72
N LEU B 238 15.48 53.78 -108.08
CA LEU B 238 15.52 55.13 -108.62
C LEU B 238 16.98 55.33 -108.90
N VAL B 239 17.36 55.77 -110.10
CA VAL B 239 18.81 55.81 -110.43
C VAL B 239 19.49 57.16 -110.46
N ASP B 240 18.79 58.16 -111.00
CA ASP B 240 19.27 59.53 -111.02
C ASP B 240 18.04 60.32 -110.65
N VAL B 241 17.92 60.78 -109.41
CA VAL B 241 16.74 61.53 -109.03
C VAL B 241 16.38 62.66 -110.03
N SER B 242 17.36 63.18 -110.78
CA SER B 242 17.15 64.24 -111.79
C SER B 242 16.90 63.70 -113.19
N TYR B 243 16.60 62.41 -113.30
CA TYR B 243 16.38 61.77 -114.59
C TYR B 243 15.24 62.38 -115.31
N GLN B 244 15.13 62.02 -116.58
CA GLN B 244 14.04 62.50 -117.39
C GLN B 244 13.04 61.43 -117.91
N PRO B 245 11.78 61.53 -117.46
CA PRO B 245 10.73 60.64 -117.84
C PRO B 245 10.75 60.43 -119.35
N VAL B 246 10.66 59.15 -119.76
CA VAL B 246 10.68 58.70 -121.14
C VAL B 246 9.26 58.17 -121.43
N PRO B 247 8.45 58.94 -122.14
CA PRO B 247 7.08 58.58 -122.28
C PRO B 247 6.89 57.32 -123.09
N LEU B 248 5.62 56.88 -123.18
CA LEU B 248 5.23 55.67 -123.86
C LEU B 248 4.55 55.89 -125.18
N GLU B 249 5.24 55.55 -126.27
CA GLU B 249 4.67 55.68 -127.61
C GLU B 249 3.57 54.66 -127.61
N PRO B 250 2.36 55.13 -127.68
CA PRO B 250 1.05 55.56 -127.74
C PRO B 250 0.84 56.18 -126.38
N ARG B 251 0.89 55.44 -125.27
CA ARG B 251 0.53 56.08 -123.96
C ARG B 251 -0.96 55.99 -124.10
N LEU B 252 -1.52 54.93 -123.56
CA LEU B 252 -2.91 54.58 -123.75
C LEU B 252 -2.83 53.36 -124.63
N SER B 253 -3.03 52.22 -123.99
CA SER B 253 -3.12 50.94 -124.60
C SER B 253 -3.89 50.96 -125.89
N PRO B 254 -3.23 50.61 -127.03
CA PRO B 254 -4.01 50.51 -128.26
C PRO B 254 -5.21 49.59 -128.08
N LEU B 255 -5.19 48.86 -126.97
CA LEU B 255 -6.13 47.79 -126.68
C LEU B 255 -7.23 48.21 -125.70
N THR B 256 -7.06 49.39 -125.09
CA THR B 256 -7.97 49.95 -124.09
C THR B 256 -7.74 51.46 -124.02
N GLY B 257 -8.80 52.24 -124.09
CA GLY B 257 -8.60 53.69 -124.03
C GLY B 257 -7.94 54.19 -122.76
N ARG B 258 -7.72 53.32 -121.77
CA ARG B 258 -7.17 53.73 -120.48
C ARG B 258 -5.61 53.71 -120.61
N ASP B 259 -4.90 54.19 -119.58
CA ASP B 259 -3.44 54.11 -119.61
C ASP B 259 -3.12 52.66 -119.31
N LEU B 260 -1.81 52.37 -119.23
CA LEU B 260 -1.33 51.04 -119.00
C LEU B 260 -1.07 50.87 -117.51
N ASP B 261 -1.42 49.73 -116.95
CA ASP B 261 -1.15 49.49 -115.56
C ASP B 261 0.34 49.16 -115.41
N MSE B 262 1.08 50.05 -114.79
CA MSE B 262 2.49 49.78 -114.58
C MSE B 262 2.79 49.22 -113.19
O MSE B 262 3.99 49.12 -112.78
CB MSE B 262 3.23 51.07 -114.94
CG MSE B 262 3.36 51.16 -116.46
SE MSE B 262 4.34 52.81 -116.92
CE MSE B 262 2.48 53.52 -117.08
N SER B 263 1.76 48.83 -112.44
CA SER B 263 1.94 48.31 -111.09
C SER B 263 3.00 47.31 -111.02
N GLY B 264 3.20 46.56 -112.09
CA GLY B 264 4.26 45.57 -112.12
C GLY B 264 5.50 45.90 -112.93
N CYS B 265 5.82 47.17 -113.15
CA CYS B 265 6.94 47.58 -113.97
C CYS B 265 8.19 48.01 -113.22
N PHE B 266 9.28 47.30 -113.43
CA PHE B 266 10.53 47.66 -112.81
C PHE B 266 10.97 49.09 -113.18
N LEU B 267 10.72 49.55 -114.41
CA LEU B 267 11.22 50.85 -114.90
C LEU B 267 10.29 52.03 -114.63
N ARG B 268 9.13 51.76 -114.07
CA ARG B 268 8.11 52.79 -113.81
C ARG B 268 8.66 54.11 -113.27
N SER B 269 8.08 55.23 -113.70
CA SER B 269 8.53 56.56 -113.21
C SER B 269 8.24 56.71 -111.74
N MSE B 270 8.83 57.72 -111.12
CA MSE B 270 8.61 58.01 -109.71
C MSE B 270 7.88 59.32 -109.66
O MSE B 270 8.17 60.23 -110.43
CB MSE B 270 9.90 58.14 -108.90
CG MSE B 270 9.76 57.51 -107.50
SE MSE B 270 11.52 57.29 -106.65
CE MSE B 270 11.85 55.45 -107.25
N SER B 271 6.91 59.42 -108.75
CA SER B 271 6.13 60.64 -108.54
C SER B 271 6.94 61.85 -108.11
N PRO B 272 6.74 63.00 -108.76
CA PRO B 272 7.43 64.24 -108.34
C PRO B 272 7.38 64.53 -106.83
N ILE B 273 6.26 64.22 -106.19
CA ILE B 273 6.14 64.49 -104.77
C ILE B 273 7.34 63.88 -104.06
N HIS B 274 7.57 62.57 -104.22
CA HIS B 274 8.70 61.93 -103.55
C HIS B 274 9.99 62.39 -104.09
N LEU B 275 10.00 62.57 -105.40
CA LEU B 275 11.19 62.99 -106.06
C LEU B 275 11.72 64.25 -105.43
N GLN B 276 10.81 65.21 -105.26
CA GLN B 276 11.13 66.49 -104.65
C GLN B 276 11.60 66.32 -103.20
N TYR B 277 11.12 65.27 -102.54
CA TYR B 277 11.48 65.04 -101.14
C TYR B 277 12.97 64.66 -101.11
N LEU B 278 13.32 63.64 -101.87
CA LEU B 278 14.68 63.20 -101.98
C LEU B 278 15.48 64.42 -102.40
N LYS B 279 14.95 65.19 -103.35
CA LYS B 279 15.67 66.37 -103.81
C LYS B 279 15.95 67.26 -102.58
N ASN B 280 14.91 67.57 -101.82
CA ASN B 280 15.10 68.41 -100.64
C ASN B 280 16.12 67.89 -99.64
N MSE B 281 16.22 66.56 -99.54
CA MSE B 281 17.18 65.89 -98.64
C MSE B 281 18.53 65.89 -99.27
O MSE B 281 19.54 65.83 -98.57
CB MSE B 281 16.90 64.39 -98.52
CG MSE B 281 16.29 63.84 -97.24
SE MSE B 281 15.80 61.98 -97.70
CE MSE B 281 13.98 61.95 -96.95
N GLY B 282 18.57 65.97 -100.59
CA GLY B 282 19.84 65.93 -101.29
C GLY B 282 20.23 64.53 -101.75
N VAL B 283 19.36 63.52 -101.54
CA VAL B 283 19.70 62.15 -102.01
C VAL B 283 19.40 62.12 -103.50
N ARG B 284 20.27 61.44 -104.23
CA ARG B 284 20.17 61.36 -105.69
C ARG B 284 20.08 59.93 -106.31
N ALA B 285 19.77 58.92 -105.49
CA ALA B 285 19.58 57.54 -105.92
C ALA B 285 19.07 56.70 -104.76
N THR B 286 18.12 55.81 -105.01
CA THR B 286 17.54 54.99 -103.96
C THR B 286 17.27 53.55 -104.43
N LEU B 287 17.50 52.58 -103.52
CA LEU B 287 17.21 51.15 -103.76
C LEU B 287 16.37 50.68 -102.56
N VAL B 288 15.06 50.50 -102.74
CA VAL B 288 14.18 50.19 -101.63
C VAL B 288 13.66 48.75 -101.67
N VAL B 289 14.07 47.97 -100.67
CA VAL B 289 13.78 46.53 -100.58
C VAL B 289 12.72 46.31 -99.52
N SER B 290 11.64 45.62 -99.87
CA SER B 290 10.48 45.45 -99.00
C SER B 290 10.55 44.29 -98.02
N LEU B 291 10.28 44.55 -96.75
CA LEU B 291 10.24 43.49 -95.76
C LEU B 291 8.75 43.23 -95.51
N VAL B 292 8.28 42.07 -95.96
CA VAL B 292 6.92 41.66 -95.81
C VAL B 292 6.89 40.51 -94.84
N VAL B 293 5.90 40.50 -93.96
CA VAL B 293 5.81 39.43 -92.96
C VAL B 293 4.36 39.05 -92.71
N GLY B 294 4.08 37.76 -92.74
CA GLY B 294 2.73 37.28 -92.56
C GLY B 294 1.84 38.01 -93.52
N GLY B 295 2.29 38.14 -94.77
CA GLY B 295 1.51 38.85 -95.81
C GLY B 295 1.18 40.30 -95.45
N LYS B 296 2.16 41.06 -94.99
CA LYS B 296 1.98 42.48 -94.59
C LYS B 296 3.29 43.23 -94.67
N LEU B 297 3.21 44.48 -95.10
CA LEU B 297 4.41 45.26 -95.20
C LEU B 297 4.84 45.74 -93.81
N TRP B 298 5.74 44.98 -93.21
CA TRP B 298 6.33 45.30 -91.92
C TRP B 298 7.14 46.54 -92.01
N GLY B 299 7.69 46.77 -93.19
CA GLY B 299 8.57 47.91 -93.39
C GLY B 299 9.49 47.78 -94.56
N LEU B 300 10.50 48.63 -94.53
CA LEU B 300 11.48 48.68 -95.59
C LEU B 300 12.91 48.72 -95.12
N VAL B 301 13.78 48.27 -96.02
CA VAL B 301 15.20 48.49 -95.93
C VAL B 301 15.40 49.42 -97.12
N ALA B 302 15.50 50.71 -96.84
CA ALA B 302 15.67 51.75 -97.84
C ALA B 302 17.13 52.13 -97.99
N CYS B 303 17.67 52.13 -99.20
CA CYS B 303 19.09 52.53 -99.43
C CYS B 303 19.15 53.88 -100.13
N HIS B 304 19.77 54.88 -99.52
CA HIS B 304 19.89 56.15 -100.19
C HIS B 304 21.30 56.35 -100.63
N HIS B 305 21.47 57.12 -101.71
CA HIS B 305 22.80 57.43 -102.19
C HIS B 305 22.83 58.85 -102.68
N TYR B 306 23.94 59.54 -102.43
CA TYR B 306 24.06 60.97 -102.74
C TYR B 306 24.61 61.34 -104.11
N LEU B 307 24.64 60.36 -105.01
CA LEU B 307 25.07 60.51 -106.38
C LEU B 307 24.29 59.50 -107.14
N PRO B 308 24.21 59.62 -108.47
CA PRO B 308 23.45 58.58 -109.15
C PRO B 308 24.08 57.21 -108.92
N ARG B 309 23.26 56.17 -108.91
CA ARG B 309 23.78 54.84 -108.66
C ARG B 309 22.88 53.72 -109.18
N PHE B 310 23.52 52.70 -109.71
CA PHE B 310 22.83 51.57 -110.29
C PHE B 310 23.22 50.25 -109.66
N ILE B 311 22.37 49.26 -109.83
CA ILE B 311 22.68 47.91 -109.42
C ILE B 311 21.97 46.95 -110.38
N HIS B 312 22.77 46.09 -111.01
CA HIS B 312 22.28 45.10 -111.97
C HIS B 312 21.52 43.96 -111.35
N PHE B 313 20.92 43.14 -112.21
CA PHE B 313 20.00 42.09 -111.79
C PHE B 313 20.57 41.08 -110.81
N GLU B 314 21.66 40.44 -111.15
CA GLU B 314 22.17 39.38 -110.28
C GLU B 314 21.97 39.86 -108.82
N LEU B 315 22.61 40.98 -108.48
CA LEU B 315 22.53 41.61 -107.14
C LEU B 315 21.07 41.95 -106.65
N ARG B 316 20.15 42.28 -107.55
CA ARG B 316 18.71 42.53 -107.20
C ARG B 316 18.05 41.25 -106.68
N ALA B 317 18.19 40.16 -107.42
CA ALA B 317 17.75 38.87 -106.94
C ALA B 317 18.31 38.64 -105.51
N ILE B 318 19.61 38.89 -105.28
CA ILE B 318 20.20 38.74 -103.92
C ILE B 318 19.43 39.51 -102.85
N CYS B 319 19.24 40.81 -103.05
CA CYS B 319 18.42 41.64 -102.11
C CYS B 319 17.04 41.06 -101.77
N GLU B 320 16.44 40.36 -102.73
CA GLU B 320 15.18 39.70 -102.49
C GLU B 320 15.35 38.51 -101.56
N LEU B 321 16.36 37.67 -101.78
CA LEU B 321 16.54 36.57 -100.86
C LEU B 321 16.73 37.10 -99.44
N LEU B 322 17.54 38.15 -99.28
CA LEU B 322 17.79 38.72 -97.97
C LEU B 322 16.47 39.18 -97.36
N ALA B 323 15.67 39.90 -98.14
CA ALA B 323 14.39 40.34 -97.59
C ALA B 323 13.52 39.17 -97.14
N GLU B 324 13.52 38.03 -97.84
CA GLU B 324 12.74 36.88 -97.36
C GLU B 324 13.34 36.31 -96.07
N ALA B 325 14.62 35.95 -96.15
CA ALA B 325 15.39 35.45 -95.03
C ALA B 325 15.08 36.26 -93.76
N ILE B 326 15.50 37.52 -93.71
CA ILE B 326 15.13 38.41 -92.60
C ILE B 326 13.64 38.23 -92.21
N ALA B 327 12.71 38.40 -93.14
CA ALA B 327 11.30 38.32 -92.80
C ALA B 327 10.90 36.99 -92.19
N THR B 328 11.56 35.90 -92.55
CA THR B 328 11.14 34.66 -91.89
C THR B 328 11.63 34.77 -90.47
N ARG B 329 12.86 35.28 -90.28
CA ARG B 329 13.43 35.42 -88.93
C ARG B 329 12.57 36.35 -88.10
N ILE B 330 12.25 37.52 -88.66
CA ILE B 330 11.38 38.47 -88.00
C ILE B 330 10.23 37.62 -87.50
N THR B 331 9.57 36.91 -88.42
CA THR B 331 8.45 36.03 -88.05
C THR B 331 8.72 34.96 -87.01
N ALA B 332 9.93 34.41 -87.03
CA ALA B 332 10.31 33.42 -86.04
C ALA B 332 10.43 34.15 -84.68
N LEU B 333 11.20 35.24 -84.64
CA LEU B 333 11.32 36.07 -83.43
C LEU B 333 10.01 36.42 -82.78
N GLU B 334 9.10 36.94 -83.58
CA GLU B 334 7.77 37.25 -83.11
C GLU B 334 7.15 36.01 -82.46
N SER B 335 7.31 34.83 -83.07
CA SER B 335 6.75 33.59 -82.47
C SER B 335 7.36 33.33 -81.13
N PHE B 336 8.69 33.47 -81.08
CA PHE B 336 9.48 33.28 -79.87
C PHE B 336 9.14 34.32 -78.77
N ALA B 337 8.49 35.44 -79.14
CA ALA B 337 7.99 36.38 -78.16
C ALA B 337 6.81 35.66 -77.56
N GLN B 338 5.80 35.41 -78.38
CA GLN B 338 4.60 34.72 -77.91
C GLN B 338 4.99 33.45 -77.08
N SER B 339 6.10 32.81 -77.40
CA SER B 339 6.40 31.62 -76.60
C SER B 339 6.81 32.02 -75.17
N GLN B 340 7.88 32.82 -75.03
CA GLN B 340 8.34 33.34 -73.73
C GLN B 340 7.16 33.92 -72.95
N SER B 341 6.35 34.72 -73.64
CA SER B 341 5.15 35.24 -73.03
C SER B 341 4.31 34.14 -72.40
N GLU B 342 4.01 33.07 -73.14
CA GLU B 342 3.16 32.00 -72.58
C GLU B 342 3.80 31.39 -71.30
N LEU B 343 5.13 31.33 -71.30
CA LEU B 343 5.91 30.80 -70.18
C LEU B 343 5.81 31.73 -68.95
N PHE B 344 5.70 33.03 -69.17
CA PHE B 344 5.48 33.98 -68.08
C PHE B 344 4.13 33.80 -67.35
N VAL B 345 3.06 33.59 -68.11
CA VAL B 345 1.73 33.43 -67.51
C VAL B 345 1.63 32.15 -66.69
N GLN B 346 2.21 31.11 -67.26
CA GLN B 346 2.29 29.80 -66.63
C GLN B 346 3.03 29.94 -65.29
N ARG B 347 4.00 30.85 -65.29
CA ARG B 347 4.86 31.10 -64.16
C ARG B 347 4.08 31.95 -63.20
N LEU B 348 3.59 33.10 -63.67
CA LEU B 348 2.72 33.91 -62.82
C LEU B 348 1.63 33.01 -62.15
N GLU B 349 1.18 31.93 -62.79
CA GLU B 349 0.25 31.03 -62.11
C GLU B 349 0.89 30.36 -60.88
N GLN B 350 2.11 29.84 -60.99
CA GLN B 350 2.70 29.20 -59.82
C GLN B 350 3.24 30.27 -58.88
N ARG B 351 3.80 31.33 -59.43
CA ARG B 351 4.26 32.43 -58.60
C ARG B 351 3.15 32.93 -57.70
N MSE B 352 1.93 32.85 -58.17
CA MSE B 352 0.79 33.30 -57.41
C MSE B 352 0.37 32.21 -56.49
O MSE B 352 -0.11 32.48 -55.41
CB MSE B 352 -0.41 33.62 -58.30
CG MSE B 352 -0.30 34.97 -58.99
SE MSE B 352 -2.09 35.33 -59.72
CE MSE B 352 -2.01 34.25 -61.36
N ILE B 353 0.53 30.97 -56.91
CA ILE B 353 0.12 29.87 -56.06
C ILE B 353 1.06 29.78 -54.90
N GLU B 354 2.35 29.83 -55.20
CA GLU B 354 3.34 29.49 -54.21
C GLU B 354 3.80 30.67 -53.44
N ALA B 355 4.46 31.57 -54.15
CA ALA B 355 4.95 32.83 -53.57
C ALA B 355 3.61 33.52 -53.20
N ILE B 356 3.23 33.43 -51.92
CA ILE B 356 1.97 33.97 -51.36
C ILE B 356 0.93 32.87 -51.58
N THR B 357 0.05 32.66 -50.60
CA THR B 357 -0.91 31.52 -50.54
C THR B 357 0.17 30.51 -50.21
N ARG B 358 0.18 29.96 -48.99
CA ARG B 358 1.38 29.20 -48.49
C ARG B 358 2.31 30.44 -48.40
N GLU B 359 2.18 31.20 -47.31
CA GLU B 359 2.71 32.58 -47.13
C GLU B 359 1.47 33.59 -47.29
N GLY B 360 0.25 32.97 -47.33
CA GLY B 360 -1.15 33.52 -47.37
C GLY B 360 -1.40 34.86 -48.00
N ASP B 361 -2.27 34.92 -49.02
CA ASP B 361 -2.56 36.11 -49.94
C ASP B 361 -1.88 35.86 -51.34
N TRP B 362 -2.22 36.59 -52.43
CA TRP B 362 -1.62 36.35 -53.81
C TRP B 362 -0.97 37.50 -54.55
N ARG B 363 -1.28 38.72 -54.10
CA ARG B 363 -0.79 39.90 -54.78
C ARG B 363 0.72 40.05 -54.76
N ALA B 364 1.37 39.33 -53.85
CA ALA B 364 2.79 39.45 -53.74
C ALA B 364 3.35 39.20 -55.10
N ALA B 365 2.79 38.20 -55.79
CA ALA B 365 3.26 37.79 -57.13
C ALA B 365 3.18 38.87 -58.21
N ILE B 366 2.04 39.56 -58.27
CA ILE B 366 1.87 40.61 -59.25
C ILE B 366 3.01 41.61 -59.16
N PHE B 367 3.49 41.92 -57.96
CA PHE B 367 4.60 42.89 -57.82
C PHE B 367 6.04 42.38 -57.87
N ASP B 368 6.89 43.34 -58.20
CA ASP B 368 8.27 43.12 -58.72
C ASP B 368 8.67 41.70 -58.84
N THR B 369 9.29 41.19 -57.80
CA THR B 369 9.90 39.85 -57.79
C THR B 369 10.97 39.72 -58.94
N SER B 370 10.99 40.71 -59.86
CA SER B 370 11.78 40.72 -61.08
C SER B 370 11.12 39.82 -62.15
N GLN B 371 9.88 39.38 -61.89
CA GLN B 371 9.01 38.71 -62.87
C GLN B 371 8.01 39.88 -63.14
N SER B 372 8.55 40.92 -63.78
CA SER B 372 7.88 42.20 -64.01
C SER B 372 6.53 42.18 -64.73
N ILE B 373 5.43 42.41 -64.01
CA ILE B 373 4.12 42.40 -64.66
C ILE B 373 4.07 43.39 -65.83
N LEU B 374 5.01 44.34 -65.83
CA LEU B 374 5.12 45.32 -66.92
C LEU B 374 5.53 44.60 -68.23
N GLN B 375 6.78 44.09 -68.21
CA GLN B 375 7.47 43.42 -69.31
C GLN B 375 6.69 42.77 -70.45
N PRO B 376 5.66 41.95 -70.16
CA PRO B 376 5.02 41.36 -71.31
C PRO B 376 3.86 42.17 -71.87
N LEU B 377 3.78 43.48 -71.61
CA LEU B 377 2.85 44.37 -72.38
C LEU B 377 3.62 45.59 -72.87
N HIS B 378 4.95 45.55 -72.68
CA HIS B 378 5.82 46.69 -72.94
C HIS B 378 5.10 47.93 -72.47
N ALA B 379 4.54 47.85 -71.26
CA ALA B 379 3.85 48.97 -70.64
C ALA B 379 4.86 49.59 -69.69
N ASP B 380 4.59 50.82 -69.24
CA ASP B 380 5.47 51.55 -68.32
C ASP B 380 4.98 51.59 -66.88
N GLY B 381 3.72 51.23 -66.67
CA GLY B 381 3.10 51.22 -65.34
C GLY B 381 1.97 50.21 -65.24
N CYS B 382 1.70 49.77 -64.01
CA CYS B 382 0.62 48.83 -63.76
C CYS B 382 -0.15 49.07 -62.45
N ALA B 383 -1.46 48.87 -62.46
CA ALA B 383 -2.31 49.06 -61.28
C ALA B 383 -3.28 47.91 -61.12
N LEU B 384 -3.31 47.37 -59.92
CA LEU B 384 -4.23 46.32 -59.54
C LEU B 384 -5.19 47.02 -58.60
N VAL B 385 -6.48 46.92 -58.86
CA VAL B 385 -7.45 47.51 -57.99
C VAL B 385 -8.28 46.33 -57.60
N TYR B 386 -8.33 46.04 -56.31
CA TYR B 386 -8.95 44.82 -55.79
C TYR B 386 -9.47 45.01 -54.40
N GLU B 387 -10.70 44.56 -54.19
CA GLU B 387 -11.34 44.64 -52.88
C GLU B 387 -11.25 46.07 -52.35
N ASP B 388 -11.36 47.00 -53.27
CA ASP B 388 -11.40 48.42 -52.96
C ASP B 388 -10.04 49.04 -52.58
N GLN B 389 -9.02 48.22 -52.29
CA GLN B 389 -7.68 48.79 -52.10
C GLN B 389 -7.14 48.97 -53.52
N ILE B 390 -6.06 49.72 -53.70
CA ILE B 390 -5.42 49.77 -55.00
C ILE B 390 -3.91 49.87 -54.79
N ARG B 391 -3.14 49.20 -55.65
CA ARG B 391 -1.67 49.21 -55.56
C ARG B 391 -1.11 49.35 -56.99
N THR B 392 0.01 50.07 -57.12
CA THR B 392 0.65 50.32 -58.41
C THR B 392 2.13 49.96 -58.35
N ILE B 393 2.74 49.80 -59.53
CA ILE B 393 4.18 49.50 -59.70
C ILE B 393 4.56 50.21 -60.99
N GLY B 394 5.69 50.92 -60.96
CA GLY B 394 6.19 51.67 -62.11
C GLY B 394 5.50 53.03 -62.30
N ASP B 395 5.74 53.61 -63.47
CA ASP B 395 5.19 54.92 -63.81
C ASP B 395 3.67 54.87 -63.99
N VAL B 396 2.96 55.42 -63.01
CA VAL B 396 1.50 55.37 -63.00
C VAL B 396 0.89 56.74 -62.65
N PRO B 397 -0.41 56.92 -62.85
CA PRO B 397 -0.92 58.28 -62.72
C PRO B 397 -1.15 58.85 -61.33
N SER B 398 -1.12 58.00 -60.29
CA SER B 398 -1.35 58.41 -58.86
C SER B 398 -2.70 57.86 -58.53
N THR B 399 -2.86 57.40 -57.29
CA THR B 399 -4.04 56.66 -56.98
C THR B 399 -5.28 57.54 -57.09
N GLN B 400 -5.18 58.83 -56.87
CA GLN B 400 -6.39 59.63 -57.02
C GLN B 400 -6.71 59.97 -58.49
N ASP B 401 -6.10 59.22 -59.40
CA ASP B 401 -6.42 59.29 -60.82
C ASP B 401 -6.93 57.89 -61.24
N VAL B 402 -6.20 56.84 -60.87
CA VAL B 402 -6.62 55.48 -61.16
C VAL B 402 -8.05 55.20 -60.70
N ARG B 403 -8.45 55.78 -59.58
CA ARG B 403 -9.78 55.55 -59.06
C ARG B 403 -10.80 56.10 -60.06
N GLU B 404 -10.40 57.16 -60.76
CA GLU B 404 -11.22 57.81 -61.78
C GLU B 404 -11.26 56.89 -62.98
N ILE B 405 -10.11 56.38 -63.40
CA ILE B 405 -10.10 55.47 -64.52
C ILE B 405 -10.95 54.31 -64.05
N ALA B 406 -10.68 53.71 -62.89
CA ALA B 406 -11.56 52.61 -62.44
C ALA B 406 -13.04 53.02 -62.46
N GLY B 407 -13.34 54.27 -62.21
CA GLY B 407 -14.71 54.72 -62.27
C GLY B 407 -15.34 54.75 -63.65
N TRP B 408 -14.49 54.80 -64.71
CA TRP B 408 -14.98 54.88 -66.09
C TRP B 408 -15.16 53.49 -66.66
N LEU B 409 -14.24 52.56 -66.37
CA LEU B 409 -14.38 51.17 -66.82
C LEU B 409 -15.71 50.63 -66.27
N ASP B 410 -16.04 51.04 -65.06
CA ASP B 410 -17.25 50.55 -64.43
C ASP B 410 -18.48 51.40 -64.78
N ARG B 411 -18.31 52.37 -65.68
CA ARG B 411 -19.40 53.25 -66.03
C ARG B 411 -20.45 52.41 -66.74
N GLN B 412 -19.99 51.42 -67.50
CA GLN B 412 -20.89 50.58 -68.26
C GLN B 412 -20.28 49.20 -68.33
N PRO B 413 -21.11 48.19 -68.66
CA PRO B 413 -20.77 46.79 -68.80
C PRO B 413 -19.39 46.51 -69.34
N ARG B 414 -19.13 46.84 -70.58
CA ARG B 414 -17.79 46.62 -71.08
C ARG B 414 -17.48 45.12 -71.30
N ALA B 415 -16.37 44.85 -71.97
CA ALA B 415 -16.18 43.50 -72.45
C ALA B 415 -14.79 42.93 -72.43
N ALA B 416 -14.67 41.79 -71.76
CA ALA B 416 -13.42 40.97 -71.78
C ALA B 416 -12.14 41.72 -71.51
N VAL B 417 -11.76 42.65 -72.40
CA VAL B 417 -10.57 43.46 -72.26
C VAL B 417 -10.72 44.80 -72.95
N THR B 418 -10.99 45.87 -72.18
CA THR B 418 -11.13 47.24 -72.71
C THR B 418 -9.83 47.95 -73.00
N SER B 419 -9.85 48.85 -73.98
CA SER B 419 -8.62 49.51 -74.36
C SER B 419 -8.70 50.75 -75.24
N THR B 420 -7.78 51.67 -74.96
CA THR B 420 -7.53 52.86 -75.74
C THR B 420 -6.02 53.06 -75.74
N ALA B 421 -5.56 53.86 -76.69
CA ALA B 421 -4.16 54.29 -76.78
C ALA B 421 -4.16 55.79 -76.95
N SER B 422 -5.20 56.42 -76.41
CA SER B 422 -5.42 57.85 -76.51
C SER B 422 -6.64 58.16 -75.62
N LEU B 423 -6.40 58.04 -74.32
CA LEU B 423 -7.42 58.22 -73.31
C LEU B 423 -8.17 59.54 -73.49
N GLY B 424 -7.45 60.66 -73.37
CA GLY B 424 -8.03 61.98 -73.66
C GLY B 424 -8.27 61.82 -75.14
N LEU B 425 -9.44 62.28 -75.61
CA LEU B 425 -9.93 62.02 -76.99
C LEU B 425 -11.07 61.03 -76.84
N ASP B 426 -10.73 59.79 -76.46
CA ASP B 426 -11.74 58.77 -76.26
C ASP B 426 -12.57 59.15 -75.03
N VAL B 427 -11.96 59.79 -74.05
CA VAL B 427 -12.72 60.33 -72.93
C VAL B 427 -12.07 61.65 -72.56
N PRO B 428 -12.58 62.75 -73.13
CA PRO B 428 -11.98 64.07 -72.97
C PRO B 428 -11.79 64.52 -71.54
N GLU B 429 -12.72 64.18 -70.67
CA GLU B 429 -12.63 64.64 -69.26
C GLU B 429 -11.55 63.92 -68.42
N LEU B 430 -10.80 63.03 -69.06
CA LEU B 430 -9.64 62.35 -68.46
C LEU B 430 -8.33 62.80 -69.14
N ALA B 431 -8.41 63.74 -70.08
CA ALA B 431 -7.22 64.22 -70.80
C ALA B 431 -6.10 64.70 -69.90
N HIS B 432 -6.40 65.10 -68.66
CA HIS B 432 -5.33 65.49 -67.70
C HIS B 432 -4.31 64.38 -67.40
N LEU B 433 -4.67 63.13 -67.67
CA LEU B 433 -3.77 62.00 -67.45
C LEU B 433 -2.97 61.66 -68.69
N THR B 434 -3.17 62.43 -69.77
CA THR B 434 -2.40 62.24 -71.01
C THR B 434 -0.94 61.88 -70.75
N ARG B 435 -0.28 62.66 -69.91
CA ARG B 435 1.12 62.44 -69.67
C ARG B 435 1.37 61.03 -69.28
N MSE B 436 0.68 60.59 -68.25
CA MSE B 436 0.94 59.29 -67.62
C MSE B 436 0.14 58.14 -68.18
O MSE B 436 0.60 57.01 -68.18
CB MSE B 436 0.76 59.53 -66.10
CG MSE B 436 2.04 59.29 -65.26
SE MSE B 436 3.89 59.48 -66.02
CE MSE B 436 4.14 57.81 -67.08
N ALA B 437 -1.07 58.42 -68.67
CA ALA B 437 -1.96 57.37 -69.14
C ALA B 437 -2.68 57.71 -70.46
N SER B 438 -1.89 57.98 -71.50
CA SER B 438 -2.44 58.13 -72.82
C SER B 438 -2.80 56.72 -73.20
N GLY B 439 -1.90 55.77 -72.91
CA GLY B 439 -2.19 54.37 -73.15
C GLY B 439 -2.68 53.70 -71.88
N VAL B 440 -3.89 53.13 -71.89
CA VAL B 440 -4.44 52.35 -70.77
C VAL B 440 -5.14 51.06 -71.31
N VAL B 441 -4.76 49.88 -70.79
CA VAL B 441 -5.39 48.59 -71.19
C VAL B 441 -5.81 47.82 -69.93
N ALA B 442 -7.06 47.41 -69.85
CA ALA B 442 -7.63 46.83 -68.61
C ALA B 442 -8.41 45.50 -68.74
N ALA B 443 -8.15 44.55 -67.83
CA ALA B 443 -8.82 43.24 -67.82
C ALA B 443 -9.46 43.06 -66.48
N PRO B 444 -10.74 42.68 -66.46
CA PRO B 444 -11.37 42.47 -65.18
C PRO B 444 -10.83 41.19 -64.64
N ILE B 445 -10.69 41.09 -63.32
CA ILE B 445 -10.11 39.89 -62.65
C ILE B 445 -11.11 39.19 -61.72
N SER B 446 -12.40 39.49 -61.90
CA SER B 446 -13.45 38.87 -61.14
C SER B 446 -14.73 39.38 -61.71
N ASP B 447 -15.84 38.81 -61.31
CA ASP B 447 -17.10 39.28 -61.84
C ASP B 447 -17.73 40.24 -60.82
N HIS B 448 -16.84 40.98 -60.13
CA HIS B 448 -17.21 41.87 -59.02
C HIS B 448 -17.51 43.25 -59.41
N ARG B 449 -16.57 43.88 -60.09
CA ARG B 449 -16.72 45.27 -60.48
C ARG B 449 -15.92 46.10 -59.53
N GLY B 450 -14.96 46.80 -60.12
CA GLY B 450 -13.99 47.60 -59.41
C GLY B 450 -12.71 46.79 -59.34
N GLU B 451 -12.70 45.62 -60.00
CA GLU B 451 -11.54 44.73 -59.93
C GLU B 451 -10.81 44.47 -61.25
N PHE B 452 -9.62 45.07 -61.37
CA PHE B 452 -8.82 45.01 -62.59
C PHE B 452 -7.34 45.07 -62.40
N LEU B 453 -6.67 44.58 -63.41
CA LEU B 453 -5.29 44.79 -63.56
C LEU B 453 -5.25 45.67 -64.76
N MSE B 454 -4.78 46.90 -64.63
CA MSE B 454 -4.60 47.73 -65.81
C MSE B 454 -3.14 48.10 -66.04
O MSE B 454 -2.34 48.10 -65.12
CB MSE B 454 -5.49 48.95 -65.72
CG MSE B 454 -5.15 49.93 -64.62
SE MSE B 454 -6.80 51.02 -64.49
CE MSE B 454 -6.54 52.01 -66.17
N TRP B 455 -2.82 48.39 -67.29
CA TRP B 455 -1.48 48.82 -67.67
C TRP B 455 -1.58 50.14 -68.32
N PHE B 456 -0.48 50.88 -68.21
CA PHE B 456 -0.39 52.22 -68.68
C PHE B 456 0.81 52.44 -69.55
N ARG B 457 0.64 53.37 -70.47
CA ARG B 457 1.69 53.87 -71.34
C ARG B 457 1.51 55.38 -71.44
N PRO B 458 2.63 56.10 -71.48
CA PRO B 458 2.61 57.55 -71.51
C PRO B 458 2.26 58.06 -72.88
N GLU B 459 2.15 59.39 -72.99
CA GLU B 459 1.92 60.05 -74.28
C GLU B 459 3.13 59.72 -75.11
N ARG B 460 2.85 59.21 -76.28
CA ARG B 460 3.83 58.72 -77.25
C ARG B 460 4.94 59.71 -77.57
N VAL B 461 4.56 60.98 -77.50
CA VAL B 461 5.46 62.10 -77.71
C VAL B 461 6.74 61.99 -76.91
N HIS B 462 6.66 61.43 -75.71
CA HIS B 462 7.82 61.27 -74.84
C HIS B 462 8.66 60.01 -75.12
N THR B 463 8.30 59.21 -76.14
CA THR B 463 9.01 57.95 -76.51
C THR B 463 10.54 58.10 -76.69
N VAL B 464 11.25 57.67 -75.63
CA VAL B 464 12.73 57.77 -75.47
C VAL B 464 13.26 59.12 -76.01
N THR B 465 12.42 60.14 -75.83
CA THR B 465 12.59 61.55 -76.32
C THR B 465 13.31 61.71 -77.66
N TRP B 466 14.49 62.35 -77.66
CA TRP B 466 15.21 62.72 -78.87
C TRP B 466 14.19 63.48 -79.70
N GLY B 467 13.57 64.47 -79.05
CA GLY B 467 12.46 65.22 -79.62
C GLY B 467 12.65 65.97 -80.92
N GLY B 468 11.81 65.65 -81.91
CA GLY B 468 11.78 66.36 -83.19
C GLY B 468 10.85 67.54 -82.93
N ASP B 469 11.26 68.36 -81.96
CA ASP B 469 10.54 69.51 -81.34
C ASP B 469 9.02 69.54 -81.53
N PRO B 470 8.25 69.10 -80.49
CA PRO B 470 6.79 69.12 -80.55
C PRO B 470 6.13 70.51 -80.26
N LYS B 471 6.27 70.99 -79.02
CA LYS B 471 5.67 72.25 -78.55
C LYS B 471 4.51 72.76 -79.39
N ASP B 478 1.85 74.77 -96.89
CA ASP B 478 3.02 74.02 -97.37
C ASP B 478 2.92 73.34 -98.73
N THR B 479 4.08 73.29 -99.40
CA THR B 479 4.22 72.74 -100.73
C THR B 479 5.45 71.80 -100.78
N PRO B 480 5.62 71.06 -101.90
CA PRO B 480 6.75 70.13 -102.08
C PRO B 480 8.17 70.65 -101.75
N ALA B 481 8.48 71.90 -102.07
CA ALA B 481 9.82 72.47 -101.78
C ALA B 481 10.13 72.51 -100.26
N ASP B 482 9.09 72.36 -99.44
CA ASP B 482 9.19 72.34 -97.98
C ASP B 482 9.42 70.91 -97.43
N LEU B 483 9.01 69.90 -98.19
CA LEU B 483 9.12 68.53 -97.74
C LEU B 483 10.49 68.21 -97.20
N SER B 484 10.54 67.53 -96.05
CA SER B 484 11.79 67.10 -95.41
C SER B 484 11.57 66.17 -94.21
N PRO B 485 12.61 65.38 -93.85
CA PRO B 485 12.58 64.52 -92.68
C PRO B 485 12.25 65.31 -91.45
N ARG B 486 12.89 66.45 -91.33
CA ARG B 486 12.71 67.27 -90.19
C ARG B 486 11.25 67.75 -90.12
N ARG B 487 10.63 68.01 -91.26
CA ARG B 487 9.22 68.38 -91.27
C ARG B 487 8.36 67.18 -90.82
N SER B 488 8.47 66.04 -91.49
CA SER B 488 7.70 64.83 -91.13
C SER B 488 7.70 64.62 -89.62
N PHE B 489 8.90 64.58 -89.09
CA PHE B 489 9.10 64.45 -87.68
C PHE B 489 8.68 65.85 -87.28
N ALA B 490 7.46 65.94 -86.78
CA ALA B 490 6.85 67.24 -86.47
C ALA B 490 5.43 67.10 -86.95
N LYS B 491 5.28 66.68 -88.21
CA LYS B 491 3.94 66.34 -88.72
C LYS B 491 3.67 65.08 -87.89
N TRP B 492 4.73 64.30 -87.67
CA TRP B 492 4.63 63.10 -86.87
C TRP B 492 4.24 63.42 -85.46
N HIS B 493 4.80 64.49 -84.89
CA HIS B 493 4.41 64.86 -83.54
C HIS B 493 2.99 65.38 -83.41
N GLN B 494 2.52 66.13 -84.40
CA GLN B 494 1.15 66.67 -84.39
C GLN B 494 0.15 65.53 -84.46
N VAL B 495 0.35 64.66 -85.43
CA VAL B 495 -0.41 63.44 -85.48
C VAL B 495 0.32 62.74 -84.30
N VAL B 496 -0.29 61.74 -83.68
CA VAL B 496 0.24 61.09 -82.43
C VAL B 496 0.14 62.07 -81.24
N GLU B 497 -0.86 62.98 -81.26
CA GLU B 497 -1.04 64.03 -80.23
C GLU B 497 -1.31 63.49 -78.84
N GLY B 498 -2.56 63.14 -78.54
CA GLY B 498 -2.91 62.64 -77.19
C GLY B 498 -2.92 61.14 -77.19
N THR B 499 -1.79 60.60 -77.63
CA THR B 499 -1.62 59.20 -78.00
C THR B 499 -0.48 58.44 -77.36
N SER B 500 -0.58 57.10 -77.40
CA SER B 500 0.44 56.19 -76.87
C SER B 500 0.90 55.22 -77.96
N ASP B 501 1.92 54.41 -77.70
CA ASP B 501 2.27 53.40 -78.70
C ASP B 501 1.10 52.45 -78.74
N PRO B 502 0.50 52.25 -79.93
CA PRO B 502 -0.63 51.37 -80.05
C PRO B 502 -0.50 50.04 -79.34
N TRP B 503 -1.65 49.50 -78.95
CA TRP B 503 -1.70 48.23 -78.33
C TRP B 503 -1.71 47.17 -79.43
N THR B 504 -0.62 46.41 -79.56
CA THR B 504 -0.53 45.24 -80.48
C THR B 504 -1.69 44.30 -80.20
N ALA B 505 -1.94 43.36 -81.10
CA ALA B 505 -2.91 42.31 -80.79
C ALA B 505 -2.19 41.42 -79.73
N ALA B 506 -0.88 41.16 -79.91
CA ALA B 506 -0.05 40.42 -78.95
C ALA B 506 -0.21 41.05 -77.57
N ASP B 507 0.14 42.34 -77.47
CA ASP B 507 -0.08 43.11 -76.27
C ASP B 507 -1.50 42.78 -75.79
N LEU B 508 -2.51 43.01 -76.60
CA LEU B 508 -3.86 42.70 -76.13
C LEU B 508 -4.06 41.23 -75.70
N ALA B 509 -3.37 40.31 -76.35
CA ALA B 509 -3.44 38.89 -75.96
C ALA B 509 -2.85 38.62 -74.55
N ALA B 510 -1.90 39.46 -74.12
CA ALA B 510 -1.29 39.34 -72.79
C ALA B 510 -2.33 39.78 -71.77
N ALA B 511 -2.84 41.00 -71.92
CA ALA B 511 -3.94 41.54 -71.05
C ALA B 511 -5.05 40.55 -70.77
N ARG B 512 -5.34 39.74 -71.78
CA ARG B 512 -6.38 38.77 -71.69
C ARG B 512 -5.94 37.54 -70.86
N THR B 513 -4.78 36.94 -71.17
CA THR B 513 -4.36 35.73 -70.46
C THR B 513 -4.01 36.08 -69.04
N ILE B 514 -3.09 37.05 -68.93
CA ILE B 514 -2.69 37.51 -67.63
C ILE B 514 -3.95 37.76 -66.86
N GLY B 515 -4.87 38.47 -67.50
CA GLY B 515 -6.13 38.73 -66.87
C GLY B 515 -6.86 37.47 -66.42
N GLN B 516 -7.07 36.51 -67.33
CA GLN B 516 -7.90 35.35 -66.99
C GLN B 516 -7.22 34.50 -65.90
N THR B 517 -5.93 34.18 -66.16
CA THR B 517 -5.12 33.42 -65.23
C THR B 517 -5.37 33.99 -63.83
N VAL B 518 -5.06 35.27 -63.64
CA VAL B 518 -5.30 35.94 -62.34
C VAL B 518 -6.72 35.68 -61.88
N ALA B 519 -7.71 36.14 -62.62
CA ALA B 519 -9.13 36.00 -62.25
C ALA B 519 -9.47 34.65 -61.68
N ASP B 520 -8.86 33.62 -62.28
CA ASP B 520 -9.07 32.22 -61.91
C ASP B 520 -8.35 31.82 -60.63
N ILE B 521 -7.09 32.20 -60.52
CA ILE B 521 -6.41 31.97 -59.28
C ILE B 521 -7.15 32.75 -58.16
N VAL B 522 -7.64 33.97 -58.40
CA VAL B 522 -8.41 34.63 -57.33
C VAL B 522 -9.74 33.94 -57.01
N LEU B 523 -10.44 33.40 -58.01
CA LEU B 523 -11.71 32.74 -57.73
C LEU B 523 -11.49 31.52 -56.85
N GLN B 524 -10.54 30.68 -57.25
CA GLN B 524 -10.36 29.42 -56.51
C GLN B 524 -9.99 29.74 -55.10
N PHE B 525 -9.19 30.79 -54.93
CA PHE B 525 -8.72 31.28 -53.64
C PHE B 525 -9.90 31.73 -52.79
N ARG B 526 -10.70 32.61 -53.33
CA ARG B 526 -11.88 33.10 -52.61
C ARG B 526 -12.81 31.94 -52.21
N ALA B 527 -12.74 30.82 -52.93
CA ALA B 527 -13.52 29.63 -52.59
C ALA B 527 -12.86 28.82 -51.47
N VAL B 528 -11.54 28.64 -51.54
CA VAL B 528 -10.77 27.94 -50.50
C VAL B 528 -10.91 28.76 -49.21
N ARG B 529 -10.70 30.08 -49.31
CA ARG B 529 -10.86 31.00 -48.17
C ARG B 529 -12.12 30.65 -47.46
N THR B 530 -13.21 30.71 -48.20
CA THR B 530 -14.57 30.46 -47.69
C THR B 530 -14.74 29.18 -46.89
N LEU B 531 -13.98 28.14 -47.27
CA LEU B 531 -14.05 26.89 -46.57
C LEU B 531 -13.35 27.07 -45.24
N ILE B 532 -12.05 27.33 -45.26
CA ILE B 532 -11.26 27.45 -44.01
C ILE B 532 -11.97 28.42 -43.05
N ALA B 533 -12.48 29.53 -43.59
CA ALA B 533 -13.22 30.48 -42.80
C ALA B 533 -14.44 29.82 -42.13
N ARG B 534 -14.99 28.77 -42.72
CA ARG B 534 -16.12 28.05 -42.11
C ARG B 534 -15.58 27.16 -41.01
N GLU B 535 -14.50 26.45 -41.29
CA GLU B 535 -13.89 25.59 -40.28
C GLU B 535 -13.72 26.39 -39.00
N GLN B 536 -12.99 27.50 -39.07
CA GLN B 536 -12.94 28.42 -37.93
C GLN B 536 -14.36 28.99 -37.84
N TYR B 537 -15.07 28.64 -36.79
CA TYR B 537 -16.44 29.07 -36.56
C TYR B 537 -17.11 27.88 -35.97
N GLU B 538 -16.69 26.73 -36.46
CA GLU B 538 -17.07 25.44 -35.94
C GLU B 538 -15.81 25.20 -35.12
N GLN B 539 -15.77 25.83 -33.96
CA GLN B 539 -14.56 26.02 -33.14
C GLN B 539 -14.80 27.47 -32.97
N PHE B 540 -14.33 28.13 -31.95
CA PHE B 540 -14.74 29.53 -31.81
C PHE B 540 -16.26 29.46 -31.61
N SER B 541 -16.81 28.28 -31.36
CA SER B 541 -18.25 28.10 -31.16
C SER B 541 -18.41 26.74 -30.53
N SER B 542 -17.88 25.70 -31.16
CA SER B 542 -17.83 24.41 -30.51
C SER B 542 -17.26 24.71 -29.14
N GLN B 543 -16.18 25.51 -29.13
CA GLN B 543 -15.56 25.99 -27.89
C GLN B 543 -16.53 26.73 -27.00
N VAL B 544 -17.33 27.61 -27.59
CA VAL B 544 -18.28 28.39 -26.80
C VAL B 544 -19.38 27.53 -26.14
N HIS B 545 -19.89 26.52 -26.87
CA HIS B 545 -20.90 25.56 -26.36
C HIS B 545 -20.33 24.68 -25.29
N ALA B 546 -19.01 24.57 -25.25
CA ALA B 546 -18.32 23.79 -24.24
C ALA B 546 -18.28 24.53 -22.93
N SER B 547 -18.72 25.79 -22.93
CA SER B 547 -18.73 26.59 -21.72
C SER B 547 -19.75 26.09 -20.72
N MSE B 548 -19.30 25.92 -19.49
CA MSE B 548 -20.15 25.46 -18.41
C MSE B 548 -20.96 26.66 -18.02
O MSE B 548 -21.72 26.58 -17.07
CB MSE B 548 -19.30 24.90 -17.24
CG MSE B 548 -19.91 23.74 -16.49
SE MSE B 548 -21.02 22.73 -17.75
CE MSE B 548 -22.82 23.01 -16.96
N GLN B 549 -20.85 27.78 -18.74
CA GLN B 549 -21.67 28.94 -18.44
C GLN B 549 -22.42 29.58 -19.61
N PRO B 550 -23.44 30.36 -19.28
CA PRO B 550 -24.29 30.96 -20.27
C PRO B 550 -23.63 32.09 -21.04
N VAL B 551 -23.63 31.97 -22.35
CA VAL B 551 -23.06 32.99 -23.18
C VAL B 551 -24.05 33.17 -24.31
N LEU B 552 -24.25 34.41 -24.75
CA LEU B 552 -25.11 34.66 -25.88
C LEU B 552 -24.30 35.52 -26.81
N ILE B 553 -24.56 35.37 -28.12
CA ILE B 553 -23.94 36.20 -29.16
C ILE B 553 -25.03 36.75 -30.07
N THR B 554 -24.90 38.00 -30.49
CA THR B 554 -25.93 38.58 -31.32
C THR B 554 -25.31 39.24 -32.53
N ASP B 555 -26.06 40.13 -33.16
CA ASP B 555 -25.60 40.88 -34.32
C ASP B 555 -25.72 42.36 -33.99
N ALA B 556 -25.48 43.22 -34.97
CA ALA B 556 -25.59 44.68 -34.77
C ALA B 556 -26.91 45.12 -34.11
N GLU B 557 -28.02 44.63 -34.66
CA GLU B 557 -29.35 44.97 -34.18
C GLU B 557 -29.62 44.32 -32.83
N GLY B 558 -29.37 43.01 -32.73
CA GLY B 558 -29.60 42.30 -31.48
C GLY B 558 -30.02 40.83 -31.54
N ARG B 559 -30.28 40.31 -32.75
CA ARG B 559 -30.68 38.92 -32.93
C ARG B 559 -29.56 37.96 -32.57
N ILE B 560 -29.92 36.94 -31.79
CA ILE B 560 -29.00 35.94 -31.29
C ILE B 560 -28.49 35.01 -32.37
N LEU B 561 -27.18 34.80 -32.43
CA LEU B 561 -26.60 33.81 -33.35
C LEU B 561 -26.06 32.57 -32.59
N LEU B 562 -25.90 32.69 -31.25
CA LEU B 562 -25.39 31.60 -30.40
C LEU B 562 -25.97 31.64 -28.97
N MSE B 563 -26.67 30.58 -28.59
CA MSE B 563 -27.23 30.43 -27.23
C MSE B 563 -26.76 29.04 -26.87
O MSE B 563 -27.23 28.05 -27.42
CB MSE B 563 -28.77 30.64 -27.20
CG MSE B 563 -29.53 29.84 -26.12
SE MSE B 563 -31.38 30.46 -25.74
CE MSE B 563 -32.20 30.19 -27.52
N ASN B 564 -25.81 28.93 -25.96
CA ASN B 564 -25.31 27.59 -25.61
C ASN B 564 -26.26 26.83 -24.70
N ASP B 565 -26.07 25.51 -24.64
CA ASP B 565 -26.87 24.66 -23.76
C ASP B 565 -26.90 25.32 -22.37
N SER B 566 -25.74 25.55 -21.80
CA SER B 566 -25.61 26.21 -20.51
C SER B 566 -26.57 27.42 -20.34
N PHE B 567 -26.90 28.15 -21.41
CA PHE B 567 -27.83 29.26 -21.28
C PHE B 567 -29.29 28.82 -21.36
N ARG B 568 -29.61 27.87 -22.25
CA ARG B 568 -30.99 27.35 -22.40
C ARG B 568 -31.39 26.41 -21.27
N ASP B 569 -30.48 25.52 -20.87
CA ASP B 569 -30.71 24.55 -19.77
C ASP B 569 -31.01 25.27 -18.46
N MSE B 570 -30.53 26.51 -18.38
CA MSE B 570 -30.80 27.40 -17.27
C MSE B 570 -32.28 27.72 -17.13
O MSE B 570 -32.72 28.08 -16.04
CB MSE B 570 -30.01 28.67 -17.60
CG MSE B 570 -30.28 29.85 -16.67
SE MSE B 570 -28.91 31.24 -17.00
CE MSE B 570 -28.01 30.94 -15.25
N LEU B 571 -33.04 27.59 -18.21
CA LEU B 571 -34.47 27.95 -18.24
C LEU B 571 -35.53 26.83 -18.18
N PRO B 572 -36.07 26.52 -16.98
CA PRO B 572 -37.26 25.67 -16.96
C PRO B 572 -38.37 26.26 -17.87
N ALA B 573 -39.60 25.77 -17.75
CA ALA B 573 -40.73 26.22 -18.57
C ALA B 573 -40.44 26.01 -20.05
N GLY B 574 -41.16 25.10 -20.71
CA GLY B 574 -40.99 24.81 -22.15
C GLY B 574 -40.27 26.00 -22.77
N SER B 575 -40.90 27.16 -22.63
CA SER B 575 -40.37 28.45 -23.08
C SER B 575 -40.11 28.50 -24.58
N PRO B 576 -41.17 28.75 -25.37
CA PRO B 576 -40.98 28.85 -26.81
C PRO B 576 -39.78 29.70 -27.28
N SER B 577 -38.77 28.98 -27.77
CA SER B 577 -37.54 29.51 -28.41
C SER B 577 -36.98 30.87 -27.97
N ALA B 578 -36.53 31.68 -28.93
CA ALA B 578 -35.93 33.00 -28.70
C ALA B 578 -35.37 33.56 -30.00
N VAL B 579 -35.71 34.82 -30.31
CA VAL B 579 -35.19 35.54 -31.49
C VAL B 579 -35.03 37.00 -31.06
N HIS B 580 -33.79 37.50 -31.01
CA HIS B 580 -33.49 38.87 -30.55
C HIS B 580 -33.45 38.97 -29.04
N LEU B 581 -32.56 39.82 -28.53
CA LEU B 581 -32.35 39.94 -27.07
C LEU B 581 -33.58 40.39 -26.34
N ASP B 582 -34.03 41.61 -26.61
CA ASP B 582 -35.24 42.13 -25.97
C ASP B 582 -36.24 40.99 -25.73
N ASP B 583 -36.43 40.17 -26.77
CA ASP B 583 -37.28 38.97 -26.77
C ASP B 583 -36.80 37.88 -25.80
N LEU B 584 -36.94 38.14 -24.50
CA LEU B 584 -36.52 37.23 -23.41
C LEU B 584 -36.32 37.93 -22.04
N ALA B 585 -36.61 39.23 -21.96
CA ALA B 585 -36.54 39.94 -20.68
C ALA B 585 -37.51 39.26 -19.72
N GLY B 586 -38.67 38.86 -20.26
CA GLY B 586 -39.70 38.16 -19.50
C GLY B 586 -39.27 36.93 -18.72
N PHE B 587 -38.03 36.45 -18.89
CA PHE B 587 -37.52 35.30 -18.13
C PHE B 587 -36.68 35.72 -16.93
N PHE B 588 -36.42 37.02 -16.82
CA PHE B 588 -35.69 37.54 -15.67
C PHE B 588 -36.73 38.19 -14.77
N VAL B 589 -37.70 37.38 -14.33
CA VAL B 589 -38.88 37.86 -13.60
C VAL B 589 -39.63 38.61 -14.73
N GLU B 590 -40.54 39.53 -14.41
CA GLU B 590 -41.01 40.48 -15.43
C GLU B 590 -40.38 41.80 -14.96
N SER B 591 -39.11 41.65 -14.51
CA SER B 591 -38.20 42.69 -14.03
C SER B 591 -37.39 43.05 -15.28
N ASN B 592 -38.13 43.62 -16.24
CA ASN B 592 -37.65 43.92 -17.59
C ASN B 592 -36.76 45.16 -17.77
N ASP B 593 -36.37 45.84 -16.68
CA ASP B 593 -35.45 46.98 -16.80
C ASP B 593 -34.25 46.54 -17.65
N PHE B 594 -33.84 45.29 -17.46
CA PHE B 594 -32.84 44.65 -18.30
C PHE B 594 -33.11 45.05 -19.76
N LEU B 595 -34.37 44.94 -20.18
CA LEU B 595 -34.74 45.33 -21.54
C LEU B 595 -34.19 46.72 -21.85
N ARG B 596 -34.46 47.66 -20.95
CA ARG B 596 -34.01 49.04 -21.12
C ARG B 596 -32.50 49.18 -20.91
N ASN B 597 -31.84 48.06 -20.60
CA ASN B 597 -30.40 47.99 -20.43
C ASN B 597 -29.72 47.43 -21.72
N VAL B 598 -30.49 46.67 -22.52
CA VAL B 598 -30.02 46.05 -23.80
C VAL B 598 -30.18 46.96 -25.04
N ALA B 599 -31.26 47.74 -25.08
CA ALA B 599 -31.47 48.69 -26.18
C ALA B 599 -30.56 49.91 -25.98
N GLU B 600 -30.17 50.19 -24.73
CA GLU B 600 -29.27 51.30 -24.45
C GLU B 600 -27.94 50.83 -25.04
N LEU B 601 -27.69 49.52 -24.95
CA LEU B 601 -26.52 48.90 -25.54
C LEU B 601 -26.54 48.98 -27.09
N ILE B 602 -27.54 48.36 -27.71
CA ILE B 602 -27.67 48.32 -29.16
C ILE B 602 -27.58 49.69 -29.85
N ASP B 603 -28.37 50.65 -29.37
CA ASP B 603 -28.47 52.00 -29.96
C ASP B 603 -27.18 52.84 -29.82
N HIS B 604 -26.67 52.96 -28.60
CA HIS B 604 -25.53 53.84 -28.31
C HIS B 604 -24.15 53.21 -28.40
N GLY B 605 -24.04 51.89 -28.24
CA GLY B 605 -22.74 51.21 -28.27
C GLY B 605 -22.15 51.10 -26.87
N ARG B 606 -22.81 51.77 -25.91
CA ARG B 606 -22.42 51.76 -24.50
C ARG B 606 -22.98 50.48 -23.88
N GLY B 607 -22.13 49.46 -23.73
CA GLY B 607 -22.53 48.22 -23.11
C GLY B 607 -22.25 48.28 -21.62
N TRP B 608 -23.01 47.51 -20.85
CA TRP B 608 -22.87 47.50 -19.39
C TRP B 608 -22.50 46.15 -18.88
N ARG B 609 -22.22 46.14 -17.59
CA ARG B 609 -21.99 44.90 -16.89
C ARG B 609 -22.61 45.22 -15.53
N GLY B 610 -23.44 44.31 -15.03
CA GLY B 610 -24.12 44.53 -13.77
C GLY B 610 -24.58 43.20 -13.22
N GLU B 611 -25.85 43.12 -12.81
CA GLU B 611 -26.37 41.89 -12.22
C GLU B 611 -27.82 41.71 -12.65
N VAL B 612 -28.16 40.50 -13.09
CA VAL B 612 -29.52 40.20 -13.53
C VAL B 612 -30.19 39.29 -12.52
N LEU B 613 -31.50 39.38 -12.42
CA LEU B 613 -32.21 38.64 -11.40
C LEU B 613 -32.67 37.22 -11.76
N LEU B 614 -33.44 37.03 -12.82
CA LEU B 614 -33.91 35.69 -13.20
C LEU B 614 -35.03 35.16 -12.30
N ARG B 615 -35.88 34.29 -12.84
CA ARG B 615 -36.99 33.69 -12.09
C ARG B 615 -36.68 32.27 -11.56
N GLY B 616 -36.71 31.29 -12.46
CA GLY B 616 -36.48 29.88 -12.11
C GLY B 616 -37.76 29.07 -12.00
N ALA B 617 -38.42 29.15 -10.84
CA ALA B 617 -39.68 28.43 -10.61
C ALA B 617 -40.31 28.81 -9.27
N GLY B 618 -40.04 28.02 -8.23
CA GLY B 618 -40.58 28.22 -6.87
C GLY B 618 -40.69 29.68 -6.44
N ASN B 619 -39.70 30.47 -6.81
CA ASN B 619 -39.70 31.90 -6.57
C ASN B 619 -38.58 32.58 -7.40
N ARG B 620 -37.52 33.04 -6.74
CA ARG B 620 -36.40 33.72 -7.42
C ARG B 620 -34.93 33.30 -7.16
N PRO B 621 -34.53 32.90 -5.91
CA PRO B 621 -33.12 32.71 -5.47
C PRO B 621 -32.02 32.34 -6.50
N LEU B 622 -31.89 33.12 -7.60
CA LEU B 622 -30.93 32.89 -8.71
C LEU B 622 -29.97 34.06 -8.87
N PRO B 623 -28.79 33.99 -8.26
CA PRO B 623 -27.91 35.14 -8.32
C PRO B 623 -26.98 35.15 -9.54
N LEU B 624 -27.37 35.87 -10.60
CA LEU B 624 -26.54 35.96 -11.82
C LEU B 624 -25.97 37.35 -12.11
N ALA B 625 -24.68 37.34 -12.48
CA ALA B 625 -23.95 38.54 -12.89
C ALA B 625 -23.84 38.51 -14.40
N VAL B 626 -23.88 39.69 -14.99
CA VAL B 626 -23.79 39.85 -16.42
C VAL B 626 -22.40 40.37 -16.74
N ARG B 627 -22.02 40.21 -18.00
CA ARG B 627 -20.80 40.80 -18.53
C ARG B 627 -21.26 41.00 -19.95
N ALA B 628 -21.61 42.23 -20.32
CA ALA B 628 -22.15 42.49 -21.67
C ALA B 628 -21.32 43.51 -22.43
N ASP B 629 -20.64 43.07 -23.48
CA ASP B 629 -19.77 43.94 -24.30
C ASP B 629 -20.15 44.04 -25.79
N PRO B 630 -19.86 45.21 -26.42
CA PRO B 630 -20.06 45.33 -27.86
C PRO B 630 -18.78 44.80 -28.46
N VAL B 631 -18.82 44.37 -29.74
CA VAL B 631 -17.64 43.80 -30.39
C VAL B 631 -16.83 44.78 -31.24
N THR B 632 -17.51 45.61 -32.02
CA THR B 632 -16.87 46.73 -32.75
C THR B 632 -16.58 46.56 -34.24
N ARG B 633 -17.37 47.27 -35.05
CA ARG B 633 -17.29 47.29 -36.51
C ARG B 633 -16.41 48.48 -36.93
N THR B 634 -16.82 49.66 -36.45
CA THR B 634 -16.19 50.94 -36.78
C THR B 634 -16.66 52.04 -35.79
N GLU B 635 -16.70 51.70 -34.49
CA GLU B 635 -17.21 52.53 -33.33
C GLU B 635 -18.66 53.08 -33.47
N ASP B 636 -19.02 53.48 -34.69
CA ASP B 636 -20.38 53.92 -35.02
C ASP B 636 -21.20 52.64 -35.04
N GLN B 637 -20.87 51.79 -36.01
CA GLN B 637 -21.49 50.50 -36.19
C GLN B 637 -20.70 49.52 -35.27
N SER B 638 -21.36 48.45 -34.84
CA SER B 638 -20.75 47.41 -34.03
C SER B 638 -21.04 46.14 -34.82
N LEU B 639 -20.22 45.11 -34.64
CA LEU B 639 -20.42 43.89 -35.42
C LEU B 639 -21.61 43.09 -34.83
N GLY B 640 -21.61 42.99 -33.50
CA GLY B 640 -22.60 42.27 -32.74
C GLY B 640 -22.29 42.48 -31.27
N PHE B 641 -22.81 41.60 -30.42
CA PHE B 641 -22.59 41.72 -28.99
C PHE B 641 -22.43 40.36 -28.31
N VAL B 642 -21.60 40.29 -27.27
CA VAL B 642 -21.45 39.06 -26.50
C VAL B 642 -21.88 39.30 -25.04
N LEU B 643 -22.64 38.35 -24.50
CA LEU B 643 -23.21 38.45 -23.17
C LEU B 643 -22.90 37.17 -22.40
N ILE B 644 -21.98 37.26 -21.46
CA ILE B 644 -21.56 36.12 -20.64
C ILE B 644 -21.92 36.33 -19.17
N PHE B 645 -22.30 35.24 -18.49
CA PHE B 645 -22.87 35.31 -17.15
C PHE B 645 -22.31 34.47 -15.99
N SER B 646 -22.86 33.25 -15.87
CA SER B 646 -22.80 32.34 -14.67
C SER B 646 -22.14 32.75 -13.40
N ASP B 647 -22.07 34.02 -13.10
CA ASP B 647 -21.52 34.40 -11.84
C ASP B 647 -22.70 34.08 -10.88
N ALA B 648 -22.87 32.77 -10.62
CA ALA B 648 -23.97 32.22 -9.81
C ALA B 648 -23.81 32.57 -8.32
N THR B 649 -22.58 32.52 -7.83
CA THR B 649 -22.27 32.94 -6.46
C THR B 649 -21.85 34.40 -6.60
N ASP B 650 -21.86 35.13 -5.48
CA ASP B 650 -21.44 36.54 -5.47
C ASP B 650 -19.91 36.61 -5.63
N ARG B 651 -19.18 36.61 -4.50
CA ARG B 651 -17.69 36.67 -4.45
C ARG B 651 -17.05 37.44 -5.62
N ARG B 652 -16.86 38.74 -5.43
CA ARG B 652 -16.33 39.67 -6.45
C ARG B 652 -15.25 39.08 -7.41
N THR B 653 -15.46 39.27 -8.73
CA THR B 653 -14.53 38.79 -9.78
C THR B 653 -14.67 39.58 -11.13
N ALA B 654 -14.15 40.83 -11.14
CA ALA B 654 -14.16 41.72 -12.34
C ALA B 654 -12.80 42.40 -12.52
N GLY C 28 -0.50 5.73 26.90
CA GLY C 28 0.91 6.11 26.61
C GLY C 28 1.12 7.61 26.72
N SER C 29 1.15 8.11 27.95
CA SER C 29 1.41 9.54 28.24
C SER C 29 2.24 9.64 29.51
N PRO C 30 3.55 9.71 29.34
CA PRO C 30 4.47 9.69 30.50
C PRO C 30 4.29 10.81 31.47
N ALA C 31 4.45 10.55 32.74
CA ALA C 31 4.39 11.64 33.66
C ALA C 31 5.70 12.43 33.43
N PHE C 32 5.62 13.71 33.75
CA PHE C 32 6.74 14.59 33.65
C PHE C 32 7.98 13.95 34.24
N GLY C 33 9.09 14.01 33.48
CA GLY C 33 10.39 13.52 33.95
C GLY C 33 10.65 12.08 33.66
N THR C 34 9.68 11.38 33.07
CA THR C 34 9.85 9.96 32.73
C THR C 34 9.73 9.75 31.24
N ALA C 35 9.95 10.81 30.47
CA ALA C 35 9.79 10.74 29.05
C ALA C 35 10.87 9.89 28.39
N ASP C 36 10.45 9.03 27.49
CA ASP C 36 11.31 8.20 26.63
C ASP C 36 11.48 9.00 25.35
N LEU C 37 12.55 8.79 24.61
CA LEU C 37 12.67 9.54 23.36
C LEU C 37 11.66 9.02 22.31
N SER C 38 10.76 8.12 22.70
CA SER C 38 9.73 7.64 21.81
C SER C 38 8.48 8.44 22.07
N ASN C 39 8.09 8.45 23.32
CA ASN C 39 6.83 9.05 23.75
C ASN C 39 6.85 10.49 24.27
N CYS C 40 7.99 11.15 24.25
CA CYS C 40 8.06 12.50 24.81
C CYS C 40 7.10 13.49 24.15
N GLU C 41 6.64 13.19 22.93
CA GLU C 41 5.55 13.99 22.29
C GLU C 41 4.33 14.12 23.18
N ARG C 42 4.02 13.09 23.98
CA ARG C 42 2.89 13.14 24.87
C ARG C 42 3.25 13.30 26.36
N GLU C 43 4.43 13.80 26.67
CA GLU C 43 4.82 14.03 28.08
C GLU C 43 3.96 15.11 28.77
N GLU C 44 3.43 14.80 29.95
CA GLU C 44 2.57 15.74 30.70
C GLU C 44 3.46 16.88 31.26
N ILE C 45 3.86 17.78 30.36
CA ILE C 45 4.73 18.86 30.74
C ILE C 45 4.01 19.86 31.57
N HIS C 46 2.68 19.79 31.57
CA HIS C 46 1.87 20.71 32.40
C HIS C 46 1.76 20.17 33.76
N LEU C 47 1.75 18.85 33.90
CA LEU C 47 1.65 18.22 35.22
C LEU C 47 2.99 17.94 35.82
N ALA C 48 3.92 18.88 35.65
CA ALA C 48 5.22 18.82 36.26
C ALA C 48 4.92 18.55 37.68
N GLY C 49 5.97 18.41 38.47
CA GLY C 49 5.73 18.28 39.92
C GLY C 49 6.28 19.47 40.67
N SER C 50 7.19 20.15 40.00
CA SER C 50 7.95 21.16 40.64
C SER C 50 7.93 22.49 39.87
N ILE C 51 8.71 23.43 40.40
CA ILE C 51 8.98 24.73 39.84
C ILE C 51 10.49 24.89 39.94
N GLN C 52 10.97 25.96 39.35
CA GLN C 52 12.37 26.27 39.40
C GLN C 52 12.60 27.09 40.64
N PRO C 53 13.83 27.17 41.08
CA PRO C 53 14.12 27.79 42.36
C PRO C 53 14.24 29.30 42.49
N HIS C 54 13.64 30.10 41.61
CA HIS C 54 13.71 31.57 41.81
C HIS C 54 12.35 32.14 42.12
N GLY C 55 11.47 31.31 42.70
CA GLY C 55 10.18 31.79 43.07
C GLY C 55 9.48 30.88 44.07
N ALA C 56 8.46 31.40 44.67
CA ALA C 56 7.70 30.58 45.56
C ALA C 56 6.42 30.39 44.81
N LEU C 57 5.83 29.22 44.95
CA LEU C 57 4.59 28.99 44.33
C LEU C 57 3.61 28.73 45.47
N LEU C 58 2.42 29.33 45.39
CA LEU C 58 1.47 29.11 46.44
C LEU C 58 0.06 28.84 45.95
N VAL C 59 -0.58 27.80 46.49
CA VAL C 59 -1.97 27.56 46.07
C VAL C 59 -2.88 27.79 47.25
N VAL C 60 -3.57 28.92 47.22
CA VAL C 60 -4.56 29.25 48.26
C VAL C 60 -5.94 28.73 47.85
N SER C 61 -6.70 28.12 48.77
CA SER C 61 -8.13 27.68 48.46
C SER C 61 -9.07 28.86 48.36
N GLU C 62 -10.16 28.70 47.63
CA GLU C 62 -11.12 29.81 47.47
C GLU C 62 -11.96 30.14 48.75
N PRO C 63 -13.20 30.58 48.65
CA PRO C 63 -13.61 31.18 49.91
C PRO C 63 -12.53 31.60 50.92
N ASP C 64 -12.10 30.71 51.82
CA ASP C 64 -11.26 31.07 52.98
C ASP C 64 -9.79 31.42 52.81
N HIS C 65 -9.26 31.25 51.61
CA HIS C 65 -7.88 31.59 51.35
C HIS C 65 -6.92 31.03 52.35
N ARG C 66 -6.84 29.70 52.37
CA ARG C 66 -5.87 29.01 53.19
C ARG C 66 -4.83 28.49 52.23
N ILE C 67 -3.55 28.65 52.54
CA ILE C 67 -2.51 28.06 51.68
C ILE C 67 -2.64 26.54 51.78
N ILE C 68 -3.20 25.88 50.78
CA ILE C 68 -3.35 24.41 50.85
C ILE C 68 -2.23 23.59 50.16
N GLN C 69 -1.26 24.28 49.57
CA GLN C 69 -0.20 23.65 48.79
C GLN C 69 0.85 24.72 48.52
N ALA C 70 2.15 24.38 48.58
CA ALA C 70 3.20 25.39 48.44
C ALA C 70 4.53 24.85 47.88
N SER C 71 5.24 25.65 47.07
CA SER C 71 6.55 25.16 46.64
C SER C 71 7.22 24.76 47.94
N ALA C 72 8.17 23.85 47.88
CA ALA C 72 8.84 23.42 49.10
C ALA C 72 9.92 24.40 49.53
N ASN C 73 10.09 25.54 48.84
CA ASN C 73 11.05 26.57 49.30
C ASN C 73 10.36 27.81 49.77
N ALA C 74 9.03 27.74 49.88
CA ALA C 74 8.30 28.93 50.17
C ALA C 74 8.87 29.64 51.42
N ALA C 75 8.83 29.00 52.57
CA ALA C 75 9.17 29.72 53.78
C ALA C 75 10.53 30.38 53.69
N GLU C 76 11.56 29.62 53.33
CA GLU C 76 12.93 30.17 53.27
C GLU C 76 12.96 31.38 52.35
N PHE C 77 12.22 31.27 51.25
CA PHE C 77 12.19 32.28 50.20
C PHE C 77 11.40 33.47 50.59
N LEU C 78 10.27 33.25 51.22
CA LEU C 78 9.43 34.38 51.58
C LEU C 78 9.83 34.92 52.96
N ASN C 79 10.89 34.32 53.53
CA ASN C 79 11.34 34.66 54.87
C ASN C 79 10.16 34.60 55.85
N LEU C 80 9.46 33.46 55.82
CA LEU C 80 8.32 33.22 56.73
C LEU C 80 8.58 32.09 57.67
N GLY C 81 7.84 32.10 58.78
CA GLY C 81 7.90 31.01 59.71
C GLY C 81 7.49 29.74 58.98
N SER C 82 6.20 29.65 58.71
CA SER C 82 5.67 28.52 57.99
C SER C 82 4.52 28.97 57.12
N VAL C 83 4.28 28.24 56.04
CA VAL C 83 3.22 28.60 55.15
C VAL C 83 2.13 27.58 54.97
N LEU C 84 2.53 26.35 54.68
CA LEU C 84 1.55 25.33 54.36
C LEU C 84 0.45 25.10 55.42
N GLY C 85 -0.76 25.58 55.15
CA GLY C 85 -1.84 25.40 56.14
C GLY C 85 -2.34 26.74 56.63
N VAL C 86 -1.39 27.67 56.73
CA VAL C 86 -1.68 29.06 57.15
C VAL C 86 -2.69 29.83 56.23
N PRO C 87 -3.62 30.60 56.81
CA PRO C 87 -4.41 31.43 55.86
C PRO C 87 -3.66 32.71 55.47
N LEU C 88 -3.76 33.15 54.21
CA LEU C 88 -3.05 34.37 53.78
C LEU C 88 -3.18 35.52 54.78
N ALA C 89 -4.38 35.64 55.34
CA ALA C 89 -4.66 36.69 56.32
C ALA C 89 -3.51 36.79 57.33
N GLU C 90 -3.01 35.66 57.77
CA GLU C 90 -1.93 35.66 58.76
C GLU C 90 -0.50 35.73 58.27
N ILE C 91 -0.21 35.88 56.99
CA ILE C 91 1.19 35.62 56.65
C ILE C 91 2.21 36.61 57.15
N ASP C 92 2.15 37.81 56.60
CA ASP C 92 3.11 38.90 56.84
C ASP C 92 3.27 39.60 55.53
N GLY C 93 2.68 40.77 55.45
CA GLY C 93 2.76 41.57 54.27
C GLY C 93 1.39 41.63 53.65
N ASP C 94 1.28 42.48 52.65
CA ASP C 94 0.04 42.80 51.98
C ASP C 94 -0.66 41.56 51.45
N LEU C 95 0.06 40.80 50.65
CA LEU C 95 -0.58 39.72 49.92
C LEU C 95 -2.08 39.82 49.90
N LEU C 96 -2.75 39.31 50.92
CA LEU C 96 -4.21 39.36 50.90
C LEU C 96 -4.70 40.74 50.47
N ILE C 97 -4.14 41.80 51.07
CA ILE C 97 -4.43 43.21 50.72
C ILE C 97 -4.27 43.45 49.22
N LYS C 98 -3.16 42.99 48.67
CA LYS C 98 -2.85 43.21 47.24
C LYS C 98 -3.64 42.30 46.25
N ILE C 99 -3.99 41.08 46.71
CA ILE C 99 -4.79 40.10 45.95
C ILE C 99 -6.31 40.30 45.96
N LEU C 100 -6.86 40.79 47.06
CA LEU C 100 -8.33 40.96 47.18
C LEU C 100 -9.05 41.79 46.09
N PRO C 101 -8.44 42.91 45.65
CA PRO C 101 -9.17 43.66 44.64
C PRO C 101 -9.44 42.81 43.43
N HIS C 102 -8.48 41.95 43.10
CA HIS C 102 -8.61 41.16 41.88
C HIS C 102 -9.47 39.96 41.97
N LEU C 103 -9.85 39.52 43.16
CA LEU C 103 -10.74 38.38 43.25
C LEU C 103 -12.20 38.77 43.08
N ASP C 104 -12.51 40.07 43.10
CA ASP C 104 -13.90 40.55 42.95
C ASP C 104 -14.62 39.74 41.87
N PRO C 105 -15.89 39.33 42.15
CA PRO C 105 -16.78 38.62 41.22
C PRO C 105 -16.73 39.07 39.73
N THR C 106 -16.53 40.38 39.49
CA THR C 106 -16.51 40.94 38.13
C THR C 106 -15.08 41.20 37.61
N ALA C 107 -14.38 42.13 38.27
CA ALA C 107 -13.00 42.61 37.97
C ALA C 107 -12.15 42.02 36.81
N GLU C 108 -12.66 42.08 35.58
CA GLU C 108 -11.98 41.62 34.35
C GLU C 108 -11.23 40.26 34.40
N GLY C 109 -11.72 39.32 35.22
CA GLY C 109 -11.06 38.02 35.36
C GLY C 109 -9.55 38.11 35.52
N MSE C 110 -8.90 36.95 35.48
CA MSE C 110 -7.46 36.85 35.66
C MSE C 110 -6.92 36.38 34.36
O MSE C 110 -7.67 36.10 33.43
CB MSE C 110 -7.24 35.85 36.79
CG MSE C 110 -7.11 36.53 38.14
SE MSE C 110 -7.42 35.17 39.55
CE MSE C 110 -5.58 35.04 40.19
N PRO C 111 -5.57 36.28 34.24
CA PRO C 111 -4.56 36.53 35.23
C PRO C 111 -4.32 38.02 35.53
N VAL C 112 -3.60 38.26 36.62
CA VAL C 112 -3.16 39.57 37.02
C VAL C 112 -1.80 39.42 37.68
N ALA C 113 -1.04 40.51 37.65
CA ALA C 113 0.23 40.58 38.30
C ALA C 113 0.19 41.67 39.38
N VAL C 114 0.65 41.35 40.59
CA VAL C 114 0.64 42.27 41.70
C VAL C 114 1.98 42.37 42.37
N ARG C 115 2.15 43.43 43.15
CA ARG C 115 3.42 43.74 43.80
C ARG C 115 3.20 43.90 45.32
N CYS C 116 3.86 43.05 46.11
CA CYS C 116 3.67 43.09 47.55
C CYS C 116 4.96 42.92 48.37
N ARG C 117 4.79 42.99 49.69
CA ARG C 117 5.84 42.75 50.65
C ARG C 117 5.47 41.48 51.41
N ILE C 118 6.45 40.68 51.76
CA ILE C 118 6.19 39.50 52.57
C ILE C 118 7.38 39.26 53.48
N GLY C 119 7.08 38.73 54.66
CA GLY C 119 8.10 38.32 55.61
C GLY C 119 8.89 39.28 56.49
N ASN C 120 9.76 38.68 57.30
CA ASN C 120 10.58 39.36 58.27
C ASN C 120 11.93 38.71 58.09
N PRO C 121 12.93 39.42 57.57
CA PRO C 121 12.88 40.79 57.12
C PRO C 121 11.91 40.98 55.97
N SER C 122 11.33 42.17 55.86
CA SER C 122 10.37 42.45 54.80
C SER C 122 11.18 42.56 53.57
N THR C 123 10.55 42.14 52.49
CA THR C 123 11.18 42.11 51.20
C THR C 123 10.00 42.16 50.24
N GLU C 124 10.18 42.81 49.08
CA GLU C 124 9.10 43.00 48.08
C GLU C 124 9.18 41.99 46.94
N TYR C 125 8.03 41.52 46.49
CA TYR C 125 7.98 40.53 45.44
C TYR C 125 6.92 40.86 44.39
N ASP C 126 7.07 40.33 43.18
CA ASP C 126 6.09 40.46 42.11
C ASP C 126 5.34 39.18 42.07
N GLY C 127 4.01 39.28 42.09
CA GLY C 127 3.09 38.13 42.07
C GLY C 127 2.49 37.96 40.70
N LEU C 128 1.96 36.77 40.44
CA LEU C 128 1.27 36.47 39.19
C LEU C 128 0.27 35.48 39.71
N MSE C 129 -1.00 35.83 39.63
CA MSE C 129 -2.05 35.01 40.21
C MSE C 129 -2.96 34.56 39.15
O MSE C 129 -3.24 35.32 38.24
CB MSE C 129 -2.87 35.91 41.16
CG MSE C 129 -3.44 35.20 42.39
SE MSE C 129 -5.01 36.05 43.24
CE MSE C 129 -5.46 37.47 41.95
N HIS C 130 -3.45 33.32 39.23
CA HIS C 130 -4.48 32.85 38.25
C HIS C 130 -5.23 31.68 38.83
N ARG C 131 -6.20 31.15 38.11
CA ARG C 131 -7.03 30.05 38.62
C ARG C 131 -7.05 28.90 37.62
N PRO C 132 -6.33 27.80 37.95
CA PRO C 132 -6.28 26.64 37.08
C PRO C 132 -7.65 26.07 37.01
N PRO C 133 -7.93 25.25 35.99
CA PRO C 133 -9.29 24.82 35.81
C PRO C 133 -9.98 24.53 37.14
N GLU C 134 -9.34 23.75 38.02
CA GLU C 134 -9.96 23.34 39.28
C GLU C 134 -9.17 23.30 40.61
N GLY C 135 -7.85 23.48 40.64
CA GLY C 135 -7.18 23.27 41.96
C GLY C 135 -7.11 24.40 43.01
N GLY C 136 -7.94 25.43 42.83
CA GLY C 136 -7.85 26.61 43.71
C GLY C 136 -7.14 27.74 42.97
N LEU C 137 -6.61 28.71 43.70
CA LEU C 137 -5.92 29.86 43.13
C LEU C 137 -4.38 29.82 43.30
N ILE C 138 -3.64 30.01 42.18
CA ILE C 138 -2.14 29.97 42.22
C ILE C 138 -1.49 31.30 42.24
N ILE C 139 -0.44 31.42 43.05
CA ILE C 139 0.34 32.63 43.22
C ILE C 139 1.83 32.27 43.14
N GLU C 140 2.46 32.88 42.18
CA GLU C 140 3.85 32.68 41.94
C GLU C 140 4.48 33.94 42.30
N LEU C 141 5.52 33.86 43.13
CA LEU C 141 6.20 35.04 43.61
C LEU C 141 7.64 35.08 43.24
N GLU C 142 8.13 36.28 42.95
CA GLU C 142 9.56 36.46 42.77
C GLU C 142 9.99 37.83 43.16
N ARG C 143 11.25 37.95 43.52
CA ARG C 143 11.82 39.21 43.96
C ARG C 143 11.78 40.28 42.92
N ALA C 144 11.33 41.45 43.33
CA ALA C 144 11.18 42.59 42.43
C ALA C 144 12.50 43.31 42.29
N GLY C 145 12.50 44.45 41.59
CA GLY C 145 13.70 45.30 41.61
C GLY C 145 14.38 45.93 40.42
N PRO C 146 13.72 46.00 39.28
CA PRO C 146 14.41 46.79 38.28
C PRO C 146 13.72 48.16 38.27
N PRO C 147 14.16 49.08 37.41
CA PRO C 147 13.43 50.32 37.19
C PRO C 147 12.46 50.32 35.97
N ILE C 148 12.90 50.40 34.70
CA ILE C 148 14.26 50.57 34.19
C ILE C 148 14.21 51.87 33.36
N ASP C 149 14.79 51.90 32.16
CA ASP C 149 14.77 53.10 31.32
C ASP C 149 14.30 52.77 29.86
N LEU C 150 13.16 53.32 29.45
CA LEU C 150 12.57 53.08 28.10
C LEU C 150 13.10 54.01 27.00
N SER C 151 13.91 54.99 27.42
CA SER C 151 14.46 56.04 26.55
C SER C 151 15.12 55.49 25.28
N GLY C 152 16.31 54.91 25.44
CA GLY C 152 17.07 54.35 24.33
C GLY C 152 16.43 53.10 23.71
N THR C 153 15.50 52.45 24.42
CA THR C 153 14.83 51.27 23.89
C THR C 153 13.40 51.59 23.38
N LEU C 154 12.37 51.33 24.21
CA LEU C 154 10.97 51.38 23.78
C LEU C 154 10.68 52.01 22.43
N ALA C 155 11.05 53.28 22.25
CA ALA C 155 10.60 54.00 21.08
C ALA C 155 11.37 53.74 19.80
N PRO C 156 12.67 54.05 19.78
CA PRO C 156 13.51 53.72 18.60
C PRO C 156 13.33 52.28 18.12
N ALA C 157 13.07 51.39 19.08
CA ALA C 157 12.77 49.99 18.80
C ALA C 157 11.42 49.89 18.07
N LEU C 158 10.31 50.18 18.73
CA LEU C 158 8.99 50.05 18.10
C LEU C 158 8.90 50.71 16.74
N GLU C 159 9.77 51.72 16.57
CA GLU C 159 9.88 52.51 15.36
C GLU C 159 10.60 51.77 14.26
N ARG C 160 11.72 51.12 14.62
CA ARG C 160 12.47 50.28 13.67
C ARG C 160 11.50 49.20 13.17
N ILE C 161 10.64 48.77 14.09
CA ILE C 161 9.72 47.71 13.81
C ILE C 161 8.53 48.12 12.98
N ARG C 162 7.88 49.22 13.29
CA ARG C 162 6.70 49.69 12.55
C ARG C 162 6.99 49.85 11.07
N THR C 163 8.26 50.19 10.81
CA THR C 163 8.70 50.50 9.46
C THR C 163 9.59 49.43 8.79
N ALA C 164 9.78 48.26 9.43
CA ALA C 164 10.67 47.22 8.90
C ALA C 164 10.16 46.98 7.50
N GLY C 165 11.06 46.96 6.52
CA GLY C 165 10.65 46.85 5.12
C GLY C 165 10.15 45.51 4.61
N SER C 166 10.66 44.45 5.20
CA SER C 166 10.34 43.10 4.78
C SER C 166 10.55 42.15 5.91
N LEU C 167 9.71 41.13 5.95
CA LEU C 167 9.86 40.07 6.92
C LEU C 167 11.38 39.76 7.22
N ARG C 168 12.21 39.91 6.21
CA ARG C 168 13.58 39.67 6.43
C ARG C 168 14.17 40.67 7.39
N ALA C 169 13.96 41.95 7.09
CA ALA C 169 14.51 43.04 7.91
C ALA C 169 13.86 42.93 9.29
N LEU C 170 12.56 42.75 9.30
CA LEU C 170 11.84 42.65 10.58
C LEU C 170 12.52 41.67 11.55
N CYS C 171 12.62 40.40 11.16
CA CYS C 171 13.26 39.35 11.98
C CYS C 171 14.80 39.58 12.18
N ASP C 172 15.50 40.00 11.14
CA ASP C 172 16.89 40.34 11.36
C ASP C 172 16.93 41.46 12.42
N ASP C 173 15.91 42.31 12.47
CA ASP C 173 15.90 43.39 13.45
C ASP C 173 15.51 42.89 14.81
N THR C 174 14.60 41.94 14.86
CA THR C 174 14.11 41.42 16.12
C THR C 174 15.24 40.74 16.74
N ALA C 175 15.99 39.97 15.95
CA ALA C 175 17.29 39.32 16.44
C ALA C 175 18.15 40.30 17.18
N LEU C 176 18.49 41.41 16.53
CA LEU C 176 19.35 42.41 17.20
C LEU C 176 18.73 43.02 18.44
N LEU C 177 17.55 43.61 18.21
CA LEU C 177 16.81 44.34 19.24
C LEU C 177 16.69 43.57 20.48
N PHE C 178 16.32 42.32 20.39
CA PHE C 178 16.23 41.53 21.58
C PHE C 178 17.56 41.26 22.20
N GLN C 179 18.59 40.93 21.40
CA GLN C 179 19.84 40.60 22.04
C GLN C 179 20.37 41.85 22.67
N GLN C 180 19.93 43.01 22.26
CA GLN C 180 20.35 44.24 22.92
C GLN C 180 19.51 44.49 24.19
N CYS C 181 18.19 44.37 24.15
CA CYS C 181 17.41 44.62 25.35
C CYS C 181 17.68 43.60 26.48
N THR C 182 17.94 42.36 26.13
CA THR C 182 18.25 41.31 27.07
C THR C 182 19.71 41.13 26.80
N GLY C 183 20.54 40.77 27.72
CA GLY C 183 21.95 40.71 27.26
C GLY C 183 22.26 39.33 26.71
N TYR C 184 21.21 38.61 26.34
CA TYR C 184 21.39 37.23 25.98
C TYR C 184 22.45 36.97 24.88
N ASP C 185 23.10 35.83 25.02
CA ASP C 185 24.19 35.47 24.14
C ASP C 185 23.80 35.19 22.72
N ARG C 186 22.59 34.71 22.51
CA ARG C 186 22.18 34.37 21.18
C ARG C 186 20.69 34.68 20.97
N VAL C 187 20.32 35.43 19.96
CA VAL C 187 18.89 35.54 19.77
C VAL C 187 18.70 34.87 18.43
N MSE C 188 17.65 34.02 18.38
CA MSE C 188 17.21 33.31 17.18
C MSE C 188 15.73 33.61 17.07
O MSE C 188 15.00 33.69 18.09
CB MSE C 188 17.31 31.78 17.22
CG MSE C 188 18.72 31.32 16.87
SE MSE C 188 18.98 29.38 17.19
CE MSE C 188 18.88 29.29 19.14
N VAL C 189 15.28 33.78 15.83
CA VAL C 189 13.88 33.95 15.56
C VAL C 189 13.55 32.71 14.75
N TYR C 190 12.83 31.77 15.31
CA TYR C 190 12.46 30.62 14.52
C TYR C 190 11.17 31.00 13.81
N ARG C 191 10.94 30.45 12.63
CA ARG C 191 9.60 30.58 11.96
C ARG C 191 9.07 29.22 11.62
N PHE C 192 7.81 28.99 11.92
CA PHE C 192 7.21 27.71 11.67
C PHE C 192 6.50 27.82 10.37
N ASP C 193 6.54 26.73 9.60
CA ASP C 193 5.91 26.65 8.30
C ASP C 193 4.46 26.09 8.36
N GLU C 194 3.90 25.62 7.24
CA GLU C 194 2.47 25.25 7.28
C GLU C 194 2.25 23.95 8.02
N GLN C 195 3.35 23.24 8.26
CA GLN C 195 3.32 21.88 8.82
C GLN C 195 3.97 21.84 10.18
N GLY C 196 4.14 23.00 10.79
CA GLY C 196 4.80 23.01 12.08
C GLY C 196 6.33 22.89 12.09
N HIS C 197 7.00 22.73 10.93
CA HIS C 197 8.46 22.54 10.99
C HIS C 197 9.15 23.84 11.22
N GLY C 198 10.19 23.77 11.99
CA GLY C 198 10.93 24.99 12.30
C GLY C 198 12.03 25.42 11.35
N GLU C 199 12.28 26.74 11.32
CA GLU C 199 13.27 27.34 10.48
C GLU C 199 13.93 28.39 11.35
N VAL C 200 15.28 28.43 11.36
CA VAL C 200 16.01 29.45 12.10
C VAL C 200 16.18 30.60 11.09
N PHE C 201 15.23 31.49 11.05
CA PHE C 201 15.13 32.51 10.02
C PHE C 201 16.03 33.67 10.22
N SER C 202 16.22 34.06 11.47
CA SER C 202 17.22 35.09 11.71
C SER C 202 17.96 34.73 12.99
N GLU C 203 19.24 35.13 13.05
CA GLU C 203 20.12 34.75 14.17
C GLU C 203 20.89 35.99 14.52
N ARG C 204 21.62 35.94 15.62
CA ARG C 204 22.41 37.07 16.12
C ARG C 204 23.16 36.51 17.33
N HIS C 205 24.47 36.60 17.35
CA HIS C 205 25.18 35.98 18.49
C HIS C 205 26.56 36.44 18.66
N VAL C 206 27.02 36.41 19.88
CA VAL C 206 28.34 36.99 20.18
C VAL C 206 29.50 36.22 19.53
N PRO C 207 30.64 36.88 19.40
CA PRO C 207 31.77 36.21 18.74
C PRO C 207 32.16 34.91 19.46
N GLY C 208 32.75 33.97 18.72
CA GLY C 208 33.10 32.64 19.27
C GLY C 208 31.88 31.76 19.57
N LEU C 209 31.09 31.49 18.56
CA LEU C 209 29.90 30.64 18.77
C LEU C 209 29.50 30.06 17.43
N GLU C 210 28.83 28.93 17.47
CA GLU C 210 28.33 28.35 16.23
C GLU C 210 27.11 29.16 15.79
N SER C 211 26.80 29.08 14.51
CA SER C 211 25.58 29.71 14.01
C SER C 211 24.57 28.67 13.60
N TYR C 212 23.39 28.73 14.14
CA TYR C 212 22.39 27.82 13.65
C TYR C 212 21.56 28.57 12.60
N PHE C 213 22.10 29.66 12.07
CA PHE C 213 21.37 30.48 11.11
C PHE C 213 20.38 29.78 10.14
N GLY C 214 20.84 29.03 9.15
CA GLY C 214 19.80 28.50 8.24
C GLY C 214 19.03 27.24 8.64
N ASN C 215 19.13 26.78 9.87
CA ASN C 215 18.66 25.45 10.15
C ASN C 215 17.14 25.17 10.19
N ARG C 216 16.82 23.92 9.94
CA ARG C 216 15.46 23.51 10.07
C ARG C 216 15.36 22.43 11.13
N TYR C 217 14.21 22.30 11.77
CA TYR C 217 14.02 21.23 12.70
C TYR C 217 12.65 20.72 12.51
N PRO C 218 12.42 19.44 12.71
CA PRO C 218 11.10 18.83 12.52
C PRO C 218 10.13 19.35 13.46
N SER C 219 8.89 19.39 13.06
CA SER C 219 7.86 19.77 13.95
C SER C 219 7.98 18.97 15.26
N SER C 220 8.00 17.64 15.16
CA SER C 220 8.15 16.76 16.33
C SER C 220 9.11 17.32 17.37
N ASP C 221 10.08 18.20 17.03
CA ASP C 221 11.00 18.80 18.04
C ASP C 221 10.35 19.72 19.09
N ILE C 222 9.05 20.05 18.98
CA ILE C 222 8.37 20.91 19.95
C ILE C 222 6.98 20.36 20.13
N PRO C 223 6.78 19.49 21.11
CA PRO C 223 5.45 18.90 21.09
C PRO C 223 4.35 19.91 21.13
N GLN C 224 3.17 19.40 20.87
CA GLN C 224 1.92 20.17 20.77
C GLN C 224 1.48 20.70 22.11
N MSE C 225 1.78 19.93 23.13
CA MSE C 225 1.50 20.33 24.50
C MSE C 225 2.19 21.64 24.68
O MSE C 225 1.57 22.61 25.12
CB MSE C 225 2.03 19.26 25.48
CG MSE C 225 1.12 18.85 26.67
SE MSE C 225 0.27 20.40 27.56
CE MSE C 225 -1.41 19.88 26.65
N ALA C 226 3.49 21.67 24.32
CA ALA C 226 4.38 22.81 24.55
C ALA C 226 4.21 23.98 23.63
N ARG C 227 3.51 23.78 22.52
CA ARG C 227 3.23 24.88 21.60
C ARG C 227 1.97 25.51 22.09
N ARG C 228 1.06 24.65 22.51
CA ARG C 228 -0.24 25.05 23.03
C ARG C 228 0.02 26.08 24.15
N LEU C 229 1.11 25.87 24.91
CA LEU C 229 1.47 26.74 26.05
C LEU C 229 2.26 28.00 25.69
N TYR C 230 3.21 27.89 24.78
CA TYR C 230 3.86 29.07 24.30
C TYR C 230 2.76 30.08 23.80
N GLU C 231 1.60 29.59 23.33
CA GLU C 231 0.52 30.49 22.88
C GLU C 231 -0.12 31.12 24.09
N ARG C 232 -0.28 30.31 25.12
CA ARG C 232 -1.07 30.67 26.26
C ARG C 232 -0.30 31.69 27.05
N GLN C 233 0.86 31.32 27.58
CA GLN C 233 1.72 32.26 28.33
C GLN C 233 2.56 32.82 27.24
N ARG C 234 3.16 33.99 27.34
CA ARG C 234 3.95 34.43 26.13
C ARG C 234 5.46 34.72 26.25
N VAL C 235 5.98 34.54 27.46
CA VAL C 235 7.40 34.57 27.69
C VAL C 235 7.60 33.31 28.55
N ARG C 236 8.76 32.66 28.42
CA ARG C 236 9.09 31.44 29.14
C ARG C 236 10.59 31.42 29.53
N VAL C 237 10.82 31.28 30.83
CA VAL C 237 12.17 31.43 31.33
C VAL C 237 12.79 30.21 31.99
N LEU C 238 13.95 29.88 31.57
CA LEU C 238 14.70 28.83 32.20
C LEU C 238 15.92 29.69 32.66
N VAL C 239 16.11 29.77 33.99
CA VAL C 239 17.19 30.55 34.54
C VAL C 239 18.49 29.78 34.55
N ASP C 240 18.41 28.47 34.79
CA ASP C 240 19.65 27.65 34.87
C ASP C 240 19.39 26.18 34.63
N VAL C 241 19.65 25.73 33.44
CA VAL C 241 19.37 24.35 33.05
C VAL C 241 19.83 23.35 34.13
N SER C 242 21.01 23.56 34.72
CA SER C 242 21.50 22.67 35.80
C SER C 242 20.82 22.76 37.18
N TYR C 243 19.67 23.42 37.27
CA TYR C 243 18.98 23.60 38.55
C TYR C 243 18.33 22.38 39.08
N GLN C 244 18.31 22.29 40.42
CA GLN C 244 17.55 21.29 41.18
C GLN C 244 16.10 21.78 41.41
N PRO C 245 15.10 21.11 40.78
CA PRO C 245 13.70 21.47 41.00
C PRO C 245 13.27 21.48 42.43
N VAL C 246 12.28 22.29 42.72
CA VAL C 246 11.74 22.45 44.04
C VAL C 246 10.33 21.91 43.92
N PRO C 247 10.00 20.82 44.66
CA PRO C 247 8.66 20.11 44.65
C PRO C 247 7.53 20.85 45.25
N LEU C 248 6.30 20.57 44.81
CA LEU C 248 5.10 21.11 45.53
C LEU C 248 4.99 20.21 46.75
N GLU C 249 4.98 20.77 47.97
CA GLU C 249 5.05 19.88 49.12
C GLU C 249 3.86 18.95 49.13
N PRO C 250 2.62 19.45 49.20
CA PRO C 250 1.73 18.30 48.91
C PRO C 250 1.92 18.25 47.38
N ARG C 251 2.39 17.11 46.84
CA ARG C 251 2.60 17.03 45.38
C ARG C 251 1.27 17.01 44.72
N LEU C 252 0.36 16.18 45.23
CA LEU C 252 -1.01 16.11 44.73
C LEU C 252 -1.84 17.20 45.39
N SER C 253 -2.77 17.79 44.64
CA SER C 253 -3.67 18.77 45.21
C SER C 253 -4.65 18.05 46.08
N PRO C 254 -4.91 18.55 47.29
CA PRO C 254 -5.90 17.97 48.15
C PRO C 254 -7.30 18.10 47.64
N LEU C 255 -7.59 19.17 46.90
CA LEU C 255 -8.97 19.36 46.38
C LEU C 255 -9.30 18.36 45.29
N THR C 256 -8.43 18.34 44.29
CA THR C 256 -8.48 17.41 43.19
C THR C 256 -7.88 16.17 43.83
N GLY C 257 -7.88 15.02 43.19
CA GLY C 257 -7.12 13.92 43.76
C GLY C 257 -5.71 13.93 43.15
N ARG C 258 -5.59 14.57 41.99
CA ARG C 258 -4.46 14.39 41.14
C ARG C 258 -3.46 15.56 41.11
N ASP C 259 -2.47 15.48 40.22
CA ASP C 259 -1.50 16.56 40.05
C ASP C 259 -2.14 17.89 39.69
N LEU C 260 -1.38 18.96 39.98
CA LEU C 260 -1.85 20.31 39.80
C LEU C 260 -1.52 20.75 38.42
N ASP C 261 -2.49 21.36 37.74
CA ASP C 261 -2.28 21.84 36.37
C ASP C 261 -1.46 23.11 36.43
N MSE C 262 -0.21 23.03 36.00
CA MSE C 262 0.71 24.16 36.08
C MSE C 262 0.88 24.84 34.75
O MSE C 262 1.97 25.43 34.47
CB MSE C 262 2.04 23.66 36.61
CG MSE C 262 1.98 22.77 37.85
SE MSE C 262 3.79 22.95 38.63
CE MSE C 262 4.42 21.12 38.99
N SER C 263 -0.16 24.77 33.89
CA SER C 263 -0.08 25.46 32.60
C SER C 263 0.01 26.97 32.70
N GLY C 264 -0.67 27.57 33.67
CA GLY C 264 -0.54 29.02 33.87
C GLY C 264 0.72 29.43 34.63
N CYS C 265 1.60 28.48 34.97
CA CYS C 265 2.76 28.78 35.83
C CYS C 265 4.02 29.34 35.23
N PHE C 266 4.38 30.56 35.62
CA PHE C 266 5.65 31.13 35.18
C PHE C 266 6.77 30.26 35.66
N LEU C 267 6.72 29.81 36.91
CA LEU C 267 7.79 29.01 37.56
C LEU C 267 7.89 27.55 37.18
N ARG C 268 6.92 27.06 36.39
CA ARG C 268 6.89 25.64 36.00
C ARG C 268 8.25 25.13 35.53
N SER C 269 8.61 23.97 36.03
CA SER C 269 9.85 23.28 35.68
C SER C 269 9.80 22.85 34.22
N MSE C 270 10.93 22.40 33.71
CA MSE C 270 11.05 22.07 32.28
C MSE C 270 11.31 20.62 32.09
O MSE C 270 12.03 20.06 32.88
CB MSE C 270 12.28 22.90 31.87
CG MSE C 270 12.48 22.89 30.37
SE MSE C 270 13.09 24.63 29.65
CE MSE C 270 11.94 26.04 30.44
N SER C 271 10.74 19.97 31.07
CA SER C 271 11.09 18.56 30.84
C SER C 271 12.55 18.40 30.61
N PRO C 272 13.16 17.37 31.22
CA PRO C 272 14.58 17.04 31.01
C PRO C 272 14.96 16.79 29.58
N ILE C 273 14.00 16.45 28.72
CA ILE C 273 14.31 16.24 27.30
C ILE C 273 14.92 17.49 26.72
N HIS C 274 14.16 18.57 26.80
CA HIS C 274 14.65 19.84 26.29
C HIS C 274 15.82 20.34 27.11
N LEU C 275 15.94 19.95 28.37
CA LEU C 275 17.08 20.43 29.16
C LEU C 275 18.35 19.74 28.66
N GLN C 276 18.18 18.48 28.29
CA GLN C 276 19.22 17.62 27.79
C GLN C 276 19.63 18.14 26.45
N TYR C 277 18.68 18.78 25.78
CA TYR C 277 18.93 19.34 24.50
C TYR C 277 19.88 20.50 24.81
N LEU C 278 19.33 21.50 25.51
CA LEU C 278 20.06 22.71 25.91
C LEU C 278 21.46 22.34 26.39
N LYS C 279 21.55 21.29 27.21
CA LYS C 279 22.80 20.92 27.76
C LYS C 279 23.74 20.52 26.66
N ASN C 280 23.30 19.64 25.79
CA ASN C 280 24.17 19.25 24.69
C ASN C 280 24.58 20.41 23.79
N MSE C 281 23.76 21.45 23.67
CA MSE C 281 24.18 22.63 22.91
C MSE C 281 25.01 23.47 23.82
O MSE C 281 25.66 24.38 23.35
CB MSE C 281 23.10 23.60 22.44
CG MSE C 281 21.87 22.84 22.07
SE MSE C 281 20.69 24.18 21.31
CE MSE C 281 19.67 24.26 22.95
N GLY C 282 25.01 23.20 25.13
CA GLY C 282 25.79 24.00 26.09
C GLY C 282 24.98 25.10 26.73
N VAL C 283 23.77 25.35 26.21
CA VAL C 283 22.91 26.41 26.75
C VAL C 283 22.53 26.14 28.21
N ARG C 284 22.51 27.22 28.97
CA ARG C 284 22.33 27.27 30.43
C ARG C 284 21.22 28.10 30.83
N ALA C 285 20.65 28.90 29.91
CA ALA C 285 19.51 29.75 30.24
C ALA C 285 18.82 30.22 28.97
N THR C 286 17.54 30.05 28.97
CA THR C 286 16.64 30.34 27.87
C THR C 286 15.64 31.46 28.25
N LEU C 287 15.29 32.28 27.26
CA LEU C 287 14.23 33.27 27.38
C LEU C 287 13.57 33.20 26.01
N VAL C 288 12.29 32.82 25.99
CA VAL C 288 11.63 32.56 24.72
C VAL C 288 10.31 33.33 24.63
N VAL C 289 10.12 34.05 23.53
CA VAL C 289 8.96 34.88 23.38
C VAL C 289 8.13 34.47 22.16
N SER C 290 6.85 34.23 22.35
CA SER C 290 5.96 33.83 21.30
C SER C 290 5.70 34.97 20.35
N LEU C 291 5.46 34.65 19.09
CA LEU C 291 5.08 35.58 18.06
C LEU C 291 3.87 34.85 17.57
N VAL C 292 2.72 35.45 17.90
CA VAL C 292 1.43 34.93 17.57
C VAL C 292 0.85 35.86 16.53
N VAL C 293 0.86 35.43 15.26
CA VAL C 293 0.19 36.21 14.21
C VAL C 293 -1.20 35.64 13.89
N GLY C 294 -2.21 36.48 14.02
CA GLY C 294 -3.58 36.10 13.80
C GLY C 294 -4.05 34.73 14.31
N GLY C 295 -4.27 34.60 15.61
CA GLY C 295 -4.68 33.32 16.21
C GLY C 295 -3.57 32.27 16.28
N LYS C 296 -3.03 31.86 15.15
CA LYS C 296 -1.94 30.86 15.11
C LYS C 296 -0.55 31.30 15.73
N LEU C 297 0.20 30.31 16.22
CA LEU C 297 1.50 30.55 16.78
C LEU C 297 2.46 30.65 15.62
N TRP C 298 2.80 31.86 15.23
CA TRP C 298 3.66 32.08 14.06
C TRP C 298 5.01 31.56 14.12
N GLY C 299 5.65 31.82 15.27
CA GLY C 299 7.05 31.47 15.55
C GLY C 299 7.51 31.85 16.98
N LEU C 300 8.81 32.06 17.13
CA LEU C 300 9.36 32.36 18.45
C LEU C 300 10.63 33.16 18.31
N VAL C 301 10.88 33.89 19.38
CA VAL C 301 12.09 34.63 19.56
C VAL C 301 12.64 33.92 20.76
N ALA C 302 13.77 33.27 20.53
CA ALA C 302 14.41 32.48 21.52
C ALA C 302 15.74 33.08 21.75
N CYS C 303 15.97 33.35 23.04
CA CYS C 303 17.18 33.91 23.55
C CYS C 303 17.88 32.90 24.40
N HIS C 304 19.03 32.45 23.98
CA HIS C 304 19.80 31.43 24.72
C HIS C 304 20.97 32.08 25.36
N HIS C 305 21.41 31.55 26.50
CA HIS C 305 22.57 32.12 27.16
C HIS C 305 23.39 31.04 27.69
N TYR C 306 24.71 31.16 27.51
CA TYR C 306 25.66 30.15 27.95
C TYR C 306 25.97 30.12 29.47
N LEU C 307 25.64 31.15 30.22
CA LEU C 307 25.67 31.03 31.67
C LEU C 307 24.15 31.27 32.07
N PRO C 308 23.79 31.01 33.32
CA PRO C 308 22.46 31.33 33.81
C PRO C 308 22.10 32.77 33.61
N ARG C 309 20.80 33.05 33.72
CA ARG C 309 20.36 34.38 33.48
C ARG C 309 18.84 34.51 33.78
N PHE C 310 18.58 35.33 34.80
CA PHE C 310 17.29 35.67 35.27
C PHE C 310 16.99 37.03 34.68
N ILE C 311 15.73 37.29 34.34
CA ILE C 311 15.28 38.57 33.82
C ILE C 311 13.96 38.96 34.55
N HIS C 312 13.95 40.18 35.10
CA HIS C 312 12.83 40.65 35.93
C HIS C 312 11.60 40.97 35.21
N PHE C 313 10.49 40.80 35.95
CA PHE C 313 9.16 41.09 35.47
C PHE C 313 9.03 42.32 34.54
N GLU C 314 9.75 43.39 34.86
CA GLU C 314 9.66 44.59 34.05
C GLU C 314 10.04 44.35 32.60
N LEU C 315 11.19 43.72 32.42
CA LEU C 315 11.77 43.51 31.10
C LEU C 315 10.93 42.51 30.31
N ARG C 316 10.32 41.55 31.00
CA ARG C 316 9.47 40.59 30.34
C ARG C 316 8.37 41.37 29.62
N ALA C 317 7.65 42.17 30.40
CA ALA C 317 6.60 43.05 29.89
C ALA C 317 7.02 43.67 28.55
N ILE C 318 8.27 44.16 28.48
CA ILE C 318 8.81 44.76 27.27
C ILE C 318 8.76 43.73 26.14
N CYS C 319 9.24 42.54 26.43
CA CYS C 319 9.32 41.52 25.41
C CYS C 319 7.98 41.19 24.88
N GLU C 320 6.98 41.11 25.72
CA GLU C 320 5.65 40.94 25.13
C GLU C 320 5.33 42.21 24.33
N LEU C 321 5.59 43.40 24.87
CA LEU C 321 5.29 44.60 24.09
C LEU C 321 5.92 44.54 22.71
N LEU C 322 7.24 44.31 22.65
CA LEU C 322 7.90 44.24 21.36
C LEU C 322 7.22 43.16 20.54
N ALA C 323 7.05 42.00 21.15
CA ALA C 323 6.53 40.86 20.40
C ALA C 323 5.14 41.10 19.87
N GLU C 324 4.27 41.78 20.60
CA GLU C 324 2.99 42.04 19.97
C GLU C 324 3.21 42.99 18.74
N ALA C 325 4.24 43.83 18.80
CA ALA C 325 4.59 44.73 17.70
C ALA C 325 5.14 43.99 16.44
N ILE C 326 6.18 43.16 16.60
CA ILE C 326 6.79 42.39 15.50
C ILE C 326 5.63 41.67 14.83
N ALA C 327 4.84 40.99 15.64
CA ALA C 327 3.69 40.26 15.14
C ALA C 327 2.79 41.16 14.25
N THR C 328 2.58 42.40 14.65
CA THR C 328 1.74 43.27 13.83
C THR C 328 2.28 43.45 12.42
N ARG C 329 3.49 43.97 12.23
CA ARG C 329 4.03 44.06 10.87
C ARG C 329 3.92 42.73 10.14
N ILE C 330 4.16 41.63 10.85
CA ILE C 330 4.08 40.35 10.16
C ILE C 330 2.76 40.46 9.47
N THR C 331 1.68 40.72 10.21
CA THR C 331 0.39 40.89 9.55
C THR C 331 0.38 41.96 8.46
N ALA C 332 0.98 43.13 8.73
CA ALA C 332 1.07 44.23 7.75
C ALA C 332 1.74 43.77 6.45
N LEU C 333 2.99 43.27 6.60
CA LEU C 333 3.83 42.78 5.51
C LEU C 333 3.13 41.70 4.75
N GLU C 334 2.36 40.86 5.42
CA GLU C 334 1.63 39.82 4.72
C GLU C 334 0.71 40.42 3.74
N SER C 335 -0.08 41.36 4.23
CA SER C 335 -1.16 41.92 3.39
C SER C 335 -0.62 42.95 2.48
N PHE C 336 0.62 43.41 2.73
CA PHE C 336 1.22 44.30 1.77
C PHE C 336 1.45 43.44 0.57
N ALA C 337 1.93 42.21 0.80
CA ALA C 337 2.25 41.28 -0.28
C ALA C 337 1.03 40.81 -0.97
N GLN C 338 -0.05 40.64 -0.21
CA GLN C 338 -1.31 40.23 -0.86
C GLN C 338 -1.79 41.37 -1.79
N SER C 339 -1.29 42.57 -1.54
CA SER C 339 -1.57 43.69 -2.46
C SER C 339 -0.74 43.49 -3.72
N GLN C 340 0.51 43.06 -3.62
CA GLN C 340 1.24 42.77 -4.84
C GLN C 340 0.44 41.76 -5.70
N SER C 341 -0.09 40.71 -5.10
CA SER C 341 -0.88 39.75 -5.86
C SER C 341 -2.04 40.51 -6.56
N GLU C 342 -2.77 41.35 -5.84
CA GLU C 342 -3.78 42.14 -6.55
C GLU C 342 -3.15 42.94 -7.70
N LEU C 343 -2.07 43.66 -7.49
CA LEU C 343 -1.44 44.45 -8.60
C LEU C 343 -1.02 43.62 -9.80
N PHE C 344 -0.63 42.37 -9.57
CA PHE C 344 -0.21 41.50 -10.67
C PHE C 344 -1.40 41.05 -11.47
N VAL C 345 -2.40 40.52 -10.78
CA VAL C 345 -3.61 40.11 -11.47
C VAL C 345 -4.11 41.23 -12.36
N GLN C 346 -3.97 42.47 -11.94
CA GLN C 346 -4.43 43.55 -12.81
C GLN C 346 -3.51 43.76 -13.98
N ARG C 347 -2.24 43.99 -13.72
CA ARG C 347 -1.24 44.15 -14.77
CA ARG C 347 -1.35 44.20 -14.84
C ARG C 347 -1.43 43.03 -15.82
N LEU C 348 -1.94 41.89 -15.37
CA LEU C 348 -2.13 40.71 -16.24
C LEU C 348 -3.33 40.94 -17.11
N GLU C 349 -4.45 41.22 -16.48
CA GLU C 349 -5.66 41.50 -17.20
C GLU C 349 -5.35 42.52 -18.29
N GLN C 350 -4.62 43.59 -17.94
CA GLN C 350 -4.27 44.63 -18.90
C GLN C 350 -3.34 44.11 -20.00
N ARG C 351 -2.37 43.27 -19.67
CA ARG C 351 -1.48 42.74 -20.73
C ARG C 351 -2.18 41.87 -21.72
N MSE C 352 -3.16 41.09 -21.25
CA MSE C 352 -3.91 40.20 -22.13
C MSE C 352 -4.85 41.01 -22.98
O MSE C 352 -4.84 40.85 -24.19
CB MSE C 352 -4.69 39.18 -21.32
CG MSE C 352 -3.84 38.11 -20.66
SE MSE C 352 -5.05 37.03 -19.52
CE MSE C 352 -3.90 35.45 -19.32
N ILE C 353 -5.64 41.89 -22.38
CA ILE C 353 -6.55 42.73 -23.17
C ILE C 353 -5.73 43.40 -24.25
N GLU C 354 -4.65 44.06 -23.88
CA GLU C 354 -3.88 44.76 -24.90
C GLU C 354 -3.16 43.83 -25.89
N ALA C 355 -2.93 42.56 -25.55
CA ALA C 355 -2.30 41.61 -26.50
C ALA C 355 -3.36 41.04 -27.41
N ILE C 356 -4.60 41.10 -27.01
CA ILE C 356 -5.69 40.62 -27.89
C ILE C 356 -5.87 41.64 -29.02
N THR C 357 -6.17 42.90 -28.65
CA THR C 357 -6.13 44.02 -29.60
C THR C 357 -4.74 43.88 -30.16
N ARG C 358 -4.57 43.85 -31.47
CA ARG C 358 -3.22 43.51 -31.99
C ARG C 358 -2.88 42.01 -31.72
N GLU C 359 -2.05 41.41 -32.56
CA GLU C 359 -1.60 40.03 -32.34
C GLU C 359 -2.69 38.93 -32.36
N GLY C 360 -3.93 39.30 -31.99
CA GLY C 360 -5.03 38.34 -31.82
C GLY C 360 -4.66 37.72 -30.49
N ASP C 361 -4.73 36.40 -30.42
CA ASP C 361 -4.17 35.60 -29.30
C ASP C 361 -3.52 36.22 -28.02
N TRP C 362 -4.09 35.91 -26.86
CA TRP C 362 -3.62 36.41 -25.55
C TRP C 362 -2.37 35.85 -24.89
N ARG C 363 -1.85 34.74 -25.35
CA ARG C 363 -0.70 34.14 -24.62
C ARG C 363 0.51 35.01 -24.30
N ALA C 364 0.84 35.97 -25.13
CA ALA C 364 2.03 36.79 -24.91
C ALA C 364 2.10 37.33 -23.50
N ALA C 365 0.96 37.82 -23.05
CA ALA C 365 0.85 38.39 -21.72
C ALA C 365 1.38 37.43 -20.64
N ILE C 366 1.26 36.11 -20.80
CA ILE C 366 1.70 35.20 -19.76
C ILE C 366 3.16 35.21 -19.49
N PHE C 367 3.98 35.61 -20.46
CA PHE C 367 5.40 35.61 -20.17
C PHE C 367 6.09 36.94 -19.96
N ASP C 368 7.32 36.80 -19.45
CA ASP C 368 8.16 37.87 -18.91
C ASP C 368 7.43 39.14 -18.64
N THR C 369 7.55 40.09 -19.60
CA THR C 369 7.12 41.50 -19.40
C THR C 369 7.78 42.01 -18.09
N SER C 370 8.98 41.46 -17.80
CA SER C 370 9.70 41.62 -16.54
C SER C 370 8.94 40.83 -15.49
N GLN C 371 7.63 41.14 -15.49
CA GLN C 371 6.49 40.71 -14.63
C GLN C 371 6.20 39.23 -14.33
N SER C 372 7.22 38.49 -13.94
CA SER C 372 7.09 37.07 -13.74
C SER C 372 5.85 36.57 -12.98
N ILE C 373 5.32 35.48 -13.55
CA ILE C 373 4.17 34.78 -13.06
C ILE C 373 4.57 33.72 -12.02
N LEU C 374 5.87 33.52 -11.83
CA LEU C 374 6.39 32.58 -10.87
C LEU C 374 6.37 33.23 -9.48
N GLN C 375 6.24 34.57 -9.46
CA GLN C 375 6.37 35.37 -8.23
C GLN C 375 5.23 35.22 -7.28
N PRO C 376 4.01 35.42 -7.75
CA PRO C 376 2.88 35.28 -6.86
C PRO C 376 2.59 33.87 -6.40
N LEU C 377 3.28 32.86 -6.91
CA LEU C 377 3.13 31.54 -6.30
C LEU C 377 4.43 31.01 -5.77
N HIS C 378 5.42 31.89 -5.72
CA HIS C 378 6.74 31.52 -5.28
C HIS C 378 7.06 30.17 -5.73
N ALA C 379 7.08 29.97 -7.05
CA ALA C 379 7.35 28.70 -7.67
C ALA C 379 8.54 28.89 -8.56
N ASP C 380 9.11 27.78 -9.00
CA ASP C 380 10.28 27.83 -9.82
C ASP C 380 9.95 27.67 -11.28
N GLY C 381 8.89 26.94 -11.58
CA GLY C 381 8.43 26.73 -12.95
C GLY C 381 6.93 26.96 -13.10
N CYS C 382 6.52 27.30 -14.32
CA CYS C 382 5.11 27.44 -14.69
C CYS C 382 4.86 26.80 -16.05
N ALA C 383 3.68 26.21 -16.26
CA ALA C 383 3.36 25.55 -17.53
C ALA C 383 2.01 26.01 -18.00
N LEU C 384 1.90 26.40 -19.27
CA LEU C 384 0.61 26.79 -19.82
C LEU C 384 0.19 25.73 -20.82
N VAL C 385 -0.84 24.96 -20.52
CA VAL C 385 -1.25 23.95 -21.46
C VAL C 385 -2.63 24.33 -21.93
N TYR C 386 -2.64 24.88 -23.13
CA TYR C 386 -3.80 25.42 -23.74
C TYR C 386 -3.97 24.86 -25.15
N GLU C 387 -5.21 24.52 -25.50
CA GLU C 387 -5.54 24.03 -26.83
C GLU C 387 -4.50 23.07 -27.38
N ASP C 388 -4.17 22.04 -26.61
CA ASP C 388 -3.23 21.01 -27.11
C ASP C 388 -1.77 21.48 -27.25
N GLN C 389 -1.52 22.80 -27.17
CA GLN C 389 -0.14 23.36 -27.20
C GLN C 389 0.39 23.51 -25.77
N ILE C 390 1.70 23.36 -25.58
CA ILE C 390 2.28 23.60 -24.25
C ILE C 390 3.58 24.38 -24.20
N ARG C 391 3.48 25.52 -23.52
CA ARG C 391 4.56 26.48 -23.29
C ARG C 391 4.97 26.51 -21.84
N THR C 392 6.28 26.56 -21.62
CA THR C 392 6.78 26.69 -20.26
C THR C 392 7.84 27.77 -20.04
N ILE C 393 7.83 28.29 -18.82
CA ILE C 393 8.85 29.21 -18.32
C ILE C 393 9.36 28.57 -17.01
N GLY C 394 10.65 28.69 -16.76
CA GLY C 394 11.17 28.20 -15.50
C GLY C 394 11.72 26.81 -15.46
N ASP C 395 11.84 26.24 -14.26
CA ASP C 395 12.31 24.88 -14.07
C ASP C 395 11.05 24.03 -14.02
N VAL C 396 10.80 23.28 -15.10
CA VAL C 396 9.62 22.42 -15.26
C VAL C 396 9.95 20.95 -15.59
N PRO C 397 8.95 20.09 -15.54
CA PRO C 397 9.23 18.73 -15.80
C PRO C 397 9.57 18.29 -17.18
N SER C 398 8.62 18.32 -18.09
CA SER C 398 8.82 17.60 -19.35
C SER C 398 7.48 17.38 -20.00
N THR C 399 7.43 17.75 -21.27
CA THR C 399 6.18 17.75 -21.96
C THR C 399 5.52 16.36 -21.73
N GLN C 400 6.25 15.27 -21.92
CA GLN C 400 5.67 13.99 -21.56
C GLN C 400 5.08 14.13 -20.15
N ASP C 401 6.01 14.16 -19.18
CA ASP C 401 5.72 14.28 -17.74
C ASP C 401 4.66 15.30 -17.40
N VAL C 402 4.58 16.37 -18.17
CA VAL C 402 3.57 17.33 -17.93
C VAL C 402 2.30 16.65 -18.31
N ARG C 403 2.14 16.37 -19.58
CA ARG C 403 0.92 15.73 -20.07
C ARG C 403 0.44 14.65 -19.10
N GLU C 404 1.34 13.86 -18.52
CA GLU C 404 0.96 12.84 -17.51
C GLU C 404 0.15 13.51 -16.42
N ILE C 405 0.75 14.53 -15.82
CA ILE C 405 0.13 15.30 -14.76
C ILE C 405 -1.25 15.87 -15.12
N ALA C 406 -1.41 16.32 -16.36
CA ALA C 406 -2.67 16.92 -16.80
C ALA C 406 -3.76 15.87 -16.84
N GLY C 407 -3.36 14.63 -17.07
CA GLY C 407 -4.27 13.49 -17.04
C GLY C 407 -4.73 13.35 -15.60
N TRP C 408 -3.79 13.13 -14.68
CA TRP C 408 -4.09 13.07 -13.27
C TRP C 408 -5.16 14.07 -12.95
N LEU C 409 -4.89 15.34 -13.20
CA LEU C 409 -5.89 16.39 -12.96
C LEU C 409 -7.21 16.21 -13.67
N ASP C 410 -7.19 15.65 -14.89
CA ASP C 410 -8.42 15.43 -15.65
C ASP C 410 -9.19 14.24 -15.10
N ARG C 411 -8.57 13.04 -15.16
CA ARG C 411 -9.15 11.75 -14.67
C ARG C 411 -9.91 11.96 -13.39
N GLN C 412 -9.22 12.49 -12.39
CA GLN C 412 -9.88 12.85 -11.14
C GLN C 412 -10.46 14.21 -11.49
N PRO C 413 -11.75 14.46 -11.16
CA PRO C 413 -12.36 15.69 -11.62
C PRO C 413 -12.27 16.79 -10.55
N ARG C 414 -13.39 17.35 -10.12
CA ARG C 414 -13.44 18.39 -9.08
C ARG C 414 -13.22 19.75 -9.76
N ALA C 415 -12.77 20.79 -9.05
CA ALA C 415 -12.65 22.10 -9.72
C ALA C 415 -11.81 23.21 -9.04
N ALA C 416 -11.44 24.20 -9.87
CA ALA C 416 -10.58 25.35 -9.51
C ALA C 416 -9.28 24.78 -9.00
N VAL C 417 -8.50 25.54 -8.24
CA VAL C 417 -7.18 25.05 -7.80
C VAL C 417 -7.08 23.63 -7.23
N THR C 418 -6.00 22.93 -7.60
CA THR C 418 -5.62 21.65 -7.07
C THR C 418 -4.12 21.66 -6.77
N SER C 419 -3.72 21.48 -5.52
CA SER C 419 -2.28 21.50 -5.25
C SER C 419 -1.76 20.23 -4.58
N THR C 420 -0.46 20.19 -4.36
CA THR C 420 0.17 19.11 -3.66
C THR C 420 1.64 19.42 -3.48
N ALA C 421 2.11 19.22 -2.26
CA ALA C 421 3.50 19.45 -1.95
C ALA C 421 4.22 18.11 -1.91
N SER C 422 3.48 17.06 -2.26
CA SER C 422 4.00 15.71 -2.27
C SER C 422 3.41 14.87 -3.40
N LEU C 423 3.73 15.24 -4.63
CA LEU C 423 3.28 14.50 -5.81
C LEU C 423 3.77 13.05 -5.80
N GLY C 424 5.05 12.85 -5.47
CA GLY C 424 5.65 11.50 -5.41
C GLY C 424 4.84 10.56 -4.54
N LEU C 425 4.75 10.87 -3.25
CA LEU C 425 3.88 10.13 -2.32
C LEU C 425 2.49 9.96 -2.90
N ASP C 426 1.91 11.04 -3.42
CA ASP C 426 0.51 11.06 -3.93
C ASP C 426 0.21 10.29 -5.24
N VAL C 427 1.21 10.08 -6.08
CA VAL C 427 0.99 9.32 -7.29
C VAL C 427 2.29 8.58 -7.57
N PRO C 428 2.59 7.59 -6.70
CA PRO C 428 3.83 6.81 -6.80
C PRO C 428 4.36 6.69 -8.21
N GLU C 429 3.46 6.45 -9.17
CA GLU C 429 3.85 6.39 -10.60
C GLU C 429 4.81 7.57 -10.80
N LEU C 430 4.32 8.73 -10.38
CA LEU C 430 4.99 10.02 -10.53
C LEU C 430 6.24 10.27 -9.62
N ALA C 431 6.63 9.29 -8.82
CA ALA C 431 7.87 9.40 -8.03
C ALA C 431 9.03 9.95 -8.86
N HIS C 432 9.27 9.37 -10.01
CA HIS C 432 10.35 9.79 -10.87
C HIS C 432 10.50 11.29 -10.97
N LEU C 433 9.41 12.01 -11.13
CA LEU C 433 9.51 13.45 -11.33
C LEU C 433 9.33 14.24 -10.02
N THR C 434 10.10 13.85 -9.01
CA THR C 434 9.96 14.43 -7.67
C THR C 434 10.94 15.57 -7.48
N ARG C 435 12.04 15.54 -8.23
CA ARG C 435 13.05 16.55 -8.07
C ARG C 435 12.50 17.92 -8.37
N MSE C 436 11.80 18.05 -9.49
CA MSE C 436 11.37 19.37 -9.92
C MSE C 436 9.91 19.65 -9.79
O MSE C 436 9.49 20.77 -10.02
CB MSE C 436 11.95 19.65 -11.30
CG MSE C 436 11.19 19.04 -12.47
SE MSE C 436 11.02 17.07 -12.40
CE MSE C 436 12.61 16.55 -13.46
N ALA C 437 9.10 18.66 -9.42
CA ALA C 437 7.69 18.95 -9.17
C ALA C 437 7.17 18.23 -7.96
N SER C 438 8.03 17.95 -6.98
CA SER C 438 7.54 17.42 -5.70
C SER C 438 6.32 18.26 -5.32
N GLY C 439 6.30 19.51 -5.76
CA GLY C 439 5.14 20.32 -5.54
C GLY C 439 4.59 20.87 -6.86
N VAL C 440 3.29 20.69 -7.09
CA VAL C 440 2.68 21.30 -8.25
C VAL C 440 1.29 21.81 -7.84
N VAL C 441 0.97 23.03 -8.23
CA VAL C 441 -0.37 23.60 -8.08
C VAL C 441 -0.87 23.74 -9.49
N ALA C 442 -2.20 23.75 -9.65
CA ALA C 442 -2.82 23.84 -10.97
C ALA C 442 -4.14 24.59 -10.92
N ALA C 443 -4.42 25.37 -11.96
CA ALA C 443 -5.71 26.09 -12.09
C ALA C 443 -6.20 25.97 -13.51
N PRO C 444 -7.32 25.27 -13.71
CA PRO C 444 -7.87 25.21 -15.04
C PRO C 444 -8.23 26.60 -15.48
N ILE C 445 -8.15 26.88 -16.78
CA ILE C 445 -8.40 28.23 -17.31
C ILE C 445 -9.55 28.25 -18.32
N SER C 446 -10.39 27.21 -18.26
CA SER C 446 -11.59 27.09 -19.08
C SER C 446 -12.26 25.82 -18.67
N ASP C 447 -13.49 25.62 -19.13
CA ASP C 447 -14.24 24.40 -18.85
C ASP C 447 -13.99 23.34 -19.93
N HIS C 448 -12.81 23.34 -20.52
CA HIS C 448 -12.50 22.36 -21.56
C HIS C 448 -12.04 21.11 -20.93
N ARG C 449 -10.75 20.85 -20.96
CA ARG C 449 -10.22 19.61 -20.42
C ARG C 449 -8.84 19.71 -20.92
N GLY C 450 -7.87 19.36 -20.08
CA GLY C 450 -6.46 19.46 -20.46
C GLY C 450 -5.99 20.87 -20.74
N GLU C 451 -6.75 21.87 -20.28
CA GLU C 451 -6.40 23.27 -20.44
C GLU C 451 -6.19 23.99 -19.14
N PHE C 452 -4.92 24.29 -18.85
CA PHE C 452 -4.62 25.05 -17.65
C PHE C 452 -3.20 25.59 -17.53
N LEU C 453 -3.07 26.34 -16.45
CA LEU C 453 -1.89 27.05 -16.07
C LEU C 453 -1.48 26.30 -14.81
N MSE C 454 -0.20 25.92 -14.71
CA MSE C 454 0.24 25.05 -13.60
C MSE C 454 1.58 25.45 -13.11
O MSE C 454 2.39 26.01 -13.86
CB MSE C 454 0.11 23.62 -14.12
CG MSE C 454 1.34 22.75 -14.19
SE MSE C 454 0.74 20.98 -14.84
CE MSE C 454 2.15 19.92 -14.00
N TRP C 455 1.84 25.17 -11.84
CA TRP C 455 3.03 25.67 -11.18
C TRP C 455 3.93 24.66 -10.50
N PHE C 456 5.20 24.99 -10.36
CA PHE C 456 6.06 23.98 -9.83
C PHE C 456 7.09 24.37 -8.83
N ARG C 457 7.20 23.53 -7.81
CA ARG C 457 8.21 23.65 -6.77
C ARG C 457 9.01 22.37 -6.71
N PRO C 458 10.29 22.48 -6.47
CA PRO C 458 11.05 21.28 -6.31
C PRO C 458 10.95 20.66 -4.91
N GLU C 459 11.68 19.57 -4.78
CA GLU C 459 11.76 18.85 -3.56
C GLU C 459 12.37 19.80 -2.53
N ARG C 460 11.61 20.05 -1.45
CA ARG C 460 11.98 20.89 -0.29
C ARG C 460 13.40 20.73 0.08
N VAL C 461 13.88 19.50 -0.06
CA VAL C 461 15.22 19.18 0.29
C VAL C 461 16.21 20.13 -0.32
N HIS C 462 15.98 20.53 -1.55
CA HIS C 462 16.94 21.37 -2.28
C HIS C 462 17.11 22.82 -1.88
N THR C 463 17.21 23.07 -0.57
CA THR C 463 17.49 24.45 -0.05
C THR C 463 18.78 24.50 0.91
N VAL C 464 18.91 25.54 1.73
CA VAL C 464 20.11 25.85 2.58
C VAL C 464 21.31 24.86 2.50
N THR C 465 21.03 23.60 2.84
CA THR C 465 21.95 22.44 2.74
C THR C 465 22.57 21.99 4.08
N TRP C 466 22.84 20.68 4.17
CA TRP C 466 23.44 19.96 5.35
C TRP C 466 24.47 18.93 4.79
N GLY C 467 24.27 17.61 4.96
CA GLY C 467 25.10 16.55 4.31
C GLY C 467 24.64 15.09 4.55
N GLY C 468 24.21 14.35 3.52
CA GLY C 468 23.76 12.94 3.73
C GLY C 468 23.36 11.98 2.60
N ASP C 469 24.06 10.82 2.52
CA ASP C 469 23.80 9.69 1.58
C ASP C 469 22.87 8.61 2.24
N PRO C 470 23.40 7.61 3.04
CA PRO C 470 22.45 6.70 3.79
C PRO C 470 21.39 7.37 4.77
N LYS C 471 20.63 6.57 5.52
CA LYS C 471 19.46 7.07 6.34
C LYS C 471 19.67 7.44 7.84
N LYS C 472 18.56 7.79 8.53
CA LYS C 472 18.50 8.17 9.99
C LYS C 472 17.40 7.37 10.72
N GLY C 477 16.56 3.91 17.44
CA GLY C 477 16.66 3.85 18.90
C GLY C 477 17.66 4.80 19.53
N ASP C 478 17.68 6.05 19.03
CA ASP C 478 18.54 7.12 19.59
C ASP C 478 18.05 7.51 20.99
N THR C 479 18.98 7.84 21.89
CA THR C 479 18.59 8.30 23.23
C THR C 479 18.75 9.83 23.29
N PRO C 480 18.30 10.46 24.39
CA PRO C 480 18.44 11.92 24.46
C PRO C 480 19.89 12.41 24.46
N ALA C 481 20.82 11.57 24.93
CA ALA C 481 22.21 11.99 24.94
C ALA C 481 22.70 12.47 23.56
N ASP C 482 22.08 12.00 22.48
CA ASP C 482 22.49 12.38 21.12
C ASP C 482 21.69 13.56 20.57
N LEU C 483 20.74 14.09 21.34
CA LEU C 483 19.90 15.18 20.82
C LEU C 483 20.74 16.34 20.41
N SER C 484 20.26 17.14 19.45
CA SER C 484 21.04 18.31 18.97
C SER C 484 20.59 18.91 17.62
N PRO C 485 21.04 20.16 17.35
CA PRO C 485 20.68 20.77 16.08
C PRO C 485 21.08 19.89 14.94
N ARG C 486 22.29 19.35 14.96
CA ARG C 486 22.65 18.48 13.84
C ARG C 486 21.65 17.33 13.73
N ARG C 487 21.43 16.59 14.79
CA ARG C 487 20.49 15.46 14.74
C ARG C 487 19.14 15.95 14.27
N SER C 488 18.81 17.18 14.61
CA SER C 488 17.50 17.73 14.29
C SER C 488 17.41 18.11 12.81
N PHE C 489 18.49 18.70 12.31
CA PHE C 489 18.51 19.14 10.93
C PHE C 489 18.44 17.87 10.11
N ALA C 490 19.32 16.90 10.42
CA ALA C 490 19.33 15.65 9.69
C ALA C 490 17.94 15.07 9.76
N LYS C 491 17.35 15.02 10.95
CA LYS C 491 16.02 14.43 11.08
C LYS C 491 15.05 15.12 10.15
N TRP C 492 15.16 16.46 10.09
CA TRP C 492 14.28 17.25 9.25
C TRP C 492 14.28 16.84 7.83
N HIS C 493 15.48 16.64 7.27
CA HIS C 493 15.67 16.20 5.89
C HIS C 493 14.94 14.91 5.65
N GLN C 494 15.01 14.04 6.63
CA GLN C 494 14.40 12.72 6.54
C GLN C 494 12.92 12.88 6.34
N VAL C 495 12.26 13.49 7.32
CA VAL C 495 10.86 13.84 7.18
C VAL C 495 10.97 14.89 6.07
N VAL C 496 9.94 15.14 5.29
CA VAL C 496 10.07 16.13 4.16
C VAL C 496 10.90 15.57 2.98
N GLU C 497 10.59 14.32 2.60
CA GLU C 497 11.28 13.59 1.55
C GLU C 497 10.88 14.02 0.16
N GLY C 498 9.66 13.70 -0.27
CA GLY C 498 9.21 14.11 -1.59
C GLY C 498 8.35 15.33 -1.43
N THR C 499 8.81 16.22 -0.55
CA THR C 499 8.03 17.37 -0.13
C THR C 499 8.52 18.60 -0.79
N SER C 500 7.63 19.56 -0.91
CA SER C 500 8.00 20.84 -1.41
C SER C 500 7.46 21.77 -0.37
N ASP C 501 7.95 23.01 -0.41
CA ASP C 501 7.48 24.00 0.50
C ASP C 501 5.98 23.90 0.41
N PRO C 502 5.32 23.89 1.54
CA PRO C 502 3.89 23.85 1.50
C PRO C 502 3.34 24.98 0.74
N TRP C 503 2.21 24.74 0.11
CA TRP C 503 1.55 25.78 -0.63
C TRP C 503 0.75 26.50 0.40
N THR C 504 1.17 27.72 0.76
CA THR C 504 0.47 28.55 1.78
C THR C 504 -1.00 28.86 1.48
N ALA C 505 -1.65 29.66 2.33
CA ALA C 505 -3.02 30.11 2.05
C ALA C 505 -2.87 31.10 0.92
N ALA C 506 -2.22 32.23 1.19
CA ALA C 506 -1.89 33.23 0.16
C ALA C 506 -1.63 32.57 -1.21
N ASP C 507 -0.56 31.75 -1.32
CA ASP C 507 -0.23 31.03 -2.57
C ASP C 507 -1.49 30.51 -3.31
N LEU C 508 -2.36 29.81 -2.61
CA LEU C 508 -3.53 29.29 -3.24
C LEU C 508 -4.58 30.37 -3.58
N ALA C 509 -4.50 31.54 -2.95
CA ALA C 509 -5.44 32.62 -3.26
C ALA C 509 -5.06 33.12 -4.65
N ALA C 510 -3.73 33.25 -4.83
CA ALA C 510 -3.10 33.66 -6.08
C ALA C 510 -3.44 32.75 -7.28
N ALA C 511 -3.20 31.45 -7.09
CA ALA C 511 -3.50 30.47 -8.14
C ALA C 511 -4.97 30.54 -8.52
N ARG C 512 -5.83 30.82 -7.55
CA ARG C 512 -7.27 30.94 -7.83
C ARG C 512 -7.54 32.20 -8.68
N THR C 513 -7.17 33.39 -8.21
CA THR C 513 -7.45 34.59 -8.97
C THR C 513 -6.74 34.63 -10.32
N ILE C 514 -5.40 34.34 -10.37
CA ILE C 514 -4.63 34.32 -11.64
C ILE C 514 -5.45 33.48 -12.62
N GLY C 515 -5.78 32.27 -12.17
CA GLY C 515 -6.45 31.27 -12.97
C GLY C 515 -7.80 31.74 -13.39
N GLN C 516 -8.54 32.26 -12.43
CA GLN C 516 -9.88 32.70 -12.75
C GLN C 516 -9.84 33.98 -13.61
N THR C 517 -8.90 34.88 -13.37
CA THR C 517 -8.81 36.04 -14.23
C THR C 517 -8.71 35.43 -15.61
N VAL C 518 -7.60 34.76 -15.93
CA VAL C 518 -7.43 34.19 -17.27
C VAL C 518 -8.73 33.61 -17.82
N ALA C 519 -9.26 32.59 -17.15
CA ALA C 519 -10.44 31.92 -17.68
C ALA C 519 -11.33 32.97 -18.29
N ASP C 520 -11.86 33.84 -17.44
CA ASP C 520 -12.77 34.91 -17.83
C ASP C 520 -12.39 35.70 -19.08
N ILE C 521 -11.17 36.25 -19.15
CA ILE C 521 -10.88 37.01 -20.36
C ILE C 521 -10.69 36.03 -21.53
N VAL C 522 -10.28 34.77 -21.27
CA VAL C 522 -10.22 33.81 -22.41
C VAL C 522 -11.63 33.43 -22.88
N LEU C 523 -12.53 33.13 -22.00
CA LEU C 523 -13.90 32.86 -22.45
C LEU C 523 -14.48 34.01 -23.32
N GLN C 524 -14.30 35.26 -22.87
CA GLN C 524 -14.68 36.48 -23.60
C GLN C 524 -14.08 36.42 -24.97
N PHE C 525 -12.75 36.27 -24.97
CA PHE C 525 -11.90 36.20 -26.16
C PHE C 525 -12.42 35.22 -27.19
N ARG C 526 -12.68 33.98 -26.77
CA ARG C 526 -13.25 32.93 -27.67
C ARG C 526 -14.52 33.38 -28.38
N ALA C 527 -15.45 33.93 -27.57
CA ALA C 527 -16.74 34.41 -28.04
C ALA C 527 -16.58 35.51 -29.06
N VAL C 528 -15.71 36.47 -28.77
CA VAL C 528 -15.50 37.51 -29.74
C VAL C 528 -15.00 36.86 -31.03
N ARG C 529 -13.96 36.01 -31.00
CA ARG C 529 -13.52 35.33 -32.24
C ARG C 529 -14.71 34.88 -33.10
N THR C 530 -15.60 34.13 -32.47
CA THR C 530 -16.76 33.54 -33.11
C THR C 530 -17.49 34.57 -33.96
N LEU C 531 -18.03 35.59 -33.32
CA LEU C 531 -18.72 36.65 -34.02
C LEU C 531 -17.83 37.02 -35.21
N ILE C 532 -16.61 37.54 -34.96
CA ILE C 532 -15.66 37.91 -36.04
C ILE C 532 -15.66 36.82 -37.13
N ALA C 533 -15.32 35.59 -36.75
CA ALA C 533 -15.35 34.44 -37.67
C ALA C 533 -16.70 34.29 -38.36
N ARG C 534 -17.82 34.53 -37.67
CA ARG C 534 -19.11 34.42 -38.36
C ARG C 534 -19.17 35.44 -39.48
N GLU C 535 -18.95 36.70 -39.13
CA GLU C 535 -18.97 37.76 -40.09
C GLU C 535 -17.96 37.48 -41.16
N GLN C 536 -16.83 36.87 -40.83
CA GLN C 536 -15.85 36.61 -41.87
C GLN C 536 -16.33 35.48 -42.79
N TYR C 537 -16.99 34.46 -42.27
CA TYR C 537 -17.51 33.40 -43.12
C TYR C 537 -18.57 33.95 -44.09
N GLU C 538 -19.22 35.05 -43.74
CA GLU C 538 -20.24 35.64 -44.60
C GLU C 538 -19.48 36.18 -45.81
N GLN C 539 -18.87 37.35 -45.66
CA GLN C 539 -18.07 37.94 -46.72
C GLN C 539 -17.09 36.82 -46.99
N PHE C 540 -17.02 36.32 -48.23
CA PHE C 540 -16.22 35.12 -48.59
C PHE C 540 -17.28 34.23 -49.18
N SER C 541 -18.20 33.76 -48.34
CA SER C 541 -19.36 32.97 -48.76
C SER C 541 -20.05 33.77 -49.89
N SER C 542 -20.16 35.06 -49.63
CA SER C 542 -20.67 36.03 -50.57
C SER C 542 -19.83 36.08 -51.84
N GLN C 543 -18.61 36.59 -51.74
CA GLN C 543 -17.76 36.69 -52.91
C GLN C 543 -17.88 35.48 -53.82
N VAL C 544 -17.89 34.27 -53.27
CA VAL C 544 -18.06 33.11 -54.14
C VAL C 544 -19.44 33.13 -54.76
N HIS C 545 -20.47 33.54 -54.03
CA HIS C 545 -21.79 33.65 -54.65
C HIS C 545 -21.80 34.53 -55.86
N ALA C 546 -21.33 35.76 -55.72
CA ALA C 546 -21.34 36.76 -56.81
C ALA C 546 -20.60 36.42 -58.11
N SER C 547 -19.92 35.27 -58.16
CA SER C 547 -19.18 34.85 -59.37
C SER C 547 -20.12 34.25 -60.40
N MSE C 548 -19.96 34.71 -61.65
CA MSE C 548 -20.80 34.22 -62.73
C MSE C 548 -20.59 32.75 -63.04
O MSE C 548 -21.47 32.10 -63.62
CB MSE C 548 -20.59 35.02 -64.02
CG MSE C 548 -21.02 36.48 -63.96
SE MSE C 548 -22.88 36.72 -63.34
CE MSE C 548 -23.80 35.00 -63.75
N GLN C 549 -19.44 32.20 -62.67
CA GLN C 549 -19.20 30.80 -62.90
C GLN C 549 -19.92 30.01 -61.85
N PRO C 550 -20.11 28.70 -62.09
CA PRO C 550 -20.62 27.85 -61.04
C PRO C 550 -19.45 27.40 -60.15
N VAL C 551 -19.74 26.98 -58.92
CA VAL C 551 -18.70 26.53 -58.01
C VAL C 551 -19.25 25.96 -56.70
N LEU C 552 -18.91 24.71 -56.42
CA LEU C 552 -19.38 24.04 -55.22
C LEU C 552 -18.30 24.02 -54.18
N ILE C 553 -18.71 23.98 -52.92
CA ILE C 553 -17.78 23.80 -51.82
C ILE C 553 -18.44 22.88 -50.82
N THR C 554 -17.72 21.85 -50.38
CA THR C 554 -18.27 20.87 -49.45
C THR C 554 -17.24 20.23 -48.50
N ASP C 555 -17.76 19.73 -47.36
CA ASP C 555 -16.96 19.12 -46.27
C ASP C 555 -16.18 17.86 -46.64
N ALA C 556 -15.42 17.34 -45.69
CA ALA C 556 -14.63 16.14 -45.94
C ALA C 556 -15.50 15.00 -46.47
N GLU C 557 -16.69 14.88 -45.88
CA GLU C 557 -17.66 13.83 -46.15
C GLU C 557 -18.31 13.93 -47.54
N GLY C 558 -18.50 15.14 -48.04
CA GLY C 558 -19.14 15.35 -49.35
C GLY C 558 -20.45 16.13 -49.24
N ARG C 559 -20.90 16.41 -48.02
CA ARG C 559 -22.12 17.20 -47.75
C ARG C 559 -22.02 18.55 -48.43
N ILE C 560 -22.95 18.80 -49.34
CA ILE C 560 -22.95 20.03 -50.10
C ILE C 560 -23.10 21.23 -49.16
N LEU C 561 -21.99 21.93 -48.90
CA LEU C 561 -22.00 23.11 -48.04
C LEU C 561 -22.50 24.39 -48.71
N LEU C 562 -22.09 24.57 -49.97
CA LEU C 562 -22.40 25.79 -50.74
C LEU C 562 -22.39 25.59 -52.25
N MSE C 563 -23.47 26.03 -52.90
CA MSE C 563 -23.68 25.93 -54.34
C MSE C 563 -24.16 27.28 -54.82
O MSE C 563 -25.30 27.64 -54.57
CB MSE C 563 -24.79 24.88 -54.48
CG MSE C 563 -25.34 24.65 -55.90
SE MSE C 563 -27.12 23.77 -55.91
CE MSE C 563 -28.27 25.03 -54.90
N ASN C 564 -23.34 28.06 -55.51
CA ASN C 564 -23.78 29.42 -55.92
C ASN C 564 -24.92 29.39 -56.93
N ASP C 565 -25.60 30.52 -57.10
CA ASP C 565 -26.76 30.58 -58.02
C ASP C 565 -26.37 30.28 -59.47
N SER C 566 -25.09 30.48 -59.83
CA SER C 566 -24.62 30.12 -61.18
C SER C 566 -24.57 28.59 -61.39
N PHE C 567 -24.55 27.82 -60.32
CA PHE C 567 -24.55 26.37 -60.42
C PHE C 567 -25.99 25.87 -60.46
N ARG C 568 -26.77 26.17 -59.42
CA ARG C 568 -28.15 25.72 -59.40
C ARG C 568 -28.94 26.17 -60.63
N ASP C 569 -28.68 27.39 -61.11
CA ASP C 569 -29.40 27.91 -62.27
C ASP C 569 -29.14 27.06 -63.54
N MSE C 570 -27.94 26.47 -63.64
CA MSE C 570 -27.62 25.64 -64.81
C MSE C 570 -28.29 24.29 -64.72
O MSE C 570 -28.66 23.71 -65.75
CB MSE C 570 -26.13 25.51 -65.08
CG MSE C 570 -25.35 24.85 -63.94
SE MSE C 570 -23.71 24.00 -64.59
CE MSE C 570 -23.32 25.20 -66.11
N LEU C 571 -28.47 23.78 -63.49
CA LEU C 571 -29.13 22.47 -63.25
C LEU C 571 -30.62 22.65 -63.60
N PRO C 572 -31.26 21.65 -64.25
CA PRO C 572 -32.66 21.82 -64.73
C PRO C 572 -33.67 22.34 -63.70
N ALA C 573 -34.65 23.10 -64.20
CA ALA C 573 -35.73 23.66 -63.39
C ALA C 573 -36.47 22.51 -62.71
N GLY C 574 -35.94 22.05 -61.59
CA GLY C 574 -36.51 20.93 -60.85
C GLY C 574 -35.39 20.21 -60.12
N SER C 575 -35.71 19.75 -58.91
CA SER C 575 -34.75 19.09 -58.03
C SER C 575 -34.96 17.55 -58.10
N PRO C 576 -34.99 16.79 -56.97
CA PRO C 576 -34.79 17.06 -55.53
C PRO C 576 -33.42 17.66 -55.26
N SER C 577 -33.29 18.32 -54.12
CA SER C 577 -32.04 18.95 -53.79
C SER C 577 -31.00 17.84 -53.55
N ALA C 578 -29.76 18.12 -53.96
CA ALA C 578 -28.66 17.16 -53.87
C ALA C 578 -27.70 17.39 -52.70
N VAL C 579 -28.20 17.21 -51.47
CA VAL C 579 -27.34 17.33 -50.28
C VAL C 579 -26.40 16.13 -50.22
N HIS C 580 -25.17 16.34 -50.70
CA HIS C 580 -24.09 15.33 -50.80
C HIS C 580 -23.66 15.33 -52.26
N LEU C 581 -22.37 15.12 -52.50
CA LEU C 581 -21.79 15.26 -53.85
C LEU C 581 -22.15 14.16 -54.88
N ASP C 582 -22.34 12.93 -54.45
CA ASP C 582 -22.70 11.86 -55.39
C ASP C 582 -24.10 12.06 -55.95
N ASP C 583 -24.92 12.85 -55.23
CA ASP C 583 -26.31 13.10 -55.60
C ASP C 583 -26.53 13.74 -56.98
N LEU C 584 -25.44 14.09 -57.68
CA LEU C 584 -25.51 14.59 -59.05
C LEU C 584 -24.64 13.74 -60.00
N ALA C 585 -24.40 12.48 -59.61
CA ALA C 585 -23.56 11.53 -60.36
C ALA C 585 -23.76 11.63 -61.87
N GLY C 586 -25.01 11.48 -62.30
CA GLY C 586 -25.40 11.64 -63.70
C GLY C 586 -26.48 12.70 -63.84
N PHE C 587 -26.69 13.49 -62.78
CA PHE C 587 -27.70 14.55 -62.74
C PHE C 587 -27.29 15.63 -63.72
N PHE C 588 -26.17 15.36 -64.37
CA PHE C 588 -25.63 16.15 -65.45
C PHE C 588 -24.67 15.16 -66.09
N VAL C 589 -24.32 15.38 -67.36
CA VAL C 589 -23.38 14.50 -68.11
C VAL C 589 -23.69 12.97 -68.09
N GLU C 590 -23.82 12.38 -69.28
CA GLU C 590 -24.00 10.92 -69.40
C GLU C 590 -23.01 10.22 -68.46
N SER C 591 -21.72 10.54 -68.66
CA SER C 591 -20.61 9.97 -67.91
C SER C 591 -20.85 9.83 -66.41
N ASN C 592 -20.82 8.61 -65.92
CA ASN C 592 -20.83 8.37 -64.49
C ASN C 592 -19.47 7.89 -64.05
N ASP C 593 -18.52 7.90 -64.98
CA ASP C 593 -17.14 7.61 -64.64
C ASP C 593 -16.59 8.94 -64.04
N PHE C 594 -17.48 9.94 -63.97
CA PHE C 594 -17.22 11.19 -63.27
C PHE C 594 -17.38 10.87 -61.79
N LEU C 595 -18.35 10.01 -61.48
CA LEU C 595 -18.59 9.60 -60.10
C LEU C 595 -17.44 8.75 -59.57
N ARG C 596 -16.57 8.22 -60.44
CA ARG C 596 -15.35 7.53 -59.95
C ARG C 596 -14.27 8.57 -59.58
N ASN C 597 -14.30 9.76 -60.19
CA ASN C 597 -13.39 10.86 -59.80
C ASN C 597 -13.85 11.50 -58.52
N VAL C 598 -15.15 11.40 -58.26
CA VAL C 598 -15.72 11.82 -57.00
C VAL C 598 -15.23 10.81 -55.94
N ALA C 599 -15.01 9.57 -56.37
CA ALA C 599 -14.45 8.52 -55.49
C ALA C 599 -12.94 8.76 -55.36
N GLU C 600 -12.25 8.99 -56.48
CA GLU C 600 -10.82 9.31 -56.45
C GLU C 600 -10.53 10.62 -55.71
N LEU C 601 -11.59 11.35 -55.33
CA LEU C 601 -11.43 12.61 -54.63
C LEU C 601 -11.62 12.40 -53.13
N ILE C 602 -12.78 11.91 -52.70
CA ILE C 602 -13.02 11.71 -51.26
C ILE C 602 -12.05 10.65 -50.69
N ASP C 603 -12.00 9.49 -51.35
CA ASP C 603 -11.11 8.39 -50.96
C ASP C 603 -9.71 8.83 -51.32
N HIS C 604 -8.73 8.56 -50.46
CA HIS C 604 -7.33 8.92 -50.74
C HIS C 604 -7.25 9.94 -51.86
N GLY C 605 -7.65 11.16 -51.53
CA GLY C 605 -7.84 12.22 -52.52
C GLY C 605 -6.73 12.83 -53.35
N ARG C 606 -7.13 13.28 -54.54
CA ARG C 606 -6.32 14.04 -55.49
C ARG C 606 -7.31 14.41 -56.61
N GLY C 607 -7.18 15.62 -57.16
CA GLY C 607 -8.12 16.15 -58.16
C GLY C 607 -7.94 15.87 -59.64
N TRP C 608 -8.67 16.66 -60.44
CA TRP C 608 -8.64 16.54 -61.89
C TRP C 608 -9.24 17.78 -62.53
N ARG C 609 -9.00 17.96 -63.83
CA ARG C 609 -9.54 19.10 -64.59
C ARG C 609 -10.13 18.65 -65.96
N GLY C 610 -11.10 17.75 -65.92
CA GLY C 610 -11.68 17.20 -67.16
C GLY C 610 -12.92 17.88 -67.69
N GLU C 611 -13.33 17.45 -68.88
CA GLU C 611 -14.57 17.93 -69.48
C GLU C 611 -15.72 17.22 -68.80
N VAL C 612 -16.91 17.76 -68.97
CA VAL C 612 -18.14 17.15 -68.46
C VAL C 612 -19.31 17.88 -69.14
N LEU C 613 -20.29 17.14 -69.63
CA LEU C 613 -21.39 17.73 -70.40
C LEU C 613 -22.77 17.69 -69.73
N LEU C 614 -23.26 18.83 -69.28
CA LEU C 614 -24.58 18.92 -68.63
C LEU C 614 -25.65 18.33 -69.56
N ARG C 615 -26.68 17.73 -68.97
CA ARG C 615 -27.70 17.02 -69.76
C ARG C 615 -28.92 17.82 -70.25
N GLY C 616 -30.08 17.63 -69.61
CA GLY C 616 -31.35 18.25 -70.05
C GLY C 616 -31.96 17.51 -71.23
N ALA C 617 -31.97 18.17 -72.39
CA ALA C 617 -32.48 17.60 -73.64
C ALA C 617 -31.82 18.37 -74.79
N GLY C 618 -32.51 18.54 -75.91
CA GLY C 618 -31.99 19.32 -77.06
C GLY C 618 -30.48 19.39 -77.27
N ASN C 619 -29.95 18.41 -77.99
CA ASN C 619 -28.51 18.28 -78.32
C ASN C 619 -27.51 18.53 -77.17
N ARG C 620 -27.93 18.24 -75.93
CA ARG C 620 -27.12 18.41 -74.68
C ARG C 620 -25.76 19.09 -74.84
N PRO C 621 -25.75 20.31 -75.42
CA PRO C 621 -24.50 20.97 -75.79
C PRO C 621 -23.92 21.91 -74.71
N LEU C 622 -23.19 21.34 -73.73
CA LEU C 622 -22.54 22.14 -72.68
C LEU C 622 -21.25 21.49 -72.15
N PRO C 623 -20.13 21.57 -72.92
CA PRO C 623 -18.82 21.09 -72.46
C PRO C 623 -18.14 22.04 -71.45
N LEU C 624 -17.94 21.51 -70.24
CA LEU C 624 -17.41 22.25 -69.10
C LEU C 624 -16.06 21.69 -68.64
N ALA C 625 -15.03 22.54 -68.63
CA ALA C 625 -13.66 22.16 -68.25
C ALA C 625 -13.47 22.11 -66.74
N VAL C 626 -14.35 21.36 -66.06
CA VAL C 626 -14.42 21.33 -64.58
C VAL C 626 -13.18 20.91 -63.77
N ARG C 627 -12.79 21.82 -62.87
CA ARG C 627 -11.63 21.74 -62.00
C ARG C 627 -12.09 21.53 -60.56
N ALA C 628 -11.46 20.60 -59.86
CA ALA C 628 -11.80 20.25 -58.47
C ALA C 628 -10.54 19.89 -57.70
N ASP C 629 -10.24 20.64 -56.65
CA ASP C 629 -9.04 20.43 -55.84
C ASP C 629 -9.46 20.11 -54.40
N PRO C 630 -8.54 19.56 -53.57
CA PRO C 630 -8.76 19.31 -52.15
C PRO C 630 -8.18 20.41 -51.25
N VAL C 631 -8.76 20.64 -50.08
CA VAL C 631 -8.21 21.62 -49.13
C VAL C 631 -7.64 20.79 -47.97
N THR C 632 -6.33 20.87 -47.80
CA THR C 632 -5.60 20.03 -46.84
C THR C 632 -5.46 20.56 -45.40
N ARG C 633 -5.53 19.63 -44.44
CA ARG C 633 -5.32 19.91 -42.99
C ARG C 633 -3.81 20.00 -42.69
N THR C 634 -3.13 18.85 -42.76
CA THR C 634 -1.67 18.75 -42.62
C THR C 634 -1.17 17.74 -43.68
N GLU C 635 -1.51 16.44 -43.50
CA GLU C 635 -1.20 15.41 -44.52
C GLU C 635 -2.03 14.11 -44.40
N ASP C 636 -2.72 13.92 -43.27
CA ASP C 636 -3.59 12.74 -43.02
C ASP C 636 -4.86 12.81 -43.85
N GLN C 637 -5.59 13.92 -43.66
CA GLN C 637 -6.87 14.14 -44.30
C GLN C 637 -6.98 15.52 -44.94
N SER C 638 -8.09 15.69 -45.66
CA SER C 638 -8.44 16.93 -46.34
C SER C 638 -9.58 17.62 -45.61
N LEU C 639 -9.48 18.93 -45.40
CA LEU C 639 -10.56 19.69 -44.74
C LEU C 639 -11.92 19.61 -45.49
N GLY C 640 -11.87 19.82 -46.80
CA GLY C 640 -13.07 19.78 -47.65
C GLY C 640 -12.71 19.89 -49.12
N PHE C 641 -13.71 20.18 -49.96
CA PHE C 641 -13.49 20.28 -51.41
C PHE C 641 -14.15 21.47 -52.11
N VAL C 642 -13.38 22.07 -53.02
CA VAL C 642 -13.81 23.20 -53.84
C VAL C 642 -13.88 22.76 -55.29
N LEU C 643 -15.08 22.75 -55.85
CA LEU C 643 -15.29 22.36 -57.22
C LEU C 643 -15.57 23.61 -58.03
N ILE C 644 -14.50 24.17 -58.60
CA ILE C 644 -14.57 25.40 -59.42
C ILE C 644 -15.07 24.91 -60.77
N PHE C 645 -16.33 25.21 -61.04
CA PHE C 645 -17.00 24.58 -62.15
C PHE C 645 -16.88 25.32 -63.48
N SER C 646 -15.68 25.23 -64.04
CA SER C 646 -15.33 25.81 -65.34
C SER C 646 -16.05 27.16 -65.61
N ASP C 647 -16.31 27.47 -66.89
CA ASP C 647 -16.90 28.77 -67.29
C ASP C 647 -18.29 28.63 -67.93
N ALA C 648 -18.86 29.76 -68.35
CA ALA C 648 -20.13 29.79 -69.11
C ALA C 648 -19.96 28.93 -70.39
N THR C 649 -18.71 28.94 -70.89
CA THR C 649 -18.23 28.16 -72.02
C THR C 649 -17.22 27.13 -71.36
N ASP C 650 -16.57 26.13 -71.99
CA ASP C 650 -16.53 25.72 -73.41
C ASP C 650 -15.08 26.01 -73.84
N ARG C 651 -14.73 27.30 -73.82
CA ARG C 651 -13.42 27.81 -74.28
C ARG C 651 -12.13 27.15 -73.75
N ARG C 652 -11.02 27.52 -74.41
CA ARG C 652 -9.67 27.05 -74.11
C ARG C 652 -8.69 28.23 -74.39
N THR C 653 -7.43 28.18 -73.94
CA THR C 653 -6.82 27.09 -73.15
C THR C 653 -6.11 27.65 -71.91
N GLY D 28 31.73 -96.72 3.07
CA GLY D 28 31.50 -95.58 4.01
C GLY D 28 30.10 -95.01 3.89
N SER D 29 29.65 -94.83 2.64
CA SER D 29 28.30 -94.31 2.36
C SER D 29 27.54 -95.43 1.66
N PRO D 30 26.39 -95.86 2.22
CA PRO D 30 25.69 -97.01 1.67
C PRO D 30 25.51 -96.99 0.15
N ALA D 31 25.72 -98.15 -0.49
CA ALA D 31 25.50 -98.29 -1.94
C ALA D 31 24.02 -98.00 -2.19
N PHE D 32 23.58 -97.86 -3.44
CA PHE D 32 22.19 -97.39 -3.66
C PHE D 32 21.05 -98.18 -3.00
N GLY D 33 20.72 -99.38 -3.47
CA GLY D 33 19.56 -100.08 -2.85
C GLY D 33 19.94 -101.00 -1.72
N THR D 34 20.94 -100.58 -0.97
CA THR D 34 21.63 -101.43 0.01
C THR D 34 21.71 -100.94 1.47
N ALA D 35 20.77 -100.12 1.92
CA ALA D 35 20.88 -99.57 3.27
C ALA D 35 19.65 -99.77 4.18
N ASP D 36 19.91 -100.09 5.45
CA ASP D 36 18.87 -100.20 6.50
C ASP D 36 18.80 -98.84 7.20
N LEU D 37 17.97 -98.72 8.21
CA LEU D 37 17.81 -97.44 8.91
C LEU D 37 19.03 -96.84 9.67
N SER D 38 20.02 -97.66 9.99
CA SER D 38 21.18 -97.14 10.71
C SER D 38 22.00 -96.18 9.84
N ASN D 39 21.58 -95.99 8.60
CA ASN D 39 22.40 -95.26 7.66
C ASN D 39 21.68 -94.80 6.40
N CYS D 40 20.35 -94.86 6.42
CA CYS D 40 19.59 -94.56 5.24
C CYS D 40 19.66 -93.09 4.89
N GLU D 41 19.99 -92.24 5.85
CA GLU D 41 20.17 -90.81 5.57
C GLU D 41 21.20 -90.55 4.46
N ARG D 42 22.32 -91.28 4.51
CA ARG D 42 23.44 -91.09 3.57
C ARG D 42 23.32 -91.85 2.23
N GLU D 43 22.23 -92.60 2.05
CA GLU D 43 22.01 -93.38 0.82
C GLU D 43 22.42 -92.61 -0.45
N GLU D 44 23.16 -93.26 -1.35
CA GLU D 44 23.55 -92.66 -2.60
C GLU D 44 22.34 -92.71 -3.55
N ILE D 45 21.23 -92.06 -3.20
CA ILE D 45 20.01 -92.15 -4.04
C ILE D 45 20.17 -91.55 -5.43
N HIS D 46 21.26 -90.82 -5.62
CA HIS D 46 21.55 -90.17 -6.89
C HIS D 46 22.27 -91.09 -7.84
N LEU D 47 22.96 -92.11 -7.28
CA LEU D 47 23.77 -93.05 -8.07
C LEU D 47 23.14 -94.45 -8.24
N ALA D 48 21.81 -94.55 -8.21
CA ALA D 48 21.12 -95.83 -8.44
C ALA D 48 21.45 -96.09 -9.89
N GLY D 49 22.05 -97.22 -10.18
CA GLY D 49 22.41 -97.45 -11.55
C GLY D 49 21.25 -98.03 -12.29
N SER D 50 20.06 -97.47 -12.15
CA SER D 50 18.91 -98.03 -12.87
C SER D 50 17.78 -97.03 -13.03
N ILE D 51 16.77 -97.42 -13.81
CA ILE D 51 15.60 -96.55 -14.05
C ILE D 51 14.31 -97.29 -13.87
N GLN D 52 13.21 -96.56 -13.94
CA GLN D 52 11.87 -97.15 -13.92
C GLN D 52 11.51 -97.53 -15.39
N PRO D 53 10.63 -98.55 -15.59
CA PRO D 53 10.34 -99.02 -16.94
C PRO D 53 9.27 -98.29 -17.81
N HIS D 54 8.92 -97.05 -17.49
CA HIS D 54 7.99 -96.30 -18.39
C HIS D 54 8.72 -95.39 -19.37
N GLY D 55 10.05 -95.51 -19.38
CA GLY D 55 10.86 -94.73 -20.30
C GLY D 55 12.16 -95.45 -20.52
N ALA D 56 12.91 -95.00 -21.53
CA ALA D 56 14.26 -95.52 -21.82
C ALA D 56 15.25 -94.42 -21.53
N LEU D 57 16.52 -94.79 -21.41
CA LEU D 57 17.59 -93.83 -21.07
C LEU D 57 18.77 -94.09 -21.96
N LEU D 58 19.29 -93.01 -22.51
CA LEU D 58 20.44 -93.07 -23.38
C LEU D 58 21.48 -92.10 -22.86
N VAL D 59 22.73 -92.54 -22.78
CA VAL D 59 23.81 -91.64 -22.43
C VAL D 59 24.67 -91.64 -23.68
N VAL D 60 24.82 -90.44 -24.24
CA VAL D 60 25.45 -90.22 -25.53
C VAL D 60 26.70 -89.37 -25.37
N SER D 61 27.80 -89.76 -26.01
CA SER D 61 29.09 -89.07 -25.86
C SER D 61 29.27 -87.70 -26.56
N GLU D 62 30.08 -86.83 -25.94
CA GLU D 62 30.43 -85.50 -26.46
C GLU D 62 31.36 -85.60 -27.72
N PRO D 63 31.22 -84.68 -28.69
CA PRO D 63 31.49 -84.71 -30.09
C PRO D 63 30.99 -86.00 -30.75
N ASP D 64 31.58 -87.15 -30.43
CA ASP D 64 31.14 -88.43 -30.99
C ASP D 64 29.62 -88.59 -31.20
N HIS D 65 28.81 -88.14 -30.23
CA HIS D 65 27.35 -88.32 -30.31
C HIS D 65 27.07 -89.75 -30.64
N ARG D 66 27.60 -90.61 -29.77
CA ARG D 66 27.63 -92.04 -29.96
C ARG D 66 27.12 -92.69 -28.67
N ILE D 67 26.05 -93.47 -28.74
CA ILE D 67 25.47 -94.07 -27.52
C ILE D 67 26.53 -94.92 -26.86
N ILE D 68 27.03 -94.46 -25.72
CA ILE D 68 28.09 -95.15 -24.98
C ILE D 68 27.57 -95.97 -23.81
N GLN D 69 26.32 -95.74 -23.43
CA GLN D 69 25.71 -96.40 -22.28
C GLN D 69 24.20 -96.24 -22.37
N ALA D 70 23.46 -97.33 -22.18
CA ALA D 70 22.01 -97.27 -22.34
C ALA D 70 21.24 -98.16 -21.38
N SER D 71 20.02 -97.75 -21.01
CA SER D 71 19.14 -98.59 -20.18
C SER D 71 18.88 -99.84 -20.96
N ALA D 72 18.69 -100.96 -20.25
CA ALA D 72 18.51 -102.27 -20.89
C ALA D 72 17.17 -102.45 -21.65
N ASN D 73 16.14 -101.68 -21.26
CA ASN D 73 14.88 -101.79 -21.98
C ASN D 73 14.88 -101.00 -23.27
N ALA D 74 15.93 -100.25 -23.56
CA ALA D 74 16.01 -99.39 -24.74
C ALA D 74 15.51 -100.05 -26.02
N ALA D 75 16.17 -101.10 -26.51
CA ALA D 75 15.71 -101.77 -27.76
C ALA D 75 14.18 -102.07 -27.77
N GLU D 76 13.77 -102.94 -26.85
CA GLU D 76 12.40 -103.38 -26.75
C GLU D 76 11.48 -102.16 -26.72
N PHE D 77 11.81 -101.21 -25.84
CA PHE D 77 11.01 -100.00 -25.63
C PHE D 77 10.94 -99.10 -26.83
N LEU D 78 12.06 -98.82 -27.43
CA LEU D 78 12.10 -97.91 -28.57
C LEU D 78 11.90 -98.62 -29.94
N ASN D 79 11.71 -99.94 -29.93
CA ASN D 79 11.50 -100.74 -31.17
C ASN D 79 12.67 -100.62 -32.10
N LEU D 80 13.85 -100.71 -31.52
CA LEU D 80 15.09 -100.66 -32.31
C LEU D 80 15.78 -101.98 -32.17
N GLY D 81 16.93 -102.09 -32.85
CA GLY D 81 17.85 -103.22 -32.69
C GLY D 81 19.00 -102.56 -31.98
N SER D 82 20.21 -102.90 -32.37
CA SER D 82 21.44 -102.33 -31.85
C SER D 82 21.39 -100.90 -31.33
N VAL D 83 21.76 -100.71 -30.08
CA VAL D 83 21.74 -99.43 -29.49
C VAL D 83 23.09 -99.11 -28.85
N LEU D 84 23.54 -99.96 -27.93
CA LEU D 84 24.78 -99.67 -27.25
C LEU D 84 25.91 -99.62 -28.30
N GLY D 85 26.49 -98.43 -28.45
CA GLY D 85 27.57 -98.20 -29.37
C GLY D 85 27.16 -97.76 -30.76
N VAL D 86 26.02 -97.10 -30.86
CA VAL D 86 25.60 -96.64 -32.17
C VAL D 86 25.34 -95.14 -32.18
N PRO D 87 25.94 -94.41 -33.11
CA PRO D 87 25.67 -92.98 -33.11
C PRO D 87 24.21 -92.64 -33.45
N LEU D 88 23.63 -91.67 -32.72
CA LEU D 88 22.27 -91.21 -32.95
C LEU D 88 22.04 -90.85 -34.39
N ALA D 89 23.12 -90.58 -35.12
CA ALA D 89 23.06 -90.32 -36.56
C ALA D 89 22.29 -91.44 -37.23
N GLU D 90 22.49 -92.66 -36.75
CA GLU D 90 21.78 -93.84 -37.25
C GLU D 90 20.41 -93.83 -36.51
N ILE D 91 20.15 -94.79 -35.63
CA ILE D 91 18.88 -94.84 -34.89
C ILE D 91 17.73 -94.26 -35.69
N ASP D 92 17.13 -95.08 -36.55
CA ASP D 92 16.12 -94.58 -37.45
C ASP D 92 15.32 -93.59 -36.68
N GLY D 93 15.00 -92.49 -37.33
CA GLY D 93 14.15 -91.54 -36.70
C GLY D 93 14.57 -90.13 -36.92
N ASP D 94 14.62 -89.43 -35.81
CA ASP D 94 14.78 -88.02 -35.79
C ASP D 94 14.89 -87.75 -34.31
N LEU D 95 16.12 -87.80 -33.82
CA LEU D 95 16.41 -87.50 -32.44
C LEU D 95 17.55 -86.52 -32.55
N LEU D 96 18.68 -86.97 -33.05
CA LEU D 96 19.84 -86.10 -33.20
C LEU D 96 19.52 -84.71 -33.78
N ILE D 97 18.73 -84.67 -34.85
CA ILE D 97 18.37 -83.41 -35.52
C ILE D 97 17.42 -82.60 -34.60
N LYS D 98 16.61 -83.29 -33.81
CA LYS D 98 15.65 -82.62 -32.94
C LYS D 98 16.30 -82.17 -31.61
N ILE D 99 17.51 -82.66 -31.33
CA ILE D 99 18.20 -82.23 -30.12
C ILE D 99 19.39 -81.28 -30.45
N LEU D 100 19.89 -81.38 -31.67
CA LEU D 100 21.11 -80.64 -32.08
C LEU D 100 21.09 -79.13 -31.91
N PRO D 101 19.92 -78.47 -32.07
CA PRO D 101 19.88 -77.02 -31.83
C PRO D 101 20.27 -76.66 -30.40
N HIS D 102 19.88 -77.51 -29.45
CA HIS D 102 20.15 -77.26 -28.03
C HIS D 102 21.61 -77.52 -27.62
N LEU D 103 22.42 -78.11 -28.49
CA LEU D 103 23.86 -78.29 -28.22
C LEU D 103 24.57 -77.25 -29.06
N ASP D 104 24.58 -76.00 -28.59
CA ASP D 104 25.08 -74.91 -29.41
C ASP D 104 25.39 -73.67 -28.56
N PRO D 105 26.41 -72.88 -28.94
CA PRO D 105 26.64 -71.60 -28.26
C PRO D 105 25.36 -70.77 -28.05
N THR D 106 24.53 -70.67 -29.10
CA THR D 106 23.25 -69.91 -29.12
C THR D 106 22.33 -70.06 -27.91
N ALA D 107 21.88 -71.29 -27.69
CA ALA D 107 20.97 -71.59 -26.60
C ALA D 107 21.63 -71.42 -25.24
N GLU D 108 20.79 -71.33 -24.23
CA GLU D 108 21.21 -71.14 -22.83
C GLU D 108 21.55 -72.47 -22.09
N GLY D 109 21.88 -73.52 -22.83
CA GLY D 109 22.21 -74.83 -22.25
C GLY D 109 21.03 -75.80 -22.25
N MSE D 110 20.70 -76.31 -21.04
CA MSE D 110 19.58 -77.26 -20.82
C MSE D 110 19.47 -77.33 -19.31
O MSE D 110 20.20 -76.62 -18.63
CB MSE D 110 19.88 -78.59 -21.52
CG MSE D 110 21.31 -79.09 -21.33
SE MSE D 110 21.74 -80.51 -22.62
CE MSE D 110 21.89 -79.37 -24.20
N PRO D 111 18.59 -78.15 -18.73
CA PRO D 111 17.61 -79.11 -19.21
C PRO D 111 16.62 -78.55 -20.22
N VAL D 112 16.29 -79.40 -21.19
CA VAL D 112 15.39 -79.07 -22.27
C VAL D 112 14.59 -80.31 -22.61
N ALA D 113 13.35 -80.11 -23.06
CA ALA D 113 12.49 -81.20 -23.53
C ALA D 113 12.30 -81.04 -25.02
N VAL D 114 12.33 -82.17 -25.71
CA VAL D 114 12.11 -82.21 -27.16
C VAL D 114 10.92 -83.12 -27.45
N ARG D 115 10.44 -83.06 -28.67
CA ARG D 115 9.41 -83.97 -29.11
C ARG D 115 10.04 -84.60 -30.33
N CYS D 116 10.12 -85.93 -30.34
CA CYS D 116 10.80 -86.62 -31.42
C CYS D 116 10.20 -87.96 -31.79
N ARG D 117 10.56 -88.40 -32.99
CA ARG D 117 10.07 -89.65 -33.60
C ARG D 117 11.20 -90.72 -33.60
N ILE D 118 10.89 -92.00 -33.34
CA ILE D 118 11.92 -93.08 -33.37
C ILE D 118 11.40 -94.46 -33.86
N GLY D 119 11.96 -95.03 -34.95
CA GLY D 119 11.56 -96.39 -35.41
C GLY D 119 11.62 -96.78 -36.89
N ASN D 120 11.43 -98.09 -37.21
CA ASN D 120 11.39 -98.68 -38.63
C ASN D 120 10.29 -97.94 -39.38
N PRO D 121 9.07 -97.93 -38.78
CA PRO D 121 7.94 -97.00 -38.94
C PRO D 121 8.04 -96.17 -37.64
N SER D 122 7.58 -94.94 -37.61
CA SER D 122 7.92 -94.06 -36.47
C SER D 122 6.87 -93.74 -35.38
N THR D 123 7.36 -93.59 -34.13
CA THR D 123 6.58 -93.28 -32.91
C THR D 123 7.12 -92.05 -32.18
N GLU D 124 6.22 -91.18 -31.75
CA GLU D 124 6.63 -89.97 -31.02
C GLU D 124 6.95 -90.24 -29.57
N TYR D 125 7.87 -89.43 -29.07
CA TYR D 125 8.35 -89.52 -27.70
C TYR D 125 8.67 -88.13 -27.18
N ASP D 126 8.61 -87.96 -25.86
CA ASP D 126 8.99 -86.72 -25.24
C ASP D 126 10.33 -86.99 -24.66
N GLY D 127 11.34 -86.31 -25.19
CA GLY D 127 12.69 -86.47 -24.72
C GLY D 127 13.11 -85.44 -23.69
N LEU D 128 13.88 -85.88 -22.73
CA LEU D 128 14.37 -84.97 -21.74
C LEU D 128 15.83 -85.24 -21.70
N MSE D 129 16.61 -84.20 -21.98
CA MSE D 129 18.06 -84.25 -22.00
C MSE D 129 18.59 -83.12 -21.16
O MSE D 129 18.00 -82.02 -21.10
CB MSE D 129 18.51 -84.02 -23.43
CG MSE D 129 20.02 -84.07 -23.61
SE MSE D 129 20.35 -83.60 -25.49
CE MSE D 129 19.74 -81.72 -25.38
N HIS D 130 19.70 -83.41 -20.52
CA HIS D 130 20.38 -82.52 -19.61
C HIS D 130 21.72 -83.12 -19.51
N ARG D 131 22.71 -82.33 -19.12
CA ARG D 131 24.05 -82.80 -18.98
C ARG D 131 24.42 -82.89 -17.52
N PRO D 132 24.91 -84.05 -17.06
CA PRO D 132 25.44 -84.12 -15.70
C PRO D 132 26.92 -83.66 -15.76
N PRO D 133 27.54 -83.31 -14.60
CA PRO D 133 28.93 -82.90 -14.53
C PRO D 133 29.71 -84.11 -14.97
N GLU D 134 30.39 -84.03 -16.10
CA GLU D 134 30.98 -85.23 -16.70
C GLU D 134 29.94 -86.39 -16.84
N GLY D 135 30.17 -87.23 -17.84
CA GLY D 135 29.30 -88.36 -18.17
C GLY D 135 28.83 -88.34 -19.63
N GLY D 136 28.46 -87.16 -20.12
CA GLY D 136 27.95 -87.00 -21.50
C GLY D 136 26.52 -86.48 -21.45
N LEU D 137 25.79 -86.57 -22.55
CA LEU D 137 24.38 -86.17 -22.50
C LEU D 137 23.57 -87.38 -22.03
N ILE D 138 22.66 -87.14 -21.10
CA ILE D 138 21.70 -88.14 -20.71
C ILE D 138 20.43 -87.77 -21.43
N ILE D 139 19.88 -88.69 -22.24
CA ILE D 139 18.60 -88.46 -22.90
C ILE D 139 17.61 -89.48 -22.41
N GLU D 140 16.49 -89.02 -21.87
CA GLU D 140 15.45 -89.92 -21.38
C GLU D 140 14.24 -89.77 -22.28
N LEU D 141 13.61 -90.90 -22.59
CA LEU D 141 12.47 -90.95 -23.52
C LEU D 141 11.28 -91.64 -22.89
N GLU D 142 10.11 -91.00 -22.99
CA GLU D 142 8.87 -91.60 -22.52
C GLU D 142 7.92 -91.57 -23.73
N ARG D 143 6.89 -92.43 -23.74
CA ARG D 143 5.92 -92.45 -24.84
C ARG D 143 4.95 -91.28 -24.73
N ALA D 144 4.77 -90.58 -25.85
CA ALA D 144 3.95 -89.36 -25.91
C ALA D 144 2.52 -89.60 -25.64
N GLY D 145 1.85 -88.58 -25.12
CA GLY D 145 0.43 -88.69 -24.85
C GLY D 145 -0.46 -87.90 -25.79
N PRO D 146 -1.78 -88.08 -25.66
CA PRO D 146 -2.76 -87.34 -26.47
C PRO D 146 -2.70 -85.85 -26.16
N PRO D 147 -3.25 -85.01 -27.06
CA PRO D 147 -3.25 -83.55 -26.93
C PRO D 147 -3.79 -83.05 -25.59
N ILE D 148 -4.07 -81.77 -25.45
CA ILE D 148 -4.49 -81.25 -24.14
C ILE D 148 -5.79 -80.41 -24.06
N ASP D 149 -5.86 -79.31 -24.81
CA ASP D 149 -6.98 -78.37 -24.68
C ASP D 149 -7.24 -78.12 -23.18
N LEU D 150 -8.49 -78.31 -22.73
CA LEU D 150 -8.97 -78.06 -21.33
C LEU D 150 -10.12 -77.01 -21.28
N SER D 151 -9.93 -75.76 -21.74
CA SER D 151 -8.66 -75.19 -22.26
C SER D 151 -8.06 -74.22 -21.24
N GLY D 152 -8.88 -73.26 -20.80
CA GLY D 152 -8.48 -72.32 -19.75
C GLY D 152 -7.91 -73.17 -18.62
N THR D 153 -8.77 -73.57 -17.68
CA THR D 153 -8.35 -74.43 -16.54
C THR D 153 -7.11 -73.87 -15.82
N LEU D 154 -6.06 -73.61 -16.61
CA LEU D 154 -4.85 -72.96 -16.15
C LEU D 154 -5.18 -71.50 -15.75
N ALA D 155 -5.71 -70.71 -16.66
CA ALA D 155 -6.02 -69.30 -16.37
C ALA D 155 -6.79 -69.08 -15.06
N PRO D 156 -7.97 -69.74 -14.91
CA PRO D 156 -8.81 -69.54 -13.72
C PRO D 156 -8.26 -70.16 -12.43
N ALA D 157 -7.66 -71.34 -12.53
CA ALA D 157 -7.07 -71.99 -11.37
C ALA D 157 -5.96 -71.11 -10.88
N LEU D 158 -5.17 -70.67 -11.85
CA LEU D 158 -4.01 -69.84 -11.61
C LEU D 158 -4.39 -68.50 -10.93
N GLU D 159 -5.54 -67.92 -11.26
CA GLU D 159 -5.88 -66.70 -10.56
C GLU D 159 -6.57 -67.02 -9.24
N ARG D 160 -7.05 -68.25 -9.06
CA ARG D 160 -7.53 -68.60 -7.73
C ARG D 160 -6.29 -68.71 -6.81
N ILE D 161 -5.16 -69.21 -7.32
CA ILE D 161 -3.95 -69.19 -6.51
C ILE D 161 -3.70 -67.74 -6.04
N ARG D 162 -3.76 -66.78 -6.96
CA ARG D 162 -3.42 -65.35 -6.69
C ARG D 162 -4.31 -64.68 -5.60
N THR D 163 -5.62 -64.95 -5.70
CA THR D 163 -6.69 -64.50 -4.78
C THR D 163 -6.77 -65.23 -3.39
N ALA D 164 -6.05 -66.35 -3.26
CA ALA D 164 -6.01 -67.10 -2.03
C ALA D 164 -5.83 -66.11 -0.91
N GLY D 165 -6.90 -65.90 -0.14
CA GLY D 165 -6.86 -64.98 0.99
C GLY D 165 -5.83 -65.23 2.10
N SER D 166 -5.50 -66.51 2.32
CA SER D 166 -4.59 -66.90 3.41
C SER D 166 -3.88 -68.23 3.18
N LEU D 167 -2.70 -68.39 3.78
CA LEU D 167 -1.93 -69.63 3.63
C LEU D 167 -2.84 -70.90 3.69
N ARG D 168 -3.80 -70.93 4.60
CA ARG D 168 -4.70 -72.07 4.67
C ARG D 168 -5.64 -72.08 3.44
N ALA D 169 -6.33 -70.98 3.18
CA ALA D 169 -7.19 -70.88 2.01
C ALA D 169 -6.44 -71.30 0.72
N LEU D 170 -5.17 -70.92 0.63
CA LEU D 170 -4.34 -71.26 -0.50
C LEU D 170 -4.23 -72.76 -0.62
N CYS D 171 -3.45 -73.35 0.31
CA CYS D 171 -3.15 -74.79 0.37
C CYS D 171 -4.36 -75.68 0.22
N ASP D 172 -5.41 -75.38 0.99
CA ASP D 172 -6.69 -76.11 0.84
C ASP D 172 -7.10 -76.13 -0.63
N ASP D 173 -6.98 -74.97 -1.28
CA ASP D 173 -7.33 -74.87 -2.70
C ASP D 173 -6.30 -75.49 -3.61
N THR D 174 -5.01 -75.47 -3.24
CA THR D 174 -4.03 -76.11 -4.11
C THR D 174 -4.40 -77.59 -4.09
N ALA D 175 -4.61 -78.17 -2.91
CA ALA D 175 -4.94 -79.60 -2.84
C ALA D 175 -6.18 -79.94 -3.62
N LEU D 176 -7.28 -79.21 -3.44
CA LEU D 176 -8.50 -79.54 -4.18
C LEU D 176 -8.23 -79.42 -5.65
N LEU D 177 -7.55 -78.35 -5.99
CA LEU D 177 -7.19 -78.07 -7.37
C LEU D 177 -6.34 -79.15 -8.05
N PHE D 178 -5.34 -79.71 -7.37
CA PHE D 178 -4.50 -80.77 -7.98
C PHE D 178 -5.27 -82.07 -8.02
N GLN D 179 -6.17 -82.21 -7.07
CA GLN D 179 -6.95 -83.42 -7.01
C GLN D 179 -7.73 -83.45 -8.30
N GLN D 180 -8.28 -82.31 -8.66
CA GLN D 180 -9.03 -82.24 -9.89
C GLN D 180 -8.06 -82.44 -11.05
N CYS D 181 -7.08 -81.54 -11.21
CA CYS D 181 -6.19 -81.61 -12.38
C CYS D 181 -5.55 -82.98 -12.64
N THR D 182 -5.06 -83.67 -11.61
CA THR D 182 -4.46 -84.98 -11.80
C THR D 182 -5.34 -85.86 -10.95
N GLY D 183 -6.04 -86.83 -11.52
CA GLY D 183 -7.04 -87.56 -10.75
C GLY D 183 -6.52 -88.45 -9.66
N TYR D 184 -5.52 -88.02 -8.93
CA TYR D 184 -4.93 -88.90 -7.94
C TYR D 184 -5.85 -89.09 -6.75
N ASP D 185 -5.81 -90.30 -6.17
CA ASP D 185 -6.70 -90.70 -5.09
C ASP D 185 -6.63 -89.73 -3.94
N ARG D 186 -5.44 -89.23 -3.66
CA ARG D 186 -5.24 -88.33 -2.53
C ARG D 186 -4.15 -87.33 -2.82
N VAL D 187 -4.28 -86.13 -2.27
CA VAL D 187 -3.18 -85.17 -2.38
C VAL D 187 -3.04 -84.41 -1.09
N MSE D 188 -1.81 -84.17 -0.73
CA MSE D 188 -1.51 -83.51 0.50
C MSE D 188 -0.44 -82.52 0.19
O MSE D 188 0.44 -82.74 -0.68
CB MSE D 188 -0.96 -84.52 1.52
CG MSE D 188 -1.37 -85.98 1.31
SE MSE D 188 -0.81 -87.11 2.83
CE MSE D 188 1.12 -87.39 2.71
N VAL D 189 -0.50 -81.40 0.88
CA VAL D 189 0.56 -80.42 0.75
C VAL D 189 1.21 -80.42 2.11
N TYR D 190 2.52 -80.52 2.15
CA TYR D 190 3.18 -80.48 3.42
C TYR D 190 3.84 -79.14 3.51
N ARG D 191 4.14 -78.74 4.75
CA ARG D 191 4.88 -77.52 5.05
C ARG D 191 6.06 -78.04 5.87
N PHE D 192 7.25 -77.44 5.71
CA PHE D 192 8.43 -77.79 6.51
C PHE D 192 8.70 -76.67 7.49
N ASP D 193 9.09 -77.03 8.70
CA ASP D 193 9.45 -76.00 9.62
C ASP D 193 10.98 -75.78 9.57
N GLU D 194 11.43 -74.83 10.36
CA GLU D 194 12.80 -74.44 10.33
C GLU D 194 13.61 -75.70 10.62
N GLN D 195 12.98 -76.67 11.27
CA GLN D 195 13.67 -77.90 11.66
C GLN D 195 13.85 -78.89 10.52
N GLY D 196 12.95 -78.82 9.55
CA GLY D 196 12.94 -79.75 8.45
C GLY D 196 11.78 -80.71 8.65
N HIS D 197 11.16 -80.71 9.83
CA HIS D 197 10.05 -81.63 10.09
C HIS D 197 8.87 -81.25 9.28
N GLY D 198 8.12 -82.26 8.83
CA GLY D 198 6.97 -82.05 7.99
C GLY D 198 5.65 -82.03 8.73
N GLU D 199 4.64 -81.46 8.08
CA GLU D 199 3.32 -81.35 8.65
C GLU D 199 2.41 -81.50 7.48
N VAL D 200 1.38 -82.32 7.63
CA VAL D 200 0.41 -82.55 6.55
C VAL D 200 -0.53 -81.37 6.65
N PHE D 201 -0.15 -80.30 5.98
CA PHE D 201 -0.86 -79.04 6.08
C PHE D 201 -2.23 -78.96 5.41
N SER D 202 -2.48 -79.75 4.38
CA SER D 202 -3.81 -79.80 3.76
C SER D 202 -3.97 -81.10 3.08
N GLU D 203 -5.21 -81.48 2.79
CA GLU D 203 -5.43 -82.78 2.22
C GLU D 203 -6.80 -83.04 1.63
N ARG D 204 -6.80 -83.64 0.44
CA ARG D 204 -8.03 -84.05 -0.20
C ARG D 204 -7.86 -85.50 -0.53
N HIS D 205 -8.92 -86.29 -0.34
CA HIS D 205 -8.83 -87.68 -0.65
C HIS D 205 -10.16 -88.28 -0.92
N VAL D 206 -10.26 -89.16 -1.91
CA VAL D 206 -11.56 -89.77 -2.24
C VAL D 206 -12.17 -90.51 -1.04
N PRO D 207 -13.48 -90.77 -1.08
CA PRO D 207 -14.02 -91.49 0.08
C PRO D 207 -13.45 -92.89 0.16
N GLY D 208 -13.43 -93.45 1.36
CA GLY D 208 -12.94 -94.82 1.57
C GLY D 208 -11.47 -94.99 1.91
N LEU D 209 -10.80 -93.91 2.32
CA LEU D 209 -9.38 -93.96 2.66
C LEU D 209 -9.10 -93.36 4.01
N GLU D 210 -7.94 -93.65 4.55
CA GLU D 210 -7.54 -93.01 5.79
C GLU D 210 -7.36 -91.55 5.47
N SER D 211 -7.21 -90.77 6.54
CA SER D 211 -6.94 -89.37 6.42
C SER D 211 -5.73 -89.05 7.29
N TYR D 212 -4.67 -88.51 6.69
CA TYR D 212 -3.46 -88.15 7.42
C TYR D 212 -3.40 -86.65 7.70
N PHE D 213 -4.51 -85.95 7.45
CA PHE D 213 -4.60 -84.50 7.66
C PHE D 213 -4.25 -84.25 9.09
N GLY D 214 -3.25 -83.40 9.32
CA GLY D 214 -2.81 -83.10 10.66
C GLY D 214 -1.54 -83.77 11.06
N ASN D 215 -1.25 -84.95 10.51
CA ASN D 215 0.01 -85.62 10.84
C ASN D 215 1.26 -84.76 10.83
N ARG D 216 2.31 -85.25 11.49
CA ARG D 216 3.65 -84.62 11.48
C ARG D 216 4.64 -85.73 11.31
N TYR D 217 5.86 -85.37 10.94
CA TYR D 217 6.90 -86.36 10.76
C TYR D 217 8.31 -85.78 10.82
N PRO D 218 9.23 -86.53 11.42
CA PRO D 218 10.59 -86.10 11.60
C PRO D 218 11.27 -85.71 10.36
N SER D 219 12.06 -84.64 10.47
CA SER D 219 12.95 -84.15 9.41
C SER D 219 13.71 -85.27 8.67
N SER D 220 14.06 -86.33 9.39
CA SER D 220 14.84 -87.40 8.83
C SER D 220 14.02 -88.39 8.02
N ASP D 221 12.70 -88.23 7.98
CA ASP D 221 11.86 -89.09 7.12
C ASP D 221 12.07 -88.76 5.65
N ILE D 222 12.76 -87.66 5.36
CA ILE D 222 13.08 -87.26 3.98
C ILE D 222 14.53 -86.77 4.00
N PRO D 223 15.50 -87.64 3.66
CA PRO D 223 16.92 -87.28 3.78
C PRO D 223 17.30 -86.08 2.95
N GLN D 224 18.34 -85.40 3.40
CA GLN D 224 18.77 -84.18 2.76
C GLN D 224 19.03 -84.41 1.27
N MSE D 225 19.90 -85.37 0.92
CA MSE D 225 20.20 -85.57 -0.47
C MSE D 225 18.93 -85.60 -1.28
O MSE D 225 18.90 -85.10 -2.39
CB MSE D 225 21.07 -86.81 -0.67
CG MSE D 225 21.07 -87.25 -2.12
SE MSE D 225 21.83 -85.88 -3.32
CE MSE D 225 23.60 -86.73 -3.33
N ALA D 226 17.86 -86.20 -0.74
CA ALA D 226 16.60 -86.28 -1.48
C ALA D 226 16.17 -84.89 -1.76
N ARG D 227 15.97 -84.16 -0.67
CA ARG D 227 15.56 -82.76 -0.67
C ARG D 227 16.34 -81.93 -1.70
N ARG D 228 17.66 -82.01 -1.72
CA ARG D 228 18.38 -81.27 -2.75
C ARG D 228 17.79 -81.61 -4.15
N LEU D 229 17.55 -82.89 -4.43
CA LEU D 229 16.92 -83.31 -5.70
C LEU D 229 15.49 -82.74 -5.85
N TYR D 230 14.76 -82.73 -4.76
CA TYR D 230 13.44 -82.13 -4.82
C TYR D 230 13.53 -80.65 -5.22
N GLU D 231 14.61 -79.96 -4.85
CA GLU D 231 14.81 -78.56 -5.24
C GLU D 231 15.16 -78.53 -6.71
N ARG D 232 16.17 -79.32 -7.06
CA ARG D 232 16.74 -79.38 -8.43
C ARG D 232 15.79 -79.77 -9.56
N GLN D 233 15.06 -80.89 -9.46
CA GLN D 233 14.06 -81.23 -10.48
C GLN D 233 12.68 -81.15 -9.78
N ARG D 234 11.76 -80.32 -10.24
CA ARG D 234 10.51 -80.11 -9.46
C ARG D 234 9.31 -81.04 -9.58
N VAL D 235 9.50 -82.22 -10.16
CA VAL D 235 8.42 -83.20 -10.32
C VAL D 235 9.10 -84.54 -10.11
N ARG D 236 8.43 -85.44 -9.40
CA ARG D 236 9.02 -86.74 -9.15
C ARG D 236 7.91 -87.75 -9.22
N VAL D 237 7.99 -88.60 -10.26
CA VAL D 237 6.97 -89.60 -10.58
C VAL D 237 7.37 -91.04 -10.27
N LEU D 238 6.48 -91.75 -9.54
CA LEU D 238 6.58 -93.22 -9.34
C LEU D 238 5.29 -93.75 -9.97
N VAL D 239 5.43 -94.40 -11.10
CA VAL D 239 4.28 -94.91 -11.80
C VAL D 239 3.77 -96.16 -11.07
N ASP D 240 4.66 -97.09 -10.72
CA ASP D 240 4.25 -98.32 -10.05
C ASP D 240 5.21 -98.81 -8.98
N VAL D 241 4.68 -98.89 -7.76
CA VAL D 241 5.42 -99.34 -6.59
C VAL D 241 6.14 -100.66 -6.75
N SER D 242 5.67 -101.55 -7.61
CA SER D 242 6.31 -102.86 -7.80
C SER D 242 7.14 -103.01 -9.06
N TYR D 243 7.39 -101.90 -9.75
CA TYR D 243 8.21 -101.94 -10.96
C TYR D 243 9.49 -102.71 -10.74
N GLN D 244 9.92 -103.46 -11.74
CA GLN D 244 11.18 -104.16 -11.62
C GLN D 244 12.17 -103.17 -12.18
N PRO D 245 13.09 -102.66 -11.37
CA PRO D 245 14.01 -101.66 -11.91
C PRO D 245 14.83 -102.20 -13.06
N VAL D 246 14.73 -101.55 -14.21
CA VAL D 246 15.53 -101.91 -15.36
C VAL D 246 16.89 -101.30 -15.17
N PRO D 247 17.94 -102.15 -15.02
CA PRO D 247 19.29 -101.71 -14.81
C PRO D 247 19.80 -100.92 -15.99
N LEU D 248 20.62 -99.93 -15.68
CA LEU D 248 21.24 -99.08 -16.68
C LEU D 248 22.31 -99.99 -17.21
N GLU D 249 22.62 -100.10 -18.50
CA GLU D 249 23.74 -101.03 -18.81
C GLU D 249 25.11 -100.43 -18.65
N PRO D 250 26.08 -100.75 -19.48
CA PRO D 250 27.54 -100.71 -19.10
C PRO D 250 27.67 -99.89 -17.83
N ARG D 251 27.03 -100.36 -16.75
CA ARG D 251 26.75 -99.61 -15.48
C ARG D 251 27.60 -98.40 -15.14
N LEU D 252 28.87 -98.70 -14.98
CA LEU D 252 29.94 -97.74 -14.85
C LEU D 252 29.94 -96.76 -16.03
N SER D 253 30.48 -95.56 -15.89
CA SER D 253 30.64 -94.75 -17.11
C SER D 253 31.91 -95.20 -17.81
N PRO D 254 31.84 -95.41 -19.13
CA PRO D 254 33.07 -95.72 -19.85
C PRO D 254 34.01 -94.50 -20.01
N LEU D 255 33.51 -93.27 -19.85
CA LEU D 255 34.39 -92.10 -19.91
C LEU D 255 35.09 -92.11 -18.55
N THR D 256 35.76 -93.25 -18.30
CA THR D 256 36.35 -93.65 -16.99
C THR D 256 35.66 -93.03 -15.74
N GLY D 257 34.43 -92.55 -15.89
CA GLY D 257 33.72 -92.12 -14.74
C GLY D 257 33.37 -93.44 -14.06
N ARG D 258 32.28 -93.36 -13.30
CA ARG D 258 31.74 -94.46 -12.52
C ARG D 258 30.32 -94.04 -12.11
N ASP D 259 29.51 -94.96 -11.60
CA ASP D 259 28.11 -94.66 -11.36
C ASP D 259 27.70 -93.27 -11.77
N LEU D 260 27.00 -93.24 -12.90
CA LEU D 260 26.50 -92.07 -13.53
C LEU D 260 25.72 -91.33 -12.53
N ASP D 261 25.89 -90.02 -12.53
CA ASP D 261 25.15 -89.12 -11.66
C ASP D 261 23.78 -88.90 -12.27
N MSE D 262 22.77 -89.49 -11.63
CA MSE D 262 21.39 -89.40 -12.09
C MSE D 262 20.70 -88.26 -11.39
O MSE D 262 19.46 -88.18 -11.40
CB MSE D 262 20.58 -90.72 -11.87
CG MSE D 262 21.45 -91.98 -12.08
SE MSE D 262 20.59 -93.53 -12.96
CE MSE D 262 18.73 -92.86 -13.11
N SER D 263 21.47 -87.35 -10.79
CA SER D 263 20.84 -86.26 -10.03
C SER D 263 19.64 -85.75 -10.78
N GLY D 264 19.78 -85.45 -12.07
CA GLY D 264 18.66 -84.93 -12.87
C GLY D 264 17.95 -85.83 -13.88
N CYS D 265 17.83 -87.14 -13.62
CA CYS D 265 17.11 -88.06 -14.50
C CYS D 265 15.63 -88.30 -14.08
N PHE D 266 14.68 -87.78 -14.84
CA PHE D 266 13.25 -88.00 -14.59
C PHE D 266 12.85 -89.45 -14.32
N LEU D 267 13.51 -90.34 -15.03
CA LEU D 267 13.24 -91.76 -14.94
C LEU D 267 14.11 -92.50 -13.92
N ARG D 268 14.52 -91.83 -12.83
CA ARG D 268 15.37 -92.44 -11.81
C ARG D 268 14.61 -93.42 -10.92
N SER D 269 15.21 -94.58 -10.68
CA SER D 269 14.64 -95.57 -9.75
C SER D 269 14.54 -94.92 -8.38
N MSE D 270 13.69 -95.46 -7.51
CA MSE D 270 13.47 -94.87 -6.17
C MSE D 270 14.11 -95.72 -5.11
O MSE D 270 14.32 -96.92 -5.32
CB MSE D 270 11.97 -94.85 -5.90
CG MSE D 270 11.52 -93.73 -5.02
SE MSE D 270 9.64 -93.27 -5.48
CE MSE D 270 8.83 -94.32 -4.04
N SER D 271 14.46 -95.13 -3.97
CA SER D 271 15.00 -95.90 -2.88
C SER D 271 13.99 -96.92 -2.35
N PRO D 272 14.42 -98.15 -2.06
CA PRO D 272 13.50 -99.13 -1.46
C PRO D 272 12.94 -98.71 -0.10
N ILE D 273 13.70 -97.92 0.64
CA ILE D 273 13.22 -97.52 1.93
C ILE D 273 11.90 -96.86 1.71
N HIS D 274 11.88 -95.94 0.76
CA HIS D 274 10.63 -95.22 0.49
C HIS D 274 9.67 -96.14 -0.19
N LEU D 275 10.19 -96.99 -1.07
CA LEU D 275 9.34 -97.92 -1.75
C LEU D 275 8.62 -98.73 -0.65
N GLN D 276 9.35 -99.33 0.27
CA GLN D 276 8.67 -100.03 1.38
C GLN D 276 7.60 -99.20 2.08
N TYR D 277 7.95 -97.98 2.44
CA TYR D 277 7.03 -97.13 3.16
C TYR D 277 5.71 -97.19 2.40
N LEU D 278 5.83 -96.92 1.10
CA LEU D 278 4.66 -96.77 0.26
C LEU D 278 3.87 -98.04 0.22
N LYS D 279 4.54 -99.18 0.09
CA LYS D 279 3.81 -100.46 0.14
C LYS D 279 3.09 -100.53 1.50
N ASN D 280 3.77 -100.22 2.59
CA ASN D 280 3.10 -100.29 3.89
C ASN D 280 1.87 -99.43 3.98
N MSE D 281 1.78 -98.36 3.20
CA MSE D 281 0.59 -97.50 3.21
C MSE D 281 -0.49 -98.00 2.28
O MSE D 281 -1.66 -97.64 2.43
CB MSE D 281 0.95 -96.10 2.73
CG MSE D 281 1.31 -95.15 3.86
SE MSE D 281 1.93 -93.51 2.99
CE MSE D 281 3.64 -94.28 2.37
N GLY D 282 -0.11 -98.83 1.32
CA GLY D 282 -1.07 -99.33 0.36
C GLY D 282 -1.05 -98.53 -0.92
N VAL D 283 -0.28 -97.46 -0.92
CA VAL D 283 -0.13 -96.60 -2.08
C VAL D 283 0.62 -97.35 -3.16
N ARG D 284 0.21 -97.14 -4.41
CA ARG D 284 0.82 -97.81 -5.58
C ARG D 284 1.56 -96.84 -6.50
N ALA D 285 1.07 -95.60 -6.61
CA ALA D 285 1.67 -94.58 -7.50
C ALA D 285 1.91 -93.23 -6.81
N THR D 286 2.91 -92.50 -7.30
CA THR D 286 3.27 -91.22 -6.73
C THR D 286 3.58 -90.21 -7.80
N LEU D 287 3.27 -88.96 -7.43
CA LEU D 287 3.55 -87.73 -8.18
C LEU D 287 3.76 -86.68 -7.09
N VAL D 288 4.98 -86.19 -6.98
CA VAL D 288 5.30 -85.23 -5.97
C VAL D 288 5.91 -84.01 -6.59
N VAL D 289 5.15 -82.90 -6.64
CA VAL D 289 5.71 -81.64 -7.16
C VAL D 289 6.12 -80.65 -6.06
N SER D 290 7.38 -80.29 -6.03
CA SER D 290 7.91 -79.46 -4.97
C SER D 290 7.58 -78.01 -5.07
N LEU D 291 7.61 -77.40 -3.88
CA LEU D 291 7.35 -75.99 -3.64
C LEU D 291 8.62 -75.40 -3.07
N VAL D 292 9.25 -74.51 -3.83
CA VAL D 292 10.44 -73.79 -3.37
C VAL D 292 10.03 -72.34 -3.27
N VAL D 293 10.39 -71.70 -2.16
CA VAL D 293 9.97 -70.35 -1.84
C VAL D 293 11.17 -69.69 -1.26
N GLY D 294 11.67 -68.68 -1.97
CA GLY D 294 12.87 -68.00 -1.60
C GLY D 294 14.05 -68.94 -1.76
N GLY D 295 14.11 -69.61 -2.90
CA GLY D 295 15.22 -70.52 -3.21
C GLY D 295 15.44 -71.66 -2.25
N LYS D 296 14.55 -71.81 -1.25
CA LYS D 296 14.64 -72.84 -0.19
C LYS D 296 13.42 -73.76 -0.35
N LEU D 297 13.47 -74.99 0.17
CA LEU D 297 12.36 -75.92 -0.04
C LEU D 297 11.25 -75.86 1.05
N TRP D 298 10.18 -75.21 0.68
CA TRP D 298 9.09 -74.96 1.58
C TRP D 298 8.11 -76.09 1.88
N GLY D 299 8.03 -77.09 1.00
CA GLY D 299 7.11 -78.23 1.20
C GLY D 299 6.76 -78.90 -0.11
N LEU D 300 5.99 -79.97 -0.06
CA LEU D 300 5.61 -80.70 -1.26
C LEU D 300 4.09 -80.77 -1.46
N VAL D 301 3.72 -81.14 -2.66
CA VAL D 301 2.36 -81.48 -2.98
C VAL D 301 2.56 -82.93 -3.41
N ALA D 302 2.03 -83.83 -2.61
CA ALA D 302 2.25 -85.25 -2.79
C ALA D 302 0.95 -85.86 -3.24
N CYS D 303 0.93 -86.40 -4.45
CA CYS D 303 -0.26 -87.01 -4.95
C CYS D 303 0.01 -88.51 -4.93
N HIS D 304 -0.90 -89.27 -4.33
CA HIS D 304 -0.74 -90.68 -4.12
C HIS D 304 -1.91 -91.38 -4.67
N HIS D 305 -1.65 -92.49 -5.36
CA HIS D 305 -2.68 -93.32 -5.95
C HIS D 305 -2.55 -94.74 -5.45
N TYR D 306 -3.70 -95.42 -5.37
CA TYR D 306 -3.76 -96.79 -4.89
C TYR D 306 -4.06 -97.73 -6.07
N LEU D 307 -3.36 -97.46 -7.17
CA LEU D 307 -3.39 -98.24 -8.40
C LEU D 307 -2.32 -97.52 -9.23
N PRO D 308 -1.57 -98.22 -10.06
CA PRO D 308 -0.54 -97.46 -10.79
C PRO D 308 -1.12 -96.28 -11.58
N ARG D 309 -0.25 -95.36 -11.99
CA ARG D 309 -0.71 -94.15 -12.63
C ARG D 309 0.44 -93.38 -13.22
N PHE D 310 0.15 -92.60 -14.26
CA PHE D 310 1.18 -91.82 -14.96
C PHE D 310 0.66 -90.56 -15.60
N ILE D 311 1.26 -89.43 -15.27
CA ILE D 311 0.91 -88.16 -15.89
C ILE D 311 1.84 -87.87 -17.07
N HIS D 312 1.22 -87.45 -18.16
N HIS D 312 1.27 -87.49 -18.22
CA HIS D 312 1.87 -87.06 -19.40
CA HIS D 312 2.11 -87.23 -19.39
C HIS D 312 2.73 -85.81 -19.29
C HIS D 312 2.75 -85.88 -19.30
N PHE D 313 3.94 -85.81 -19.89
CA PHE D 313 4.81 -84.60 -19.86
C PHE D 313 4.09 -83.25 -19.94
N GLU D 314 3.13 -83.13 -20.85
CA GLU D 314 2.42 -81.87 -20.99
C GLU D 314 1.71 -81.49 -19.70
N LEU D 315 1.03 -82.45 -19.09
CA LEU D 315 0.30 -82.19 -17.84
C LEU D 315 1.25 -81.95 -16.69
N ARG D 316 2.46 -82.49 -16.78
CA ARG D 316 3.49 -82.19 -15.84
C ARG D 316 3.92 -80.71 -15.93
N ALA D 317 3.99 -80.16 -17.13
CA ALA D 317 4.35 -78.75 -17.35
C ALA D 317 3.42 -77.82 -16.57
N ILE D 318 2.12 -78.10 -16.71
CA ILE D 318 1.11 -77.41 -15.98
C ILE D 318 1.46 -77.50 -14.52
N CYS D 319 1.60 -78.69 -13.95
CA CYS D 319 1.92 -78.76 -12.55
C CYS D 319 3.08 -77.81 -12.11
N GLU D 320 4.20 -77.83 -12.82
CA GLU D 320 5.32 -76.93 -12.44
C GLU D 320 4.86 -75.50 -12.34
N LEU D 321 4.04 -75.07 -13.30
CA LEU D 321 3.49 -73.71 -13.24
C LEU D 321 2.76 -73.49 -11.95
N LEU D 322 1.94 -74.45 -11.55
CA LEU D 322 1.17 -74.23 -10.33
C LEU D 322 2.14 -74.10 -9.18
N ALA D 323 3.12 -74.99 -9.11
CA ALA D 323 4.06 -74.87 -8.04
C ALA D 323 4.75 -73.47 -8.03
N GLU D 324 5.01 -72.85 -9.19
CA GLU D 324 5.65 -71.51 -9.14
C GLU D 324 4.62 -70.44 -8.77
N ALA D 325 3.37 -70.63 -9.21
CA ALA D 325 2.31 -69.69 -8.86
C ALA D 325 2.04 -69.78 -7.35
N ILE D 326 1.70 -71.00 -6.88
CA ILE D 326 1.46 -71.24 -5.46
C ILE D 326 2.58 -70.56 -4.69
N ALA D 327 3.83 -70.95 -4.96
CA ALA D 327 4.98 -70.35 -4.31
C ALA D 327 4.81 -68.84 -4.33
N THR D 328 4.70 -68.24 -5.50
CA THR D 328 4.62 -66.79 -5.53
C THR D 328 3.68 -66.22 -4.46
N ARG D 329 2.45 -66.73 -4.36
CA ARG D 329 1.50 -66.32 -3.31
C ARG D 329 2.09 -66.51 -1.96
N ILE D 330 2.64 -67.70 -1.70
CA ILE D 330 3.34 -67.96 -0.42
C ILE D 330 4.32 -66.80 -0.15
N THR D 331 5.09 -66.34 -1.15
CA THR D 331 6.03 -65.28 -0.84
C THR D 331 5.24 -64.01 -0.53
N ALA D 332 4.19 -63.77 -1.32
CA ALA D 332 3.33 -62.60 -1.14
C ALA D 332 2.84 -62.62 0.32
N LEU D 333 2.03 -63.65 0.65
CA LEU D 333 1.48 -63.83 2.02
C LEU D 333 2.58 -63.60 3.11
N GLU D 334 3.82 -64.04 2.91
CA GLU D 334 4.84 -63.77 3.92
C GLU D 334 4.99 -62.28 3.97
N SER D 335 5.26 -61.72 2.82
CA SER D 335 5.45 -60.30 2.76
C SER D 335 4.32 -59.58 3.48
N PHE D 336 3.09 -59.86 3.10
CA PHE D 336 1.99 -59.21 3.76
C PHE D 336 2.13 -59.31 5.28
N ALA D 337 2.53 -60.46 5.81
CA ALA D 337 2.69 -60.58 7.26
C ALA D 337 3.71 -59.55 7.74
N GLN D 338 4.86 -59.53 7.07
CA GLN D 338 5.84 -58.52 7.43
C GLN D 338 5.10 -57.15 7.44
N SER D 339 4.19 -56.94 6.48
CA SER D 339 3.40 -55.71 6.49
C SER D 339 2.78 -55.51 7.88
N GLN D 340 1.85 -56.37 8.27
CA GLN D 340 1.23 -56.28 9.60
C GLN D 340 2.23 -55.93 10.74
N SER D 341 3.40 -56.57 10.73
CA SER D 341 4.40 -56.37 11.78
C SER D 341 4.98 -54.98 11.77
N GLU D 342 5.36 -54.53 10.56
CA GLU D 342 5.92 -53.20 10.35
C GLU D 342 4.92 -52.21 10.95
N LEU D 343 3.65 -52.38 10.60
CA LEU D 343 2.59 -51.50 11.09
C LEU D 343 2.54 -51.57 12.59
N PHE D 344 2.69 -52.75 13.15
CA PHE D 344 2.65 -52.86 14.58
C PHE D 344 3.63 -51.92 15.26
N VAL D 345 4.91 -52.15 15.01
CA VAL D 345 5.93 -51.34 15.62
C VAL D 345 5.66 -49.87 15.40
N GLN D 346 5.08 -49.52 14.27
CA GLN D 346 4.80 -48.14 13.98
C GLN D 346 3.79 -47.67 15.02
N ARG D 347 2.62 -48.32 15.04
CA ARG D 347 1.56 -47.94 15.97
C ARG D 347 1.98 -48.11 17.42
N LEU D 348 3.00 -48.92 17.69
CA LEU D 348 3.52 -48.99 19.06
C LEU D 348 4.36 -47.75 19.38
N GLU D 349 5.17 -47.31 18.42
CA GLU D 349 6.03 -46.17 18.65
C GLU D 349 5.15 -44.97 18.85
N GLN D 350 4.19 -44.82 17.95
CA GLN D 350 3.28 -43.70 17.98
C GLN D 350 2.53 -43.82 19.30
N ARG D 351 2.11 -45.03 19.64
CA ARG D 351 1.34 -45.25 20.87
C ARG D 351 2.05 -44.89 22.14
N MSE D 352 3.37 -45.01 22.18
CA MSE D 352 4.17 -44.77 23.38
C MSE D 352 4.36 -43.29 23.48
O MSE D 352 4.18 -42.71 24.51
CB MSE D 352 5.55 -45.48 23.33
CG MSE D 352 5.60 -46.92 22.80
SE MSE D 352 7.26 -47.87 23.33
CE MSE D 352 8.28 -47.69 21.67
N ILE D 353 4.74 -42.64 22.40
CA ILE D 353 4.93 -41.20 22.43
C ILE D 353 3.66 -40.49 22.84
N GLU D 354 2.58 -40.84 22.16
CA GLU D 354 1.29 -40.17 22.31
C GLU D 354 0.58 -40.63 23.53
N ALA D 355 -0.12 -41.77 23.35
CA ALA D 355 -0.98 -42.39 24.37
C ALA D 355 -0.48 -42.03 25.78
N ILE D 356 0.84 -42.15 26.00
CA ILE D 356 1.43 -41.78 27.28
C ILE D 356 2.44 -40.68 27.02
N THR D 357 3.39 -40.39 27.95
CA THR D 357 4.38 -39.28 27.75
C THR D 357 3.52 -38.10 27.23
N ARG D 358 2.66 -37.62 28.10
CA ARG D 358 1.54 -36.69 27.83
C ARG D 358 0.41 -37.47 28.51
N GLU D 359 0.53 -37.53 29.83
CA GLU D 359 -0.09 -38.47 30.73
C GLU D 359 1.13 -39.21 31.44
N GLY D 360 2.36 -38.78 31.07
CA GLY D 360 3.71 -39.05 31.67
C GLY D 360 4.13 -40.42 32.07
N ASP D 361 5.20 -40.95 31.46
CA ASP D 361 5.65 -42.42 31.51
C ASP D 361 5.06 -43.17 30.28
N TRP D 362 5.55 -44.34 29.83
CA TRP D 362 5.15 -44.97 28.53
C TRP D 362 4.59 -46.36 28.52
N ARG D 363 4.50 -47.01 29.67
CA ARG D 363 4.08 -48.38 29.64
C ARG D 363 2.67 -48.63 29.24
N ALA D 364 1.74 -47.69 29.40
CA ALA D 364 0.36 -48.02 29.03
C ALA D 364 0.22 -48.46 27.56
N ALA D 365 1.20 -48.16 26.73
CA ALA D 365 1.12 -48.49 25.32
C ALA D 365 1.44 -49.90 25.06
N ILE D 366 2.33 -50.47 25.87
CA ILE D 366 2.79 -51.84 25.67
C ILE D 366 1.73 -52.83 25.48
N PHE D 367 0.69 -52.74 26.32
CA PHE D 367 -0.34 -53.75 26.24
C PHE D 367 -1.63 -53.51 25.49
N ASP D 368 -1.80 -54.40 24.51
CA ASP D 368 -3.02 -54.57 23.70
C ASP D 368 -4.04 -53.55 24.11
N THR D 369 -4.90 -53.97 25.05
CA THR D 369 -6.21 -53.37 25.42
C THR D 369 -6.95 -53.58 24.08
N SER D 370 -6.19 -53.43 22.98
CA SER D 370 -6.57 -53.69 21.57
C SER D 370 -5.41 -54.18 20.62
N GLN D 371 -4.19 -53.62 20.71
CA GLN D 371 -3.03 -53.97 19.79
C GLN D 371 -2.04 -55.10 20.24
N SER D 372 -2.49 -56.33 20.45
CA SER D 372 -1.62 -57.32 21.06
C SER D 372 -0.24 -57.42 20.50
N ILE D 373 0.67 -57.27 21.46
CA ILE D 373 2.07 -57.41 21.24
C ILE D 373 2.37 -58.90 21.11
N LEU D 374 1.36 -59.75 21.29
CA LEU D 374 1.52 -61.20 21.12
C LEU D 374 1.62 -61.69 19.66
N GLN D 375 0.81 -61.09 18.79
CA GLN D 375 0.71 -61.52 17.39
C GLN D 375 1.98 -61.55 16.57
N PRO D 376 2.74 -60.46 16.56
CA PRO D 376 3.95 -60.45 15.76
C PRO D 376 4.93 -61.58 16.05
N LEU D 377 4.86 -62.23 17.22
CA LEU D 377 5.68 -63.42 17.50
C LEU D 377 4.83 -64.67 17.54
N HIS D 378 3.52 -64.51 17.42
CA HIS D 378 2.59 -65.63 17.50
C HIS D 378 2.95 -66.38 18.76
N ALA D 379 3.06 -65.62 19.88
CA ALA D 379 3.37 -66.17 21.22
C ALA D 379 2.08 -66.23 21.97
N ASP D 380 2.07 -66.98 23.07
CA ASP D 380 0.89 -67.10 23.92
C ASP D 380 0.83 -66.10 25.09
N GLY D 381 1.99 -65.75 25.65
CA GLY D 381 2.06 -64.73 26.71
C GLY D 381 3.22 -63.75 26.50
N CYS D 382 3.25 -62.68 27.27
CA CYS D 382 4.34 -61.73 27.16
C CYS D 382 4.57 -61.13 28.50
N ALA D 383 5.83 -60.84 28.83
CA ALA D 383 6.16 -60.20 30.07
C ALA D 383 7.08 -59.05 29.80
N LEU D 384 6.98 -58.04 30.67
CA LEU D 384 7.82 -56.87 30.58
C LEU D 384 8.41 -56.58 31.95
N VAL D 385 9.75 -56.59 32.04
CA VAL D 385 10.39 -56.26 33.29
C VAL D 385 11.11 -54.93 33.05
N TYR D 386 10.75 -53.95 33.89
CA TYR D 386 11.25 -52.59 33.77
C TYR D 386 11.26 -51.96 35.12
N GLU D 387 12.39 -51.35 35.49
CA GLU D 387 12.58 -50.71 36.81
C GLU D 387 12.05 -51.60 37.94
N ASP D 388 12.55 -52.83 37.97
CA ASP D 388 12.13 -53.87 38.94
C ASP D 388 10.65 -54.06 39.11
N GLN D 389 9.93 -54.12 38.00
CA GLN D 389 8.50 -54.35 38.02
C GLN D 389 8.13 -55.14 36.78
N ILE D 390 7.34 -56.18 36.99
CA ILE D 390 6.88 -57.01 35.95
C ILE D 390 5.42 -56.77 35.74
N ARG D 391 5.01 -56.72 34.48
CA ARG D 391 3.61 -56.80 34.12
C ARG D 391 3.56 -57.77 32.97
N THR D 392 2.48 -58.54 32.89
CA THR D 392 2.31 -59.58 31.89
C THR D 392 0.95 -59.54 31.20
N ILE D 393 0.90 -60.23 30.08
CA ILE D 393 -0.33 -60.39 29.30
C ILE D 393 -0.28 -61.85 28.84
N GLY D 394 -1.41 -62.54 28.85
CA GLY D 394 -1.47 -63.91 28.39
C GLY D 394 -0.83 -64.92 29.33
N ASP D 395 -0.60 -66.11 28.77
CA ASP D 395 -0.03 -67.30 29.48
C ASP D 395 1.43 -67.08 29.79
N VAL D 396 1.72 -66.82 31.07
CA VAL D 396 3.08 -66.60 31.51
C VAL D 396 3.36 -67.42 32.79
N PRO D 397 4.63 -67.68 33.06
CA PRO D 397 5.04 -68.62 34.10
C PRO D 397 4.74 -68.33 35.58
N SER D 398 5.37 -67.31 36.15
CA SER D 398 5.22 -67.03 37.58
C SER D 398 6.26 -66.05 37.81
N THR D 399 6.00 -65.06 38.65
CA THR D 399 6.98 -64.03 38.73
C THR D 399 8.37 -64.59 39.09
N GLN D 400 8.45 -65.48 40.09
CA GLN D 400 9.76 -66.07 40.44
C GLN D 400 10.38 -66.80 39.25
N ASP D 401 9.57 -67.48 38.43
CA ASP D 401 10.09 -68.16 37.26
C ASP D 401 10.61 -67.10 36.32
N VAL D 402 9.75 -66.13 36.02
CA VAL D 402 10.14 -65.05 35.11
C VAL D 402 11.45 -64.37 35.57
N ARG D 403 11.69 -64.43 36.89
CA ARG D 403 12.92 -63.86 37.46
C ARG D 403 14.09 -64.72 37.11
N GLU D 404 13.95 -66.02 37.30
CA GLU D 404 15.05 -66.94 36.98
C GLU D 404 15.44 -66.90 35.50
N ILE D 405 14.48 -66.76 34.61
CA ILE D 405 14.81 -66.59 33.21
C ILE D 405 15.64 -65.30 33.14
N ALA D 406 15.17 -64.28 33.83
CA ALA D 406 15.82 -62.98 33.81
C ALA D 406 17.26 -63.13 34.23
N GLY D 407 17.48 -64.04 35.17
CA GLY D 407 18.81 -64.34 35.68
C GLY D 407 19.67 -64.90 34.57
N TRP D 408 19.17 -65.97 33.93
CA TRP D 408 19.87 -66.55 32.80
C TRP D 408 20.33 -65.45 31.82
N LEU D 409 19.41 -64.79 31.13
CA LEU D 409 19.82 -63.76 30.20
C LEU D 409 20.94 -62.84 30.67
N ASP D 410 20.94 -62.48 31.96
CA ASP D 410 21.87 -61.47 32.50
C ASP D 410 23.24 -61.92 32.90
N ARG D 411 23.38 -63.21 33.16
CA ARG D 411 24.61 -63.75 33.78
C ARG D 411 25.83 -63.74 32.86
N GLN D 412 25.60 -63.62 31.55
CA GLN D 412 26.70 -63.42 30.60
C GLN D 412 26.13 -62.56 29.45
N PRO D 413 26.70 -61.35 29.22
CA PRO D 413 26.33 -60.46 28.10
C PRO D 413 25.87 -61.12 26.75
N ARG D 414 26.25 -60.55 25.60
CA ARG D 414 25.75 -60.95 24.29
C ARG D 414 24.69 -59.86 24.03
N ALA D 415 23.51 -60.20 23.52
CA ALA D 415 22.37 -59.23 23.50
C ALA D 415 21.46 -59.11 22.25
N ALA D 416 20.59 -58.09 22.29
CA ALA D 416 19.77 -57.60 21.15
C ALA D 416 18.70 -58.50 20.59
N VAL D 417 18.17 -59.39 21.39
CA VAL D 417 17.20 -60.45 20.97
C VAL D 417 17.88 -61.81 21.11
N THR D 418 17.29 -62.66 21.95
CA THR D 418 17.78 -63.99 22.33
C THR D 418 16.61 -64.97 22.48
N SER D 419 16.82 -66.22 22.06
CA SER D 419 15.75 -67.19 22.11
C SER D 419 16.22 -68.59 22.29
N THR D 420 15.24 -69.45 22.55
CA THR D 420 15.41 -70.87 22.69
C THR D 420 13.97 -71.37 22.52
N ALA D 421 13.82 -72.56 21.94
CA ALA D 421 12.51 -73.17 21.74
C ALA D 421 12.40 -74.37 22.65
N SER D 422 13.39 -74.54 23.52
CA SER D 422 13.48 -75.70 24.40
C SER D 422 14.15 -75.33 25.72
N LEU D 423 13.72 -74.22 26.34
CA LEU D 423 14.31 -73.74 27.58
C LEU D 423 14.70 -74.89 28.47
N GLY D 424 13.76 -75.80 28.71
CA GLY D 424 14.01 -76.94 29.60
C GLY D 424 15.30 -77.71 29.33
N LEU D 425 15.47 -78.06 28.06
CA LEU D 425 16.59 -78.84 27.59
C LEU D 425 17.80 -77.95 27.28
N ASP D 426 17.64 -76.64 27.37
CA ASP D 426 18.75 -75.72 27.10
C ASP D 426 19.47 -75.36 28.43
N VAL D 427 18.75 -75.51 29.53
CA VAL D 427 19.21 -75.24 30.88
C VAL D 427 18.33 -76.13 31.80
N PRO D 428 18.70 -77.43 31.94
CA PRO D 428 17.87 -78.48 32.58
C PRO D 428 17.32 -78.29 34.00
N GLU D 429 17.78 -77.28 34.74
CA GLU D 429 17.29 -77.08 36.12
C GLU D 429 15.92 -76.41 36.02
N LEU D 430 15.83 -75.51 35.05
CA LEU D 430 14.58 -74.82 34.71
C LEU D 430 13.45 -75.74 34.16
N ALA D 431 13.78 -76.91 33.62
CA ALA D 431 12.78 -77.86 33.04
C ALA D 431 11.31 -77.73 33.47
N HIS D 432 11.05 -77.70 34.77
CA HIS D 432 9.67 -77.56 35.33
C HIS D 432 8.78 -76.60 34.59
N LEU D 433 9.35 -75.57 34.00
CA LEU D 433 8.56 -74.60 33.29
C LEU D 433 8.58 -74.90 31.78
N THR D 434 8.27 -76.14 31.43
CA THR D 434 8.24 -76.59 30.02
C THR D 434 6.85 -76.60 29.41
N ARG D 435 5.83 -76.88 30.22
CA ARG D 435 4.43 -76.86 29.74
C ARG D 435 3.96 -75.47 29.29
N MSE D 436 4.52 -74.38 29.82
CA MSE D 436 4.05 -73.04 29.40
C MSE D 436 5.12 -72.14 28.83
O MSE D 436 4.82 -71.03 28.33
CB MSE D 436 3.17 -72.44 30.51
CG MSE D 436 3.82 -71.54 31.57
SE MSE D 436 5.10 -72.53 32.71
CE MSE D 436 6.70 -71.63 32.00
N ALA D 437 6.38 -72.57 28.88
CA ALA D 437 7.48 -71.77 28.35
C ALA D 437 8.65 -72.62 27.90
N SER D 438 8.37 -73.63 27.07
CA SER D 438 9.47 -74.40 26.49
C SER D 438 10.26 -73.40 25.67
N GLY D 439 9.54 -72.49 25.02
CA GLY D 439 10.15 -71.49 24.18
C GLY D 439 9.98 -70.08 24.72
N VAL D 440 11.08 -69.34 24.73
CA VAL D 440 11.07 -67.93 25.07
C VAL D 440 11.99 -67.15 24.17
N VAL D 441 11.57 -65.92 23.86
CA VAL D 441 12.35 -64.95 23.10
C VAL D 441 12.35 -63.72 24.00
N ALA D 442 13.54 -63.15 24.19
CA ALA D 442 13.75 -62.05 25.10
C ALA D 442 14.55 -60.98 24.41
N ALA D 443 14.01 -59.77 24.36
CA ALA D 443 14.72 -58.67 23.77
C ALA D 443 14.80 -57.56 24.80
N PRO D 444 16.04 -57.12 25.15
CA PRO D 444 16.26 -56.01 26.08
C PRO D 444 15.74 -54.69 25.58
N ILE D 445 15.44 -53.77 26.51
CA ILE D 445 14.95 -52.44 26.18
C ILE D 445 15.81 -51.30 26.75
N SER D 446 16.91 -51.63 27.39
CA SER D 446 17.82 -50.62 27.88
C SER D 446 19.10 -51.33 28.14
N ASP D 447 20.20 -50.60 28.26
CA ASP D 447 21.48 -51.22 28.58
C ASP D 447 21.61 -51.53 30.07
N HIS D 448 20.49 -51.59 30.80
CA HIS D 448 20.55 -51.78 32.25
C HIS D 448 20.84 -53.14 32.78
N ARG D 449 20.08 -54.12 32.34
CA ARG D 449 20.14 -55.50 32.88
C ARG D 449 18.99 -55.59 33.83
N GLY D 450 18.22 -56.66 33.65
CA GLY D 450 16.98 -56.85 34.37
C GLY D 450 15.88 -56.07 33.68
N GLU D 451 16.16 -55.53 32.50
CA GLU D 451 15.17 -54.73 31.79
C GLU D 451 15.00 -55.23 30.39
N PHE D 452 13.87 -55.91 30.16
CA PHE D 452 13.58 -56.44 28.84
C PHE D 452 12.15 -56.83 28.64
N LEU D 453 11.86 -57.17 27.39
CA LEU D 453 10.56 -57.57 26.94
C LEU D 453 10.74 -59.01 26.54
N MSE D 454 9.92 -59.92 27.05
CA MSE D 454 10.11 -61.33 26.69
C MSE D 454 8.80 -62.02 26.45
O MSE D 454 7.84 -61.83 27.19
CB MSE D 454 10.99 -62.12 27.66
CG MSE D 454 10.39 -62.33 29.04
SE MSE D 454 11.54 -63.46 30.20
CE MSE D 454 11.74 -65.00 28.98
N TRP D 455 8.79 -62.83 25.39
CA TRP D 455 7.63 -63.56 24.91
C TRP D 455 7.79 -65.03 25.11
N PHE D 456 6.65 -65.72 25.32
CA PHE D 456 6.67 -67.17 25.57
C PHE D 456 5.76 -68.01 24.65
N ARG D 457 6.09 -69.31 24.57
CA ARG D 457 5.28 -70.34 23.88
C ARG D 457 5.28 -71.65 24.66
N PRO D 458 4.14 -72.38 24.64
CA PRO D 458 4.01 -73.68 25.30
C PRO D 458 4.79 -74.80 24.61
N GLU D 459 4.81 -75.96 25.25
CA GLU D 459 5.43 -77.15 24.69
C GLU D 459 4.59 -77.43 23.44
N ARG D 460 5.25 -77.59 22.31
CA ARG D 460 4.55 -77.72 21.03
C ARG D 460 3.70 -78.94 20.99
N VAL D 461 3.98 -79.87 21.88
CA VAL D 461 3.26 -81.12 21.90
C VAL D 461 1.77 -81.05 22.40
N HIS D 462 1.09 -79.93 22.11
CA HIS D 462 -0.39 -79.83 22.23
C HIS D 462 -0.93 -79.62 20.82
N THR D 463 -0.92 -80.71 20.04
CA THR D 463 -1.42 -80.79 18.63
C THR D 463 -0.94 -82.08 17.94
N GLY D 477 16.84 -97.97 17.51
CA GLY D 477 16.67 -98.20 16.08
C GLY D 477 15.78 -99.39 15.75
N ASP D 478 15.02 -99.28 14.64
CA ASP D 478 14.06 -100.30 14.20
C ASP D 478 14.57 -101.15 13.01
N THR D 479 13.84 -101.14 11.89
CA THR D 479 14.18 -101.89 10.67
C THR D 479 13.35 -101.34 9.46
N PRO D 480 13.65 -101.77 8.20
CA PRO D 480 12.92 -101.16 7.05
C PRO D 480 11.45 -101.58 6.90
N ALA D 481 11.04 -102.64 7.59
CA ALA D 481 9.67 -103.13 7.52
C ALA D 481 8.72 -102.36 8.44
N ASP D 482 9.25 -101.80 9.54
CA ASP D 482 8.44 -101.14 10.57
C ASP D 482 7.92 -99.72 10.32
N LEU D 483 8.22 -99.17 9.16
CA LEU D 483 7.87 -97.77 8.90
C LEU D 483 6.46 -97.49 8.39
N SER D 484 5.87 -96.44 8.97
CA SER D 484 4.50 -95.99 8.67
C SER D 484 4.22 -94.59 9.22
N PRO D 485 3.16 -93.93 8.69
CA PRO D 485 2.68 -92.63 9.13
C PRO D 485 2.33 -92.53 10.64
N ARG D 486 1.75 -93.57 11.22
CA ARG D 486 1.51 -93.55 12.67
C ARG D 486 2.84 -93.74 13.41
N ARG D 487 3.73 -94.57 12.84
CA ARG D 487 5.10 -94.75 13.36
C ARG D 487 5.93 -93.49 13.17
N SER D 488 5.57 -92.68 12.19
CA SER D 488 6.27 -91.42 11.90
C SER D 488 5.78 -90.27 12.82
N PHE D 489 4.48 -90.24 13.09
CA PHE D 489 3.85 -89.23 13.97
C PHE D 489 4.38 -89.40 15.41
N ALA D 490 4.31 -90.61 15.92
CA ALA D 490 4.97 -90.91 17.19
C ALA D 490 6.40 -90.87 16.66
N LYS D 491 7.38 -90.49 17.47
CA LYS D 491 8.76 -90.42 16.96
C LYS D 491 8.94 -88.96 16.64
N TRP D 492 8.07 -88.40 15.81
CA TRP D 492 8.07 -86.95 15.71
C TRP D 492 7.93 -86.51 17.15
N HIS D 493 6.90 -87.00 17.85
CA HIS D 493 6.69 -86.72 19.27
C HIS D 493 7.91 -87.00 20.10
N GLN D 494 8.70 -88.04 19.78
CA GLN D 494 9.92 -88.36 20.60
C GLN D 494 10.93 -87.23 20.45
N VAL D 495 11.25 -86.92 19.20
CA VAL D 495 12.01 -85.70 18.88
C VAL D 495 10.93 -84.63 19.24
N VAL D 496 11.19 -83.33 19.21
CA VAL D 496 10.16 -82.33 19.65
C VAL D 496 9.74 -82.47 21.14
N GLU D 497 10.42 -83.36 21.85
CA GLU D 497 10.23 -83.68 23.26
C GLU D 497 9.87 -82.45 24.08
N GLY D 498 10.86 -81.65 24.45
CA GLY D 498 10.60 -80.47 25.28
C GLY D 498 10.93 -79.25 24.47
N THR D 499 10.11 -79.03 23.44
CA THR D 499 10.33 -77.93 22.54
C THR D 499 9.00 -77.25 22.24
N SER D 500 9.07 -76.03 21.76
CA SER D 500 7.91 -75.25 21.39
C SER D 500 8.02 -75.13 19.91
N ASP D 501 7.05 -74.51 19.26
CA ASP D 501 7.25 -74.25 17.84
C ASP D 501 8.59 -73.46 17.80
N PRO D 502 9.40 -73.66 16.75
CA PRO D 502 10.63 -72.91 16.73
C PRO D 502 10.35 -71.46 16.33
N TRP D 503 11.28 -70.58 16.67
CA TRP D 503 11.12 -69.20 16.35
C TRP D 503 11.59 -69.01 14.93
N THR D 504 10.65 -68.65 14.05
CA THR D 504 10.89 -68.41 12.62
C THR D 504 11.74 -67.15 12.46
N ALA D 505 12.70 -67.10 11.54
CA ALA D 505 13.56 -65.91 11.44
C ALA D 505 12.70 -64.66 11.33
N ALA D 506 11.49 -64.81 10.80
CA ALA D 506 10.54 -63.72 10.75
C ALA D 506 10.25 -63.29 12.18
N ASP D 507 9.80 -64.26 13.01
CA ASP D 507 9.51 -64.01 14.45
C ASP D 507 10.66 -63.22 15.08
N LEU D 508 11.85 -63.81 15.07
CA LEU D 508 13.02 -63.18 15.66
C LEU D 508 13.16 -61.77 15.15
N ALA D 509 13.07 -61.54 13.85
CA ALA D 509 13.19 -60.16 13.36
C ALA D 509 12.16 -59.22 14.03
N ALA D 510 10.89 -59.63 14.13
CA ALA D 510 9.90 -58.79 14.83
C ALA D 510 10.42 -58.46 16.23
N ALA D 511 10.82 -59.48 17.00
CA ALA D 511 11.44 -59.31 18.33
C ALA D 511 12.54 -58.25 18.30
N ARG D 512 13.29 -58.18 17.21
CA ARG D 512 14.37 -57.24 17.15
C ARG D 512 13.89 -55.80 16.97
N THR D 513 13.02 -55.56 16.01
CA THR D 513 12.54 -54.19 15.80
C THR D 513 11.65 -53.60 16.94
N ILE D 514 10.83 -54.46 17.57
CA ILE D 514 10.02 -54.04 18.72
C ILE D 514 10.96 -53.65 19.83
N GLY D 515 11.70 -54.62 20.36
CA GLY D 515 12.65 -54.32 21.41
C GLY D 515 13.51 -53.12 21.03
N GLN D 516 13.88 -52.98 19.77
CA GLN D 516 14.74 -51.86 19.38
C GLN D 516 13.99 -50.51 19.33
N THR D 517 12.70 -50.54 18.98
CA THR D 517 11.88 -49.32 18.96
C THR D 517 11.70 -48.92 20.40
N VAL D 518 11.21 -49.87 21.19
CA VAL D 518 10.97 -49.63 22.57
C VAL D 518 12.15 -49.01 23.27
N ALA D 519 13.35 -49.51 23.03
CA ALA D 519 14.46 -49.00 23.78
C ALA D 519 14.77 -47.60 23.36
N ASP D 520 14.74 -47.36 22.04
CA ASP D 520 15.10 -46.02 21.57
C ASP D 520 14.18 -44.99 22.19
N ILE D 521 12.87 -45.22 22.18
CA ILE D 521 11.94 -44.22 22.69
C ILE D 521 12.11 -44.18 24.21
N VAL D 522 12.34 -45.34 24.83
CA VAL D 522 12.61 -45.35 26.28
C VAL D 522 13.88 -44.59 26.62
N LEU D 523 14.90 -44.64 25.79
CA LEU D 523 16.12 -43.87 26.10
C LEU D 523 15.91 -42.37 25.89
N GLN D 524 15.25 -41.97 24.81
CA GLN D 524 15.00 -40.52 24.62
C GLN D 524 14.18 -40.00 25.81
N PHE D 525 13.20 -40.81 26.20
CA PHE D 525 12.33 -40.49 27.34
C PHE D 525 13.12 -40.31 28.61
N ARG D 526 14.17 -41.11 28.82
CA ARG D 526 14.91 -40.94 30.06
C ARG D 526 15.83 -39.68 30.08
N ALA D 527 16.34 -39.31 28.90
CA ALA D 527 17.21 -38.13 28.77
C ALA D 527 16.38 -36.92 29.07
N VAL D 528 15.20 -36.91 28.45
CA VAL D 528 14.35 -35.77 28.59
C VAL D 528 13.92 -35.67 30.01
N ARG D 529 13.55 -36.81 30.60
CA ARG D 529 13.06 -36.65 31.93
C ARG D 529 14.15 -36.11 32.84
N THR D 530 15.41 -36.41 32.56
CA THR D 530 16.52 -35.84 33.37
C THR D 530 16.50 -34.33 33.28
N LEU D 531 16.39 -33.81 32.08
CA LEU D 531 16.38 -32.37 31.96
C LEU D 531 15.29 -31.69 32.80
N ILE D 532 14.07 -32.25 32.72
CA ILE D 532 12.93 -31.71 33.46
C ILE D 532 13.27 -31.77 34.93
N ALA D 533 13.69 -32.94 35.40
CA ALA D 533 14.11 -33.03 36.79
C ALA D 533 15.15 -31.99 37.11
N ARG D 534 16.08 -31.66 36.20
CA ARG D 534 17.04 -30.63 36.54
C ARG D 534 16.29 -29.33 36.79
N GLU D 535 15.42 -28.94 35.87
CA GLU D 535 14.69 -27.69 36.03
C GLU D 535 13.87 -27.72 37.28
N GLN D 536 13.36 -28.87 37.63
CA GLN D 536 12.53 -28.92 38.78
C GLN D 536 13.38 -28.80 40.01
N TYR D 537 14.55 -29.44 40.07
CA TYR D 537 15.47 -29.25 41.20
C TYR D 537 15.76 -27.76 41.27
N GLU D 538 16.55 -27.23 40.32
CA GLU D 538 16.82 -25.77 40.25
C GLU D 538 15.45 -25.18 40.30
N GLN D 539 15.19 -24.13 41.03
CA GLN D 539 13.77 -23.76 41.16
C GLN D 539 13.47 -24.47 42.45
N PHE D 540 12.25 -24.89 42.79
CA PHE D 540 12.09 -25.60 44.09
C PHE D 540 13.23 -25.25 45.03
N SER D 541 14.43 -25.61 44.61
CA SER D 541 15.66 -25.21 45.24
C SER D 541 15.79 -23.70 45.44
N SER D 542 15.53 -22.91 44.42
CA SER D 542 15.66 -21.47 44.57
C SER D 542 14.71 -20.95 45.63
N GLN D 543 13.49 -21.49 45.65
CA GLN D 543 12.45 -21.14 46.59
C GLN D 543 12.97 -21.28 48.01
N VAL D 544 13.69 -22.38 48.28
CA VAL D 544 14.32 -22.49 49.63
C VAL D 544 15.33 -21.37 49.78
N HIS D 545 16.08 -21.10 48.71
CA HIS D 545 17.09 -20.05 48.77
C HIS D 545 16.49 -18.70 48.95
N ALA D 546 15.30 -18.47 48.40
CA ALA D 546 14.62 -17.17 48.58
C ALA D 546 14.10 -16.96 50.05
N SER D 547 14.21 -17.95 50.93
CA SER D 547 13.61 -17.81 52.24
C SER D 547 14.37 -16.90 53.14
N MSE D 548 13.64 -16.01 53.83
CA MSE D 548 14.27 -15.10 54.81
C MSE D 548 14.66 -15.92 55.99
O MSE D 548 15.41 -15.47 56.80
CB MSE D 548 13.42 -13.92 55.32
CG MSE D 548 13.17 -12.80 54.31
SE MSE D 548 14.92 -12.13 53.69
CE MSE D 548 15.45 -13.09 52.03
N GLN D 549 14.16 -17.14 56.13
CA GLN D 549 14.56 -17.91 57.29
C GLN D 549 15.67 -18.84 56.91
N PRO D 550 16.48 -19.26 57.89
CA PRO D 550 17.57 -20.21 57.72
C PRO D 550 17.07 -21.60 57.48
N VAL D 551 17.55 -22.22 56.44
CA VAL D 551 17.20 -23.60 56.26
C VAL D 551 18.49 -24.34 55.87
N LEU D 552 18.49 -25.62 56.17
CA LEU D 552 19.54 -26.50 55.85
C LEU D 552 18.85 -27.76 55.38
N ILE D 553 19.16 -28.25 54.18
CA ILE D 553 18.64 -29.54 53.76
C ILE D 553 19.87 -30.41 53.75
N THR D 554 19.78 -31.62 54.33
CA THR D 554 20.94 -32.57 54.38
C THR D 554 20.54 -33.93 53.88
N ASP D 555 21.53 -34.78 53.64
CA ASP D 555 21.24 -36.12 53.12
C ASP D 555 21.22 -37.15 54.24
N ALA D 556 20.78 -38.35 53.89
CA ALA D 556 20.57 -39.43 54.88
C ALA D 556 21.71 -39.61 55.88
N GLU D 557 22.95 -39.37 55.45
CA GLU D 557 24.12 -39.53 56.32
C GLU D 557 24.40 -38.27 57.12
N GLY D 558 23.68 -37.19 56.86
CA GLY D 558 23.86 -35.95 57.60
C GLY D 558 24.72 -34.89 56.94
N ARG D 559 25.30 -35.16 55.77
CA ARG D 559 26.15 -34.13 55.16
C ARG D 559 25.25 -33.10 54.51
N ILE D 560 25.66 -31.84 54.61
CA ILE D 560 24.86 -30.75 54.12
C ILE D 560 24.77 -30.72 52.61
N LEU D 561 23.56 -30.69 52.07
CA LEU D 561 23.40 -30.60 50.64
C LEU D 561 23.11 -29.17 50.24
N LEU D 562 22.32 -28.46 51.04
CA LEU D 562 21.95 -27.08 50.75
C LEU D 562 21.96 -26.28 52.06
N MSE D 563 22.28 -25.00 51.96
CA MSE D 563 22.33 -24.10 53.11
C MSE D 563 22.12 -22.74 52.52
O MSE D 563 23.01 -22.19 51.82
CB MSE D 563 23.68 -24.19 53.84
CG MSE D 563 23.81 -23.20 54.99
SE MSE D 563 25.73 -22.83 55.40
CE MSE D 563 26.49 -24.63 55.08
N ASN D 564 20.95 -22.15 52.77
CA ASN D 564 20.64 -20.88 52.17
C ASN D 564 21.43 -19.83 52.89
N ASP D 565 21.34 -18.61 52.36
CA ASP D 565 22.02 -17.51 52.95
C ASP D 565 21.44 -17.32 54.34
N SER D 566 20.18 -16.92 54.48
CA SER D 566 19.65 -16.69 55.83
C SER D 566 20.47 -17.45 56.89
N PHE D 567 20.70 -18.75 56.69
CA PHE D 567 21.48 -19.56 57.64
C PHE D 567 22.96 -19.18 57.60
N ARG D 568 23.62 -19.37 56.46
CA ARG D 568 25.03 -18.97 56.28
C ARG D 568 25.39 -17.63 56.97
N ASP D 569 24.67 -16.59 56.57
CA ASP D 569 24.90 -15.23 57.06
C ASP D 569 24.81 -15.03 58.57
N MSE D 570 24.12 -15.91 59.29
CA MSE D 570 23.97 -15.75 60.73
C MSE D 570 25.19 -16.28 61.46
O MSE D 570 25.44 -15.89 62.58
CB MSE D 570 22.71 -16.40 61.30
CG MSE D 570 22.54 -17.83 60.84
SE MSE D 570 21.33 -18.75 62.05
CE MSE D 570 20.09 -17.24 62.43
N LEU D 571 25.93 -17.17 60.82
CA LEU D 571 27.19 -17.65 61.40
C LEU D 571 28.16 -16.45 61.38
N PRO D 572 28.33 -15.73 62.53
CA PRO D 572 29.05 -14.44 62.60
C PRO D 572 29.89 -14.01 61.39
N ALA D 573 29.46 -14.42 60.19
CA ALA D 573 30.18 -14.17 58.93
C ALA D 573 31.71 -13.99 59.11
N GLY D 574 32.48 -14.98 58.66
CA GLY D 574 33.94 -14.92 58.75
C GLY D 574 34.48 -16.29 59.03
N SER D 575 34.36 -17.19 58.06
CA SER D 575 34.76 -18.62 58.20
C SER D 575 33.86 -19.38 59.24
N PRO D 576 34.10 -20.69 59.41
CA PRO D 576 35.04 -21.65 58.76
C PRO D 576 34.51 -22.30 57.46
N SER D 577 33.56 -23.23 57.57
CA SER D 577 32.90 -23.90 56.43
C SER D 577 32.43 -25.30 56.83
N ALA D 578 31.11 -25.47 57.02
CA ALA D 578 30.51 -26.70 57.57
C ALA D 578 30.12 -27.75 56.56
N VAL D 579 30.68 -28.96 56.71
CA VAL D 579 30.37 -30.08 55.81
C VAL D 579 29.30 -31.00 56.40
N HIS D 580 29.11 -30.95 57.72
CA HIS D 580 28.17 -31.85 58.42
C HIS D 580 27.46 -31.22 59.60
N LEU D 581 26.22 -31.64 59.82
CA LEU D 581 25.43 -31.08 60.91
C LEU D 581 26.21 -31.04 62.24
N ASP D 582 27.20 -31.91 62.39
CA ASP D 582 28.04 -31.88 63.60
C ASP D 582 28.86 -30.60 63.63
N ASP D 583 29.45 -30.26 62.48
CA ASP D 583 30.36 -29.10 62.34
C ASP D 583 29.73 -27.81 62.83
N LEU D 584 28.40 -27.79 62.83
CA LEU D 584 27.64 -26.66 63.34
C LEU D 584 27.54 -26.62 64.87
N ALA D 585 27.80 -27.75 65.54
CA ALA D 585 27.70 -27.83 67.03
C ALA D 585 28.32 -26.66 67.81
N GLY D 586 29.49 -26.21 67.39
CA GLY D 586 30.18 -25.10 68.05
C GLY D 586 29.51 -23.74 68.01
N PHE D 587 28.79 -23.42 66.93
CA PHE D 587 28.19 -22.10 66.81
C PHE D 587 26.99 -21.88 67.75
N PHE D 588 26.51 -22.96 68.38
CA PHE D 588 25.36 -22.87 69.28
C PHE D 588 25.71 -23.13 70.72
N VAL D 589 25.82 -22.09 71.53
CA VAL D 589 26.12 -22.31 72.95
C VAL D 589 26.87 -23.65 73.09
N GLU D 590 27.95 -23.79 72.29
CA GLU D 590 28.82 -25.01 72.17
C GLU D 590 28.05 -26.35 72.01
N SER D 591 27.18 -26.59 72.98
CA SER D 591 26.26 -27.73 73.13
C SER D 591 26.45 -29.04 72.31
N ASN D 592 26.56 -30.11 73.09
CA ASN D 592 26.55 -31.49 72.59
C ASN D 592 25.10 -31.90 72.86
N ASP D 593 24.23 -30.89 72.87
CA ASP D 593 22.80 -31.02 72.95
C ASP D 593 22.35 -30.99 71.45
N PHE D 594 23.16 -30.34 70.60
CA PHE D 594 22.92 -30.28 69.16
C PHE D 594 23.34 -31.64 68.64
N LEU D 595 24.59 -32.02 68.92
CA LEU D 595 25.06 -33.38 68.68
C LEU D 595 24.13 -34.08 69.66
N ARG D 596 23.73 -35.31 69.40
CA ARG D 596 22.75 -36.06 70.27
C ARG D 596 21.33 -35.82 69.70
N ASN D 597 20.87 -34.58 69.60
CA ASN D 597 19.63 -34.30 68.88
C ASN D 597 19.85 -34.66 67.42
N VAL D 598 21.02 -34.29 66.92
CA VAL D 598 21.38 -34.65 65.58
C VAL D 598 21.59 -36.14 65.54
N ALA D 599 22.10 -36.69 66.63
CA ALA D 599 22.29 -38.14 66.69
C ALA D 599 20.92 -38.83 66.49
N GLU D 600 19.94 -38.44 67.29
CA GLU D 600 18.58 -38.97 67.14
C GLU D 600 18.07 -38.96 65.72
N LEU D 601 18.40 -37.89 65.01
CA LEU D 601 17.95 -37.69 63.67
C LEU D 601 18.66 -38.66 62.71
N ILE D 602 19.98 -38.65 62.73
CA ILE D 602 20.76 -39.51 61.83
C ILE D 602 20.54 -40.99 62.16
N ASP D 603 20.99 -41.39 63.35
CA ASP D 603 20.72 -42.74 63.86
C ASP D 603 19.26 -42.60 64.29
N HIS D 604 18.45 -43.65 64.18
CA HIS D 604 17.03 -43.59 64.65
C HIS D 604 16.04 -42.78 63.86
N GLY D 605 16.46 -41.87 63.00
CA GLY D 605 15.49 -41.17 62.15
C GLY D 605 14.36 -40.35 62.77
N ARG D 606 14.48 -40.01 64.06
CA ARG D 606 13.49 -39.18 64.74
C ARG D 606 13.96 -37.72 64.84
N GLY D 607 13.08 -36.79 64.46
CA GLY D 607 13.40 -35.36 64.38
C GLY D 607 13.17 -34.61 65.65
N TRP D 608 13.31 -33.29 65.66
CA TRP D 608 13.09 -32.54 66.90
C TRP D 608 12.69 -31.12 66.75
N ARG D 609 12.12 -30.61 67.84
CA ARG D 609 11.56 -29.28 67.91
C ARG D 609 11.94 -28.70 69.28
N GLY D 610 12.85 -27.73 69.28
CA GLY D 610 13.28 -27.02 70.49
C GLY D 610 13.89 -25.70 70.08
N GLU D 611 14.86 -25.23 70.86
CA GLU D 611 15.59 -24.01 70.53
C GLU D 611 17.11 -24.25 70.47
N VAL D 612 17.83 -23.25 69.97
CA VAL D 612 19.29 -23.21 70.01
C VAL D 612 19.66 -21.76 70.27
N LEU D 613 20.82 -21.53 70.87
CA LEU D 613 21.19 -20.16 71.25
C LEU D 613 21.95 -19.38 70.17
N LEU D 614 23.22 -19.71 69.90
CA LEU D 614 24.02 -19.01 68.86
C LEU D 614 24.90 -17.92 69.50
N ARG D 615 26.22 -18.11 69.37
CA ARG D 615 27.22 -17.29 70.05
C ARG D 615 27.82 -16.15 69.22
N GLY D 616 28.09 -15.01 69.87
CA GLY D 616 28.69 -13.84 69.20
C GLY D 616 29.39 -12.76 70.05
N ALA D 617 28.65 -12.14 70.97
CA ALA D 617 29.17 -11.06 71.82
C ALA D 617 28.40 -10.95 73.17
N GLY D 618 28.20 -9.71 73.64
CA GLY D 618 27.53 -9.37 74.94
C GLY D 618 26.22 -10.10 75.24
N ASN D 619 26.14 -10.69 76.46
CA ASN D 619 25.02 -11.57 76.85
C ASN D 619 24.67 -12.51 75.70
N ARG D 620 25.53 -13.50 75.47
CA ARG D 620 25.34 -14.49 74.38
C ARG D 620 24.11 -14.19 73.52
N PRO D 621 24.29 -13.40 72.44
CA PRO D 621 23.28 -12.96 71.47
C PRO D 621 21.98 -13.77 71.31
N LEU D 622 21.19 -13.42 70.29
CA LEU D 622 19.84 -13.98 70.07
C LEU D 622 19.69 -15.52 69.92
N PRO D 623 18.57 -16.10 70.43
CA PRO D 623 18.26 -17.50 70.32
C PRO D 623 17.23 -17.76 69.22
N LEU D 624 17.47 -18.80 68.43
CA LEU D 624 16.60 -19.20 67.34
C LEU D 624 15.85 -20.45 67.73
N ALA D 625 14.72 -20.66 67.07
CA ALA D 625 13.93 -21.88 67.25
C ALA D 625 14.46 -22.84 66.20
N VAL D 626 14.39 -24.16 66.41
CA VAL D 626 14.85 -25.09 65.39
C VAL D 626 13.75 -26.10 65.24
N ARG D 627 13.75 -26.77 64.10
CA ARG D 627 12.78 -27.81 63.84
C ARG D 627 13.35 -28.62 62.69
N ALA D 628 13.85 -29.80 63.00
CA ALA D 628 14.41 -30.72 62.00
C ALA D 628 13.44 -31.88 61.78
N ASP D 629 13.29 -32.30 60.54
CA ASP D 629 12.40 -33.38 60.25
C ASP D 629 13.11 -34.24 59.23
N PRO D 630 12.85 -35.54 59.25
CA PRO D 630 13.33 -36.42 58.24
C PRO D 630 12.42 -36.41 57.03
N VAL D 631 12.92 -36.93 55.92
CA VAL D 631 12.16 -37.08 54.69
C VAL D 631 12.33 -38.54 54.31
N THR D 632 11.25 -39.28 54.22
CA THR D 632 11.34 -40.74 54.09
C THR D 632 11.67 -41.29 52.69
N ARG D 633 12.61 -42.27 52.66
CA ARG D 633 13.08 -42.96 51.44
C ARG D 633 12.21 -44.19 51.18
N THR D 634 12.22 -45.10 52.16
CA THR D 634 11.42 -46.34 52.15
C THR D 634 10.83 -46.38 53.54
N GLU D 635 11.19 -47.38 54.34
CA GLU D 635 10.81 -47.41 55.75
C GLU D 635 11.76 -48.32 56.53
N ASP D 636 12.77 -47.65 57.09
CA ASP D 636 13.91 -48.22 57.86
C ASP D 636 15.17 -47.35 57.56
N GLN D 637 15.27 -46.85 56.33
CA GLN D 637 16.32 -45.89 55.91
C GLN D 637 15.67 -44.65 55.29
N SER D 638 16.20 -43.48 55.65
CA SER D 638 15.67 -42.18 55.20
C SER D 638 16.31 -41.64 53.91
N LEU D 639 15.83 -40.48 53.48
CA LEU D 639 16.37 -39.82 52.30
C LEU D 639 17.35 -38.68 52.71
N GLY D 640 16.97 -37.95 53.74
CA GLY D 640 17.70 -36.78 54.18
C GLY D 640 16.81 -36.02 55.17
N PHE D 641 17.32 -34.92 55.69
CA PHE D 641 16.62 -34.16 56.68
C PHE D 641 16.54 -32.70 56.32
N VAL D 642 15.52 -32.02 56.81
CA VAL D 642 15.39 -30.60 56.58
C VAL D 642 15.20 -30.00 57.93
N LEU D 643 16.09 -29.07 58.27
CA LEU D 643 15.99 -28.33 59.52
C LEU D 643 15.91 -26.90 59.12
N ILE D 644 14.76 -26.33 59.44
CA ILE D 644 14.37 -24.96 59.17
C ILE D 644 14.28 -24.44 60.55
N PHE D 645 14.53 -23.15 60.75
CA PHE D 645 14.60 -22.67 62.11
C PHE D 645 13.19 -22.20 62.64
N SER D 646 12.96 -20.98 63.14
CA SER D 646 13.92 -19.93 63.20
C SER D 646 13.39 -18.78 64.05
N ASP D 647 12.18 -18.35 63.73
CA ASP D 647 11.46 -17.25 64.41
C ASP D 647 12.29 -16.58 65.54
N ALA D 648 13.29 -15.83 65.07
CA ALA D 648 14.24 -15.08 65.86
C ALA D 648 13.51 -14.13 66.78
N THR D 649 13.50 -14.45 68.09
CA THR D 649 12.84 -13.67 69.16
C THR D 649 11.92 -14.51 70.09
N ASP D 650 12.08 -15.85 70.09
CA ASP D 650 11.23 -16.72 70.91
C ASP D 650 9.75 -16.39 70.68
N ARG D 651 9.22 -16.75 69.52
CA ARG D 651 7.80 -16.53 69.27
C ARG D 651 7.08 -17.51 68.32
N ARG D 652 6.45 -18.51 68.94
CA ARG D 652 5.43 -19.37 68.31
C ARG D 652 4.13 -18.96 69.03
N THR D 653 4.30 -18.39 70.23
CA THR D 653 3.25 -17.79 71.10
C THR D 653 3.94 -17.20 72.37
N ALA D 654 4.59 -18.01 73.21
CA ALA D 654 4.74 -19.47 73.09
C ALA D 654 3.83 -20.18 74.12
N ASP D 655 4.09 -21.47 74.38
CA ASP D 655 3.30 -22.27 75.35
C ASP D 655 1.81 -22.28 74.99
CHA BLA E . -28.16 8.88 75.48
NA BLA E . -28.29 8.57 73.11
C1A BLA E . -28.41 8.04 74.34
C2A BLA E . -28.69 6.56 74.39
C3A BLA E . -28.77 6.25 72.97
C4A BLA E . -28.53 7.54 72.32
CMA BLA E . -29.05 4.90 72.33
CAA BLA E . -28.88 5.48 75.43
CBA BLA E . -29.79 5.83 76.56
CGA BLA E . -31.22 5.47 76.21
O1A BLA E . -32.12 6.18 76.86
O2A BLA E . -31.34 4.52 75.34
CHB BLA E . -28.67 7.31 70.88
NB BLA E . -29.73 6.56 68.98
C1B BLA E . -29.86 6.56 70.34
C2B BLA E . -31.04 5.82 70.83
C3B BLA E . -31.63 5.36 69.52
C4B BLA E . -30.70 5.88 68.47
CMB BLA E . -31.53 5.57 72.25
OB BLA E . -30.68 5.81 67.17
CAB BLA E . -32.83 4.53 69.38
CBB BLA E . -33.14 4.12 68.18
NC BLA E . -27.56 12.05 70.99
C1C BLA E . -27.59 12.48 69.74
C2C BLA E . -26.93 13.74 69.43
C3C BLA E . -26.45 14.06 70.75
C4C BLA E . -26.86 12.97 71.65
CMC BLA E . -26.77 14.54 68.16
OC BLA E . -28.20 11.82 68.84
CAC BLA E . -25.60 15.18 71.11
CBC BLA E . -24.93 15.73 70.09
CHD BLA E . -26.46 12.94 73.08
ND BLA E . -27.34 10.69 73.92
C1D BLA E . -26.84 11.95 74.12
C2D BLA E . -26.72 12.32 75.51
C3D BLA E . -27.21 11.15 76.24
C4D BLA E . -27.57 10.20 75.19
CMD BLA E . -26.21 13.59 76.06
CAD BLA E . -27.25 11.08 77.73
CBD BLA E . -28.47 10.52 78.42
CGD BLA E . -28.29 10.95 79.84
O1D BLA E . -27.90 12.14 80.09
O2D BLA E . -28.56 10.04 80.64
CHA BLA F . 8.12 57.08 -100.89
NA BLA F . 8.22 58.37 -98.77
C1A BLA F . 8.65 57.36 -99.57
C2A BLA F . 9.61 56.42 -98.93
C3A BLA F . 9.78 57.04 -97.61
C4A BLA F . 8.89 58.23 -97.61
CMA BLA F . 10.68 56.50 -96.55
CAA BLA F . 10.26 55.18 -99.45
CBA BLA F . 11.46 55.38 -100.33
CGA BLA F . 12.62 55.76 -99.44
O1A BLA F . 13.42 56.52 -100.00
O2A BLA F . 12.73 55.32 -98.29
CHB BLA F . 8.87 59.17 -96.43
NB BLA F . 9.82 60.49 -94.71
C1B BLA F . 10.12 59.59 -95.71
C2B BLA F . 11.57 59.24 -95.79
C3B BLA F . 12.12 60.07 -94.67
C4B BLA F . 10.95 60.78 -94.10
CMB BLA F . 12.27 58.30 -96.73
OB BLA F . 11.04 61.59 -93.10
CAB BLA F . 13.50 60.22 -94.16
CBB BLA F . 14.53 59.58 -94.68
NC BLA F . 5.45 61.59 -99.46
C1C BLA F . 5.08 62.71 -98.78
C2C BLA F . 3.80 63.35 -99.21
C3C BLA F . 3.46 62.43 -100.29
C4C BLA F . 4.50 61.40 -100.37
CMC BLA F . 3.04 64.57 -98.75
OC BLA F . 5.81 63.16 -97.82
CAC BLA F . 2.25 62.52 -101.11
CBC BLA F . 1.33 63.41 -100.83
CHD BLA F . 4.42 60.27 -101.33
ND BLA F . 6.34 58.78 -100.80
C1D BLA F . 5.35 59.16 -101.64
C2D BLA F . 5.29 58.36 -102.89
C3D BLA F . 6.41 57.39 -102.76
C4D BLA F . 6.95 57.76 -101.44
CMD BLA F . 4.30 58.53 -104.00
CAD BLA F . 6.88 56.31 -103.69
CBD BLA F . 8.17 56.51 -104.46
CGD BLA F . 8.43 55.23 -105.25
O1D BLA F . 7.77 55.07 -106.30
O2D BLA F . 9.27 54.40 -104.79
CHA BLA G . 11.65 23.18 23.25
NA BLA G . 12.93 22.35 21.22
C1A BLA G . 12.45 23.34 22.00
C2A BLA G . 12.63 24.74 21.46
C3A BLA G . 13.36 24.45 20.21
C4A BLA G . 13.49 22.97 20.17
CMA BLA G . 13.82 25.50 19.26
CAA BLA G . 12.19 26.08 22.05
CBA BLA G . 12.97 26.68 23.19
CGA BLA G . 14.25 27.31 22.73
O1A BLA G . 14.97 27.70 23.66
O2A BLA G . 14.56 27.43 21.51
CHB BLA G . 14.23 22.28 19.06
NB BLA G . 15.89 21.87 17.52
C1B BLA G . 15.46 22.76 18.43
C2B BLA G . 16.29 23.98 18.49
C3B BLA G . 17.31 23.71 17.48
C4B BLA G . 16.98 22.41 16.95
CMB BLA G . 16.17 25.20 19.33
OB BLA G . 17.71 21.87 16.01
CAB BLA G . 18.44 24.51 17.04
CBB BLA G . 18.67 25.69 17.58
NC BLA G . 12.46 18.51 21.95
C1C BLA G . 13.06 17.52 21.23
C2C BLA G . 12.50 16.18 21.34
C3C BLA G . 11.40 16.42 22.28
C4C BLA G . 11.45 17.85 22.60
CMC BLA G . 13.00 14.96 20.64
OC BLA G . 14.07 17.61 20.44
CAC BLA G . 10.41 15.47 22.79
CBC BLA G . 10.37 14.26 22.28
CHD BLA G . 10.44 18.45 23.49
ND BLA G . 11.14 20.75 23.13
C1D BLA G . 10.43 19.87 23.89
C2D BLA G . 9.76 20.47 25.05
C3D BLA G . 10.14 21.91 24.96
C4D BLA G . 10.99 21.95 23.73
CMD BLA G . 8.92 19.73 26.04
CAD BLA G . 9.81 23.11 25.82
CBD BLA G . 10.38 23.04 27.23
CGD BLA G . 9.75 24.11 28.09
O1D BLA G . 9.38 23.77 29.23
O2D BLA G . 9.65 25.26 27.60
CHA BLA H . 10.23 -89.59 0.32
NA BLA H . 9.17 -89.75 2.61
C1A BLA H . 9.18 -89.32 1.33
C2A BLA H . 8.06 -88.41 0.97
C3A BLA H . 7.30 -88.35 2.22
C4A BLA H . 8.06 -89.21 3.17
CMA BLA H . 6.05 -87.55 2.35
CAA BLA H . 7.75 -87.73 -0.34
CBA BLA H . 7.08 -88.58 -1.42
CGA BLA H . 5.67 -88.90 -1.00
O1A BLA H . 5.23 -90.01 -1.43
O2A BLA H . 5.05 -88.06 -0.26
CHB BLA H . 7.66 -89.52 4.57
NB BLA H . 6.05 -89.90 6.37
C1B BLA H . 6.25 -89.54 5.06
C2B BLA H . 4.98 -89.16 4.42
C3B BLA H . 3.98 -89.34 5.49
C4B BLA H . 4.74 -89.78 6.63
CMB BLA H . 4.71 -88.71 3.02
OB BLA H . 4.15 -90.03 7.74
CAB BLA H . 2.53 -89.10 5.37
CBB BLA H . 1.69 -89.29 6.34
NC BLA H . 11.90 -92.14 4.43
C1C BLA H . 11.82 -92.68 5.67
C2C BLA H . 13.06 -93.21 6.25
C3C BLA H . 13.98 -92.91 5.14
C4C BLA H . 13.20 -92.27 4.08
CMC BLA H . 13.25 -93.86 7.59
OC BLA H . 10.74 -92.74 6.36
CAC BLA H . 15.41 -93.17 5.06
CBC BLA H . 16.03 -93.59 6.13
CHD BLA H . 13.81 -91.79 2.82
ND BLA H . 11.86 -90.65 1.84
C1D BLA H . 13.12 -91.15 1.68
C2D BLA H . 13.64 -91.03 0.30
C3D BLA H . 12.55 -90.38 -0.44
C4D BLA H . 11.53 -90.19 0.61
CMD BLA H . 14.96 -91.47 -0.24
CAD BLA H . 12.49 -89.96 -1.89
CBD BLA H . 12.22 -91.07 -2.91
CGD BLA H . 12.32 -90.47 -4.30
O1D BLA H . 13.48 -90.40 -4.78
O2D BLA H . 11.29 -90.07 -4.90
#